data_8GHF
#
_entry.id   8GHF
#
_cell.length_a   1.00
_cell.length_b   1.00
_cell.length_c   1.00
_cell.angle_alpha   90.00
_cell.angle_beta   90.00
_cell.angle_gamma   90.00
#
_symmetry.space_group_name_H-M   'P 1'
#
loop_
_entity.id
_entity.type
_entity.pdbx_description
1 polymer 'Calcium-activated potassium channel subunit alpha-1'
2 non-polymer 'MAGNESIUM ION'
3 non-polymer 'CALCIUM ION'
4 non-polymer '(2S)-3-(hexadecanoyloxy)-2-[(9Z)-octadec-9-enoyloxy]propyl 2-(trimethylammonio)ethyl phosphate'
5 non-polymer CHOLESTEROL
6 non-polymer 'SODIUM ION'
#
_entity_poly.entity_id   1
_entity_poly.type   'polypeptide(L)'
_entity_poly.pdbx_seq_one_letter_code
;MAPSRLEEELRRRLTEPDALIIPVTMEVPCDSRGQRMWWAFLASSMVTFFGGLFIILLWRTLKYLWTVCCHCGGKTKEAQ
KINNGSSQADGTLKPVDEKEEAVAAEVGWMTSVKDWAGVMISAQTLTGRVLVVLVFALSIGALVIYFIDSSNPIESCQNF
YKDFTLQIDMAFNVFFLLYFGLRFIAANDKLWFWLEVNSVVDFFTVPPVFVSVYLNRSWLGLRFLRALRLIQFSEILQFL
NILKTSNSIKLVNLLSIFISTWLTAAGFIHLVENSGDPWENFQNNQALTYWECVYLLMVTMSTVGYGDVYAKTTLGRLFM
VFFILGGLAMFASYVPEIIELIGNRKKYGGSYSAVSGRKHIVVCGHITLESVSNFLKDFLHKDRDDVNVEIVFLHNISPN
LELEALFKRHFTQVEFYQGSVLNPHDLARVKIESADACLILANKYCADPDAEDASNIMRVISIKNYHPKIRIITQMLQYH
NKAHLLNIPSWNWKEGDDAICLAELKLGFIAQSCLAQGLSTMLANLFSMRSFIKIEEDTWQKYYLEGVSNEMYTEYLSSA
FVGLSFPTVCELCFVKLKLLMIAIEYKSANRESRILINPGNHLKIQEGTLGFFIASDAKEVKRAFFYCKACHDDITDPKR
IKKCGCKRLEDEQPSTLSPKKKQRNGGMRNSPNTSPKLMRHDPLLIPGNDQIDNMDSNVKKYDSTGMFHWCAPKEIEKVI
LTRSEAAMTVLSGHVVVCIFGDVSSALIGLRNLVMPLRASNFHYHELKHIVFVGSIEYLKREWETLHNFPKVSILPGTPL
SRADLRAVNINLCDMCVILSANQNNIDDTSLQDKECILASLNIKSMQFDDSIGVLQANSQGFTPPGMDRSSPDNSPVHGM
LRQPSITTGVNIPIITELVNDTNVQFLDQDDDDDPDTELYLTQPFACGTAFAVSVLDSLMSATYFNDNILTLIRTLVTGG
ATPELEALIAEENALRGGYSTPQTLANRDRCRVAQLALLDGPFADLGDGGCYGDLFCKALKTYNMLCFGIYRLRDAHLST
PSQCTKRYVITNPPYEFELVPTDLIFCLMQFD(UNK)(UNK)(UNK)(UNK)(UNK)(UNK)(UNK)(UNK)(UNK)
(UNK)(UNK)(UNK)(UNK)(UNK)(UNK)(UNK)(UNK)(UNK)
;
_entity_poly.pdbx_strand_id   A,B,C,D
#
# COMPACT_ATOMS: atom_id res chain seq x y z
N GLN A 35 -56.03 46.35 9.39
CA GLN A 35 -55.62 45.85 10.70
C GLN A 35 -55.14 44.40 10.57
N ARG A 36 -53.83 44.21 10.79
CA ARG A 36 -53.16 42.91 10.75
C ARG A 36 -53.38 42.19 9.43
N MET A 37 -52.90 42.78 8.33
CA MET A 37 -53.09 42.23 6.99
C MET A 37 -52.02 41.20 6.62
N TRP A 38 -51.33 40.64 7.62
CA TRP A 38 -50.22 39.72 7.33
C TRP A 38 -50.72 38.41 6.74
N TRP A 39 -51.99 38.06 7.00
CA TRP A 39 -52.53 36.80 6.53
C TRP A 39 -52.63 36.78 5.01
N ALA A 40 -52.96 37.92 4.39
CA ALA A 40 -53.05 37.98 2.94
C ALA A 40 -51.68 37.78 2.29
N PHE A 41 -50.66 38.45 2.81
CA PHE A 41 -49.31 38.31 2.29
C PHE A 41 -48.78 36.90 2.50
N LEU A 42 -49.07 36.30 3.66
CA LEU A 42 -48.60 34.94 3.94
C LEU A 42 -49.37 33.88 3.16
N ALA A 43 -50.63 34.12 2.81
CA ALA A 43 -51.43 33.14 2.10
C ALA A 43 -51.32 33.25 0.58
N SER A 44 -50.97 34.43 0.05
CA SER A 44 -50.84 34.61 -1.39
C SER A 44 -49.70 33.80 -1.99
N SER A 45 -48.73 33.42 -1.16
CA SER A 45 -47.64 32.55 -1.59
C SER A 45 -47.98 31.07 -1.39
N MET A 46 -48.51 30.73 -0.21
CA MET A 46 -48.81 29.34 0.12
C MET A 46 -49.91 28.79 -0.78
N VAL A 47 -50.98 29.54 -1.00
CA VAL A 47 -52.06 29.03 -1.84
C VAL A 47 -51.64 29.00 -3.30
N THR A 48 -50.69 29.86 -3.70
CA THR A 48 -50.18 29.79 -5.07
C THR A 48 -49.35 28.53 -5.28
N PHE A 49 -48.46 28.24 -4.33
CA PHE A 49 -47.63 27.03 -4.40
C PHE A 49 -48.50 25.77 -4.37
N PHE A 50 -49.48 25.73 -3.47
CA PHE A 50 -50.32 24.54 -3.35
C PHE A 50 -51.31 24.43 -4.51
N GLY A 51 -51.78 25.55 -5.07
CA GLY A 51 -52.61 25.48 -6.25
C GLY A 51 -51.86 25.00 -7.47
N GLY A 52 -50.60 25.42 -7.61
CA GLY A 52 -49.78 24.89 -8.69
C GLY A 52 -49.52 23.40 -8.55
N LEU A 53 -49.21 22.96 -7.32
CA LEU A 53 -49.01 21.53 -7.07
C LEU A 53 -50.30 20.74 -7.34
N PHE A 54 -51.44 21.30 -6.93
CA PHE A 54 -52.72 20.64 -7.18
C PHE A 54 -53.05 20.59 -8.67
N ILE A 55 -52.69 21.62 -9.43
CA ILE A 55 -52.94 21.62 -10.87
C ILE A 55 -52.09 20.55 -11.56
N ILE A 56 -50.81 20.44 -11.19
CA ILE A 56 -49.95 19.42 -11.78
C ILE A 56 -50.44 18.02 -11.40
N LEU A 57 -50.82 17.82 -10.13
CA LEU A 57 -51.33 16.51 -9.71
C LEU A 57 -52.66 16.18 -10.37
N LEU A 58 -53.50 17.20 -10.60
CA LEU A 58 -54.77 16.99 -11.29
C LEU A 58 -54.55 16.61 -12.74
N TRP A 59 -53.56 17.22 -13.40
CA TRP A 59 -53.23 16.83 -14.76
C TRP A 59 -52.71 15.41 -14.81
N ARG A 60 -51.85 15.03 -13.86
CA ARG A 60 -51.35 13.66 -13.78
C ARG A 60 -52.45 12.65 -13.53
N THR A 61 -53.42 12.99 -12.67
CA THR A 61 -54.53 12.10 -12.40
C THR A 61 -55.46 11.99 -13.60
N LEU A 62 -55.77 13.12 -14.25
CA LEU A 62 -56.66 13.13 -15.40
C LEU A 62 -56.04 12.49 -16.63
N LYS A 63 -54.71 12.37 -16.68
CA LYS A 63 -54.07 11.63 -17.76
C LYS A 63 -53.98 10.13 -17.50
N TYR A 64 -54.83 9.59 -16.61
CA TYR A 64 -55.00 8.16 -16.44
C TYR A 64 -56.10 7.60 -17.34
N LEU A 65 -56.46 8.34 -18.40
CA LEU A 65 -57.47 7.89 -19.35
C LEU A 65 -56.93 6.81 -20.29
N TRP A 66 -55.61 6.58 -20.28
CA TRP A 66 -55.02 5.56 -21.13
C TRP A 66 -55.51 4.16 -20.77
N THR A 67 -55.62 3.86 -19.48
CA THR A 67 -56.09 2.54 -19.07
C THR A 67 -57.61 2.46 -18.93
N VAL A 68 -58.29 3.60 -18.81
CA VAL A 68 -59.75 3.65 -18.75
C VAL A 68 -60.19 4.62 -19.85
N CYS A 69 -60.47 4.09 -21.04
CA CYS A 69 -60.85 4.93 -22.17
C CYS A 69 -62.37 5.03 -22.30
N ALA A 104 -42.61 10.59 -37.09
CA ALA A 104 -42.56 11.81 -37.88
C ALA A 104 -41.12 12.28 -38.04
N ALA A 105 -40.89 13.13 -39.05
CA ALA A 105 -39.57 13.67 -39.32
C ALA A 105 -39.41 15.12 -38.87
N GLU A 106 -40.48 15.76 -38.39
CA GLU A 106 -40.42 17.13 -37.93
C GLU A 106 -40.97 17.23 -36.52
N VAL A 107 -40.43 18.17 -35.75
CA VAL A 107 -40.90 18.39 -34.39
C VAL A 107 -42.11 19.32 -34.39
N GLY A 108 -42.89 19.26 -33.33
CA GLY A 108 -44.04 20.12 -33.19
C GLY A 108 -43.67 21.53 -32.78
N TRP A 109 -44.68 22.39 -32.72
CA TRP A 109 -44.45 23.78 -32.34
C TRP A 109 -44.30 23.94 -30.83
N MET A 110 -44.65 22.92 -30.04
CA MET A 110 -44.34 22.94 -28.62
C MET A 110 -42.84 22.78 -28.37
N THR A 111 -42.21 21.85 -29.09
CA THR A 111 -40.80 21.56 -28.88
C THR A 111 -39.91 22.72 -29.31
N SER A 112 -40.31 23.46 -30.34
CA SER A 112 -39.53 24.63 -30.75
C SER A 112 -39.58 25.72 -29.69
N VAL A 113 -40.74 25.92 -29.07
CA VAL A 113 -40.85 26.87 -27.96
C VAL A 113 -39.99 26.42 -26.79
N LYS A 114 -40.02 25.13 -26.46
CA LYS A 114 -39.21 24.61 -25.36
C LYS A 114 -37.72 24.78 -25.64
N ASP A 115 -37.30 24.52 -26.87
CA ASP A 115 -35.90 24.69 -27.24
C ASP A 115 -35.47 26.15 -27.22
N TRP A 116 -36.34 27.05 -27.69
CA TRP A 116 -36.03 28.48 -27.66
C TRP A 116 -35.91 28.98 -26.23
N ALA A 117 -36.80 28.53 -25.33
CA ALA A 117 -36.70 28.91 -23.94
C ALA A 117 -35.44 28.33 -23.30
N GLY A 118 -35.06 27.10 -23.68
CA GLY A 118 -33.84 26.51 -23.15
C GLY A 118 -32.59 27.27 -23.56
N VAL A 119 -32.48 27.61 -24.85
CA VAL A 119 -31.34 28.38 -25.32
C VAL A 119 -31.42 29.86 -24.94
N MET A 120 -32.54 30.32 -24.41
CA MET A 120 -32.56 31.64 -23.80
C MET A 120 -32.14 31.61 -22.34
N ILE A 121 -32.61 30.64 -21.55
CA ILE A 121 -32.20 30.57 -20.15
C ILE A 121 -30.77 30.07 -20.00
N SER A 122 -30.22 29.40 -21.02
CA SER A 122 -28.80 29.08 -21.06
C SER A 122 -28.09 30.12 -21.91
N ALA A 123 -26.96 30.63 -21.42
CA ALA A 123 -26.28 31.76 -22.05
C ALA A 123 -25.59 31.32 -23.33
N GLN A 124 -26.40 31.15 -24.38
CA GLN A 124 -25.91 30.84 -25.72
C GLN A 124 -26.19 31.96 -26.72
N THR A 125 -27.44 32.41 -26.79
CA THR A 125 -27.82 33.58 -27.57
C THR A 125 -27.32 34.83 -26.86
N LEU A 126 -27.09 35.90 -27.65
CA LEU A 126 -26.70 37.18 -27.08
C LEU A 126 -27.80 37.74 -26.18
N THR A 127 -29.06 37.57 -26.59
CA THR A 127 -30.18 37.94 -25.74
C THR A 127 -30.19 37.13 -24.44
N GLY A 128 -29.82 35.84 -24.53
CA GLY A 128 -29.71 35.04 -23.33
C GLY A 128 -28.61 35.50 -22.39
N ARG A 129 -27.46 35.91 -22.96
CA ARG A 129 -26.38 36.45 -22.14
C ARG A 129 -26.79 37.76 -21.46
N VAL A 130 -27.50 38.62 -22.19
CA VAL A 130 -27.97 39.88 -21.62
C VAL A 130 -29.00 39.60 -20.51
N LEU A 131 -29.88 38.62 -20.73
CA LEU A 131 -30.86 38.25 -19.70
C LEU A 131 -30.19 37.69 -18.46
N VAL A 132 -29.14 36.88 -18.64
CA VAL A 132 -28.41 36.30 -17.51
C VAL A 132 -27.70 37.40 -16.72
N VAL A 133 -27.08 38.36 -17.42
CA VAL A 133 -26.43 39.48 -16.76
C VAL A 133 -27.47 40.32 -16.01
N LEU A 134 -28.66 40.49 -16.60
CA LEU A 134 -29.73 41.23 -15.94
C LEU A 134 -30.21 40.52 -14.67
N VAL A 135 -30.31 39.19 -14.71
CA VAL A 135 -30.67 38.43 -13.51
C VAL A 135 -29.63 38.63 -12.42
N PHE A 136 -28.34 38.56 -12.80
CA PHE A 136 -27.25 38.77 -11.85
C PHE A 136 -27.31 40.15 -11.21
N ALA A 137 -27.64 41.18 -12.00
CA ALA A 137 -27.73 42.53 -11.46
C ALA A 137 -28.97 42.70 -10.57
N LEU A 138 -30.12 42.18 -11.01
CA LEU A 138 -31.37 42.46 -10.31
C LEU A 138 -31.51 41.68 -9.03
N SER A 139 -30.85 40.52 -8.90
CA SER A 139 -30.85 39.82 -7.62
C SER A 139 -30.16 40.65 -6.54
N ILE A 140 -29.00 41.21 -6.88
CA ILE A 140 -28.27 42.09 -5.95
C ILE A 140 -29.08 43.36 -5.69
N GLY A 141 -29.75 43.88 -6.72
CA GLY A 141 -30.60 45.05 -6.53
C GLY A 141 -31.76 44.81 -5.57
N ALA A 142 -32.42 43.66 -5.70
CA ALA A 142 -33.51 43.31 -4.79
C ALA A 142 -33.02 43.10 -3.37
N LEU A 143 -31.84 42.47 -3.22
CA LEU A 143 -31.26 42.31 -1.89
C LEU A 143 -30.91 43.65 -1.26
N VAL A 144 -30.40 44.58 -2.07
CA VAL A 144 -30.08 45.92 -1.57
C VAL A 144 -31.35 46.67 -1.19
N ILE A 145 -32.43 46.48 -1.95
CA ILE A 145 -33.71 47.11 -1.63
C ILE A 145 -34.24 46.57 -0.31
N TYR A 146 -34.12 45.26 -0.08
CA TYR A 146 -34.53 44.69 1.21
C TYR A 146 -33.66 45.22 2.34
N PHE A 147 -32.35 45.37 2.11
CA PHE A 147 -31.46 45.92 3.13
C PHE A 147 -31.84 47.36 3.49
N ILE A 148 -32.24 48.14 2.49
CA ILE A 148 -32.70 49.50 2.74
C ILE A 148 -34.01 49.49 3.52
N ASP A 149 -34.95 48.62 3.15
CA ASP A 149 -36.27 48.61 3.74
C ASP A 149 -36.35 47.84 5.04
N SER A 150 -35.25 47.24 5.51
CA SER A 150 -35.29 46.49 6.76
C SER A 150 -35.48 47.40 7.97
N SER A 151 -35.10 48.67 7.88
CA SER A 151 -35.20 49.58 9.01
C SER A 151 -36.60 50.15 9.19
N ASN A 152 -37.50 49.96 8.22
CA ASN A 152 -38.85 50.47 8.33
C ASN A 152 -39.66 49.65 9.34
N PRO A 153 -40.77 50.20 9.83
CA PRO A 153 -41.68 49.41 10.68
C PRO A 153 -42.23 48.17 9.96
N ILE A 154 -42.75 47.25 10.76
CA ILE A 154 -43.19 45.96 10.25
C ILE A 154 -44.39 46.12 9.30
N GLU A 155 -45.36 46.94 9.71
CA GLU A 155 -46.53 47.20 8.88
C GLU A 155 -46.70 48.71 8.75
N SER A 156 -46.77 49.19 7.50
CA SER A 156 -46.88 50.61 7.22
C SER A 156 -47.90 50.79 6.10
N CYS A 157 -47.99 52.01 5.57
CA CYS A 157 -48.92 52.32 4.50
C CYS A 157 -48.29 53.35 3.58
N GLN A 158 -47.99 52.95 2.35
CA GLN A 158 -47.39 53.83 1.35
C GLN A 158 -48.29 53.90 0.13
N ASN A 159 -47.89 54.72 -0.84
CA ASN A 159 -48.62 54.88 -2.08
C ASN A 159 -47.71 54.52 -3.25
N PHE A 160 -48.27 53.77 -4.21
CA PHE A 160 -47.49 53.33 -5.37
C PHE A 160 -47.10 54.51 -6.26
N TYR A 161 -48.02 55.46 -6.45
CA TYR A 161 -47.77 56.58 -7.35
C TYR A 161 -46.89 57.67 -6.74
N LYS A 162 -46.62 57.61 -5.44
CA LYS A 162 -45.78 58.60 -4.77
C LYS A 162 -44.42 58.05 -4.36
N ASP A 163 -44.36 56.83 -3.84
CA ASP A 163 -43.09 56.23 -3.46
C ASP A 163 -42.29 55.83 -4.69
N PHE A 164 -40.97 56.01 -4.59
CA PHE A 164 -40.07 55.67 -5.69
C PHE A 164 -39.37 54.32 -5.49
N THR A 165 -39.21 53.88 -4.24
CA THR A 165 -38.55 52.60 -3.99
C THR A 165 -39.42 51.43 -4.46
N LEU A 166 -40.73 51.51 -4.20
CA LEU A 166 -41.65 50.43 -4.61
C LEU A 166 -41.77 50.34 -6.12
N GLN A 167 -41.56 51.44 -6.84
CA GLN A 167 -41.66 51.43 -8.29
C GLN A 167 -40.54 50.60 -8.93
N ILE A 168 -39.35 50.65 -8.35
CA ILE A 168 -38.25 49.81 -8.85
C ILE A 168 -38.51 48.34 -8.51
N ASP A 169 -39.06 48.08 -7.32
CA ASP A 169 -39.35 46.71 -6.89
C ASP A 169 -40.43 46.07 -7.76
N MET A 170 -41.40 46.88 -8.23
CA MET A 170 -42.43 46.37 -9.14
C MET A 170 -41.81 45.86 -10.44
N ALA A 171 -40.90 46.65 -11.03
CA ALA A 171 -40.23 46.23 -12.26
C ALA A 171 -39.33 45.02 -12.01
N PHE A 172 -38.65 45.00 -10.86
CA PHE A 172 -37.79 43.86 -10.52
C PHE A 172 -38.58 42.58 -10.40
N ASN A 173 -39.75 42.64 -9.76
CA ASN A 173 -40.58 41.44 -9.60
C ASN A 173 -41.26 41.05 -10.91
N VAL A 174 -41.56 42.02 -11.78
CA VAL A 174 -42.09 41.68 -13.10
C VAL A 174 -41.03 40.94 -13.92
N PHE A 175 -39.78 41.41 -13.85
CA PHE A 175 -38.68 40.71 -14.53
C PHE A 175 -38.47 39.31 -13.95
N PHE A 176 -38.57 39.18 -12.63
CA PHE A 176 -38.43 37.86 -12.01
C PHE A 176 -39.57 36.92 -12.42
N LEU A 177 -40.79 37.46 -12.55
CA LEU A 177 -41.91 36.65 -13.02
C LEU A 177 -41.71 36.18 -14.46
N LEU A 178 -41.18 37.07 -15.32
CA LEU A 178 -40.89 36.67 -16.70
C LEU A 178 -39.80 35.62 -16.75
N TYR A 179 -38.76 35.77 -15.93
CA TYR A 179 -37.69 34.76 -15.88
C TYR A 179 -38.22 33.42 -15.37
N PHE A 180 -39.12 33.45 -14.38
CA PHE A 180 -39.74 32.23 -13.89
C PHE A 180 -40.59 31.57 -14.98
N GLY A 181 -41.30 32.38 -15.76
CA GLY A 181 -42.07 31.82 -16.87
C GLY A 181 -41.20 31.16 -17.92
N LEU A 182 -40.07 31.79 -18.25
CA LEU A 182 -39.12 31.18 -19.18
C LEU A 182 -38.54 29.88 -18.63
N ARG A 183 -38.19 29.87 -17.34
CA ARG A 183 -37.67 28.64 -16.73
C ARG A 183 -38.73 27.55 -16.66
N PHE A 184 -40.00 27.91 -16.47
CA PHE A 184 -41.06 26.92 -16.44
C PHE A 184 -41.32 26.34 -17.82
N ILE A 185 -41.24 27.17 -18.86
CA ILE A 185 -41.37 26.66 -20.23
C ILE A 185 -40.21 25.73 -20.56
N ALA A 186 -38.99 26.12 -20.19
CA ALA A 186 -37.81 25.27 -20.42
C ALA A 186 -37.61 24.33 -19.24
N ALA A 187 -38.46 23.30 -19.19
CA ALA A 187 -38.38 22.31 -18.13
C ALA A 187 -38.85 20.96 -18.67
N ASN A 188 -38.31 19.88 -18.09
CA ASN A 188 -38.71 18.53 -18.44
C ASN A 188 -39.77 18.00 -17.48
N ASP A 189 -39.46 17.96 -16.20
CA ASP A 189 -40.40 17.52 -15.15
C ASP A 189 -40.95 18.78 -14.49
N LYS A 190 -42.17 19.16 -14.86
CA LYS A 190 -42.76 20.38 -14.32
C LYS A 190 -43.21 20.22 -12.88
N LEU A 191 -43.43 18.98 -12.42
CA LEU A 191 -43.70 18.75 -11.00
C LEU A 191 -42.45 18.99 -10.16
N TRP A 192 -41.31 18.43 -10.58
CA TRP A 192 -40.08 18.61 -9.84
C TRP A 192 -39.48 20.00 -10.03
N PHE A 193 -39.90 20.71 -11.08
CA PHE A 193 -39.54 22.13 -11.19
C PHE A 193 -40.26 22.97 -10.15
N TRP A 194 -41.47 22.57 -9.77
CA TRP A 194 -42.26 23.30 -8.78
C TRP A 194 -41.62 23.24 -7.40
N LEU A 195 -40.88 22.18 -7.10
CA LEU A 195 -40.30 21.97 -5.78
C LEU A 195 -38.82 22.35 -5.72
N GLU A 196 -38.35 23.17 -6.65
CA GLU A 196 -36.97 23.65 -6.58
C GLU A 196 -36.86 24.80 -5.59
N VAL A 197 -35.64 25.01 -5.09
CA VAL A 197 -35.39 26.05 -4.10
C VAL A 197 -35.63 27.43 -4.69
N ASN A 198 -35.14 27.66 -5.92
CA ASN A 198 -35.37 28.94 -6.58
C ASN A 198 -36.85 29.16 -6.89
N SER A 199 -37.56 28.09 -7.25
CA SER A 199 -38.99 28.20 -7.50
C SER A 199 -39.76 28.57 -6.24
N VAL A 200 -39.40 27.95 -5.11
CA VAL A 200 -40.07 28.26 -3.84
C VAL A 200 -39.73 29.70 -3.40
N VAL A 201 -38.49 30.13 -3.65
CA VAL A 201 -38.10 31.50 -3.34
C VAL A 201 -38.91 32.50 -4.16
N ASP A 202 -39.09 32.20 -5.45
CA ASP A 202 -39.92 33.06 -6.30
C ASP A 202 -41.38 33.07 -5.83
N PHE A 203 -41.89 31.91 -5.44
CA PHE A 203 -43.27 31.79 -4.97
C PHE A 203 -43.50 32.60 -3.71
N PHE A 204 -42.54 32.59 -2.79
CA PHE A 204 -42.69 33.31 -1.54
C PHE A 204 -42.15 34.73 -1.58
N THR A 205 -41.60 35.17 -2.72
CA THR A 205 -41.11 36.53 -2.86
C THR A 205 -41.95 37.41 -3.78
N VAL A 206 -42.33 36.93 -4.96
CA VAL A 206 -42.92 37.80 -5.98
C VAL A 206 -44.40 38.13 -5.74
N PRO A 207 -45.32 37.18 -5.47
CA PRO A 207 -46.76 37.56 -5.31
C PRO A 207 -47.06 38.51 -4.15
N PRO A 208 -46.34 38.47 -3.00
CA PRO A 208 -46.61 39.52 -1.99
C PRO A 208 -46.33 40.94 -2.46
N VAL A 209 -45.44 41.13 -3.42
CA VAL A 209 -45.24 42.47 -3.98
C VAL A 209 -46.49 42.91 -4.75
N PHE A 210 -47.12 41.99 -5.50
CA PHE A 210 -48.37 42.30 -6.18
C PHE A 210 -49.48 42.60 -5.18
N VAL A 211 -49.54 41.84 -4.09
CA VAL A 211 -50.55 42.08 -3.06
C VAL A 211 -50.33 43.43 -2.39
N SER A 212 -49.07 43.79 -2.14
CA SER A 212 -48.77 45.10 -1.56
C SER A 212 -49.13 46.23 -2.50
N VAL A 213 -48.89 46.05 -3.81
CA VAL A 213 -49.27 47.06 -4.80
C VAL A 213 -50.79 47.22 -4.84
N TYR A 214 -51.51 46.09 -4.78
CA TYR A 214 -52.98 46.14 -4.80
C TYR A 214 -53.55 46.80 -3.55
N LEU A 215 -53.03 46.45 -2.39
CA LEU A 215 -53.61 46.88 -1.12
C LEU A 215 -53.04 48.19 -0.59
N ASN A 216 -52.02 48.74 -1.26
CA ASN A 216 -51.39 50.02 -0.89
C ASN A 216 -50.82 50.00 0.52
N ARG A 217 -50.34 48.84 0.97
CA ARG A 217 -49.64 48.72 2.24
C ARG A 217 -48.74 47.50 2.17
N SER A 218 -47.69 47.52 2.99
CA SER A 218 -46.63 46.52 2.91
C SER A 218 -46.50 45.76 4.22
N TRP A 219 -45.63 44.75 4.20
CA TRP A 219 -45.31 43.96 5.37
C TRP A 219 -43.88 43.45 5.23
N LEU A 220 -43.12 43.50 6.32
CA LEU A 220 -41.71 43.12 6.30
C LEU A 220 -41.50 41.62 6.24
N GLY A 221 -42.54 40.82 6.54
CA GLY A 221 -42.41 39.38 6.60
C GLY A 221 -42.03 38.68 5.33
N LEU A 222 -41.14 37.69 5.45
CA LEU A 222 -40.73 36.77 4.39
C LEU A 222 -40.03 37.46 3.22
N ARG A 223 -39.47 38.65 3.44
CA ARG A 223 -38.67 39.33 2.43
C ARG A 223 -37.19 38.98 2.53
N PHE A 224 -36.78 38.21 3.54
CA PHE A 224 -35.39 37.81 3.71
C PHE A 224 -34.98 36.69 2.76
N LEU A 225 -35.93 36.07 2.06
CA LEU A 225 -35.63 35.01 1.12
C LEU A 225 -34.97 35.50 -0.16
N ARG A 226 -34.89 36.82 -0.37
CA ARG A 226 -34.18 37.37 -1.52
C ARG A 226 -32.68 37.12 -1.44
N ALA A 227 -32.15 36.84 -0.26
CA ALA A 227 -30.74 36.49 -0.10
C ALA A 227 -30.43 35.07 -0.57
N LEU A 228 -31.45 34.27 -0.84
CA LEU A 228 -31.26 32.92 -1.36
C LEU A 228 -31.04 32.89 -2.87
N ARG A 229 -31.11 34.04 -3.53
CA ARG A 229 -30.86 34.12 -4.97
C ARG A 229 -29.37 34.18 -5.31
N LEU A 230 -28.50 34.28 -4.31
CA LEU A 230 -27.07 34.31 -4.52
C LEU A 230 -26.47 32.93 -4.76
N ILE A 231 -27.27 31.87 -4.63
CA ILE A 231 -26.78 30.52 -4.87
C ILE A 231 -26.51 30.30 -6.36
N GLN A 232 -27.38 30.83 -7.22
CA GLN A 232 -27.30 30.60 -8.66
C GLN A 232 -26.24 31.44 -9.35
N PHE A 233 -25.45 32.22 -8.60
CA PHE A 233 -24.42 33.04 -9.21
C PHE A 233 -23.33 32.19 -9.86
N SER A 234 -22.99 31.06 -9.24
CA SER A 234 -22.00 30.16 -9.83
C SER A 234 -22.51 29.54 -11.13
N GLU A 235 -23.80 29.16 -11.16
CA GLU A 235 -24.38 28.64 -12.39
C GLU A 235 -24.43 29.71 -13.47
N ILE A 236 -24.69 30.96 -13.07
CA ILE A 236 -24.66 32.09 -14.01
C ILE A 236 -23.26 32.26 -14.60
N LEU A 237 -22.23 32.19 -13.75
CA LEU A 237 -20.86 32.36 -14.22
C LEU A 237 -20.41 31.19 -15.09
N GLN A 238 -20.91 29.98 -14.82
CA GLN A 238 -20.62 28.83 -15.68
C GLN A 238 -21.36 28.93 -17.01
N PHE A 239 -22.57 29.49 -17.01
CA PHE A 239 -23.29 29.71 -18.25
C PHE A 239 -22.60 30.77 -19.12
N LEU A 240 -22.03 31.79 -18.48
CA LEU A 240 -21.36 32.86 -19.21
C LEU A 240 -19.93 32.50 -19.63
N ASN A 241 -19.50 31.26 -19.37
CA ASN A 241 -18.16 30.77 -19.70
C ASN A 241 -17.07 31.61 -19.03
N ILE A 242 -17.15 31.69 -17.70
CA ILE A 242 -16.18 32.40 -16.88
C ILE A 242 -15.50 31.47 -15.88
N LEU A 243 -16.29 30.67 -15.18
CA LEU A 243 -15.75 29.64 -14.29
C LEU A 243 -15.57 28.36 -15.09
N LYS A 244 -14.33 27.91 -15.20
CA LYS A 244 -14.00 26.72 -15.98
C LYS A 244 -13.25 25.66 -15.20
N THR A 245 -12.38 26.06 -14.27
CA THR A 245 -11.58 25.11 -13.52
C THR A 245 -12.38 24.48 -12.39
N SER A 246 -11.78 23.48 -11.75
CA SER A 246 -12.45 22.71 -10.71
C SER A 246 -12.27 23.31 -9.32
N ASN A 247 -11.44 24.33 -9.16
CA ASN A 247 -11.21 24.97 -7.86
C ASN A 247 -11.99 26.27 -7.70
N SER A 248 -12.04 27.10 -8.75
CA SER A 248 -12.78 28.34 -8.67
C SER A 248 -14.27 28.09 -8.52
N ILE A 249 -14.78 27.04 -9.18
CA ILE A 249 -16.19 26.68 -9.07
C ILE A 249 -16.52 26.29 -7.63
N LYS A 250 -15.66 25.49 -7.00
CA LYS A 250 -15.87 25.08 -5.62
C LYS A 250 -15.78 26.28 -4.67
N LEU A 251 -14.83 27.19 -4.91
CA LEU A 251 -14.69 28.37 -4.06
C LEU A 251 -15.93 29.26 -4.14
N VAL A 252 -16.43 29.49 -5.36
CA VAL A 252 -17.63 30.32 -5.53
C VAL A 252 -18.84 29.63 -4.92
N ASN A 253 -18.94 28.30 -5.06
CA ASN A 253 -20.03 27.54 -4.45
C ASN A 253 -20.05 27.70 -2.93
N LEU A 254 -18.89 27.49 -2.30
CA LEU A 254 -18.81 27.57 -0.84
C LEU A 254 -19.10 28.99 -0.35
N LEU A 255 -18.51 30.00 -1.01
CA LEU A 255 -18.72 31.38 -0.58
C LEU A 255 -20.17 31.80 -0.73
N SER A 256 -20.78 31.50 -1.88
CA SER A 256 -22.16 31.89 -2.13
C SER A 256 -23.12 31.19 -1.18
N ILE A 257 -22.93 29.89 -0.95
CA ILE A 257 -23.81 29.15 -0.04
C ILE A 257 -23.69 29.69 1.38
N PHE A 258 -22.45 29.92 1.84
CA PHE A 258 -22.20 30.41 3.19
C PHE A 258 -22.85 31.76 3.42
N ILE A 259 -22.57 32.73 2.54
CA ILE A 259 -23.12 34.07 2.71
C ILE A 259 -24.64 34.06 2.58
N SER A 260 -25.18 33.24 1.66
CA SER A 260 -26.62 33.20 1.43
C SER A 260 -27.37 32.69 2.65
N THR A 261 -26.94 31.56 3.22
CA THR A 261 -27.67 31.04 4.37
C THR A 261 -27.39 31.86 5.63
N TRP A 262 -26.23 32.52 5.72
CA TRP A 262 -25.98 33.43 6.82
C TRP A 262 -26.97 34.59 6.81
N LEU A 263 -27.13 35.23 5.65
CA LEU A 263 -28.06 36.36 5.54
C LEU A 263 -29.50 35.91 5.72
N THR A 264 -29.85 34.71 5.22
CA THR A 264 -31.22 34.23 5.37
C THR A 264 -31.56 33.93 6.83
N ALA A 265 -30.63 33.30 7.56
CA ALA A 265 -30.87 33.03 8.97
C ALA A 265 -30.93 34.32 9.78
N ALA A 266 -30.08 35.30 9.45
CA ALA A 266 -30.13 36.59 10.12
C ALA A 266 -31.45 37.30 9.87
N GLY A 267 -31.96 37.24 8.64
CA GLY A 267 -33.23 37.86 8.35
C GLY A 267 -34.40 37.20 9.05
N PHE A 268 -34.38 35.85 9.13
CA PHE A 268 -35.43 35.15 9.85
C PHE A 268 -35.40 35.49 11.34
N ILE A 269 -34.20 35.56 11.93
CA ILE A 269 -34.07 35.93 13.33
C ILE A 269 -34.57 37.35 13.56
N HIS A 270 -34.25 38.27 12.64
CA HIS A 270 -34.70 39.66 12.75
C HIS A 270 -36.21 39.76 12.71
N LEU A 271 -36.84 39.06 11.75
CA LEU A 271 -38.29 39.10 11.63
C LEU A 271 -38.99 38.48 12.84
N VAL A 272 -38.47 37.34 13.32
CA VAL A 272 -39.10 36.65 14.44
C VAL A 272 -38.98 37.47 15.72
N GLU A 273 -37.82 38.08 15.95
CA GLU A 273 -37.63 38.85 17.18
C GLU A 273 -38.36 40.19 17.13
N ASN A 274 -38.40 40.85 15.98
CA ASN A 274 -39.11 42.12 15.89
C ASN A 274 -40.62 41.95 15.83
N SER A 275 -41.12 40.77 15.44
CA SER A 275 -42.55 40.55 15.40
C SER A 275 -43.09 40.20 16.79
N GLY A 276 -42.60 39.13 17.38
CA GLY A 276 -43.07 38.65 18.67
C GLY A 276 -43.89 37.39 18.54
N ASP A 277 -44.17 36.79 19.69
CA ASP A 277 -44.95 35.55 19.74
C ASP A 277 -46.40 35.85 19.42
N PRO A 278 -47.00 35.17 18.43
CA PRO A 278 -48.41 35.42 18.10
C PRO A 278 -49.38 35.04 19.21
N TRP A 279 -49.07 34.02 20.01
CA TRP A 279 -49.97 33.60 21.08
C TRP A 279 -49.85 34.47 22.33
N GLU A 280 -48.86 35.36 22.38
CA GLU A 280 -48.71 36.30 23.48
C GLU A 280 -49.14 37.71 23.09
N ASN A 281 -49.90 37.84 22.00
CA ASN A 281 -50.42 39.12 21.47
C ASN A 281 -49.30 40.08 21.12
N PHE A 282 -48.14 39.54 20.70
CA PHE A 282 -47.00 40.31 20.21
C PHE A 282 -46.50 41.32 21.25
N GLN A 283 -46.46 40.91 22.52
CA GLN A 283 -46.04 41.79 23.60
C GLN A 283 -44.64 41.51 24.10
N ASN A 284 -44.00 40.42 23.65
CA ASN A 284 -42.64 40.09 24.06
C ASN A 284 -41.63 40.35 22.95
N ASN A 285 -41.86 41.38 22.14
CA ASN A 285 -40.96 41.69 21.04
C ASN A 285 -39.66 42.30 21.55
N GLN A 286 -38.60 42.14 20.75
CA GLN A 286 -37.29 42.68 21.06
C GLN A 286 -36.86 43.60 19.92
N ALA A 287 -36.36 44.78 20.28
CA ALA A 287 -35.94 45.77 19.29
C ALA A 287 -34.51 45.46 18.87
N LEU A 288 -34.37 44.67 17.81
CA LEU A 288 -33.08 44.28 17.26
C LEU A 288 -32.98 44.74 15.82
N THR A 289 -31.79 45.19 15.42
CA THR A 289 -31.53 45.58 14.04
C THR A 289 -30.98 44.40 13.25
N TYR A 290 -31.01 44.55 11.92
CA TYR A 290 -30.59 43.46 11.04
C TYR A 290 -29.10 43.16 11.18
N TRP A 291 -28.27 44.20 11.30
CA TRP A 291 -26.84 43.97 11.44
C TRP A 291 -26.48 43.46 12.82
N GLU A 292 -27.26 43.83 13.84
CA GLU A 292 -27.11 43.22 15.16
C GLU A 292 -27.44 41.73 15.11
N CYS A 293 -28.47 41.37 14.34
CA CYS A 293 -28.79 39.96 14.16
C CYS A 293 -27.70 39.23 13.38
N VAL A 294 -27.08 39.90 12.40
CA VAL A 294 -25.96 39.33 11.67
C VAL A 294 -24.79 39.05 12.61
N TYR A 295 -24.50 40.01 13.50
CA TYR A 295 -23.44 39.84 14.49
C TYR A 295 -23.75 38.70 15.45
N LEU A 296 -25.00 38.61 15.91
CA LEU A 296 -25.41 37.53 16.81
C LEU A 296 -25.29 36.17 16.13
N LEU A 297 -25.71 36.08 14.87
CA LEU A 297 -25.63 34.81 14.15
C LEU A 297 -24.19 34.40 13.91
N MET A 298 -23.30 35.35 13.62
CA MET A 298 -21.88 35.03 13.48
C MET A 298 -21.27 34.55 14.80
N VAL A 299 -21.60 35.22 15.90
CA VAL A 299 -21.08 34.80 17.20
C VAL A 299 -21.60 33.42 17.58
N THR A 300 -22.85 33.11 17.24
CA THR A 300 -23.39 31.78 17.48
C THR A 300 -22.72 30.73 16.61
N MET A 301 -22.41 31.07 15.35
CA MET A 301 -21.71 30.14 14.48
C MET A 301 -20.29 29.85 14.96
N SER A 302 -19.61 30.85 15.50
CA SER A 302 -18.23 30.68 15.94
C SER A 302 -18.11 29.93 17.26
N THR A 303 -19.24 29.64 17.94
CA THR A 303 -19.28 29.03 19.27
C THR A 303 -18.48 29.84 20.30
N VAL A 304 -18.54 31.17 20.17
CA VAL A 304 -17.92 32.06 21.14
C VAL A 304 -18.92 32.32 22.26
N GLY A 305 -20.07 32.89 21.92
CA GLY A 305 -21.13 33.10 22.88
C GLY A 305 -20.82 34.16 23.92
N TYR A 306 -20.72 35.42 23.50
CA TYR A 306 -20.49 36.51 24.44
C TYR A 306 -21.66 36.67 25.41
N GLY A 307 -22.88 36.55 24.89
CA GLY A 307 -24.07 36.72 25.71
C GLY A 307 -24.55 38.16 25.83
N ASP A 308 -23.90 39.10 25.15
CA ASP A 308 -24.37 40.49 25.17
C ASP A 308 -25.72 40.62 24.47
N VAL A 309 -25.89 39.94 23.35
CA VAL A 309 -27.15 39.91 22.61
C VAL A 309 -27.48 38.45 22.31
N TYR A 310 -28.73 38.07 22.55
CA TYR A 310 -29.17 36.70 22.31
C TYR A 310 -30.66 36.72 21.97
N ALA A 311 -31.26 35.54 21.92
CA ALA A 311 -32.67 35.38 21.57
C ALA A 311 -33.51 35.28 22.83
N LYS A 312 -34.63 36.01 22.85
CA LYS A 312 -35.51 36.05 24.01
C LYS A 312 -36.89 35.47 23.75
N THR A 313 -37.35 35.42 22.51
CA THR A 313 -38.66 34.89 22.21
C THR A 313 -38.61 33.37 22.09
N THR A 314 -39.78 32.74 22.26
CA THR A 314 -39.89 31.29 22.16
C THR A 314 -39.59 30.81 20.74
N LEU A 315 -40.14 31.51 19.74
CA LEU A 315 -39.86 31.17 18.34
C LEU A 315 -38.40 31.40 18.01
N GLY A 316 -37.80 32.47 18.54
CA GLY A 316 -36.39 32.72 18.31
C GLY A 316 -35.50 31.65 18.90
N ARG A 317 -35.81 31.20 20.12
CA ARG A 317 -35.03 30.13 20.73
C ARG A 317 -35.23 28.80 20.00
N LEU A 318 -36.46 28.53 19.53
CA LEU A 318 -36.74 27.31 18.79
C LEU A 318 -35.99 27.29 17.45
N PHE A 319 -35.91 28.43 16.77
CA PHE A 319 -35.10 28.50 15.55
C PHE A 319 -33.61 28.43 15.89
N MET A 320 -33.21 28.98 17.03
CA MET A 320 -31.80 29.01 17.41
C MET A 320 -31.28 27.62 17.71
N VAL A 321 -32.12 26.74 18.26
CA VAL A 321 -31.71 25.35 18.50
C VAL A 321 -31.39 24.65 17.18
N PHE A 322 -32.27 24.80 16.19
CA PHE A 322 -32.05 24.17 14.89
C PHE A 322 -30.84 24.77 14.18
N PHE A 323 -30.65 26.09 14.29
CA PHE A 323 -29.47 26.71 13.70
C PHE A 323 -28.19 26.27 14.41
N ILE A 324 -28.25 26.06 15.72
CA ILE A 324 -27.11 25.50 16.44
C ILE A 324 -26.80 24.10 15.93
N LEU A 325 -27.83 23.31 15.63
CA LEU A 325 -27.62 21.99 15.07
C LEU A 325 -26.97 22.05 13.69
N GLY A 326 -27.39 22.98 12.84
CA GLY A 326 -26.88 23.01 11.47
C GLY A 326 -25.68 23.88 11.15
N GLY A 327 -25.78 25.17 11.50
CA GLY A 327 -24.76 26.14 11.11
C GLY A 327 -23.42 25.96 11.79
N LEU A 328 -23.39 25.27 12.93
CA LEU A 328 -22.12 24.98 13.58
C LEU A 328 -21.28 24.04 12.72
N ALA A 329 -21.89 22.94 12.28
CA ALA A 329 -21.22 22.01 11.36
C ALA A 329 -20.93 22.69 10.02
N MET A 330 -21.85 23.56 9.57
CA MET A 330 -21.60 24.37 8.38
C MET A 330 -20.31 25.18 8.49
N PHE A 331 -20.17 25.93 9.58
CA PHE A 331 -19.00 26.78 9.79
C PHE A 331 -17.73 25.94 9.88
N ALA A 332 -17.77 24.87 10.69
CA ALA A 332 -16.59 24.04 10.89
C ALA A 332 -16.16 23.30 9.63
N SER A 333 -17.10 23.00 8.74
CA SER A 333 -16.75 22.34 7.49
C SER A 333 -16.40 23.30 6.36
N TYR A 334 -16.89 24.54 6.43
CA TYR A 334 -16.73 25.46 5.32
C TYR A 334 -15.56 26.43 5.47
N VAL A 335 -15.27 26.91 6.68
CA VAL A 335 -14.23 27.93 6.86
C VAL A 335 -12.82 27.42 6.53
N PRO A 336 -12.34 26.28 7.04
CA PRO A 336 -10.98 25.85 6.64
C PRO A 336 -10.89 25.43 5.18
N GLU A 337 -11.98 24.91 4.61
CA GLU A 337 -11.97 24.56 3.18
C GLU A 337 -11.83 25.81 2.32
N ILE A 338 -12.53 26.88 2.65
CA ILE A 338 -12.41 28.14 1.92
C ILE A 338 -11.00 28.72 2.10
N ILE A 339 -10.47 28.64 3.33
CA ILE A 339 -9.14 29.18 3.62
C ILE A 339 -8.07 28.45 2.81
N GLU A 340 -8.15 27.12 2.75
CA GLU A 340 -7.18 26.36 1.97
C GLU A 340 -7.44 26.44 0.46
N LEU A 341 -8.67 26.76 0.04
CA LEU A 341 -8.92 26.97 -1.37
C LEU A 341 -8.41 28.32 -1.87
N ILE A 342 -8.34 29.32 -0.98
CA ILE A 342 -7.66 30.55 -1.33
C ILE A 342 -6.19 30.29 -1.57
N GLY A 343 -5.55 29.53 -0.68
CA GLY A 343 -4.18 29.12 -0.89
C GLY A 343 -3.18 30.22 -0.54
N ASN A 344 -1.93 29.95 -0.90
CA ASN A 344 -0.83 30.86 -0.66
C ASN A 344 -0.22 31.31 -1.99
N ARG A 345 0.31 32.52 -1.99
CA ARG A 345 0.96 33.07 -3.18
C ARG A 345 2.25 32.30 -3.48
N LYS A 346 2.49 32.06 -4.77
CA LYS A 346 3.71 31.38 -5.19
C LYS A 346 4.92 32.27 -4.95
N LYS A 347 6.06 31.62 -4.69
CA LYS A 347 7.25 32.32 -4.23
C LYS A 347 8.38 32.35 -5.25
N TYR A 348 8.42 31.38 -6.17
CA TYR A 348 9.50 31.28 -7.14
C TYR A 348 8.97 31.17 -8.56
N GLY A 349 7.97 31.98 -8.88
CA GLY A 349 7.38 31.97 -10.21
C GLY A 349 7.83 33.10 -11.10
N GLY A 350 8.91 33.77 -10.71
CA GLY A 350 9.42 34.93 -11.44
C GLY A 350 10.31 34.55 -12.59
N SER A 351 11.04 35.55 -13.08
CA SER A 351 11.96 35.39 -14.19
C SER A 351 13.32 35.96 -13.82
N TYR A 352 14.36 35.46 -14.49
CA TYR A 352 15.72 35.92 -14.27
C TYR A 352 16.02 37.12 -15.16
N SER A 353 16.67 38.12 -14.58
CA SER A 353 17.06 39.33 -15.30
C SER A 353 18.56 39.31 -15.49
N ALA A 354 18.99 39.39 -16.75
CA ALA A 354 20.41 39.33 -17.07
C ALA A 354 21.13 40.60 -16.64
N VAL A 355 22.37 40.45 -16.20
CA VAL A 355 23.20 41.56 -15.75
C VAL A 355 24.31 41.78 -16.76
N SER A 356 24.47 43.01 -17.22
CA SER A 356 25.50 43.33 -18.19
C SER A 356 26.88 43.22 -17.57
N GLY A 357 27.80 42.56 -18.28
CA GLY A 357 29.14 42.36 -17.78
C GLY A 357 29.33 41.20 -16.84
N ARG A 358 28.28 40.39 -16.62
CA ARG A 358 28.36 39.26 -15.71
C ARG A 358 27.62 38.08 -16.33
N LYS A 359 28.32 36.94 -16.42
CA LYS A 359 27.74 35.73 -16.98
C LYS A 359 27.07 34.90 -15.88
N HIS A 360 26.28 33.92 -16.30
CA HIS A 360 25.56 33.06 -15.37
C HIS A 360 25.44 31.66 -15.96
N ILE A 361 25.21 30.69 -15.07
CA ILE A 361 25.04 29.30 -15.45
C ILE A 361 23.72 28.80 -14.85
N VAL A 362 23.20 27.73 -15.46
CA VAL A 362 21.96 27.11 -15.02
C VAL A 362 22.26 25.70 -14.53
N VAL A 363 21.80 25.39 -13.32
CA VAL A 363 22.01 24.08 -12.71
C VAL A 363 20.66 23.40 -12.54
N CYS A 364 20.55 22.17 -13.03
CA CYS A 364 19.31 21.40 -12.96
C CYS A 364 19.65 19.95 -12.62
N GLY A 365 18.61 19.13 -12.53
CA GLY A 365 18.79 17.71 -12.27
C GLY A 365 18.43 17.30 -10.85
N HIS A 366 19.39 16.72 -10.13
CA HIS A 366 19.18 16.26 -8.76
C HIS A 366 19.51 17.41 -7.81
N ILE A 367 18.48 18.14 -7.39
CA ILE A 367 18.64 19.31 -6.55
C ILE A 367 18.16 18.94 -5.15
N THR A 368 19.10 18.60 -4.28
CA THR A 368 18.84 18.37 -2.87
C THR A 368 19.77 19.25 -2.04
N LEU A 369 19.53 19.27 -0.72
CA LEU A 369 20.32 20.12 0.16
C LEU A 369 21.80 19.71 0.17
N GLU A 370 22.06 18.40 0.25
CA GLU A 370 23.45 17.92 0.23
C GLU A 370 24.13 18.21 -1.09
N SER A 371 23.42 18.01 -2.21
CA SER A 371 24.00 18.27 -3.53
C SER A 371 24.31 19.74 -3.73
N VAL A 372 23.39 20.63 -3.32
CA VAL A 372 23.61 22.06 -3.48
C VAL A 372 24.74 22.53 -2.57
N SER A 373 24.80 22.00 -1.34
CA SER A 373 25.89 22.38 -0.42
C SER A 373 27.23 21.93 -0.95
N ASN A 374 27.32 20.69 -1.44
CA ASN A 374 28.58 20.19 -1.98
C ASN A 374 28.98 20.90 -3.27
N PHE A 375 28.01 21.32 -4.08
CA PHE A 375 28.33 22.06 -5.30
C PHE A 375 28.81 23.47 -4.96
N LEU A 376 28.14 24.15 -4.02
CA LEU A 376 28.49 25.53 -3.71
C LEU A 376 29.80 25.63 -2.94
N LYS A 377 30.09 24.65 -2.07
CA LYS A 377 31.36 24.64 -1.34
C LYS A 377 32.56 24.54 -2.27
N ASP A 378 32.37 23.92 -3.43
CA ASP A 378 33.43 23.79 -4.42
C ASP A 378 33.43 24.93 -5.42
N PHE A 379 32.25 25.42 -5.81
CA PHE A 379 32.17 26.47 -6.82
C PHE A 379 32.58 27.83 -6.26
N LEU A 380 32.20 28.12 -5.01
CA LEU A 380 32.47 29.42 -4.40
C LEU A 380 33.68 29.37 -3.47
N HIS A 381 34.67 28.55 -3.76
CA HIS A 381 35.86 28.46 -2.92
C HIS A 381 36.74 29.69 -3.12
N LYS A 382 37.45 30.06 -2.05
CA LYS A 382 38.28 31.25 -2.06
C LYS A 382 39.59 31.09 -2.81
N ASP A 383 39.98 29.86 -3.15
CA ASP A 383 41.22 29.63 -3.89
C ASP A 383 41.08 29.92 -5.38
N ARG A 384 39.86 30.07 -5.89
CA ARG A 384 39.66 30.39 -7.30
C ARG A 384 40.01 31.86 -7.55
N ASP A 385 40.16 32.19 -8.84
CA ASP A 385 40.60 33.51 -9.26
C ASP A 385 39.64 34.62 -8.87
N ASP A 386 38.46 34.63 -9.51
CA ASP A 386 37.43 35.61 -9.19
C ASP A 386 36.10 35.02 -9.68
N VAL A 387 35.29 34.54 -8.74
CA VAL A 387 34.00 33.94 -9.12
C VAL A 387 33.01 35.06 -9.38
N ASN A 388 32.88 35.46 -10.64
CA ASN A 388 31.92 36.47 -11.06
C ASN A 388 30.72 35.85 -11.75
N VAL A 389 30.57 34.52 -11.68
CA VAL A 389 29.49 33.81 -12.35
C VAL A 389 28.37 33.57 -11.37
N GLU A 390 27.15 33.92 -11.77
CA GLU A 390 25.96 33.70 -10.95
C GLU A 390 25.40 32.31 -11.21
N ILE A 391 24.84 31.71 -10.17
CA ILE A 391 24.30 30.36 -10.23
C ILE A 391 22.77 30.45 -10.17
N VAL A 392 22.12 29.85 -11.16
CA VAL A 392 20.67 29.82 -11.25
C VAL A 392 20.21 28.37 -11.19
N PHE A 393 19.29 28.07 -10.27
CA PHE A 393 18.76 26.72 -10.10
C PHE A 393 17.36 26.64 -10.70
N LEU A 394 17.08 25.50 -11.34
CA LEU A 394 15.77 25.23 -11.93
C LEU A 394 15.33 23.84 -11.51
N HIS A 395 14.37 23.77 -10.59
CA HIS A 395 13.84 22.51 -10.11
C HIS A 395 12.33 22.62 -9.98
N ASN A 396 11.65 21.48 -10.13
CA ASN A 396 10.19 21.44 -10.12
C ASN A 396 9.61 21.22 -8.72
N ILE A 397 10.46 21.15 -7.69
CA ILE A 397 10.02 20.93 -6.32
C ILE A 397 10.47 22.11 -5.48
N SER A 398 9.54 22.67 -4.70
CA SER A 398 9.88 23.79 -3.84
C SER A 398 10.83 23.36 -2.74
N PRO A 399 11.85 24.17 -2.42
CA PRO A 399 12.82 23.78 -1.39
C PRO A 399 12.20 23.78 0.00
N ASN A 400 12.81 22.99 0.88
CA ASN A 400 12.41 22.96 2.28
C ASN A 400 13.09 24.10 3.03
N LEU A 401 12.94 24.11 4.36
CA LEU A 401 13.43 25.22 5.16
C LEU A 401 14.95 25.26 5.23
N GLU A 402 15.61 24.09 5.26
CA GLU A 402 17.07 24.07 5.29
C GLU A 402 17.66 24.57 3.98
N LEU A 403 17.09 24.16 2.85
CA LEU A 403 17.57 24.64 1.55
C LEU A 403 17.26 26.13 1.38
N GLU A 404 16.12 26.58 1.90
CA GLU A 404 15.81 28.01 1.86
C GLU A 404 16.79 28.81 2.71
N ALA A 405 17.18 28.27 3.87
CA ALA A 405 18.17 28.94 4.70
C ALA A 405 19.54 28.98 4.02
N LEU A 406 19.91 27.90 3.33
CA LEU A 406 21.16 27.91 2.56
C LEU A 406 21.12 28.93 1.44
N PHE A 407 19.99 29.02 0.73
CA PHE A 407 19.85 30.03 -0.32
C PHE A 407 19.85 31.44 0.24
N LYS A 408 19.33 31.64 1.45
CA LYS A 408 19.42 32.94 2.11
C LYS A 408 20.85 33.26 2.51
N ARG A 409 21.60 32.25 2.95
CA ARG A 409 23.00 32.46 3.30
C ARG A 409 23.83 32.84 2.07
N HIS A 410 23.56 32.21 0.93
CA HIS A 410 24.15 32.64 -0.34
C HIS A 410 23.16 33.54 -1.08
N PHE A 411 23.04 34.77 -0.57
CA PHE A 411 21.98 35.66 -1.01
C PHE A 411 22.30 36.31 -2.36
N THR A 412 23.47 36.90 -2.49
CA THR A 412 23.83 37.62 -3.70
C THR A 412 24.51 36.76 -4.75
N GLN A 413 24.66 35.45 -4.50
CA GLN A 413 25.37 34.57 -5.40
C GLN A 413 24.47 33.59 -6.16
N VAL A 414 23.45 33.04 -5.52
CA VAL A 414 22.61 32.03 -6.14
C VAL A 414 21.18 32.54 -6.23
N GLU A 415 20.42 31.98 -7.17
CA GLU A 415 19.01 32.25 -7.35
C GLU A 415 18.28 30.93 -7.58
N PHE A 416 17.00 30.91 -7.26
CA PHE A 416 16.17 29.73 -7.46
C PHE A 416 14.89 30.12 -8.19
N TYR A 417 14.52 29.33 -9.19
CA TYR A 417 13.27 29.49 -9.91
C TYR A 417 12.64 28.13 -10.11
N GLN A 418 11.33 28.04 -9.90
CA GLN A 418 10.62 26.77 -9.95
C GLN A 418 10.06 26.53 -11.35
N GLY A 419 10.42 25.39 -11.93
CA GLY A 419 9.98 25.07 -13.27
C GLY A 419 10.55 23.73 -13.70
N SER A 420 10.26 23.37 -14.94
CA SER A 420 10.69 22.11 -15.52
C SER A 420 11.68 22.35 -16.65
N VAL A 421 12.67 21.46 -16.76
CA VAL A 421 13.66 21.56 -17.83
C VAL A 421 13.03 21.25 -19.18
N LEU A 422 12.00 20.40 -19.20
CA LEU A 422 11.31 20.04 -20.43
C LEU A 422 10.34 21.11 -20.90
N ASN A 423 10.15 22.18 -20.13
CA ASN A 423 9.22 23.23 -20.49
C ASN A 423 9.96 24.37 -21.17
N PRO A 424 9.69 24.67 -22.44
CA PRO A 424 10.38 25.78 -23.10
C PRO A 424 10.06 27.14 -22.49
N HIS A 425 8.87 27.32 -21.90
CA HIS A 425 8.56 28.57 -21.22
C HIS A 425 9.46 28.76 -19.99
N ASP A 426 9.68 27.68 -19.23
CA ASP A 426 10.58 27.77 -18.09
C ASP A 426 12.04 27.95 -18.54
N LEU A 427 12.41 27.32 -19.67
CA LEU A 427 13.74 27.50 -20.21
C LEU A 427 13.99 28.93 -20.66
N ALA A 428 12.97 29.58 -21.21
CA ALA A 428 13.07 31.01 -21.51
C ALA A 428 13.02 31.85 -20.25
N ARG A 429 12.36 31.35 -19.20
CA ARG A 429 12.29 32.06 -17.94
C ARG A 429 13.65 32.14 -17.26
N VAL A 430 14.44 31.06 -17.33
CA VAL A 430 15.77 31.07 -16.70
C VAL A 430 16.83 31.70 -17.59
N LYS A 431 16.46 32.17 -18.78
CA LYS A 431 17.36 32.82 -19.74
C LYS A 431 18.53 31.89 -20.12
N ILE A 432 18.18 30.71 -20.61
CA ILE A 432 19.20 29.73 -20.98
C ILE A 432 19.90 30.11 -22.28
N GLU A 433 19.28 30.95 -23.11
CA GLU A 433 19.89 31.38 -24.36
C GLU A 433 21.08 32.32 -24.15
N SER A 434 21.24 32.88 -22.94
CA SER A 434 22.37 33.72 -22.62
C SER A 434 23.28 33.12 -21.56
N ALA A 435 22.96 31.92 -21.07
CA ALA A 435 23.77 31.28 -20.04
C ALA A 435 25.09 30.79 -20.61
N ASP A 436 26.12 30.80 -19.76
CA ASP A 436 27.43 30.34 -20.18
C ASP A 436 27.45 28.82 -20.36
N ALA A 437 26.85 28.08 -19.44
CA ALA A 437 26.81 26.63 -19.51
C ALA A 437 25.61 26.12 -18.73
N CYS A 438 25.26 24.88 -18.99
CA CYS A 438 24.19 24.19 -18.28
C CYS A 438 24.76 22.97 -17.58
N LEU A 439 24.53 22.86 -16.28
CA LEU A 439 25.05 21.76 -15.48
C LEU A 439 23.91 20.89 -14.99
N ILE A 440 24.02 19.59 -15.20
CA ILE A 440 22.98 18.63 -14.83
C ILE A 440 23.56 17.68 -13.78
N LEU A 441 22.96 17.67 -12.60
CA LEU A 441 23.32 16.74 -11.55
C LEU A 441 22.52 15.46 -11.71
N ALA A 442 23.13 14.35 -11.30
CA ALA A 442 22.53 13.03 -11.46
C ALA A 442 22.41 12.33 -10.11
N ASN A 443 21.36 11.51 -9.97
CA ASN A 443 21.16 10.70 -8.78
C ASN A 443 22.05 9.47 -8.90
N LYS A 444 23.22 9.52 -8.27
CA LYS A 444 24.21 8.47 -8.42
C LYS A 444 23.86 7.20 -7.65
N TYR A 445 22.92 7.27 -6.71
CA TYR A 445 22.54 6.13 -5.90
C TYR A 445 21.17 5.57 -6.29
N CYS A 446 20.83 5.67 -7.57
CA CYS A 446 19.57 5.12 -8.06
C CYS A 446 19.64 3.61 -8.14
N ALA A 447 18.50 2.96 -7.87
CA ALA A 447 18.44 1.50 -7.96
C ALA A 447 18.55 1.03 -9.41
N ASP A 448 17.95 1.77 -10.34
CA ASP A 448 18.02 1.45 -11.76
C ASP A 448 18.81 2.55 -12.47
N PRO A 449 20.07 2.31 -12.83
CA PRO A 449 20.87 3.36 -13.47
C PRO A 449 20.44 3.69 -14.90
N ASP A 450 19.65 2.84 -15.55
CA ASP A 450 19.24 3.11 -16.92
C ASP A 450 18.17 4.19 -17.00
N ALA A 451 17.25 4.21 -16.04
CA ALA A 451 16.18 5.21 -16.05
C ALA A 451 16.73 6.60 -15.79
N GLU A 452 17.69 6.73 -14.88
CA GLU A 452 18.31 8.02 -14.61
C GLU A 452 19.08 8.53 -15.82
N ASP A 453 19.79 7.65 -16.51
CA ASP A 453 20.50 8.02 -17.74
C ASP A 453 19.53 8.42 -18.84
N ALA A 454 18.41 7.72 -18.95
CA ALA A 454 17.40 8.08 -19.93
C ALA A 454 16.78 9.45 -19.63
N SER A 455 16.53 9.73 -18.35
CA SER A 455 16.01 11.04 -17.97
C SER A 455 17.01 12.15 -18.26
N ASN A 456 18.29 11.90 -17.99
CA ASN A 456 19.32 12.91 -18.27
C ASN A 456 19.48 13.12 -19.78
N ILE A 457 19.37 12.05 -20.56
CA ILE A 457 19.43 12.18 -22.01
C ILE A 457 18.23 12.97 -22.53
N MET A 458 17.05 12.75 -21.95
CA MET A 458 15.87 13.53 -22.31
C MET A 458 16.03 15.00 -21.96
N ARG A 459 16.63 15.29 -20.80
CA ARG A 459 16.91 16.68 -20.43
C ARG A 459 17.88 17.34 -21.40
N VAL A 460 18.94 16.62 -21.79
CA VAL A 460 19.91 17.14 -22.75
C VAL A 460 19.24 17.39 -24.11
N ILE A 461 18.34 16.48 -24.51
CA ILE A 461 17.61 16.63 -25.76
C ILE A 461 16.74 17.87 -25.71
N SER A 462 16.04 18.10 -24.59
CA SER A 462 15.19 19.29 -24.46
C SER A 462 16.01 20.59 -24.50
N ILE A 463 17.14 20.61 -23.79
CA ILE A 463 17.97 21.81 -23.76
C ILE A 463 18.56 22.10 -25.13
N LYS A 464 19.06 21.06 -25.82
CA LYS A 464 19.63 21.27 -27.15
C LYS A 464 18.55 21.58 -28.18
N ASN A 465 17.32 21.13 -27.95
CA ASN A 465 16.23 21.47 -28.86
C ASN A 465 15.83 22.93 -28.71
N TYR A 466 15.80 23.44 -27.47
CA TYR A 466 15.50 24.86 -27.28
C TYR A 466 16.64 25.74 -27.77
N HIS A 467 17.88 25.40 -27.42
CA HIS A 467 19.04 26.17 -27.82
C HIS A 467 20.17 25.24 -28.21
N PRO A 468 20.50 25.12 -29.50
CA PRO A 468 21.49 24.13 -29.94
C PRO A 468 22.94 24.51 -29.69
N LYS A 469 23.22 25.73 -29.21
CA LYS A 469 24.59 26.22 -29.08
C LYS A 469 24.92 26.58 -27.64
N ILE A 470 24.57 25.71 -26.70
CA ILE A 470 24.83 25.93 -25.28
C ILE A 470 25.73 24.81 -24.77
N ARG A 471 26.70 25.19 -23.93
CA ARG A 471 27.58 24.21 -23.32
C ARG A 471 26.82 23.41 -22.27
N ILE A 472 26.95 22.10 -22.31
CA ILE A 472 26.25 21.20 -21.39
C ILE A 472 27.28 20.29 -20.73
N ILE A 473 27.31 20.29 -19.40
CA ILE A 473 28.12 19.35 -18.62
C ILE A 473 27.16 18.49 -17.83
N THR A 474 27.23 17.18 -18.03
CA THR A 474 26.29 16.24 -17.42
C THR A 474 27.04 15.06 -16.83
N GLN A 475 26.32 14.29 -16.01
CA GLN A 475 26.86 13.11 -15.35
C GLN A 475 26.14 11.87 -15.85
N MET A 476 26.91 10.84 -16.18
CA MET A 476 26.37 9.57 -16.66
C MET A 476 26.79 8.46 -15.69
N LEU A 477 25.90 7.48 -15.50
CA LEU A 477 26.15 6.38 -14.59
C LEU A 477 26.68 5.13 -15.29
N GLN A 478 26.31 4.89 -16.54
CA GLN A 478 26.73 3.72 -17.28
C GLN A 478 27.41 4.14 -18.58
N TYR A 479 28.37 3.33 -19.02
CA TYR A 479 29.17 3.68 -20.18
C TYR A 479 28.43 3.51 -21.49
N HIS A 480 27.49 2.56 -21.57
CA HIS A 480 26.80 2.31 -22.83
C HIS A 480 25.77 3.39 -23.15
N ASN A 481 25.36 4.18 -22.16
CA ASN A 481 24.49 5.32 -22.42
C ASN A 481 25.24 6.54 -22.91
N LYS A 482 26.55 6.62 -22.64
CA LYS A 482 27.35 7.73 -23.13
C LYS A 482 27.49 7.70 -24.65
N ALA A 483 27.51 6.50 -25.24
CA ALA A 483 27.54 6.39 -26.69
C ALA A 483 26.25 6.92 -27.31
N HIS A 484 25.10 6.65 -26.68
CA HIS A 484 23.84 7.22 -27.15
C HIS A 484 23.81 8.73 -26.95
N LEU A 485 24.39 9.21 -25.85
CA LEU A 485 24.43 10.65 -25.59
C LEU A 485 25.29 11.38 -26.62
N LEU A 486 26.40 10.76 -27.02
CA LEU A 486 27.32 11.41 -27.95
C LEU A 486 26.80 11.47 -29.39
N ASN A 487 25.70 10.79 -29.69
CA ASN A 487 25.15 10.76 -31.04
C ASN A 487 24.05 11.80 -31.25
N ILE A 488 23.83 12.68 -30.29
CA ILE A 488 22.88 13.79 -30.45
C ILE A 488 23.39 14.73 -31.54
N PRO A 489 22.53 15.22 -32.44
CA PRO A 489 23.02 16.06 -33.56
C PRO A 489 23.73 17.32 -33.14
N SER A 490 23.31 17.97 -32.06
CA SER A 490 23.94 19.21 -31.61
C SER A 490 25.03 18.98 -30.57
N TRP A 491 25.25 17.73 -30.18
CA TRP A 491 26.31 17.41 -29.22
C TRP A 491 27.64 17.32 -29.95
N ASN A 492 28.45 18.38 -29.83
CA ASN A 492 29.80 18.38 -30.38
C ASN A 492 30.77 18.55 -29.21
N TRP A 493 31.78 17.67 -29.16
CA TRP A 493 32.72 17.67 -28.04
C TRP A 493 34.06 18.30 -28.40
N LYS A 494 34.22 18.79 -29.63
CA LYS A 494 35.41 19.58 -29.95
C LYS A 494 35.39 20.89 -29.19
N GLU A 495 34.23 21.51 -29.05
CA GLU A 495 34.01 22.62 -28.14
C GLU A 495 33.66 22.06 -26.76
N GLY A 496 33.21 22.92 -25.86
CA GLY A 496 32.87 22.47 -24.53
C GLY A 496 31.57 21.69 -24.45
N ASP A 497 31.67 20.36 -24.28
CA ASP A 497 30.52 19.52 -24.00
C ASP A 497 31.05 18.26 -23.31
N ASP A 498 30.89 18.19 -21.99
CA ASP A 498 31.51 17.15 -21.18
C ASP A 498 30.43 16.20 -20.66
N ALA A 499 30.68 14.91 -20.80
CA ALA A 499 29.83 13.86 -20.23
C ALA A 499 30.69 13.05 -19.26
N ILE A 500 30.53 13.30 -17.97
CA ILE A 500 31.35 12.67 -16.94
C ILE A 500 30.73 11.32 -16.61
N CYS A 501 31.38 10.24 -17.05
CA CYS A 501 30.93 8.89 -16.76
C CYS A 501 31.56 8.43 -15.45
N LEU A 502 30.71 8.07 -14.49
CA LEU A 502 31.20 7.71 -13.16
C LEU A 502 31.85 6.33 -13.16
N ALA A 503 31.24 5.37 -13.84
CA ALA A 503 31.76 4.00 -13.84
C ALA A 503 33.11 3.93 -14.56
N GLU A 504 33.21 4.58 -15.72
CA GLU A 504 34.45 4.57 -16.49
C GLU A 504 35.59 5.23 -15.71
N LEU A 505 35.32 6.37 -15.09
CA LEU A 505 36.36 7.07 -14.35
C LEU A 505 36.76 6.33 -13.08
N LYS A 506 35.78 5.76 -12.37
CA LYS A 506 36.09 5.00 -11.17
C LYS A 506 36.91 3.75 -11.49
N LEU A 507 36.54 3.02 -12.54
CA LEU A 507 37.29 1.84 -12.91
C LEU A 507 38.67 2.19 -13.47
N GLY A 508 38.79 3.33 -14.16
CA GLY A 508 40.10 3.78 -14.58
C GLY A 508 41.00 4.16 -13.42
N PHE A 509 40.42 4.80 -12.40
CA PHE A 509 41.17 5.12 -11.19
C PHE A 509 41.66 3.85 -10.49
N ILE A 510 40.79 2.86 -10.38
CA ILE A 510 41.17 1.59 -9.76
C ILE A 510 42.24 0.87 -10.58
N ALA A 511 42.08 0.85 -11.91
CA ALA A 511 43.03 0.15 -12.78
C ALA A 511 44.40 0.81 -12.76
N GLN A 512 44.45 2.13 -12.73
CA GLN A 512 45.74 2.81 -12.61
C GLN A 512 46.30 2.74 -11.19
N SER A 513 45.45 2.50 -10.18
CA SER A 513 45.96 2.21 -8.85
C SER A 513 46.52 0.79 -8.75
N CYS A 514 46.10 -0.11 -9.64
CA CYS A 514 46.70 -1.44 -9.69
C CYS A 514 48.15 -1.40 -10.14
N LEU A 515 48.58 -0.35 -10.84
CA LEU A 515 49.96 -0.20 -11.25
C LEU A 515 50.78 0.61 -10.25
N ALA A 516 50.14 1.52 -9.51
CA ALA A 516 50.82 2.32 -8.49
C ALA A 516 49.80 2.66 -7.42
N GLN A 517 49.99 2.12 -6.21
CA GLN A 517 49.02 2.27 -5.14
C GLN A 517 48.97 3.71 -4.64
N GLY A 518 47.77 4.15 -4.28
CA GLY A 518 47.54 5.51 -3.84
C GLY A 518 47.25 6.51 -4.94
N LEU A 519 47.30 6.08 -6.21
CA LEU A 519 47.11 7.01 -7.31
C LEU A 519 45.67 7.51 -7.40
N SER A 520 44.69 6.67 -7.04
CA SER A 520 43.30 7.11 -7.04
C SER A 520 43.07 8.22 -6.04
N THR A 521 43.63 8.09 -4.83
CA THR A 521 43.48 9.14 -3.83
C THR A 521 44.29 10.38 -4.18
N MET A 522 45.46 10.19 -4.80
CA MET A 522 46.27 11.33 -5.24
C MET A 522 45.54 12.12 -6.33
N LEU A 523 44.89 11.42 -7.25
CA LEU A 523 44.13 12.09 -8.31
C LEU A 523 42.87 12.74 -7.75
N ALA A 524 42.16 12.06 -6.85
CA ALA A 524 40.94 12.60 -6.28
C ALA A 524 41.18 13.80 -5.39
N ASN A 525 42.34 13.87 -4.73
CA ASN A 525 42.68 15.04 -3.92
C ASN A 525 43.13 16.22 -4.77
N LEU A 526 43.40 16.02 -6.06
CA LEU A 526 43.84 17.08 -6.94
C LEU A 526 42.69 17.92 -7.49
N PHE A 527 41.45 17.47 -7.32
CA PHE A 527 40.30 18.20 -7.84
C PHE A 527 39.38 18.74 -6.77
N SER A 528 39.44 18.22 -5.54
CA SER A 528 38.71 18.82 -4.43
C SER A 528 39.45 20.07 -3.98
N MET A 529 38.71 21.17 -3.86
CA MET A 529 39.31 22.49 -3.63
C MET A 529 39.50 22.68 -2.13
N ARG A 530 40.75 22.59 -1.67
CA ARG A 530 41.07 22.67 -0.26
C ARG A 530 42.15 23.73 -0.03
N SER A 531 42.31 24.11 1.23
CA SER A 531 43.30 25.09 1.65
C SER A 531 44.39 24.41 2.47
N PHE A 532 45.31 25.22 2.98
CA PHE A 532 46.41 24.73 3.79
C PHE A 532 45.97 24.61 5.25
N ILE A 533 46.10 23.40 5.81
CA ILE A 533 45.84 23.16 7.23
C ILE A 533 47.19 22.84 7.86
N LYS A 534 47.65 23.72 8.74
CA LYS A 534 48.95 23.55 9.38
C LYS A 534 48.80 22.80 10.69
N ILE A 535 49.59 21.74 10.85
CA ILE A 535 49.56 20.90 12.05
C ILE A 535 50.90 21.04 12.75
N GLU A 536 50.87 21.40 14.04
CA GLU A 536 52.10 21.69 14.77
C GLU A 536 52.88 20.42 15.10
N GLU A 537 52.19 19.36 15.51
CA GLU A 537 52.87 18.13 15.88
C GLU A 537 53.39 17.41 14.63
N ASP A 538 54.52 16.73 14.79
CA ASP A 538 55.20 16.05 13.68
C ASP A 538 54.59 14.66 13.53
N THR A 539 53.54 14.58 12.71
CA THR A 539 52.86 13.32 12.42
C THR A 539 52.75 13.16 10.90
N TRP A 540 52.15 12.06 10.47
CA TRP A 540 51.93 11.84 9.05
C TRP A 540 50.82 12.73 8.49
N GLN A 541 49.90 13.19 9.34
CA GLN A 541 48.79 14.01 8.88
C GLN A 541 49.25 15.37 8.40
N LYS A 542 50.30 15.93 9.00
CA LYS A 542 50.84 17.20 8.52
C LYS A 542 51.42 17.07 7.11
N TYR A 543 52.15 15.99 6.85
CA TYR A 543 52.72 15.78 5.52
C TYR A 543 51.64 15.41 4.51
N TYR A 544 50.57 14.76 4.96
CA TYR A 544 49.45 14.48 4.07
C TYR A 544 48.71 15.76 3.69
N LEU A 545 48.38 16.59 4.69
CA LEU A 545 47.64 17.82 4.43
C LEU A 545 48.49 18.88 3.73
N GLU A 546 49.82 18.73 3.75
CA GLU A 546 50.66 19.58 2.91
C GLU A 546 50.39 19.32 1.43
N GLY A 547 50.18 18.06 1.06
CA GLY A 547 49.93 17.70 -0.33
C GLY A 547 48.48 17.73 -0.73
N VAL A 548 47.57 17.69 0.25
CA VAL A 548 46.14 17.82 -0.05
C VAL A 548 45.82 19.20 -0.63
N SER A 549 46.50 20.24 -0.15
CA SER A 549 46.17 21.62 -0.51
C SER A 549 46.42 21.97 -1.97
N ASN A 550 47.13 21.13 -2.71
CA ASN A 550 47.42 21.40 -4.12
C ASN A 550 46.28 20.95 -5.01
N GLU A 551 46.03 21.71 -6.08
CA GLU A 551 45.04 21.39 -7.09
C GLU A 551 45.68 21.47 -8.47
N MET A 552 44.88 21.22 -9.50
CA MET A 552 45.35 21.20 -10.89
C MET A 552 44.74 22.38 -11.63
N TYR A 553 45.60 23.13 -12.33
CA TYR A 553 45.19 24.35 -13.01
C TYR A 553 45.69 24.36 -14.44
N THR A 554 45.00 25.10 -15.29
CA THR A 554 45.36 25.28 -16.69
C THR A 554 45.72 26.73 -16.97
N GLU A 555 46.72 26.93 -17.82
CA GLU A 555 47.17 28.27 -18.17
C GLU A 555 47.90 28.22 -19.50
N TYR A 556 47.69 29.24 -20.33
CA TYR A 556 48.47 29.39 -21.54
C TYR A 556 49.92 29.72 -21.20
N LEU A 557 50.84 29.11 -21.93
CA LEU A 557 52.26 29.35 -21.68
C LEU A 557 52.67 30.72 -22.19
N SER A 558 53.76 31.23 -21.63
CA SER A 558 54.27 32.54 -22.00
C SER A 558 54.92 32.49 -23.38
N SER A 559 55.19 33.68 -23.92
CA SER A 559 55.80 33.80 -25.24
C SER A 559 57.32 33.61 -25.21
N ALA A 560 57.91 33.43 -24.03
CA ALA A 560 59.36 33.21 -23.96
C ALA A 560 59.73 31.82 -24.46
N PHE A 561 58.92 30.82 -24.16
CA PHE A 561 59.22 29.44 -24.54
C PHE A 561 58.74 29.20 -25.97
N VAL A 562 59.63 29.35 -26.93
CA VAL A 562 59.33 29.05 -28.33
C VAL A 562 60.18 27.88 -28.79
N GLY A 563 61.50 28.05 -28.76
CA GLY A 563 62.41 27.00 -29.17
C GLY A 563 62.79 26.03 -28.09
N LEU A 564 62.37 26.25 -26.85
CA LEU A 564 62.72 25.38 -25.75
C LEU A 564 61.93 24.08 -25.81
N SER A 565 62.59 22.99 -25.42
CA SER A 565 61.94 21.69 -25.35
C SER A 565 61.17 21.55 -24.04
N PHE A 566 60.24 20.59 -24.02
CA PHE A 566 59.40 20.37 -22.84
C PHE A 566 60.17 20.03 -21.56
N PRO A 567 61.21 19.16 -21.55
CA PRO A 567 61.99 19.02 -20.31
C PRO A 567 62.66 20.31 -19.85
N THR A 568 63.12 21.14 -20.78
CA THR A 568 63.72 22.42 -20.40
C THR A 568 62.69 23.35 -19.78
N VAL A 569 61.50 23.43 -20.38
CA VAL A 569 60.44 24.29 -19.84
C VAL A 569 59.99 23.77 -18.48
N CYS A 570 59.88 22.46 -18.32
CA CYS A 570 59.47 21.89 -17.04
C CYS A 570 60.51 22.14 -15.95
N GLU A 571 61.80 21.95 -16.27
CA GLU A 571 62.85 22.18 -15.30
C GLU A 571 62.93 23.65 -14.90
N LEU A 572 62.81 24.56 -15.89
CA LEU A 572 62.81 25.98 -15.59
C LEU A 572 61.61 26.36 -14.73
N CYS A 573 60.43 25.84 -15.06
CA CYS A 573 59.22 26.14 -14.30
C CYS A 573 59.35 25.68 -12.86
N PHE A 574 59.83 24.45 -12.66
CA PHE A 574 60.06 23.92 -11.31
C PHE A 574 61.04 24.79 -10.54
N VAL A 575 62.28 24.91 -11.05
CA VAL A 575 63.37 25.52 -10.28
C VAL A 575 63.10 26.99 -9.98
N LYS A 576 62.64 27.76 -10.97
CA LYS A 576 62.37 29.17 -10.67
C LYS A 576 60.97 29.39 -10.10
N LEU A 577 59.93 29.01 -10.84
CA LEU A 577 58.58 29.42 -10.50
C LEU A 577 57.94 28.55 -9.41
N LYS A 578 58.61 27.48 -8.96
CA LYS A 578 58.08 26.54 -7.96
C LYS A 578 56.72 25.98 -8.38
N LEU A 579 56.60 25.61 -9.66
CA LEU A 579 55.38 25.06 -10.21
C LEU A 579 55.69 23.73 -10.89
N LEU A 580 54.77 22.77 -10.74
CA LEU A 580 54.91 21.46 -11.36
C LEU A 580 54.05 21.43 -12.63
N MET A 581 54.69 21.15 -13.76
CA MET A 581 54.04 21.16 -15.07
C MET A 581 54.10 19.76 -15.66
N ILE A 582 52.93 19.23 -16.03
CA ILE A 582 52.84 17.80 -16.33
C ILE A 582 52.47 17.54 -17.79
N ALA A 583 51.75 18.45 -18.43
CA ALA A 583 51.22 18.17 -19.76
C ALA A 583 50.99 19.46 -20.53
N ILE A 584 50.84 19.31 -21.84
CA ILE A 584 50.54 20.40 -22.76
C ILE A 584 49.32 20.03 -23.58
N GLU A 585 48.96 20.92 -24.52
CA GLU A 585 47.95 20.64 -25.54
C GLU A 585 48.58 20.96 -26.89
N TYR A 586 49.09 19.92 -27.57
CA TYR A 586 49.76 20.09 -28.85
C TYR A 586 48.76 20.40 -29.97
N SER A 593 43.97 18.88 -32.55
CA SER A 593 44.33 19.09 -31.14
C SER A 593 44.51 17.76 -30.42
N ARG A 594 45.55 17.68 -29.60
CA ARG A 594 45.84 16.48 -28.84
C ARG A 594 46.61 16.86 -27.58
N ILE A 595 46.29 16.19 -26.47
CA ILE A 595 46.95 16.41 -25.20
C ILE A 595 48.05 15.35 -25.06
N LEU A 596 49.28 15.81 -24.84
CA LEU A 596 50.44 14.93 -24.67
C LEU A 596 50.94 15.06 -23.24
N ILE A 597 51.07 13.93 -22.56
CA ILE A 597 51.52 13.90 -21.17
C ILE A 597 52.99 13.53 -21.17
N ASN A 598 53.83 14.47 -20.73
CA ASN A 598 55.29 14.37 -20.62
C ASN A 598 55.96 13.93 -21.91
N PRO A 599 56.03 14.78 -22.94
CA PRO A 599 56.89 14.47 -24.09
C PRO A 599 58.35 14.66 -23.74
N GLY A 600 59.23 14.01 -24.51
CA GLY A 600 60.64 14.10 -24.19
C GLY A 600 61.59 14.35 -25.33
N ASN A 601 62.26 15.50 -25.28
CA ASN A 601 63.45 15.84 -26.07
C ASN A 601 63.22 15.79 -27.58
N HIS A 602 61.97 15.86 -28.03
CA HIS A 602 61.69 15.90 -29.46
C HIS A 602 60.56 16.83 -29.85
N LEU A 603 60.04 17.62 -28.91
CA LEU A 603 58.89 18.49 -29.15
C LEU A 603 59.24 19.91 -28.76
N LYS A 604 58.78 20.86 -29.56
CA LYS A 604 59.00 22.28 -29.31
C LYS A 604 57.68 22.98 -29.02
N ILE A 605 57.74 23.97 -28.15
CA ILE A 605 56.54 24.67 -27.68
C ILE A 605 56.05 25.62 -28.76
N GLN A 606 54.75 25.53 -29.07
CA GLN A 606 54.11 26.46 -30.00
C GLN A 606 53.61 27.68 -29.22
N GLU A 607 52.80 28.50 -29.87
CA GLU A 607 52.24 29.70 -29.26
C GLU A 607 50.85 29.37 -28.70
N GLY A 608 50.68 29.57 -27.39
CA GLY A 608 49.43 29.26 -26.74
C GLY A 608 49.17 27.77 -26.65
N THR A 609 49.99 27.06 -25.87
CA THR A 609 49.92 25.61 -25.80
C THR A 609 49.05 25.09 -24.66
N LEU A 610 48.65 25.96 -23.72
CA LEU A 610 47.73 25.64 -22.62
C LEU A 610 48.30 24.51 -21.74
N GLY A 611 49.41 24.82 -21.10
CA GLY A 611 50.04 23.86 -20.21
C GLY A 611 49.21 23.60 -18.96
N PHE A 612 49.41 22.42 -18.38
CA PHE A 612 48.69 21.99 -17.18
C PHE A 612 49.63 22.04 -15.99
N PHE A 613 49.16 22.60 -14.89
CA PHE A 613 50.01 22.90 -13.75
C PHE A 613 49.39 22.36 -12.47
N ILE A 614 50.24 22.12 -11.48
CA ILE A 614 49.83 21.74 -10.13
C ILE A 614 50.36 22.80 -9.17
N ALA A 615 49.45 23.42 -8.41
CA ALA A 615 49.82 24.52 -7.52
C ALA A 615 48.81 24.58 -6.38
N SER A 616 49.15 25.38 -5.37
CA SER A 616 48.28 25.52 -4.20
C SER A 616 47.06 26.36 -4.53
N ASP A 617 47.23 27.42 -5.31
CA ASP A 617 46.13 28.30 -5.71
C ASP A 617 46.35 28.80 -7.13
N ALA A 618 45.34 29.49 -7.66
CA ALA A 618 45.38 29.99 -9.01
C ALA A 618 46.18 31.27 -9.15
N LYS A 619 46.61 31.88 -8.04
CA LYS A 619 47.37 33.12 -8.12
C LYS A 619 48.80 32.87 -8.58
N GLU A 620 49.43 31.80 -8.07
CA GLU A 620 50.80 31.48 -8.42
C GLU A 620 50.92 30.85 -9.80
N VAL A 621 49.80 30.43 -10.40
CA VAL A 621 49.82 29.86 -11.75
C VAL A 621 50.12 30.94 -12.78
N LYS A 622 49.74 32.19 -12.50
CA LYS A 622 49.91 33.32 -13.42
C LYS A 622 51.36 33.65 -13.72
N ARG A 623 52.31 33.16 -12.92
CA ARG A 623 53.72 33.42 -13.19
C ARG A 623 54.19 32.72 -14.47
N ALA A 624 53.52 31.63 -14.87
CA ALA A 624 53.89 30.95 -16.09
C ALA A 624 53.42 31.70 -17.34
N PHE A 625 52.51 32.65 -17.19
CA PHE A 625 52.05 33.49 -18.30
C PHE A 625 52.69 34.87 -18.27
N PHE A 626 52.84 35.47 -17.10
CA PHE A 626 53.53 36.74 -16.95
C PHE A 626 55.01 36.47 -16.65
N TYR A 627 55.68 35.92 -17.66
CA TYR A 627 57.08 35.54 -17.54
C TYR A 627 57.92 36.30 -18.55
N CYS A 628 59.08 36.79 -18.11
CA CYS A 628 60.03 37.47 -18.97
C CYS A 628 61.42 36.96 -18.69
N LYS A 629 62.25 36.93 -19.73
CA LYS A 629 63.63 36.45 -19.61
C LYS A 629 64.50 37.43 -18.83
N VAL A 699 50.30 -11.83 -37.35
CA VAL A 699 48.90 -11.90 -36.93
C VAL A 699 48.44 -10.54 -36.40
N LYS A 700 47.19 -10.48 -35.98
CA LYS A 700 46.61 -9.25 -35.44
C LYS A 700 46.91 -9.20 -33.94
N LYS A 701 48.02 -8.60 -33.59
CA LYS A 701 48.42 -8.45 -32.19
C LYS A 701 47.94 -7.15 -31.57
N TYR A 702 47.29 -6.28 -32.35
CA TYR A 702 46.76 -5.02 -31.86
C TYR A 702 45.43 -4.76 -32.53
N ASP A 703 44.71 -3.74 -32.05
CA ASP A 703 43.44 -3.36 -32.63
C ASP A 703 43.66 -2.48 -33.86
N SER A 704 42.57 -1.93 -34.41
CA SER A 704 42.68 -1.11 -35.60
C SER A 704 43.41 0.20 -35.32
N THR A 705 43.18 0.79 -34.15
CA THR A 705 43.88 2.02 -33.80
C THR A 705 45.34 1.75 -33.43
N GLY A 706 45.65 0.54 -32.96
CA GLY A 706 46.99 0.22 -32.53
C GLY A 706 47.35 0.74 -31.16
N MET A 707 46.37 1.11 -30.34
CA MET A 707 46.61 1.66 -29.02
C MET A 707 46.30 0.68 -27.89
N PHE A 708 45.79 -0.50 -28.21
CA PHE A 708 45.50 -1.51 -27.21
C PHE A 708 45.89 -2.88 -27.72
N HIS A 709 46.20 -3.78 -26.79
CA HIS A 709 46.49 -5.16 -27.16
C HIS A 709 45.22 -5.88 -27.56
N TRP A 710 45.33 -6.77 -28.55
CA TRP A 710 44.17 -7.47 -29.08
C TRP A 710 44.58 -8.87 -29.48
N CYS A 711 43.67 -9.83 -29.27
CA CYS A 711 43.91 -11.23 -29.60
C CYS A 711 42.64 -11.79 -30.24
N ALA A 712 42.71 -13.06 -30.62
CA ALA A 712 41.58 -13.71 -31.25
C ALA A 712 40.43 -13.90 -30.26
N PRO A 713 39.19 -13.88 -30.74
CA PRO A 713 38.04 -14.14 -29.85
C PRO A 713 38.10 -15.53 -29.24
N LYS A 714 37.67 -15.64 -27.99
CA LYS A 714 37.70 -16.88 -27.24
C LYS A 714 36.37 -17.10 -26.55
N GLU A 715 36.03 -18.38 -26.33
CA GLU A 715 34.86 -18.73 -25.55
C GLU A 715 35.25 -18.88 -24.08
N ILE A 716 34.23 -18.88 -23.22
CA ILE A 716 34.47 -18.92 -21.79
C ILE A 716 34.98 -20.27 -21.30
N GLU A 717 34.83 -21.32 -22.12
CA GLU A 717 35.28 -22.64 -21.70
C GLU A 717 36.80 -22.75 -21.67
N LYS A 718 37.49 -21.97 -22.52
CA LYS A 718 38.95 -21.99 -22.53
C LYS A 718 39.55 -21.11 -21.44
N VAL A 719 38.74 -20.31 -20.74
CA VAL A 719 39.24 -19.47 -19.65
C VAL A 719 38.68 -19.87 -18.30
N ILE A 720 37.65 -20.71 -18.24
CA ILE A 720 37.13 -21.17 -16.96
C ILE A 720 38.11 -22.15 -16.35
N LEU A 721 38.49 -21.92 -15.10
CA LEU A 721 39.42 -22.77 -14.37
C LEU A 721 38.72 -23.39 -13.17
N THR A 722 39.32 -24.45 -12.65
CA THR A 722 38.88 -25.10 -11.42
C THR A 722 39.92 -24.88 -10.32
N ARG A 723 39.58 -25.34 -9.12
CA ARG A 723 40.47 -25.16 -7.98
C ARG A 723 41.77 -25.96 -8.14
N SER A 724 41.66 -27.18 -8.68
CA SER A 724 42.86 -28.01 -8.88
C SER A 724 43.80 -27.39 -9.90
N GLU A 725 43.26 -26.91 -11.02
CA GLU A 725 44.11 -26.26 -12.03
C GLU A 725 44.67 -24.94 -11.53
N ALA A 726 43.88 -24.19 -10.75
CA ALA A 726 44.35 -22.93 -10.19
C ALA A 726 45.48 -23.16 -9.20
N ALA A 727 45.41 -24.23 -8.42
CA ALA A 727 46.52 -24.57 -7.53
C ALA A 727 47.69 -25.15 -8.30
N MET A 728 47.45 -25.79 -9.45
CA MET A 728 48.52 -26.35 -10.24
C MET A 728 49.36 -25.26 -10.89
N THR A 729 48.71 -24.27 -11.51
CA THR A 729 49.43 -23.17 -12.15
C THR A 729 49.65 -22.06 -11.13
N VAL A 730 50.91 -21.82 -10.79
CA VAL A 730 51.25 -20.81 -9.78
C VAL A 730 51.25 -19.44 -10.45
N LEU A 731 50.50 -18.51 -9.87
CA LEU A 731 50.40 -17.15 -10.37
C LEU A 731 51.16 -16.21 -9.46
N SER A 732 52.05 -15.40 -10.05
CA SER A 732 52.82 -14.42 -9.32
C SER A 732 52.81 -13.11 -10.09
N GLY A 733 52.70 -12.00 -9.37
CA GLY A 733 52.65 -10.70 -9.99
C GLY A 733 51.40 -10.46 -10.83
N HIS A 734 50.25 -10.86 -10.33
CA HIS A 734 48.99 -10.78 -11.07
C HIS A 734 48.00 -9.88 -10.32
N VAL A 735 46.79 -9.81 -10.85
CA VAL A 735 45.71 -9.01 -10.27
C VAL A 735 44.50 -9.91 -10.07
N VAL A 736 43.98 -9.95 -8.85
CA VAL A 736 42.79 -10.73 -8.51
C VAL A 736 41.63 -9.77 -8.31
N VAL A 737 40.53 -10.04 -9.02
CA VAL A 737 39.33 -9.21 -8.95
C VAL A 737 38.22 -10.05 -8.34
N CYS A 738 37.68 -9.59 -7.21
CA CYS A 738 36.60 -10.26 -6.52
C CYS A 738 35.29 -9.58 -6.87
N ILE A 739 34.32 -10.35 -7.37
CA ILE A 739 33.06 -9.83 -7.88
C ILE A 739 31.92 -10.45 -7.09
N PHE A 740 31.05 -9.59 -6.55
CA PHE A 740 29.80 -10.01 -5.93
C PHE A 740 28.65 -9.63 -6.86
N GLY A 741 27.88 -10.62 -7.27
CA GLY A 741 26.76 -10.37 -8.16
C GLY A 741 26.07 -11.65 -8.54
N ASP A 742 24.96 -11.50 -9.26
CA ASP A 742 24.16 -12.63 -9.73
C ASP A 742 23.57 -12.27 -11.09
N VAL A 743 22.61 -13.07 -11.54
CA VAL A 743 22.00 -12.87 -12.86
C VAL A 743 21.16 -11.60 -12.88
N SER A 744 20.45 -11.31 -11.78
CA SER A 744 19.55 -10.17 -11.74
C SER A 744 20.25 -8.85 -11.44
N SER A 745 21.53 -8.88 -11.08
CA SER A 745 22.24 -7.65 -10.73
C SER A 745 22.59 -6.85 -11.98
N ALA A 746 22.87 -5.57 -11.76
CA ALA A 746 23.26 -4.68 -12.85
C ALA A 746 24.68 -4.97 -13.31
N LEU A 747 25.05 -4.40 -14.45
CA LEU A 747 26.35 -4.65 -15.06
C LEU A 747 27.35 -3.60 -14.60
N ILE A 748 28.47 -4.06 -14.03
CA ILE A 748 29.54 -3.15 -13.64
C ILE A 748 30.22 -2.56 -14.87
N GLY A 749 30.39 -3.36 -15.91
CA GLY A 749 31.13 -2.92 -17.08
C GLY A 749 32.63 -3.05 -16.89
N LEU A 750 33.10 -4.30 -16.75
CA LEU A 750 34.49 -4.60 -16.43
C LEU A 750 35.47 -4.27 -17.55
N ARG A 751 34.96 -3.93 -18.74
CA ARG A 751 35.84 -3.48 -19.83
C ARG A 751 36.59 -2.21 -19.44
N ASN A 752 35.92 -1.31 -18.71
CA ASN A 752 36.55 -0.07 -18.28
C ASN A 752 37.66 -0.29 -17.26
N LEU A 753 37.74 -1.48 -16.67
CA LEU A 753 38.84 -1.87 -15.80
C LEU A 753 39.92 -2.67 -16.53
N VAL A 754 39.51 -3.60 -17.40
CA VAL A 754 40.49 -4.45 -18.09
C VAL A 754 41.26 -3.65 -19.15
N MET A 755 40.57 -2.81 -19.91
CA MET A 755 41.21 -2.09 -21.02
C MET A 755 42.35 -1.15 -20.63
N PRO A 756 42.30 -0.37 -19.53
CA PRO A 756 43.50 0.38 -19.13
C PRO A 756 44.71 -0.50 -18.81
N LEU A 757 44.49 -1.73 -18.35
CA LEU A 757 45.59 -2.64 -18.05
C LEU A 757 46.12 -3.36 -19.29
N ARG A 758 45.48 -3.19 -20.45
CA ARG A 758 45.88 -3.85 -21.68
C ARG A 758 46.30 -2.84 -22.74
N ALA A 759 46.85 -1.71 -22.32
CA ALA A 759 47.27 -0.67 -23.26
C ALA A 759 48.57 -1.07 -23.95
N SER A 760 48.90 -0.33 -25.01
CA SER A 760 49.99 -0.70 -25.90
C SER A 760 51.34 -0.10 -25.52
N ASN A 761 51.40 0.73 -24.49
CA ASN A 761 52.69 1.22 -24.01
C ASN A 761 53.35 0.24 -23.05
N PHE A 762 52.68 -0.86 -22.72
CA PHE A 762 53.28 -1.95 -21.97
C PHE A 762 53.71 -3.05 -22.92
N HIS A 763 54.84 -3.69 -22.61
CA HIS A 763 55.26 -4.84 -23.38
C HIS A 763 54.40 -6.06 -23.02
N TYR A 764 54.51 -7.10 -23.85
CA TYR A 764 53.70 -8.30 -23.61
C TYR A 764 54.17 -9.05 -22.37
N HIS A 765 55.46 -8.98 -22.06
CA HIS A 765 55.96 -9.57 -20.81
C HIS A 765 55.69 -8.70 -19.60
N GLU A 766 55.28 -7.44 -19.80
CA GLU A 766 54.94 -6.54 -18.71
C GLU A 766 53.46 -6.57 -18.35
N LEU A 767 52.65 -7.31 -19.10
CA LEU A 767 51.22 -7.35 -18.83
C LEU A 767 50.92 -8.19 -17.61
N LYS A 768 50.05 -7.68 -16.74
CA LYS A 768 49.66 -8.37 -15.52
C LYS A 768 48.50 -9.31 -15.81
N HIS A 769 48.56 -10.50 -15.23
CA HIS A 769 47.47 -11.46 -15.36
C HIS A 769 46.28 -11.03 -14.53
N ILE A 770 45.09 -11.16 -15.10
CA ILE A 770 43.84 -10.82 -14.42
C ILE A 770 43.01 -12.08 -14.30
N VAL A 771 42.66 -12.46 -13.08
CA VAL A 771 41.83 -13.63 -12.81
C VAL A 771 40.62 -13.18 -12.01
N PHE A 772 39.43 -13.52 -12.49
CA PHE A 772 38.18 -13.12 -11.86
C PHE A 772 37.69 -14.22 -10.94
N VAL A 773 37.38 -13.86 -9.70
CA VAL A 773 36.84 -14.79 -8.71
C VAL A 773 35.43 -14.32 -8.40
N GLY A 774 34.44 -15.01 -8.95
CA GLY A 774 33.05 -14.63 -8.75
C GLY A 774 32.08 -15.70 -9.23
N SER A 775 30.89 -15.28 -9.65
CA SER A 775 29.86 -16.20 -10.11
C SER A 775 29.85 -16.21 -11.64
N ILE A 776 29.88 -17.42 -12.22
CA ILE A 776 29.90 -17.56 -13.66
C ILE A 776 28.59 -17.11 -14.29
N GLU A 777 27.48 -17.13 -13.55
CA GLU A 777 26.21 -16.63 -14.07
C GLU A 777 26.28 -15.12 -14.32
N TYR A 778 26.94 -14.38 -13.42
CA TYR A 778 27.14 -12.95 -13.66
C TYR A 778 28.23 -12.72 -14.71
N LEU A 779 29.30 -13.52 -14.67
CA LEU A 779 30.42 -13.28 -15.57
C LEU A 779 30.11 -13.65 -17.03
N LYS A 780 29.09 -14.48 -17.27
CA LYS A 780 28.72 -14.82 -18.64
C LYS A 780 28.11 -13.63 -19.36
N ARG A 781 27.43 -12.74 -18.63
CA ARG A 781 26.87 -11.54 -19.22
C ARG A 781 27.91 -10.45 -19.47
N GLU A 782 29.10 -10.58 -18.89
CA GLU A 782 30.17 -9.60 -19.08
C GLU A 782 31.31 -10.10 -19.93
N TRP A 783 31.38 -11.42 -20.20
CA TRP A 783 32.45 -11.95 -21.03
C TRP A 783 32.38 -11.50 -22.48
N GLU A 784 31.19 -11.11 -22.97
CA GLU A 784 31.04 -10.73 -24.37
C GLU A 784 31.79 -9.46 -24.74
N THR A 785 32.19 -8.65 -23.76
CA THR A 785 32.99 -7.46 -24.00
C THR A 785 34.44 -7.63 -23.55
N LEU A 786 34.85 -8.86 -23.21
CA LEU A 786 36.17 -9.09 -22.65
C LEU A 786 36.97 -10.21 -23.33
N HIS A 787 36.45 -10.82 -24.39
CA HIS A 787 37.08 -11.98 -24.99
C HIS A 787 38.13 -11.62 -26.05
N ASN A 788 38.55 -10.35 -26.11
CA ASN A 788 39.59 -9.92 -27.03
C ASN A 788 40.85 -9.46 -26.30
N PHE A 789 40.99 -9.81 -25.02
CA PHE A 789 42.11 -9.35 -24.21
C PHE A 789 42.95 -10.54 -23.76
N PRO A 790 44.27 -10.49 -23.95
CA PRO A 790 45.12 -11.62 -23.51
C PRO A 790 45.24 -11.70 -22.00
N LYS A 791 45.54 -12.90 -21.53
CA LYS A 791 45.82 -13.21 -20.12
C LYS A 791 44.65 -12.85 -19.20
N VAL A 792 43.53 -13.50 -19.46
CA VAL A 792 42.32 -13.35 -18.64
C VAL A 792 41.84 -14.74 -18.25
N SER A 793 41.67 -14.97 -16.95
CA SER A 793 41.20 -16.23 -16.43
C SER A 793 39.97 -16.00 -15.54
N ILE A 794 39.17 -17.06 -15.40
CA ILE A 794 37.95 -17.02 -14.59
C ILE A 794 37.93 -18.24 -13.69
N LEU A 795 37.84 -18.02 -12.38
CA LEU A 795 37.65 -19.09 -11.41
C LEU A 795 36.29 -18.90 -10.74
N PRO A 796 35.29 -19.70 -11.09
CA PRO A 796 33.97 -19.56 -10.45
C PRO A 796 34.01 -19.94 -8.98
N GLY A 797 33.18 -19.26 -8.20
CA GLY A 797 33.13 -19.49 -6.77
C GLY A 797 32.61 -18.29 -6.00
N THR A 798 33.17 -18.04 -4.82
CA THR A 798 32.81 -16.88 -4.02
C THR A 798 34.08 -16.24 -3.47
N PRO A 799 34.09 -14.92 -3.30
CA PRO A 799 35.27 -14.26 -2.72
C PRO A 799 35.46 -14.52 -1.23
N LEU A 800 34.48 -15.10 -0.55
CA LEU A 800 34.60 -15.42 0.87
C LEU A 800 35.23 -16.78 1.12
N SER A 801 35.60 -17.51 0.06
CA SER A 801 36.15 -18.85 0.23
C SER A 801 37.66 -18.80 0.40
N ARG A 802 38.14 -19.28 1.55
CA ARG A 802 39.56 -19.26 1.86
C ARG A 802 40.35 -20.15 0.90
N ALA A 803 39.82 -21.33 0.57
CA ALA A 803 40.49 -22.22 -0.36
C ALA A 803 40.53 -21.62 -1.76
N ASP A 804 39.45 -20.96 -2.19
CA ASP A 804 39.42 -20.32 -3.50
C ASP A 804 40.43 -19.18 -3.58
N LEU A 805 40.56 -18.40 -2.51
CA LEU A 805 41.56 -17.34 -2.51
C LEU A 805 42.99 -17.88 -2.37
N ARG A 806 43.16 -19.03 -1.73
CA ARG A 806 44.48 -19.64 -1.65
C ARG A 806 44.90 -20.25 -2.98
N ALA A 807 43.93 -20.69 -3.78
CA ALA A 807 44.25 -21.30 -5.07
C ALA A 807 44.83 -20.31 -6.06
N VAL A 808 44.41 -19.04 -6.00
CA VAL A 808 44.83 -18.04 -6.98
C VAL A 808 46.06 -17.29 -6.48
N ASN A 809 46.63 -17.74 -5.37
CA ASN A 809 47.85 -17.18 -4.77
C ASN A 809 47.70 -15.69 -4.45
N ILE A 810 46.78 -15.42 -3.52
CA ILE A 810 46.48 -14.04 -3.14
C ILE A 810 47.64 -13.37 -2.40
N ASN A 811 48.58 -14.15 -1.86
CA ASN A 811 49.72 -13.56 -1.17
C ASN A 811 50.80 -13.06 -2.12
N LEU A 812 50.75 -13.43 -3.39
CA LEU A 812 51.73 -13.00 -4.38
C LEU A 812 51.19 -11.92 -5.31
N CYS A 813 50.06 -11.32 -4.97
CA CYS A 813 49.41 -10.35 -5.84
C CYS A 813 50.07 -8.98 -5.71
N ASP A 814 49.70 -8.08 -6.63
CA ASP A 814 50.05 -6.67 -6.53
C ASP A 814 48.89 -5.81 -6.09
N MET A 815 47.65 -6.23 -6.38
CA MET A 815 46.47 -5.49 -5.95
C MET A 815 45.26 -6.43 -6.00
N CYS A 816 44.45 -6.39 -4.94
CA CYS A 816 43.20 -7.12 -4.89
C CYS A 816 42.05 -6.13 -4.97
N VAL A 817 41.14 -6.37 -5.92
CA VAL A 817 40.00 -5.48 -6.17
C VAL A 817 38.72 -6.20 -5.78
N ILE A 818 37.93 -5.58 -4.92
CA ILE A 818 36.65 -6.12 -4.47
C ILE A 818 35.55 -5.16 -4.93
N LEU A 819 34.62 -5.66 -5.73
CA LEU A 819 33.51 -4.88 -6.25
C LEU A 819 32.21 -5.63 -6.04
N SER A 820 31.13 -4.87 -5.89
CA SER A 820 29.79 -5.42 -5.72
C SER A 820 28.88 -4.88 -6.81
N ALA A 821 28.24 -5.79 -7.55
CA ALA A 821 27.35 -5.40 -8.64
C ALA A 821 25.94 -5.07 -8.17
N ASN A 822 25.61 -5.39 -6.92
CA ASN A 822 24.27 -5.12 -6.39
C ASN A 822 24.36 -4.32 -5.10
N GLN A 823 25.19 -3.26 -5.12
CA GLN A 823 25.45 -2.47 -3.92
C GLN A 823 24.48 -1.31 -3.75
N ASN A 824 23.63 -1.03 -4.74
CA ASN A 824 22.70 0.08 -4.67
C ASN A 824 21.24 -0.33 -4.79
N ASN A 825 20.95 -1.54 -5.27
CA ASN A 825 19.58 -1.97 -5.49
C ASN A 825 18.89 -2.49 -4.22
N ILE A 826 19.63 -2.61 -3.12
CA ILE A 826 19.04 -3.09 -1.87
C ILE A 826 18.17 -1.99 -1.26
N ASP A 827 17.14 -2.40 -0.55
CA ASP A 827 16.17 -1.48 0.02
C ASP A 827 16.51 -1.04 1.44
N ASP A 828 17.64 -1.50 1.99
CA ASP A 828 18.03 -1.19 3.35
C ASP A 828 19.19 -0.20 3.34
N THR A 829 19.06 0.86 4.14
CA THR A 829 20.19 1.77 4.34
C THR A 829 21.33 1.07 5.08
N SER A 830 21.00 0.17 6.00
CA SER A 830 22.00 -0.70 6.60
C SER A 830 22.34 -1.84 5.65
N LEU A 831 23.31 -2.66 6.07
CA LEU A 831 23.84 -3.78 5.30
C LEU A 831 24.40 -3.35 3.94
N GLN A 832 24.87 -2.12 3.84
CA GLN A 832 25.51 -1.64 2.62
C GLN A 832 27.01 -1.89 2.71
N ASP A 833 27.58 -2.36 1.59
CA ASP A 833 29.00 -2.76 1.49
C ASP A 833 29.35 -3.86 2.50
N LYS A 834 28.35 -4.66 2.88
CA LYS A 834 28.54 -5.69 3.90
C LYS A 834 29.43 -6.82 3.39
N GLU A 835 29.19 -7.27 2.16
CA GLU A 835 30.01 -8.35 1.61
C GLU A 835 31.43 -7.89 1.35
N CYS A 836 31.61 -6.64 0.90
CA CYS A 836 32.95 -6.10 0.68
C CYS A 836 33.70 -5.96 2.00
N ILE A 837 33.02 -5.47 3.04
CA ILE A 837 33.65 -5.36 4.36
C ILE A 837 34.02 -6.73 4.90
N LEU A 838 33.13 -7.71 4.74
CA LEU A 838 33.39 -9.07 5.22
C LEU A 838 34.57 -9.69 4.49
N ALA A 839 34.64 -9.52 3.16
CA ALA A 839 35.76 -10.06 2.39
C ALA A 839 37.07 -9.39 2.76
N SER A 840 37.07 -8.05 2.93
CA SER A 840 38.29 -7.34 3.31
C SER A 840 38.76 -7.75 4.69
N LEU A 841 37.83 -7.99 5.62
CA LEU A 841 38.23 -8.45 6.96
C LEU A 841 38.70 -9.90 6.93
N ASN A 842 38.10 -10.75 6.10
N ASN A 842 38.12 -10.74 6.09
CA ASN A 842 38.49 -12.15 6.02
CA ASN A 842 38.51 -12.15 6.05
C ASN A 842 39.88 -12.32 5.40
C ASN A 842 39.86 -12.36 5.38
N ILE A 843 40.23 -11.47 4.44
CA ILE A 843 41.54 -11.57 3.80
C ILE A 843 42.65 -11.24 4.80
N LYS A 844 42.43 -10.26 5.67
CA LYS A 844 43.46 -9.82 6.61
C LYS A 844 43.76 -10.84 7.69
N SER A 845 42.85 -11.80 7.93
CA SER A 845 43.04 -12.77 9.01
C SER A 845 43.68 -14.07 8.53
N MET A 846 44.09 -14.15 7.27
CA MET A 846 44.66 -15.38 6.74
C MET A 846 46.10 -15.55 7.21
N GLN A 847 46.58 -16.79 7.11
CA GLN A 847 47.95 -17.15 7.45
C GLN A 847 48.54 -18.00 6.34
N PHE A 848 49.78 -17.69 5.95
CA PHE A 848 50.46 -18.39 4.88
C PHE A 848 51.81 -18.88 5.38
N ASP A 849 52.18 -20.09 4.98
CA ASP A 849 53.46 -20.68 5.38
C ASP A 849 54.61 -20.06 4.60
N THR A 887 54.10 -15.00 7.84
CA THR A 887 53.33 -14.29 6.82
C THR A 887 51.86 -14.20 7.21
N THR A 888 51.31 -12.99 7.09
CA THR A 888 49.92 -12.72 7.45
C THR A 888 49.28 -11.89 6.34
N GLY A 889 47.96 -11.97 6.26
CA GLY A 889 47.21 -11.28 5.23
C GLY A 889 47.04 -9.79 5.42
N VAL A 890 47.59 -9.22 6.48
CA VAL A 890 47.49 -7.78 6.71
C VAL A 890 48.36 -6.99 5.74
N ASN A 891 49.39 -7.62 5.16
CA ASN A 891 50.29 -6.94 4.25
C ASN A 891 49.91 -7.13 2.78
N ILE A 892 48.80 -7.81 2.51
CA ILE A 892 48.35 -7.99 1.13
C ILE A 892 47.74 -6.69 0.64
N PRO A 893 48.19 -6.15 -0.50
CA PRO A 893 47.54 -4.94 -1.05
C PRO A 893 46.10 -5.23 -1.45
N ILE A 894 45.23 -4.25 -1.20
CA ILE A 894 43.79 -4.44 -1.40
C ILE A 894 43.17 -3.07 -1.65
N ILE A 895 42.13 -3.06 -2.48
CA ILE A 895 41.32 -1.87 -2.71
C ILE A 895 39.86 -2.31 -2.78
N THR A 896 38.97 -1.54 -2.15
CA THR A 896 37.55 -1.85 -2.13
C THR A 896 36.75 -0.58 -2.37
N GLU A 897 35.61 -0.74 -3.03
CA GLU A 897 34.73 0.37 -3.36
C GLU A 897 33.51 0.33 -2.44
N LEU A 898 33.16 1.50 -1.89
CA LEU A 898 32.05 1.61 -0.96
C LEU A 898 31.06 2.67 -1.46
N VAL A 899 29.77 2.39 -1.28
CA VAL A 899 28.74 3.39 -1.58
C VAL A 899 28.41 4.26 -0.38
N ASN A 900 28.88 3.90 0.81
CA ASN A 900 28.69 4.68 2.02
C ASN A 900 30.07 4.99 2.59
N ASP A 901 30.44 6.28 2.58
CA ASP A 901 31.78 6.68 2.98
C ASP A 901 32.00 6.59 4.49
N THR A 902 30.95 6.49 5.29
CA THR A 902 31.10 6.30 6.73
C THR A 902 31.32 4.86 7.12
N ASN A 903 31.29 3.94 6.16
CA ASN A 903 31.57 2.53 6.40
C ASN A 903 33.06 2.20 6.32
N VAL A 904 33.91 3.21 6.11
CA VAL A 904 35.35 3.00 6.01
C VAL A 904 35.99 2.68 7.36
N GLN A 905 35.26 2.88 8.45
CA GLN A 905 35.82 2.58 9.78
C GLN A 905 35.93 1.08 10.02
N PHE A 906 35.08 0.29 9.39
CA PHE A 906 35.07 -1.16 9.58
C PHE A 906 36.06 -1.89 8.68
N LEU A 907 36.77 -1.18 7.80
CA LEU A 907 37.70 -1.83 6.89
C LEU A 907 38.94 -2.34 7.60
N ASP A 908 39.40 -1.63 8.63
CA ASP A 908 40.56 -2.03 9.39
C ASP A 908 40.24 -1.99 10.88
N GLN A 909 40.87 -2.87 11.64
CA GLN A 909 40.59 -3.00 13.07
C GLN A 909 41.58 -2.27 13.96
N ASP A 910 42.75 -1.89 13.46
CA ASP A 910 43.77 -1.21 14.26
C ASP A 910 44.12 0.13 13.61
N ASP A 911 43.31 1.14 13.90
CA ASP A 911 43.54 2.52 13.49
C ASP A 911 42.60 3.41 14.30
N ASP A 912 42.60 4.70 13.98
CA ASP A 912 41.73 5.66 14.66
C ASP A 912 40.46 5.85 13.85
N ASP A 913 39.31 5.60 14.48
CA ASP A 913 38.01 5.67 13.82
C ASP A 913 37.23 6.86 14.37
N ASP A 914 37.23 7.96 13.62
CA ASP A 914 36.42 9.12 13.96
C ASP A 914 35.26 9.21 12.96
N PRO A 915 34.01 8.96 13.38
CA PRO A 915 32.90 8.94 12.43
C PRO A 915 32.46 10.33 11.97
N ASP A 916 32.94 11.40 12.59
CA ASP A 916 32.54 12.74 12.21
C ASP A 916 33.46 13.37 11.16
N THR A 917 34.66 12.84 10.99
CA THR A 917 35.57 13.36 9.97
C THR A 917 35.12 12.95 8.59
N GLU A 918 35.55 13.72 7.59
CA GLU A 918 35.22 13.42 6.21
C GLU A 918 36.06 12.26 5.68
N LEU A 919 35.74 11.83 4.46
CA LEU A 919 36.36 10.64 3.90
C LEU A 919 37.83 10.85 3.59
N TYR A 920 38.20 12.05 3.12
CA TYR A 920 39.58 12.30 2.68
C TYR A 920 40.57 12.33 3.84
N LEU A 921 40.10 12.54 5.06
CA LEU A 921 40.97 12.57 6.23
C LEU A 921 41.12 11.21 6.91
N THR A 922 40.40 10.19 6.44
CA THR A 922 40.47 8.88 7.06
C THR A 922 41.76 8.16 6.67
N GLN A 923 42.21 7.28 7.56
CA GLN A 923 43.42 6.50 7.29
C GLN A 923 43.33 5.54 6.11
N PRO A 924 42.26 4.76 5.89
CA PRO A 924 42.22 3.95 4.66
C PRO A 924 42.24 4.76 3.37
N PHE A 925 41.60 5.92 3.34
CA PHE A 925 41.65 6.75 2.14
C PHE A 925 43.01 7.42 1.99
N ALA A 926 43.67 7.75 3.10
CA ALA A 926 45.02 8.31 3.01
C ALA A 926 46.03 7.25 2.57
N CYS A 927 45.78 5.98 2.91
CA CYS A 927 46.69 4.91 2.50
C CYS A 927 46.42 4.43 1.08
N GLY A 928 45.17 4.52 0.62
CA GLY A 928 44.81 4.07 -0.71
C GLY A 928 44.07 2.76 -0.78
N THR A 929 43.56 2.25 0.35
CA THR A 929 42.87 0.97 0.38
C THR A 929 41.37 1.10 0.25
N ALA A 930 40.85 2.31 0.02
CA ALA A 930 39.42 2.53 -0.11
C ALA A 930 39.15 3.56 -1.19
N PHE A 931 37.96 3.49 -1.76
CA PHE A 931 37.54 4.43 -2.80
C PHE A 931 36.02 4.53 -2.79
N ALA A 932 35.52 5.73 -3.07
CA ALA A 932 34.09 5.96 -3.16
C ALA A 932 33.81 6.86 -4.36
N VAL A 933 32.63 6.69 -4.95
CA VAL A 933 32.25 7.48 -6.13
C VAL A 933 31.86 8.91 -5.77
N SER A 934 31.67 9.20 -4.49
CA SER A 934 31.29 10.54 -4.05
C SER A 934 32.44 11.54 -4.13
N VAL A 935 33.69 11.08 -4.29
CA VAL A 935 34.82 11.99 -4.39
C VAL A 935 34.97 12.58 -5.79
N LEU A 936 34.18 12.12 -6.76
CA LEU A 936 34.23 12.62 -8.11
C LEU A 936 33.22 13.73 -8.37
N ASP A 937 32.57 14.23 -7.33
CA ASP A 937 31.61 15.32 -7.48
C ASP A 937 32.28 16.66 -7.75
N SER A 938 33.58 16.78 -7.47
CA SER A 938 34.34 17.99 -7.76
C SER A 938 34.52 18.22 -9.26
N LEU A 939 34.35 17.18 -10.08
CA LEU A 939 34.64 17.29 -11.50
C LEU A 939 33.63 18.15 -12.24
N MET A 940 32.41 18.31 -11.70
CA MET A 940 31.42 19.15 -12.36
C MET A 940 31.81 20.62 -12.34
N SER A 941 32.47 21.07 -11.27
CA SER A 941 33.02 22.42 -11.24
C SER A 941 34.40 22.50 -11.89
N ALA A 942 35.21 21.42 -11.76
CA ALA A 942 36.53 21.42 -12.37
C ALA A 942 36.46 21.49 -13.89
N THR A 943 35.53 20.75 -14.49
CA THR A 943 35.40 20.76 -15.95
C THR A 943 34.80 22.05 -16.47
N TYR A 944 34.00 22.74 -15.65
CA TYR A 944 33.50 24.04 -16.04
C TYR A 944 34.60 25.08 -16.00
N PHE A 945 35.43 25.08 -14.95
CA PHE A 945 36.47 26.09 -14.85
C PHE A 945 37.66 25.82 -15.75
N ASN A 946 37.95 24.56 -16.06
CA ASN A 946 39.01 24.19 -17.00
C ASN A 946 38.42 23.28 -18.06
N ASP A 947 38.56 23.69 -19.32
CA ASP A 947 37.83 23.01 -20.40
C ASP A 947 38.44 21.65 -20.75
N ASN A 948 39.76 21.55 -20.83
CA ASN A 948 40.43 20.35 -21.29
C ASN A 948 40.81 19.41 -20.15
N ILE A 949 40.36 19.70 -18.92
CA ILE A 949 40.76 18.89 -17.78
C ILE A 949 40.13 17.50 -17.85
N LEU A 950 38.93 17.37 -18.43
CA LEU A 950 38.32 16.06 -18.55
C LEU A 950 39.04 15.20 -19.59
N THR A 951 39.47 15.82 -20.69
CA THR A 951 40.25 15.10 -21.69
C THR A 951 41.60 14.67 -21.12
N LEU A 952 42.22 15.53 -20.31
CA LEU A 952 43.47 15.16 -19.65
C LEU A 952 43.27 13.99 -18.68
N ILE A 953 42.18 14.02 -17.90
CA ILE A 953 41.89 12.94 -16.97
C ILE A 953 41.65 11.63 -17.71
N ARG A 954 40.89 11.69 -18.81
CA ARG A 954 40.59 10.47 -19.56
C ARG A 954 41.84 9.90 -20.24
N THR A 955 42.69 10.78 -20.81
CA THR A 955 43.90 10.28 -21.45
C THR A 955 44.97 9.89 -20.45
N LEU A 956 44.84 10.29 -19.18
CA LEU A 956 45.77 9.84 -18.15
C LEU A 956 45.33 8.55 -17.48
N VAL A 957 44.03 8.36 -17.29
CA VAL A 957 43.53 7.25 -16.49
C VAL A 957 42.92 6.12 -17.32
N THR A 958 42.50 6.38 -18.56
CA THR A 958 41.91 5.34 -19.40
C THR A 958 42.96 4.62 -20.23
N GLY A 959 43.97 5.35 -20.71
CA GLY A 959 45.00 4.77 -21.54
C GLY A 959 45.18 5.57 -22.82
N GLY A 960 44.06 6.09 -23.34
CA GLY A 960 44.11 6.95 -24.51
C GLY A 960 42.76 7.53 -24.86
N ALA A 961 42.71 8.85 -25.09
CA ALA A 961 41.50 9.54 -25.51
C ALA A 961 41.86 10.34 -26.76
N THR A 962 41.79 9.67 -27.91
CA THR A 962 42.13 10.26 -29.20
C THR A 962 40.88 10.42 -30.05
N PRO A 963 40.85 11.41 -30.95
CA PRO A 963 39.67 11.57 -31.82
C PRO A 963 39.40 10.39 -32.72
N GLU A 964 40.43 9.69 -33.19
CA GLU A 964 40.23 8.51 -34.03
C GLU A 964 39.56 7.38 -33.24
N LEU A 965 40.03 7.14 -32.03
CA LEU A 965 39.42 6.11 -31.18
C LEU A 965 38.00 6.51 -30.77
N GLU A 966 37.78 7.80 -30.52
CA GLU A 966 36.43 8.26 -30.19
C GLU A 966 35.47 8.09 -31.36
N ALA A 967 35.94 8.37 -32.59
CA ALA A 967 35.11 8.15 -33.77
C ALA A 967 34.83 6.67 -33.99
N LEU A 968 35.83 5.81 -33.76
CA LEU A 968 35.63 4.37 -33.88
C LEU A 968 34.62 3.86 -32.86
N ILE A 969 34.70 4.39 -31.63
CA ILE A 969 33.76 4.00 -30.59
C ILE A 969 32.35 4.46 -30.94
N ALA A 970 32.21 5.72 -31.38
CA ALA A 970 30.91 6.24 -31.77
C ALA A 970 30.35 5.54 -33.01
N GLU A 971 31.20 4.94 -33.83
CA GLU A 971 30.71 4.23 -35.01
C GLU A 971 30.28 2.81 -34.69
N GLU A 972 31.13 2.02 -34.01
CA GLU A 972 30.86 0.60 -33.85
C GLU A 972 30.72 0.12 -32.41
N ASN A 973 31.16 0.91 -31.42
CA ASN A 973 31.09 0.55 -29.99
C ASN A 973 31.82 -0.76 -29.68
N ALA A 974 32.91 -1.02 -30.40
CA ALA A 974 33.71 -2.22 -30.19
C ALA A 974 35.10 -1.95 -30.76
N LEU A 975 35.96 -2.97 -30.68
CA LEU A 975 37.31 -2.90 -31.21
C LEU A 975 37.56 -4.12 -32.09
N ARG A 976 38.22 -3.88 -33.23
CA ARG A 976 38.56 -4.95 -34.17
C ARG A 976 40.06 -4.91 -34.44
N GLY A 977 40.63 -6.09 -34.67
CA GLY A 977 42.06 -6.19 -34.88
C GLY A 977 42.50 -5.64 -36.22
N GLY A 978 43.80 -5.35 -36.31
CA GLY A 978 44.37 -4.82 -37.53
C GLY A 978 45.86 -5.09 -37.60
N TYR A 979 46.37 -5.11 -38.83
CA TYR A 979 47.78 -5.38 -39.05
C TYR A 979 48.62 -4.16 -38.72
N SER A 980 49.91 -4.40 -38.53
CA SER A 980 50.86 -3.36 -38.12
C SER A 980 51.63 -2.85 -39.33
N THR A 981 51.68 -1.53 -39.47
CA THR A 981 52.38 -0.83 -40.54
C THR A 981 53.42 0.10 -39.92
N PRO A 982 54.22 0.83 -40.72
CA PRO A 982 54.93 1.97 -40.14
C PRO A 982 54.03 2.98 -39.45
N GLN A 983 52.85 3.24 -40.01
CA GLN A 983 51.83 3.98 -39.29
C GLN A 983 51.13 3.04 -38.29
N THR A 984 50.32 3.65 -37.42
CA THR A 984 49.69 3.07 -36.22
C THR A 984 50.57 2.07 -35.48
N LEU A 985 51.86 2.40 -35.38
CA LEU A 985 52.79 1.67 -34.51
C LEU A 985 53.67 2.59 -33.68
N ALA A 986 53.75 3.88 -34.00
CA ALA A 986 54.36 4.88 -33.14
C ALA A 986 53.39 5.41 -32.10
N ASN A 987 52.15 4.92 -32.10
CA ASN A 987 51.17 5.27 -31.09
C ASN A 987 51.53 4.71 -29.72
N ARG A 988 52.43 3.72 -29.65
CA ARG A 988 52.91 3.17 -28.40
C ARG A 988 53.84 4.11 -27.65
N ASP A 989 54.34 5.16 -28.31
CA ASP A 989 55.29 6.09 -27.69
C ASP A 989 54.52 7.12 -26.85
N ARG A 990 54.06 6.66 -25.69
CA ARG A 990 53.36 7.49 -24.73
C ARG A 990 53.80 7.10 -23.33
N CYS A 991 53.72 8.07 -22.42
CA CYS A 991 54.15 7.84 -21.05
C CYS A 991 53.14 6.98 -20.30
N ARG A 992 53.65 6.29 -19.27
CA ARG A 992 52.84 5.40 -18.45
C ARG A 992 53.11 5.70 -16.98
N VAL A 993 52.23 5.21 -16.12
CA VAL A 993 52.34 5.42 -14.68
C VAL A 993 53.13 4.27 -14.08
N ALA A 994 54.17 4.61 -13.32
CA ALA A 994 55.01 3.60 -12.68
C ALA A 994 55.49 4.14 -11.34
N GLN A 995 55.96 3.23 -10.50
CA GLN A 995 56.51 3.57 -9.19
C GLN A 995 57.97 3.14 -9.13
N LEU A 996 58.81 4.01 -8.59
CA LEU A 996 60.25 3.79 -8.52
C LEU A 996 60.71 3.72 -7.07
N ALA A 997 61.64 2.80 -6.80
CA ALA A 997 62.18 2.60 -5.47
C ALA A 997 63.65 3.01 -5.44
N LEU A 998 64.03 3.74 -4.40
CA LEU A 998 65.41 4.21 -4.23
C LEU A 998 66.20 3.25 -3.35
N LEU A 999 66.27 2.00 -3.80
CA LEU A 999 66.97 0.94 -3.07
C LEU A 999 68.17 0.41 -3.83
N ASP A 1000 67.99 -0.07 -5.06
CA ASP A 1000 69.06 -0.67 -5.83
C ASP A 1000 69.33 0.03 -7.16
N GLY A 1001 68.50 1.00 -7.55
CA GLY A 1001 68.68 1.68 -8.81
C GLY A 1001 69.78 2.72 -8.76
N PRO A 1002 69.95 3.45 -9.87
CA PRO A 1002 70.94 4.53 -9.91
C PRO A 1002 70.65 5.70 -8.96
N PHE A 1003 69.47 5.76 -8.35
CA PHE A 1003 69.07 6.86 -7.49
C PHE A 1003 69.32 6.58 -6.02
N ALA A 1004 70.03 5.50 -5.71
CA ALA A 1004 70.23 5.08 -4.32
C ALA A 1004 71.09 6.06 -3.52
N ASP A 1005 72.02 6.76 -4.19
CA ASP A 1005 72.85 7.73 -3.48
C ASP A 1005 72.05 8.96 -3.05
N LEU A 1006 71.01 9.31 -3.81
CA LEU A 1006 70.19 10.46 -3.49
C LEU A 1006 69.10 10.14 -2.47
N GLY A 1007 68.88 8.87 -2.15
CA GLY A 1007 67.80 8.49 -1.25
C GLY A 1007 68.13 8.53 0.23
N ASP A 1008 69.40 8.71 0.60
CA ASP A 1008 69.76 8.71 2.02
C ASP A 1008 69.38 10.02 2.68
N GLY A 1009 69.93 11.14 2.19
CA GLY A 1009 69.62 12.44 2.75
C GLY A 1009 69.51 13.52 1.68
N GLY A 1010 69.25 13.09 0.44
CA GLY A 1010 69.17 14.02 -0.67
C GLY A 1010 67.88 14.80 -0.70
N CYS A 1011 67.73 15.60 -1.75
CA CYS A 1011 66.59 16.49 -1.91
C CYS A 1011 65.72 16.05 -3.07
N TYR A 1012 64.41 16.25 -2.90
CA TYR A 1012 63.45 15.93 -3.95
C TYR A 1012 63.65 16.80 -5.18
N GLY A 1013 64.13 18.04 -5.00
CA GLY A 1013 64.44 18.87 -6.14
C GLY A 1013 65.58 18.32 -6.99
N ASP A 1014 66.65 17.87 -6.34
CA ASP A 1014 67.74 17.22 -7.06
C ASP A 1014 67.29 15.91 -7.69
N LEU A 1015 66.40 15.17 -7.00
CA LEU A 1015 65.81 13.96 -7.58
C LEU A 1015 65.07 14.27 -8.87
N PHE A 1016 64.19 15.28 -8.83
CA PHE A 1016 63.40 15.65 -9.99
C PHE A 1016 64.27 16.14 -11.13
N CYS A 1017 65.27 16.98 -10.82
CA CYS A 1017 66.14 17.53 -11.85
C CYS A 1017 66.98 16.44 -12.52
N LYS A 1018 67.56 15.55 -11.71
CA LYS A 1018 68.39 14.48 -12.26
C LYS A 1018 67.55 13.51 -13.08
N ALA A 1019 66.37 13.14 -12.58
CA ALA A 1019 65.51 12.20 -13.30
C ALA A 1019 65.05 12.78 -14.64
N LEU A 1020 64.61 14.04 -14.64
CA LEU A 1020 64.19 14.68 -15.88
C LEU A 1020 65.34 14.81 -16.87
N LYS A 1021 66.46 15.40 -16.43
CA LYS A 1021 67.59 15.65 -17.32
C LYS A 1021 68.27 14.38 -17.80
N THR A 1022 68.09 13.25 -17.10
CA THR A 1022 68.74 12.03 -17.52
C THR A 1022 67.85 11.08 -18.32
N TYR A 1023 66.59 10.86 -17.91
CA TYR A 1023 65.74 9.91 -18.61
C TYR A 1023 64.37 10.45 -18.96
N ASN A 1024 64.15 11.78 -18.89
CA ASN A 1024 62.85 12.42 -19.16
C ASN A 1024 61.75 11.84 -18.28
N MET A 1025 62.07 11.59 -17.01
CA MET A 1025 61.14 10.99 -16.07
C MET A 1025 60.56 12.08 -15.17
N LEU A 1026 59.24 12.16 -15.13
CA LEU A 1026 58.53 13.20 -14.39
C LEU A 1026 58.04 12.63 -13.07
N CYS A 1027 58.67 13.05 -11.98
CA CYS A 1027 58.29 12.63 -10.63
C CYS A 1027 57.32 13.63 -10.04
N PHE A 1028 56.24 13.14 -9.42
CA PHE A 1028 55.21 14.03 -8.91
C PHE A 1028 54.63 13.59 -7.57
N GLY A 1029 55.28 12.68 -6.85
CA GLY A 1029 54.76 12.26 -5.56
C GLY A 1029 55.71 11.31 -4.87
N ILE A 1030 55.42 11.08 -3.59
CA ILE A 1030 56.20 10.17 -2.75
C ILE A 1030 55.22 9.28 -1.99
N TYR A 1031 55.44 7.97 -2.06
CA TYR A 1031 54.71 6.99 -1.26
C TYR A 1031 55.58 6.66 -0.05
N ARG A 1032 55.25 7.26 1.09
CA ARG A 1032 56.11 7.23 2.26
C ARG A 1032 55.43 6.44 3.38
N LEU A 1033 56.24 5.64 4.10
CA LEU A 1033 55.76 4.87 5.23
C LEU A 1033 55.24 5.79 6.34
N ARG A 1034 54.34 5.24 7.16
CA ARG A 1034 53.68 6.03 8.19
C ARG A 1034 54.67 6.49 9.26
N ASP A 1035 55.46 5.57 9.80
CA ASP A 1035 56.49 5.90 10.79
C ASP A 1035 57.86 6.07 10.13
N ALA A 1036 57.93 6.93 9.11
CA ALA A 1036 59.18 7.14 8.39
C ALA A 1036 59.97 8.36 8.87
N HIS A 1037 59.29 9.33 9.49
CA HIS A 1037 59.95 10.52 10.01
C HIS A 1037 60.39 10.36 11.46
N LEU A 1038 60.18 9.18 12.06
CA LEU A 1038 60.56 8.92 13.43
C LEU A 1038 61.73 7.95 13.47
N SER A 1039 62.61 8.14 14.45
CA SER A 1039 63.82 7.35 14.56
C SER A 1039 63.60 5.98 15.20
N THR A 1040 62.40 5.72 15.74
CA THR A 1040 62.13 4.44 16.38
C THR A 1040 61.74 3.41 15.34
N PRO A 1041 62.49 2.31 15.20
CA PRO A 1041 62.12 1.29 14.21
C PRO A 1041 60.84 0.54 14.60
N SER A 1042 60.12 0.09 13.59
CA SER A 1042 58.92 -0.71 13.78
C SER A 1042 58.65 -1.48 12.49
N GLN A 1043 57.56 -2.24 12.49
CA GLN A 1043 57.20 -3.04 11.32
C GLN A 1043 55.83 -2.63 10.78
N CYS A 1044 55.59 -1.33 10.69
CA CYS A 1044 54.36 -0.80 10.10
C CYS A 1044 54.60 -0.57 8.62
N THR A 1045 54.00 -1.41 7.78
CA THR A 1045 54.19 -1.35 6.34
C THR A 1045 53.16 -0.49 5.63
N LYS A 1046 52.25 0.14 6.36
CA LYS A 1046 51.25 0.99 5.74
C LYS A 1046 51.87 2.32 5.31
N ARG A 1047 51.61 2.71 4.07
CA ARG A 1047 52.16 3.94 3.50
C ARG A 1047 51.06 4.94 3.21
N TYR A 1048 51.46 6.19 3.02
CA TYR A 1048 50.55 7.27 2.65
C TYR A 1048 51.21 8.12 1.57
N VAL A 1049 50.38 8.81 0.80
CA VAL A 1049 50.85 9.56 -0.35
C VAL A 1049 51.14 11.00 0.05
N ILE A 1050 52.08 11.62 -0.67
CA ILE A 1050 52.40 13.04 -0.55
C ILE A 1050 52.45 13.62 -1.95
N THR A 1051 51.61 14.62 -2.23
CA THR A 1051 51.47 15.18 -3.55
C THR A 1051 52.30 16.44 -3.69
N ASN A 1052 53.19 16.47 -4.70
CA ASN A 1052 54.06 17.57 -5.06
C ASN A 1052 54.90 18.08 -3.88
N PRO A 1053 55.92 17.34 -3.45
CA PRO A 1053 56.75 17.82 -2.36
C PRO A 1053 57.59 19.01 -2.81
N PRO A 1054 57.99 19.88 -1.88
CA PRO A 1054 58.80 21.04 -2.24
C PRO A 1054 60.25 20.64 -2.51
N TYR A 1055 61.06 21.64 -2.87
CA TYR A 1055 62.47 21.41 -3.17
C TYR A 1055 63.24 20.99 -1.91
N GLU A 1056 62.94 21.60 -0.77
CA GLU A 1056 63.64 21.33 0.48
C GLU A 1056 63.00 20.18 1.25
N PHE A 1057 62.84 19.04 0.59
CA PHE A 1057 62.26 17.84 1.19
C PHE A 1057 63.31 16.75 1.23
N GLU A 1058 63.57 16.23 2.43
CA GLU A 1058 64.58 15.19 2.62
C GLU A 1058 63.94 13.81 2.46
N LEU A 1059 64.69 12.91 1.84
CA LEU A 1059 64.20 11.57 1.52
C LEU A 1059 64.75 10.54 2.51
N VAL A 1060 64.03 9.44 2.62
CA VAL A 1060 64.49 8.27 3.38
C VAL A 1060 64.65 7.13 2.37
N PRO A 1061 65.51 6.14 2.61
CA PRO A 1061 65.71 5.08 1.61
C PRO A 1061 64.52 4.16 1.41
N THR A 1062 63.52 4.19 2.30
CA THR A 1062 62.33 3.35 2.17
C THR A 1062 61.17 4.08 1.50
N ASP A 1063 61.47 5.01 0.59
CA ASP A 1063 60.45 5.79 -0.09
C ASP A 1063 60.23 5.27 -1.51
N LEU A 1064 58.98 5.34 -1.96
CA LEU A 1064 58.62 5.05 -3.35
C LEU A 1064 58.17 6.33 -4.02
N ILE A 1065 58.57 6.51 -5.29
CA ILE A 1065 58.35 7.73 -6.02
C ILE A 1065 57.36 7.47 -7.15
N PHE A 1066 56.30 8.26 -7.20
CA PHE A 1066 55.41 8.25 -8.36
C PHE A 1066 56.12 8.91 -9.54
N CYS A 1067 56.09 8.27 -10.70
CA CYS A 1067 56.80 8.80 -11.85
C CYS A 1067 56.09 8.44 -13.13
N LEU A 1068 56.36 9.23 -14.16
CA LEU A 1068 55.93 8.95 -15.53
C LEU A 1068 57.17 8.73 -16.39
N MET A 1069 57.23 7.59 -17.07
CA MET A 1069 58.40 7.21 -17.83
C MET A 1069 58.02 6.92 -19.28
N GLN A 1070 58.99 7.11 -20.17
CA GLN A 1070 58.77 6.97 -21.59
C GLN A 1070 58.71 5.50 -22.00
N PHE A 1071 58.25 5.26 -23.23
CA PHE A 1071 58.17 3.92 -23.79
C PHE A 1071 59.44 3.62 -24.57
N ASP A 1072 60.11 2.53 -24.22
CA ASP A 1072 61.34 2.12 -24.90
C ASP A 1072 61.14 0.80 -25.63
N UNK A 1073 -43.35 12.20 -16.78
CA UNK A 1073 -42.91 12.95 -17.95
C UNK A 1073 -43.27 14.44 -17.81
N UNK A 1074 -43.59 15.07 -18.93
CA UNK A 1074 -43.94 16.48 -18.92
C UNK A 1074 -45.36 16.69 -18.42
N UNK A 1075 -45.54 16.67 -17.10
CA UNK A 1075 -46.86 16.87 -16.51
C UNK A 1075 -47.31 18.31 -16.69
N UNK A 1076 -48.54 18.46 -17.21
CA UNK A 1076 -49.13 19.76 -17.58
C UNK A 1076 -48.20 20.55 -18.49
N UNK A 1077 -47.79 19.93 -19.60
CA UNK A 1077 -46.86 20.53 -20.54
C UNK A 1077 -47.43 21.77 -21.19
N UNK A 1078 -46.88 22.93 -20.84
CA UNK A 1078 -47.30 24.21 -21.38
C UNK A 1078 -46.11 24.90 -22.03
N UNK A 1079 -46.20 25.07 -23.34
CA UNK A 1079 -45.11 25.70 -24.10
C UNK A 1079 -45.68 26.73 -25.07
N UNK A 1080 -46.51 27.64 -24.56
CA UNK A 1080 -47.07 28.73 -25.34
C UNK A 1080 -46.31 30.01 -25.04
N UNK A 1081 -46.87 31.12 -25.56
CA UNK A 1081 -46.38 32.48 -25.34
C UNK A 1081 -44.92 32.69 -25.74
N UNK A 1082 -44.53 32.12 -26.89
CA UNK A 1082 -43.20 32.34 -27.45
C UNK A 1082 -43.21 31.99 -28.93
N UNK A 1083 -42.04 32.07 -29.58
CA UNK A 1083 -41.98 31.81 -31.01
C UNK A 1083 -40.62 31.23 -31.36
N UNK A 1084 -40.62 30.29 -32.32
CA UNK A 1084 -39.41 29.70 -32.86
C UNK A 1084 -39.73 29.16 -34.26
N UNK A 1085 -38.71 28.63 -34.92
CA UNK A 1085 -38.81 28.18 -36.30
C UNK A 1085 -38.51 26.68 -36.39
N UNK A 1086 -38.42 26.15 -37.62
CA UNK A 1086 -38.09 24.76 -37.91
C UNK A 1086 -39.09 23.79 -37.27
N UNK A 1087 -40.37 23.99 -37.56
CA UNK A 1087 -41.44 23.14 -37.06
C UNK A 1087 -42.66 23.34 -37.94
N UNK A 1088 -43.80 22.82 -37.50
CA UNK A 1088 -45.07 22.97 -38.19
C UNK A 1088 -46.18 23.02 -37.14
N UNK A 1089 -47.41 22.83 -37.59
CA UNK A 1089 -48.55 22.84 -36.67
C UNK A 1089 -48.74 21.47 -36.02
N UNK A 1090 -47.74 21.04 -35.25
CA UNK A 1090 -47.72 19.75 -34.54
C UNK A 1090 -47.97 18.56 -35.46
N GLN B 35 -6.44 71.25 16.12
CA GLN B 35 -7.73 70.58 16.32
C GLN B 35 -7.93 69.46 15.30
N ARG B 36 -7.95 68.22 15.80
CA ARG B 36 -8.15 67.00 15.03
C ARG B 36 -7.16 66.90 13.87
N MET B 37 -5.87 66.79 14.20
CA MET B 37 -4.80 66.72 13.21
C MET B 37 -4.54 65.29 12.72
N TRP B 38 -5.51 64.40 12.90
CA TRP B 38 -5.30 62.99 12.56
C TRP B 38 -5.20 62.78 11.05
N TRP B 39 -5.78 63.70 10.27
CA TRP B 39 -5.77 63.56 8.82
C TRP B 39 -4.36 63.70 8.26
N ALA B 40 -3.54 64.56 8.87
CA ALA B 40 -2.16 64.73 8.42
C ALA B 40 -1.35 63.46 8.66
N PHE B 41 -1.46 62.89 9.85
CA PHE B 41 -0.74 61.65 10.18
C PHE B 41 -1.22 60.49 9.31
N LEU B 42 -2.53 60.41 9.07
CA LEU B 42 -3.07 59.33 8.25
C LEU B 42 -2.76 59.50 6.77
N ALA B 43 -2.60 60.73 6.28
CA ALA B 43 -2.34 60.97 4.87
C ALA B 43 -0.86 60.97 4.52
N SER B 44 0.02 61.25 5.49
CA SER B 44 1.45 61.29 5.23
C SER B 44 2.01 59.91 4.88
N SER B 45 1.30 58.85 5.26
CA SER B 45 1.67 57.50 4.88
C SER B 45 1.00 57.06 3.58
N MET B 46 -0.29 57.33 3.44
CA MET B 46 -1.04 56.91 2.26
C MET B 46 -0.54 57.62 1.01
N VAL B 47 -0.32 58.93 1.08
CA VAL B 47 0.13 59.65 -0.10
C VAL B 47 1.59 59.31 -0.42
N THR B 48 2.37 58.91 0.58
CA THR B 48 3.73 58.46 0.32
C THR B 48 3.74 57.12 -0.42
N PHE B 49 2.92 56.18 0.06
CA PHE B 49 2.80 54.87 -0.61
C PHE B 49 2.28 55.02 -2.03
N PHE B 50 1.23 55.83 -2.22
CA PHE B 50 0.65 55.98 -3.55
C PHE B 50 1.52 56.82 -4.46
N GLY B 51 2.27 57.79 -3.93
CA GLY B 51 3.22 58.52 -4.76
C GLY B 51 4.39 57.66 -5.21
N GLY B 52 4.87 56.77 -4.33
CA GLY B 52 5.88 55.82 -4.75
C GLY B 52 5.38 54.87 -5.83
N LEU B 53 4.17 54.35 -5.65
CA LEU B 53 3.58 53.47 -6.67
C LEU B 53 3.38 54.21 -7.99
N PHE B 54 2.94 55.47 -7.92
CA PHE B 54 2.76 56.28 -9.11
C PHE B 54 4.09 56.58 -9.80
N ILE B 55 5.16 56.79 -9.03
CA ILE B 55 6.47 57.04 -9.62
C ILE B 55 6.99 55.80 -10.34
N ILE B 56 6.85 54.63 -9.72
CA ILE B 56 7.28 53.39 -10.39
C ILE B 56 6.46 53.12 -11.64
N LEU B 57 5.13 53.32 -11.57
CA LEU B 57 4.28 53.11 -12.73
C LEU B 57 4.56 54.14 -13.83
N LEU B 58 4.92 55.37 -13.44
CA LEU B 58 5.26 56.39 -14.41
C LEU B 58 6.57 56.06 -15.12
N TRP B 59 7.55 55.53 -14.38
CA TRP B 59 8.79 55.09 -15.01
C TRP B 59 8.53 53.92 -15.97
N ARG B 60 7.68 52.97 -15.57
CA ARG B 60 7.34 51.86 -16.43
C ARG B 60 6.61 52.31 -17.69
N THR B 61 5.73 53.32 -17.57
CA THR B 61 5.01 53.84 -18.74
C THR B 61 5.95 54.63 -19.64
N LEU B 62 6.81 55.47 -19.05
CA LEU B 62 7.74 56.29 -19.83
C LEU B 62 8.83 55.46 -20.48
N LYS B 63 9.09 54.24 -20.00
CA LYS B 63 10.03 53.36 -20.67
C LYS B 63 9.38 52.54 -21.80
N TYR B 64 8.24 53.00 -22.33
CA TYR B 64 7.66 52.45 -23.54
C TYR B 64 8.17 53.15 -24.80
N LEU B 65 9.29 53.86 -24.69
CA LEU B 65 9.89 54.55 -25.83
C LEU B 65 10.58 53.58 -26.79
N TRP B 66 10.75 52.32 -26.39
CA TRP B 66 11.38 51.33 -27.25
C TRP B 66 10.57 51.06 -28.51
N THR B 67 9.24 50.97 -28.38
CA THR B 67 8.41 50.73 -29.56
C THR B 67 7.98 52.02 -30.26
N VAL B 68 8.05 53.17 -29.59
CA VAL B 68 7.74 54.46 -30.19
C VAL B 68 8.96 55.34 -29.94
N CYS B 69 9.89 55.37 -30.90
CA CYS B 69 11.12 56.14 -30.75
C CYS B 69 10.99 57.51 -31.40
N ALA B 104 30.10 43.39 -22.70
CA ALA B 104 31.18 43.96 -21.92
C ALA B 104 31.73 42.94 -20.92
N ALA B 105 32.95 43.18 -20.45
CA ALA B 105 33.60 42.30 -19.49
C ALA B 105 33.60 42.85 -18.08
N GLU B 106 33.13 44.08 -17.87
CA GLU B 106 33.08 44.70 -16.55
C GLU B 106 31.67 45.17 -16.26
N VAL B 107 31.30 45.15 -14.97
CA VAL B 107 29.98 45.62 -14.57
C VAL B 107 30.03 47.13 -14.34
N GLY B 108 28.85 47.75 -14.40
CA GLY B 108 28.76 49.18 -14.16
C GLY B 108 28.83 49.53 -12.69
N TRP B 109 28.82 50.83 -12.41
CA TRP B 109 28.88 51.30 -11.04
C TRP B 109 27.53 51.20 -10.34
N MET B 110 26.45 50.97 -11.08
CA MET B 110 25.16 50.68 -10.47
C MET B 110 25.15 49.30 -9.84
N THR B 111 25.69 48.31 -10.56
CA THR B 111 25.68 46.93 -10.09
C THR B 111 26.56 46.73 -8.87
N SER B 112 27.67 47.47 -8.77
CA SER B 112 28.52 47.37 -7.58
C SER B 112 27.81 47.91 -6.35
N VAL B 113 27.07 49.01 -6.50
CA VAL B 113 26.26 49.54 -5.41
C VAL B 113 25.18 48.54 -5.00
N LYS B 114 24.51 47.92 -5.99
CA LYS B 114 23.48 46.94 -5.68
C LYS B 114 24.07 45.72 -4.96
N ASP B 115 25.24 45.26 -5.39
CA ASP B 115 25.90 44.13 -4.74
C ASP B 115 26.35 44.48 -3.33
N TRP B 116 26.87 45.69 -3.13
CA TRP B 116 27.28 46.12 -1.79
C TRP B 116 26.09 46.21 -0.85
N ALA B 117 24.96 46.75 -1.34
CA ALA B 117 23.76 46.80 -0.53
C ALA B 117 23.22 45.41 -0.23
N GLY B 118 23.32 44.50 -1.18
CA GLY B 118 22.88 43.12 -0.94
C GLY B 118 23.72 42.42 0.12
N VAL B 119 25.06 42.54 0.00
CA VAL B 119 25.94 41.91 0.99
C VAL B 119 25.97 42.66 2.31
N MET B 120 25.38 43.86 2.37
CA MET B 120 25.18 44.50 3.67
C MET B 120 23.87 44.09 4.32
N ILE B 121 22.77 44.01 3.56
CA ILE B 121 21.50 43.58 4.15
C ILE B 121 21.48 42.09 4.42
N SER B 122 22.36 41.31 3.79
CA SER B 122 22.57 39.91 4.15
C SER B 122 23.78 39.83 5.05
N ALA B 123 23.66 39.07 6.14
CA ALA B 123 24.69 39.05 7.19
C ALA B 123 25.90 38.26 6.70
N GLN B 124 26.71 38.91 5.86
CA GLN B 124 27.98 38.38 5.39
C GLN B 124 29.17 39.19 5.86
N THR B 125 29.14 40.50 5.66
CA THR B 125 30.13 41.42 6.19
C THR B 125 29.88 41.58 7.69
N LEU B 126 30.96 41.93 8.42
CA LEU B 126 30.83 42.20 9.85
C LEU B 126 29.94 43.40 10.11
N THR B 127 30.04 44.42 9.25
CA THR B 127 29.13 45.55 9.33
C THR B 127 27.69 45.13 9.07
N GLY B 128 27.49 44.18 8.16
CA GLY B 128 26.15 43.65 7.93
C GLY B 128 25.61 42.90 9.12
N ARG B 129 26.45 42.12 9.79
CA ARG B 129 26.03 41.41 11.00
C ARG B 129 25.66 42.39 12.12
N VAL B 130 26.47 43.45 12.28
CA VAL B 130 26.17 44.47 13.28
C VAL B 130 24.86 45.18 12.95
N LEU B 131 24.64 45.48 11.67
CA LEU B 131 23.39 46.12 11.25
C LEU B 131 22.18 45.23 11.50
N VAL B 132 22.32 43.93 11.24
CA VAL B 132 21.24 42.98 11.48
C VAL B 132 20.92 42.87 12.97
N VAL B 133 21.95 42.82 13.81
CA VAL B 133 21.75 42.80 15.26
C VAL B 133 21.09 44.09 15.73
N LEU B 134 21.48 45.22 15.13
CA LEU B 134 20.87 46.50 15.47
C LEU B 134 19.39 46.54 15.09
N VAL B 135 19.04 45.97 13.93
CA VAL B 135 17.64 45.89 13.53
C VAL B 135 16.84 45.04 14.52
N PHE B 136 17.42 43.90 14.93
CA PHE B 136 16.78 43.03 15.92
C PHE B 136 16.55 43.74 17.23
N ALA B 137 17.52 44.55 17.67
CA ALA B 137 17.36 45.27 18.93
C ALA B 137 16.34 46.40 18.80
N LEU B 138 16.41 47.17 17.72
CA LEU B 138 15.60 48.38 17.62
C LEU B 138 14.14 48.08 17.31
N SER B 139 13.83 46.94 16.69
CA SER B 139 12.42 46.55 16.53
C SER B 139 11.76 46.33 17.89
N ILE B 140 12.44 45.60 18.78
CA ILE B 140 11.95 45.37 20.14
C ILE B 140 11.90 46.69 20.91
N GLY B 141 12.89 47.56 20.69
CA GLY B 141 12.88 48.86 21.35
C GLY B 141 11.69 49.73 20.94
N ALA B 142 11.37 49.74 19.64
CA ALA B 142 10.23 50.50 19.16
C ALA B 142 8.91 49.92 19.68
N LEU B 143 8.82 48.58 19.73
CA LEU B 143 7.62 47.96 20.29
C LEU B 143 7.46 48.29 21.78
N VAL B 144 8.57 48.34 22.52
CA VAL B 144 8.53 48.69 23.94
C VAL B 144 8.14 50.16 24.11
N ILE B 145 8.62 51.02 23.21
CA ILE B 145 8.24 52.43 23.25
C ILE B 145 6.74 52.60 23.00
N TYR B 146 6.20 51.85 22.04
CA TYR B 146 4.75 51.88 21.82
C TYR B 146 3.98 51.35 23.02
N PHE B 147 4.49 50.30 23.66
CA PHE B 147 3.84 49.76 24.85
C PHE B 147 3.83 50.78 25.99
N ILE B 148 4.91 51.55 26.13
CA ILE B 148 4.96 52.60 27.14
C ILE B 148 3.98 53.72 26.79
N ASP B 149 3.93 54.12 25.52
CA ASP B 149 3.13 55.25 25.11
C ASP B 149 1.66 54.91 24.86
N SER B 150 1.26 53.64 25.01
CA SER B 150 -0.13 53.28 24.79
C SER B 150 -1.06 53.85 25.85
N SER B 151 -0.56 54.13 27.05
CA SER B 151 -1.39 54.64 28.12
C SER B 151 -1.66 56.14 28.02
N ASN B 152 -0.97 56.84 27.14
CA ASN B 152 -1.18 58.28 26.98
C ASN B 152 -2.50 58.55 26.27
N PRO B 153 -3.02 59.78 26.39
CA PRO B 153 -4.20 60.16 25.60
C PRO B 153 -3.96 60.06 24.10
N ILE B 154 -5.07 60.03 23.35
CA ILE B 154 -5.01 59.81 21.90
C ILE B 154 -4.31 60.96 21.20
N GLU B 155 -4.63 62.19 21.56
CA GLU B 155 -4.00 63.37 20.99
C GLU B 155 -3.49 64.25 22.11
N SER B 156 -2.20 64.57 22.07
CA SER B 156 -1.56 65.38 23.11
C SER B 156 -0.65 66.39 22.43
N CYS B 157 0.18 67.07 23.23
CA CYS B 157 1.10 68.08 22.71
C CYS B 157 2.36 68.04 23.55
N GLN B 158 3.47 67.62 22.95
CA GLN B 158 4.76 67.55 23.62
C GLN B 158 5.77 68.42 22.87
N ASN B 159 6.99 68.49 23.42
CA ASN B 159 8.08 69.24 22.81
C ASN B 159 9.24 68.30 22.54
N PHE B 160 9.84 68.44 21.35
CA PHE B 160 10.95 67.58 20.95
C PHE B 160 12.19 67.84 21.80
N TYR B 161 12.46 69.11 22.12
CA TYR B 161 13.66 69.47 22.86
C TYR B 161 13.55 69.21 24.35
N LYS B 162 12.35 68.91 24.86
CA LYS B 162 12.15 68.64 26.29
C LYS B 162 11.86 67.18 26.59
N ASP B 163 11.05 66.53 25.76
CA ASP B 163 10.75 65.11 25.98
C ASP B 163 11.96 64.25 25.60
N PHE B 164 12.16 63.18 26.38
CA PHE B 164 13.26 62.26 26.14
C PHE B 164 12.83 60.99 25.41
N THR B 165 11.57 60.59 25.52
CA THR B 165 11.09 59.40 24.84
C THR B 165 11.05 59.60 23.33
N LEU B 166 10.59 60.77 22.89
CA LEU B 166 10.52 61.06 21.45
C LEU B 166 11.90 61.16 20.81
N GLN B 167 12.91 61.54 21.59
CA GLN B 167 14.26 61.66 21.05
C GLN B 167 14.84 60.30 20.67
N ILE B 168 14.53 59.26 21.44
CA ILE B 168 14.96 57.92 21.08
C ILE B 168 14.20 57.42 19.86
N ASP B 169 12.90 57.74 19.78
CA ASP B 169 12.08 57.31 18.66
C ASP B 169 12.52 57.96 17.35
N MET B 170 13.00 59.21 17.42
CA MET B 170 13.53 59.89 16.24
C MET B 170 14.74 59.13 15.67
N ALA B 171 15.68 58.75 16.54
CA ALA B 171 16.84 57.99 16.09
C ALA B 171 16.44 56.61 15.58
N PHE B 172 15.47 55.97 16.24
CA PHE B 172 15.00 54.66 15.80
C PHE B 172 14.40 54.73 14.41
N ASN B 173 13.59 55.76 14.14
CA ASN B 173 12.96 55.88 12.84
C ASN B 173 13.96 56.32 11.77
N VAL B 174 14.98 57.09 12.15
CA VAL B 174 16.05 57.42 11.21
C VAL B 174 16.82 56.16 10.79
N PHE B 175 17.11 55.30 11.77
CA PHE B 175 17.76 54.02 11.46
C PHE B 175 16.88 53.14 10.60
N PHE B 176 15.57 53.12 10.86
CA PHE B 176 14.65 52.34 10.04
C PHE B 176 14.57 52.89 8.61
N LEU B 177 14.62 54.22 8.46
CA LEU B 177 14.63 54.82 7.13
C LEU B 177 15.90 54.45 6.37
N LEU B 178 17.05 54.45 7.05
CA LEU B 178 18.29 54.04 6.40
C LEU B 178 18.27 52.58 6.00
N TYR B 179 17.72 51.72 6.87
CA TYR B 179 17.59 50.29 6.54
C TYR B 179 16.64 50.09 5.36
N PHE B 180 15.55 50.85 5.31
CA PHE B 180 14.64 50.79 4.16
C PHE B 180 15.33 51.25 2.89
N GLY B 181 16.17 52.27 2.97
CA GLY B 181 16.91 52.71 1.79
C GLY B 181 17.88 51.65 1.29
N LEU B 182 18.57 50.99 2.22
CA LEU B 182 19.46 49.89 1.84
C LEU B 182 18.70 48.74 1.20
N ARG B 183 17.54 48.39 1.77
CA ARG B 183 16.72 47.32 1.19
C ARG B 183 16.16 47.71 -0.17
N PHE B 184 15.84 48.98 -0.38
CA PHE B 184 15.34 49.43 -1.68
C PHE B 184 16.45 49.41 -2.73
N ILE B 185 17.67 49.77 -2.35
CA ILE B 185 18.80 49.68 -3.28
C ILE B 185 19.07 48.22 -3.63
N ALA B 186 19.05 47.34 -2.64
CA ALA B 186 19.26 45.90 -2.88
C ALA B 186 17.91 45.23 -3.19
N ALA B 187 17.43 45.48 -4.40
CA ALA B 187 16.17 44.89 -4.84
C ALA B 187 16.22 44.65 -6.35
N ASN B 188 15.49 43.64 -6.80
CA ASN B 188 15.38 43.34 -8.23
C ASN B 188 14.12 43.98 -8.83
N ASP B 189 12.95 43.64 -8.30
CA ASP B 189 11.68 44.23 -8.74
C ASP B 189 11.29 45.29 -7.73
N LYS B 190 11.53 46.56 -8.08
CA LYS B 190 11.25 47.65 -7.16
C LYS B 190 9.75 47.92 -7.03
N LEU B 191 8.95 47.50 -8.00
CA LEU B 191 7.49 47.59 -7.85
C LEU B 191 6.99 46.60 -6.81
N TRP B 192 7.44 45.34 -6.90
CA TRP B 192 7.02 44.34 -5.94
C TRP B 192 7.70 44.49 -4.59
N PHE B 193 8.80 45.24 -4.52
CA PHE B 193 9.37 45.61 -3.23
C PHE B 193 8.47 46.62 -2.52
N TRP B 194 7.79 47.48 -3.28
CA TRP B 194 6.91 48.49 -2.69
C TRP B 194 5.71 47.87 -2.01
N LEU B 195 5.27 46.69 -2.46
CA LEU B 195 4.07 46.04 -1.93
C LEU B 195 4.38 44.95 -0.92
N GLU B 196 5.57 44.95 -0.34
CA GLU B 196 5.90 43.98 0.70
C GLU B 196 5.29 44.42 2.04
N VAL B 197 5.11 43.44 2.92
CA VAL B 197 4.50 43.70 4.22
C VAL B 197 5.39 44.60 5.06
N ASN B 198 6.71 44.32 5.08
CA ASN B 198 7.64 45.16 5.82
C ASN B 198 7.72 46.56 5.23
N SER B 199 7.64 46.68 3.90
CA SER B 199 7.64 47.99 3.26
C SER B 199 6.41 48.80 3.63
N VAL B 200 5.24 48.16 3.65
CA VAL B 200 4.01 48.85 4.03
C VAL B 200 4.05 49.25 5.51
N VAL B 201 4.62 48.38 6.35
CA VAL B 201 4.77 48.70 7.77
C VAL B 201 5.68 49.92 7.95
N ASP B 202 6.79 49.97 7.21
CA ASP B 202 7.67 51.14 7.27
C ASP B 202 6.96 52.40 6.77
N PHE B 203 6.18 52.27 5.70
CA PHE B 203 5.46 53.41 5.14
C PHE B 203 4.44 53.96 6.11
N PHE B 204 3.75 53.10 6.84
CA PHE B 204 2.73 53.54 7.78
C PHE B 204 3.26 53.77 9.19
N THR B 205 4.56 53.53 9.42
CA THR B 205 5.16 53.77 10.73
C THR B 205 6.11 54.95 10.78
N VAL B 206 7.02 55.08 9.82
CA VAL B 206 8.11 56.06 9.94
C VAL B 206 7.70 57.50 9.62
N PRO B 207 7.02 57.83 8.51
CA PRO B 207 6.71 59.27 8.22
C PRO B 207 5.83 59.97 9.26
N PRO B 208 4.85 59.29 9.92
CA PRO B 208 4.13 60.00 11.00
C PRO B 208 5.02 60.46 12.15
N VAL B 209 6.16 59.81 12.41
CA VAL B 209 7.09 60.31 13.40
C VAL B 209 7.70 61.63 12.96
N PHE B 210 8.04 61.75 11.68
CA PHE B 210 8.54 63.01 11.14
C PHE B 210 7.48 64.10 11.22
N VAL B 211 6.23 63.74 10.91
CA VAL B 211 5.14 64.73 10.99
C VAL B 211 4.92 65.17 12.43
N SER B 212 5.00 64.24 13.38
CA SER B 212 4.87 64.59 14.79
C SER B 212 6.01 65.50 15.26
N VAL B 213 7.23 65.22 14.79
CA VAL B 213 8.37 66.08 15.13
C VAL B 213 8.18 67.48 14.55
N TYR B 214 7.68 67.57 13.32
CA TYR B 214 7.46 68.87 12.69
C TYR B 214 6.35 69.65 13.38
N LEU B 215 5.23 68.99 13.71
CA LEU B 215 4.05 69.69 14.22
C LEU B 215 4.03 69.80 15.74
N ASN B 216 5.00 69.20 16.44
CA ASN B 216 5.12 69.27 17.90
C ASN B 216 3.88 68.71 18.62
N ARG B 217 3.23 67.72 18.02
CA ARG B 217 2.14 67.01 18.67
C ARG B 217 2.01 65.63 18.03
N SER B 218 1.45 64.69 18.79
CA SER B 218 1.44 63.29 18.40
C SER B 218 0.02 62.76 18.27
N TRP B 219 -0.08 61.51 17.82
CA TRP B 219 -1.35 60.81 17.69
C TRP B 219 -1.08 59.33 17.87
N LEU B 220 -1.97 58.66 18.61
CA LEU B 220 -1.79 57.26 18.94
C LEU B 220 -2.12 56.33 17.76
N GLY B 221 -2.80 56.84 16.74
CA GLY B 221 -3.24 56.03 15.62
C GLY B 221 -2.15 55.38 14.79
N LEU B 222 -2.39 54.13 14.41
CA LEU B 222 -1.56 53.35 13.48
C LEU B 222 -0.14 53.11 13.99
N ARG B 223 0.08 53.19 15.30
CA ARG B 223 1.37 52.85 15.89
C ARG B 223 1.45 51.39 16.31
N PHE B 224 0.36 50.63 16.18
CA PHE B 224 0.35 49.22 16.53
C PHE B 224 1.01 48.34 15.48
N LEU B 225 1.36 48.89 14.32
CA LEU B 225 2.00 48.12 13.26
C LEU B 225 3.46 47.83 13.55
N ARG B 226 4.02 48.41 14.62
CA ARG B 226 5.39 48.08 15.00
C ARG B 226 5.53 46.66 15.51
N ALA B 227 4.43 46.02 15.91
CA ALA B 227 4.44 44.62 16.30
C ALA B 227 4.55 43.67 15.11
N LEU B 228 4.40 44.18 13.89
CA LEU B 228 4.56 43.36 12.68
C LEU B 228 6.02 43.21 12.27
N ARG B 229 6.95 43.85 12.97
CA ARG B 229 8.37 43.71 12.68
C ARG B 229 8.97 42.45 13.29
N LEU B 230 8.22 41.71 14.10
CA LEU B 230 8.70 40.48 14.70
C LEU B 230 8.66 39.29 13.75
N ILE B 231 8.10 39.46 12.55
CA ILE B 231 8.05 38.38 11.58
C ILE B 231 9.45 38.08 11.04
N GLN B 232 10.24 39.13 10.79
CA GLN B 232 11.55 38.99 10.16
C GLN B 232 12.63 38.51 11.11
N PHE B 233 12.28 38.17 12.36
CA PHE B 233 13.26 37.69 13.32
C PHE B 233 13.86 36.35 12.89
N SER B 234 13.03 35.47 12.32
CA SER B 234 13.52 34.19 11.82
C SER B 234 14.47 34.37 10.65
N GLU B 235 14.15 35.30 9.75
CA GLU B 235 15.05 35.58 8.63
C GLU B 235 16.36 36.19 9.13
N ILE B 236 16.29 37.02 10.17
CA ILE B 236 17.50 37.57 10.78
C ILE B 236 18.36 36.47 11.38
N LEU B 237 17.73 35.51 12.07
CA LEU B 237 18.47 34.41 12.69
C LEU B 237 19.04 33.47 11.64
N GLN B 238 18.35 33.30 10.50
CA GLN B 238 18.92 32.51 9.42
C GLN B 238 20.06 33.22 8.72
N PHE B 239 19.99 34.55 8.63
CA PHE B 239 21.09 35.33 8.07
C PHE B 239 22.32 35.27 8.98
N LEU B 240 22.11 35.25 10.29
CA LEU B 240 23.22 35.21 11.25
C LEU B 240 23.77 33.80 11.45
N ASN B 241 23.26 32.80 10.71
CA ASN B 241 23.67 31.40 10.80
C ASN B 241 23.48 30.85 12.21
N ILE B 242 22.24 30.92 12.68
CA ILE B 242 21.84 30.41 13.98
C ILE B 242 20.78 29.33 13.85
N LEU B 243 19.74 29.60 13.06
CA LEU B 243 18.71 28.61 12.75
C LEU B 243 19.15 27.85 11.50
N LYS B 244 19.34 26.54 11.66
CA LYS B 244 19.83 25.71 10.56
C LYS B 244 18.93 24.51 10.29
N THR B 245 18.33 23.92 11.32
CA THR B 245 17.51 22.73 11.13
C THR B 245 16.12 23.10 10.62
N SER B 246 15.35 22.06 10.26
CA SER B 246 14.04 22.24 9.67
C SER B 246 12.92 22.34 10.70
N ASN B 247 13.21 22.11 11.98
CA ASN B 247 12.21 22.18 13.03
C ASN B 247 12.26 23.49 13.82
N SER B 248 13.47 23.97 14.14
CA SER B 248 13.60 25.22 14.85
C SER B 248 13.12 26.40 14.02
N ILE B 249 13.36 26.35 12.71
CA ILE B 249 12.90 27.40 11.80
C ILE B 249 11.37 27.46 11.81
N LYS B 250 10.71 26.29 11.74
CA LYS B 250 9.26 26.24 11.76
C LYS B 250 8.70 26.72 13.10
N LEU B 251 9.36 26.34 14.21
CA LEU B 251 8.91 26.77 15.53
C LEU B 251 9.00 28.29 15.68
N VAL B 252 10.12 28.87 15.25
CA VAL B 252 10.28 30.32 15.34
C VAL B 252 9.30 31.03 14.42
N ASN B 253 9.05 30.47 13.23
CA ASN B 253 8.07 31.04 12.31
C ASN B 253 6.68 31.09 12.93
N LEU B 254 6.23 29.96 13.48
CA LEU B 254 4.89 29.89 14.07
C LEU B 254 4.76 30.81 15.27
N LEU B 255 5.77 30.82 16.16
CA LEU B 255 5.70 31.66 17.35
C LEU B 255 5.70 33.13 17.00
N SER B 256 6.58 33.55 16.09
CA SER B 256 6.68 34.95 15.71
C SER B 256 5.40 35.42 15.01
N ILE B 257 4.86 34.61 14.09
CA ILE B 257 3.65 34.99 13.38
C ILE B 257 2.48 35.10 14.34
N PHE B 258 2.34 34.11 15.25
CA PHE B 258 1.24 34.10 16.22
C PHE B 258 1.27 35.33 17.12
N ILE B 259 2.43 35.60 17.75
CA ILE B 259 2.52 36.73 18.67
C ILE B 259 2.37 38.04 17.93
N SER B 260 2.91 38.13 16.70
CA SER B 260 2.84 39.37 15.93
C SER B 260 1.41 39.75 15.57
N THR B 261 0.65 38.79 15.02
CA THR B 261 -0.72 39.14 14.64
C THR B 261 -1.63 39.27 15.85
N TRP B 262 -1.31 38.57 16.96
CA TRP B 262 -2.06 38.77 18.20
C TRP B 262 -1.91 40.21 18.70
N LEU B 263 -0.66 40.70 18.78
CA LEU B 263 -0.43 42.05 19.26
C LEU B 263 -0.98 43.09 18.29
N THR B 264 -0.91 42.83 16.98
CA THR B 264 -1.43 43.78 16.01
C THR B 264 -2.95 43.89 16.08
N ALA B 265 -3.65 42.76 16.22
CA ALA B 265 -5.10 42.78 16.36
C ALA B 265 -5.51 43.45 17.66
N ALA B 266 -4.77 43.19 18.75
CA ALA B 266 -5.08 43.84 20.02
C ALA B 266 -4.88 45.35 19.93
N GLY B 267 -3.82 45.80 19.25
CA GLY B 267 -3.61 47.23 19.09
C GLY B 267 -4.67 47.89 18.23
N PHE B 268 -5.12 47.22 17.16
CA PHE B 268 -6.18 47.78 16.33
C PHE B 268 -7.49 47.88 17.12
N ILE B 269 -7.81 46.84 17.91
CA ILE B 269 -9.01 46.87 18.75
C ILE B 269 -8.92 48.00 19.77
N HIS B 270 -7.75 48.18 20.38
CA HIS B 270 -7.56 49.25 21.36
C HIS B 270 -7.76 50.63 20.74
N LEU B 271 -7.16 50.86 19.56
CA LEU B 271 -7.30 52.16 18.90
C LEU B 271 -8.74 52.42 18.48
N VAL B 272 -9.41 51.40 17.91
CA VAL B 272 -10.77 51.58 17.43
C VAL B 272 -11.74 51.84 18.58
N GLU B 273 -11.57 51.12 19.70
CA GLU B 273 -12.49 51.30 20.81
C GLU B 273 -12.21 52.58 21.59
N ASN B 274 -10.94 52.98 21.73
CA ASN B 274 -10.65 54.21 22.44
C ASN B 274 -10.91 55.45 21.59
N SER B 275 -10.96 55.32 20.27
CA SER B 275 -11.26 56.47 19.42
C SER B 275 -12.76 56.73 19.34
N GLY B 276 -13.51 55.75 18.86
CA GLY B 276 -14.95 55.89 18.68
C GLY B 276 -15.33 55.99 17.21
N ASP B 277 -16.63 55.92 16.99
CA ASP B 277 -17.15 55.98 15.62
C ASP B 277 -17.04 57.41 15.09
N PRO B 278 -16.41 57.63 13.94
CA PRO B 278 -16.29 58.99 13.40
C PRO B 278 -17.61 59.62 13.00
N TRP B 279 -18.60 58.83 12.57
CA TRP B 279 -19.88 59.38 12.18
C TRP B 279 -20.80 59.66 13.36
N GLU B 280 -20.42 59.23 14.57
CA GLU B 280 -21.17 59.53 15.78
C GLU B 280 -20.50 60.61 16.62
N ASN B 281 -19.57 61.36 16.01
CA ASN B 281 -18.82 62.44 16.66
C ASN B 281 -18.02 61.95 17.87
N PHE B 282 -17.55 60.69 17.79
CA PHE B 282 -16.67 60.08 18.80
C PHE B 282 -17.29 60.10 20.20
N GLN B 283 -18.59 59.84 20.28
CA GLN B 283 -19.30 59.88 21.54
C GLN B 283 -19.59 58.49 22.13
N ASN B 284 -19.35 57.43 21.37
CA ASN B 284 -19.58 56.06 21.84
C ASN B 284 -18.27 55.34 22.16
N ASN B 285 -17.27 56.06 22.64
CA ASN B 285 -15.97 55.46 22.93
C ASN B 285 -16.05 54.61 24.20
N GLN B 286 -15.14 53.64 24.28
CA GLN B 286 -15.04 52.75 25.43
C GLN B 286 -13.64 52.86 26.01
N ALA B 287 -13.56 52.98 27.33
CA ALA B 287 -12.28 53.13 28.03
C ALA B 287 -11.70 51.75 28.27
N LEU B 288 -10.89 51.28 27.32
CA LEU B 288 -10.24 49.97 27.41
C LEU B 288 -8.73 50.15 27.36
N THR B 289 -8.02 49.34 28.13
CA THR B 289 -6.57 49.35 28.12
C THR B 289 -6.04 48.31 27.13
N TYR B 290 -4.75 48.45 26.80
CA TYR B 290 -4.13 47.58 25.81
C TYR B 290 -4.08 46.13 26.28
N TRP B 291 -3.75 45.90 27.55
CA TRP B 291 -3.68 44.54 28.06
C TRP B 291 -5.07 43.94 28.25
N GLU B 292 -6.07 44.77 28.54
CA GLU B 292 -7.45 44.31 28.53
C GLU B 292 -7.87 43.87 27.14
N CYS B 293 -7.44 44.62 26.12
CA CYS B 293 -7.71 44.21 24.74
C CYS B 293 -6.98 42.92 24.38
N VAL B 294 -5.76 42.75 24.89
CA VAL B 294 -5.02 41.49 24.69
C VAL B 294 -5.77 40.33 25.30
N TYR B 295 -6.28 40.51 26.52
CA TYR B 295 -7.06 39.47 27.18
C TYR B 295 -8.35 39.15 26.41
N LEU B 296 -9.04 40.19 25.92
CA LEU B 296 -10.26 39.99 25.14
C LEU B 296 -9.98 39.25 23.84
N LEU B 297 -8.89 39.60 23.16
CA LEU B 297 -8.54 38.94 21.91
C LEU B 297 -8.15 37.48 22.14
N MET B 298 -7.47 37.19 23.24
CA MET B 298 -7.13 35.81 23.58
C MET B 298 -8.40 34.99 23.89
N VAL B 299 -9.33 35.57 24.66
CA VAL B 299 -10.57 34.87 24.97
C VAL B 299 -11.40 34.63 23.71
N THR B 300 -11.39 35.59 22.78
CA THR B 300 -12.09 35.39 21.52
C THR B 300 -11.43 34.32 20.66
N MET B 301 -10.10 34.25 20.67
CA MET B 301 -9.39 33.22 19.92
C MET B 301 -9.66 31.83 20.50
N SER B 302 -9.76 31.71 21.82
CA SER B 302 -9.97 30.42 22.45
C SER B 302 -11.40 29.92 22.32
N THR B 303 -12.32 30.73 21.78
CA THR B 303 -13.75 30.43 21.69
C THR B 303 -14.36 30.11 23.06
N VAL B 304 -13.89 30.81 24.09
CA VAL B 304 -14.47 30.68 25.42
C VAL B 304 -15.64 31.63 25.55
N GLY B 305 -15.37 32.93 25.39
CA GLY B 305 -16.42 33.93 25.40
C GLY B 305 -17.06 34.14 26.75
N TYR B 306 -16.29 34.69 27.71
CA TYR B 306 -16.84 34.99 29.02
C TYR B 306 -17.91 36.07 28.95
N GLY B 307 -17.69 37.09 28.11
CA GLY B 307 -18.62 38.19 27.99
C GLY B 307 -18.44 39.29 29.00
N ASP B 308 -17.42 39.21 29.86
CA ASP B 308 -17.15 40.30 30.80
C ASP B 308 -16.70 41.56 30.07
N VAL B 309 -15.86 41.41 29.05
CA VAL B 309 -15.39 42.51 28.22
C VAL B 309 -15.57 42.10 26.77
N TYR B 310 -16.13 43.00 25.95
CA TYR B 310 -16.36 42.72 24.55
C TYR B 310 -16.30 44.04 23.79
N ALA B 311 -16.69 43.99 22.51
CA ALA B 311 -16.67 45.15 21.64
C ALA B 311 -18.04 45.80 21.58
N LYS B 312 -18.07 47.13 21.68
CA LYS B 312 -19.31 47.88 21.69
C LYS B 312 -19.48 48.82 20.51
N THR B 313 -18.40 49.23 19.85
CA THR B 313 -18.51 50.12 18.71
C THR B 313 -18.81 49.33 17.44
N THR B 314 -19.36 50.05 16.45
CA THR B 314 -19.67 49.44 15.16
C THR B 314 -18.41 48.99 14.43
N LEU B 315 -17.37 49.84 14.43
CA LEU B 315 -16.10 49.46 13.82
C LEU B 315 -15.44 48.32 14.56
N GLY B 316 -15.55 48.31 15.89
CA GLY B 316 -15.01 47.21 16.67
C GLY B 316 -15.69 45.89 16.38
N ARG B 317 -17.02 45.90 16.25
CA ARG B 317 -17.75 44.68 15.92
C ARG B 317 -17.46 44.23 14.50
N LEU B 318 -17.31 45.18 13.56
CA LEU B 318 -17.00 44.85 12.18
C LEU B 318 -15.62 44.23 12.05
N PHE B 319 -14.63 44.73 12.80
CA PHE B 319 -13.33 44.09 12.83
C PHE B 319 -13.38 42.75 13.55
N MET B 320 -14.24 42.65 14.57
CA MET B 320 -14.32 41.43 15.37
C MET B 320 -14.89 40.27 14.55
N VAL B 321 -15.81 40.56 13.63
CA VAL B 321 -16.34 39.50 12.75
C VAL B 321 -15.24 38.92 11.88
N PHE B 322 -14.41 39.79 11.28
CA PHE B 322 -13.32 39.32 10.43
C PHE B 322 -12.26 38.59 11.24
N PHE B 323 -11.98 39.06 12.47
CA PHE B 323 -11.03 38.36 13.31
C PHE B 323 -11.58 37.00 13.75
N ILE B 324 -12.88 36.92 13.98
CA ILE B 324 -13.52 35.63 14.27
C ILE B 324 -13.35 34.69 13.09
N LEU B 325 -13.47 35.22 11.86
CA LEU B 325 -13.28 34.40 10.67
C LEU B 325 -11.84 33.90 10.56
N GLY B 326 -10.85 34.74 10.88
CA GLY B 326 -9.46 34.36 10.67
C GLY B 326 -8.70 33.74 11.84
N GLY B 327 -8.69 34.44 12.98
CA GLY B 327 -7.88 34.05 14.12
C GLY B 327 -8.32 32.77 14.79
N LEU B 328 -9.59 32.36 14.62
CA LEU B 328 -10.04 31.09 15.17
C LEU B 328 -9.34 29.92 14.48
N ALA B 329 -9.32 29.92 13.15
CA ALA B 329 -8.60 28.91 12.40
C ALA B 329 -7.10 29.03 12.62
N MET B 330 -6.60 30.27 12.77
CA MET B 330 -5.21 30.49 13.16
C MET B 330 -4.84 29.77 14.45
N PHE B 331 -5.64 29.98 15.50
CA PHE B 331 -5.40 29.36 16.80
C PHE B 331 -5.46 27.85 16.71
N ALA B 332 -6.53 27.33 16.07
CA ALA B 332 -6.74 25.89 15.98
C ALA B 332 -5.67 25.20 15.15
N SER B 333 -5.08 25.89 14.18
CA SER B 333 -4.02 25.30 13.38
C SER B 333 -2.64 25.50 13.98
N TYR B 334 -2.45 26.52 14.82
CA TYR B 334 -1.12 26.86 15.29
C TYR B 334 -0.78 26.30 16.67
N VAL B 335 -1.74 26.26 17.59
CA VAL B 335 -1.43 25.83 18.97
C VAL B 335 -1.00 24.37 19.08
N PRO B 336 -1.71 23.37 18.52
CA PRO B 336 -1.20 21.99 18.64
C PRO B 336 0.08 21.76 17.86
N GLU B 337 0.29 22.46 16.74
CA GLU B 337 1.52 22.34 15.99
C GLU B 337 2.72 22.83 16.80
N ILE B 338 2.56 23.97 17.48
CA ILE B 338 3.62 24.49 18.35
C ILE B 338 3.86 23.55 19.52
N ILE B 339 2.78 23.01 20.10
CA ILE B 339 2.90 22.10 21.25
C ILE B 339 3.67 20.83 20.85
N GLU B 340 3.34 20.25 19.70
CA GLU B 340 4.04 19.06 19.25
C GLU B 340 5.43 19.37 18.70
N LEU B 341 5.70 20.61 18.28
CA LEU B 341 7.05 20.99 17.87
C LEU B 341 7.97 21.20 19.05
N ILE B 342 7.42 21.60 20.21
CA ILE B 342 8.22 21.62 21.43
C ILE B 342 8.65 20.20 21.80
N GLY B 343 7.71 19.26 21.75
CA GLY B 343 8.05 17.87 21.97
C GLY B 343 8.20 17.53 23.44
N ASN B 344 8.71 16.31 23.67
CA ASN B 344 8.93 15.80 25.00
C ASN B 344 10.42 15.53 25.20
N ARG B 345 10.86 15.64 26.46
CA ARG B 345 12.25 15.38 26.80
C ARG B 345 12.56 13.89 26.64
N LYS B 346 13.77 13.60 26.14
CA LYS B 346 14.19 12.22 25.99
C LYS B 346 14.43 11.58 27.35
N LYS B 347 14.21 10.27 27.42
CA LYS B 347 14.19 9.55 28.68
C LYS B 347 15.36 8.61 28.88
N TYR B 348 15.97 8.13 27.81
CA TYR B 348 17.06 7.15 27.89
C TYR B 348 18.27 7.62 27.09
N GLY B 349 18.61 8.89 27.21
CA GLY B 349 19.75 9.44 26.49
C GLY B 349 20.98 9.62 27.34
N GLY B 350 21.00 9.00 28.51
CA GLY B 350 22.09 9.14 29.46
C GLY B 350 23.25 8.21 29.17
N SER B 351 24.11 8.07 30.17
CA SER B 351 25.30 7.23 30.09
C SER B 351 25.35 6.30 31.29
N TYR B 352 26.03 5.18 31.12
CA TYR B 352 26.21 4.21 32.19
C TYR B 352 27.43 4.57 33.04
N SER B 353 27.27 4.47 34.35
CA SER B 353 28.35 4.73 35.30
C SER B 353 28.80 3.42 35.90
N ALA B 354 30.09 3.12 35.75
CA ALA B 354 30.64 1.85 36.23
C ALA B 354 30.71 1.84 37.75
N VAL B 355 30.48 0.67 38.34
CA VAL B 355 30.51 0.47 39.78
C VAL B 355 31.73 -0.37 40.12
N SER B 356 32.53 0.11 41.07
CA SER B 356 33.73 -0.60 41.48
C SER B 356 33.36 -1.88 42.22
N GLY B 357 34.02 -2.98 41.85
CA GLY B 357 33.75 -4.27 42.47
C GLY B 357 32.57 -5.02 41.89
N ARG B 358 31.95 -4.51 40.83
CA ARG B 358 30.80 -5.15 40.21
C ARG B 358 30.93 -5.08 38.71
N LYS B 359 30.82 -6.23 38.04
CA LYS B 359 30.91 -6.30 36.59
C LYS B 359 29.53 -6.16 35.97
N HIS B 360 29.51 -5.93 34.65
CA HIS B 360 28.27 -5.74 33.93
C HIS B 360 28.42 -6.30 32.52
N ILE B 361 27.27 -6.60 31.90
CA ILE B 361 27.21 -7.12 30.54
C ILE B 361 26.28 -6.23 29.73
N VAL B 362 26.45 -6.28 28.41
CA VAL B 362 25.64 -5.51 27.47
C VAL B 362 24.84 -6.48 26.61
N VAL B 363 23.53 -6.26 26.53
CA VAL B 363 22.63 -7.10 25.76
C VAL B 363 22.04 -6.25 24.63
N CYS B 364 22.15 -6.74 23.40
CA CYS B 364 21.64 -6.04 22.23
C CYS B 364 20.99 -7.04 21.29
N GLY B 365 20.48 -6.55 20.17
CA GLY B 365 19.87 -7.41 19.17
C GLY B 365 18.36 -7.33 19.13
N HIS B 366 17.70 -8.48 19.31
CA HIS B 366 16.24 -8.55 19.28
C HIS B 366 15.72 -8.31 20.69
N ILE B 367 15.35 -7.07 20.98
CA ILE B 367 14.90 -6.66 22.30
C ILE B 367 13.39 -6.47 22.24
N THR B 368 12.65 -7.48 22.67
CA THR B 368 11.20 -7.40 22.82
C THR B 368 10.85 -7.80 24.24
N LEU B 369 9.56 -7.63 24.59
CA LEU B 369 9.11 -7.93 25.94
C LEU B 369 9.25 -9.41 26.27
N GLU B 370 8.87 -10.29 25.32
CA GLU B 370 9.00 -11.72 25.54
C GLU B 370 10.46 -12.15 25.66
N SER B 371 11.32 -11.59 24.80
CA SER B 371 12.74 -11.94 24.83
C SER B 371 13.40 -11.48 26.13
N VAL B 372 13.10 -10.26 26.59
CA VAL B 372 13.68 -9.77 27.83
C VAL B 372 13.15 -10.54 29.03
N SER B 373 11.85 -10.90 29.03
CA SER B 373 11.30 -11.69 30.12
C SER B 373 11.93 -13.07 30.18
N ASN B 374 12.06 -13.74 29.03
CA ASN B 374 12.66 -15.07 28.99
C ASN B 374 14.15 -15.03 29.34
N PHE B 375 14.84 -13.96 28.98
CA PHE B 375 16.25 -13.84 29.35
C PHE B 375 16.42 -13.61 30.85
N LEU B 376 15.61 -12.71 31.41
CA LEU B 376 15.75 -12.37 32.83
C LEU B 376 15.29 -13.50 33.74
N LYS B 377 14.28 -14.27 33.31
CA LYS B 377 13.80 -15.40 34.12
C LYS B 377 14.88 -16.46 34.29
N ASP B 378 15.76 -16.61 33.31
CA ASP B 378 16.86 -17.55 33.41
C ASP B 378 18.11 -16.94 34.02
N PHE B 379 18.36 -15.65 33.76
CA PHE B 379 19.59 -15.02 34.24
C PHE B 379 19.51 -14.73 35.73
N LEU B 380 18.36 -14.28 36.22
CA LEU B 380 18.19 -13.90 37.62
C LEU B 380 17.51 -14.98 38.45
N HIS B 381 17.75 -16.25 38.12
CA HIS B 381 17.15 -17.34 38.87
C HIS B 381 17.82 -17.50 40.22
N LYS B 382 17.05 -17.97 41.20
CA LYS B 382 17.52 -18.08 42.56
C LYS B 382 18.43 -19.28 42.79
N ASP B 383 18.48 -20.23 41.85
CA ASP B 383 19.35 -21.39 42.00
C ASP B 383 20.80 -21.10 41.65
N ARG B 384 21.11 -19.95 41.05
CA ARG B 384 22.49 -19.59 40.76
C ARG B 384 23.20 -19.15 42.04
N ASP B 385 24.52 -19.09 41.96
CA ASP B 385 25.37 -18.83 43.12
C ASP B 385 25.14 -17.45 43.72
N ASP B 386 25.53 -16.40 42.98
CA ASP B 386 25.32 -15.03 43.43
C ASP B 386 25.38 -14.15 42.19
N VAL B 387 24.20 -13.68 41.72
CA VAL B 387 24.16 -12.86 40.52
C VAL B 387 24.51 -11.43 40.90
N ASN B 388 25.80 -11.10 40.80
CA ASN B 388 26.30 -9.75 41.05
C ASN B 388 26.56 -8.99 39.75
N VAL B 389 26.10 -9.51 38.63
CA VAL B 389 26.34 -8.91 37.32
C VAL B 389 25.14 -8.06 36.94
N GLU B 390 25.39 -6.82 36.54
CA GLU B 390 24.33 -5.92 36.10
C GLU B 390 24.10 -6.07 34.61
N ILE B 391 22.84 -5.95 34.20
CA ILE B 391 22.43 -6.11 32.80
C ILE B 391 22.14 -4.74 32.22
N VAL B 392 22.77 -4.43 31.09
CA VAL B 392 22.58 -3.17 30.39
C VAL B 392 22.05 -3.48 29.00
N PHE B 393 20.93 -2.85 28.63
CA PHE B 393 20.31 -3.05 27.33
C PHE B 393 20.60 -1.86 26.43
N LEU B 394 20.83 -2.14 25.15
CA LEU B 394 21.07 -1.11 24.14
C LEU B 394 20.22 -1.42 22.92
N HIS B 395 19.15 -0.64 22.72
CA HIS B 395 18.25 -0.81 21.60
C HIS B 395 17.89 0.56 21.05
N ASN B 396 17.59 0.60 19.75
CA ASN B 396 17.29 1.85 19.06
C ASN B 396 15.81 2.21 19.07
N ILE B 397 14.97 1.41 19.74
CA ILE B 397 13.54 1.64 19.81
C ILE B 397 13.15 1.80 21.26
N SER B 398 12.40 2.86 21.57
CA SER B 398 11.96 3.10 22.94
C SER B 398 10.97 2.01 23.37
N PRO B 399 11.08 1.52 24.61
CA PRO B 399 10.19 0.46 25.06
C PRO B 399 8.76 0.95 25.25
N ASN B 400 7.82 0.01 25.15
CA ASN B 400 6.42 0.31 25.40
C ASN B 400 6.15 0.25 26.90
N LEU B 401 4.87 0.35 27.27
CA LEU B 401 4.50 0.44 28.68
C LEU B 401 4.73 -0.87 29.42
N GLU B 402 4.50 -2.02 28.77
CA GLU B 402 4.74 -3.31 29.41
C GLU B 402 6.23 -3.54 29.67
N LEU B 403 7.07 -3.21 28.69
CA LEU B 403 8.51 -3.35 28.88
C LEU B 403 9.03 -2.36 29.91
N GLU B 404 8.45 -1.15 29.95
CA GLU B 404 8.82 -0.18 30.98
C GLU B 404 8.42 -0.67 32.37
N ALA B 405 7.25 -1.31 32.48
CA ALA B 405 6.83 -1.87 33.76
C ALA B 405 7.73 -3.03 34.19
N LEU B 406 8.16 -3.86 33.23
CA LEU B 406 9.11 -4.92 33.55
C LEU B 406 10.45 -4.36 34.01
N PHE B 407 10.93 -3.31 33.35
CA PHE B 407 12.17 -2.66 33.77
C PHE B 407 12.03 -1.99 35.13
N LYS B 408 10.85 -1.48 35.45
CA LYS B 408 10.60 -0.94 36.79
C LYS B 408 10.57 -2.04 37.83
N ARG B 409 10.02 -3.20 37.48
CA ARG B 409 10.01 -4.34 38.39
C ARG B 409 11.42 -4.83 38.69
N HIS B 410 12.28 -4.87 37.67
CA HIS B 410 13.69 -5.14 37.87
C HIS B 410 14.46 -3.82 37.93
N PHE B 411 14.29 -3.13 39.06
CA PHE B 411 14.76 -1.75 39.18
C PHE B 411 16.26 -1.68 39.41
N THR B 412 16.77 -2.42 40.38
CA THR B 412 18.18 -2.33 40.75
C THR B 412 19.05 -3.32 39.99
N GLN B 413 18.49 -4.09 39.07
CA GLN B 413 19.23 -5.12 38.36
C GLN B 413 19.51 -4.80 36.90
N VAL B 414 18.56 -4.20 36.19
CA VAL B 414 18.73 -3.93 34.76
C VAL B 414 18.67 -2.44 34.51
N GLU B 415 19.28 -2.03 33.40
CA GLU B 415 19.26 -0.65 32.92
C GLU B 415 18.98 -0.66 31.43
N PHE B 416 18.44 0.45 30.93
CA PHE B 416 18.15 0.61 29.51
C PHE B 416 18.72 1.93 29.02
N TYR B 417 19.37 1.89 27.86
CA TYR B 417 19.87 3.09 27.20
C TYR B 417 19.57 2.97 25.71
N GLN B 418 19.12 4.07 25.12
CA GLN B 418 18.68 4.06 23.72
C GLN B 418 19.83 4.47 22.81
N GLY B 419 20.14 3.62 21.84
CA GLY B 419 21.23 3.89 20.93
C GLY B 419 21.37 2.75 19.94
N SER B 420 22.40 2.86 19.11
CA SER B 420 22.67 1.89 18.06
C SER B 420 23.99 1.18 18.34
N VAL B 421 24.03 -0.12 18.02
CA VAL B 421 25.26 -0.89 18.20
C VAL B 421 26.32 -0.46 17.21
N LEU B 422 25.92 0.03 16.03
CA LEU B 422 26.86 0.49 15.02
C LEU B 422 27.42 1.87 15.31
N ASN B 423 26.95 2.53 16.37
CA ASN B 423 27.41 3.87 16.70
C ASN B 423 28.48 3.79 17.76
N PRO B 424 29.72 4.21 17.46
CA PRO B 424 30.78 4.17 18.48
C PRO B 424 30.52 5.08 19.66
N HIS B 425 29.80 6.19 19.46
CA HIS B 425 29.44 7.05 20.60
C HIS B 425 28.50 6.33 21.55
N ASP B 426 27.52 5.60 21.01
CA ASP B 426 26.62 4.82 21.87
C ASP B 426 27.37 3.65 22.52
N LEU B 427 28.33 3.06 21.80
CA LEU B 427 29.14 1.98 22.37
C LEU B 427 30.00 2.49 23.54
N ALA B 428 30.52 3.71 23.43
CA ALA B 428 31.21 4.32 24.56
C ALA B 428 30.23 4.74 25.64
N ARG B 429 28.99 5.05 25.26
CA ARG B 429 27.98 5.42 26.25
C ARG B 429 27.60 4.25 27.15
N VAL B 430 27.51 3.03 26.59
CA VAL B 430 27.17 1.87 27.40
C VAL B 430 28.38 1.27 28.11
N LYS B 431 29.57 1.86 27.95
CA LYS B 431 30.82 1.42 28.58
C LYS B 431 31.14 -0.04 28.22
N ILE B 432 31.21 -0.30 26.92
CA ILE B 432 31.47 -1.66 26.45
C ILE B 432 32.94 -2.05 26.64
N GLU B 433 33.83 -1.07 26.80
CA GLU B 433 35.24 -1.37 27.02
C GLU B 433 35.52 -1.94 28.40
N SER B 434 34.57 -1.84 29.34
CA SER B 434 34.71 -2.44 30.66
C SER B 434 33.69 -3.55 30.90
N ALA B 435 32.85 -3.87 29.93
CA ALA B 435 31.85 -4.91 30.10
C ALA B 435 32.50 -6.29 30.11
N ASP B 436 31.89 -7.21 30.86
CA ASP B 436 32.40 -8.57 30.94
C ASP B 436 32.16 -9.32 29.62
N ALA B 437 30.97 -9.18 29.05
CA ALA B 437 30.64 -9.85 27.80
C ALA B 437 29.54 -9.08 27.09
N CYS B 438 29.38 -9.36 25.80
CA CYS B 438 28.32 -8.79 24.99
C CYS B 438 27.44 -9.91 24.47
N LEU B 439 26.13 -9.79 24.70
CA LEU B 439 25.17 -10.81 24.32
C LEU B 439 24.26 -10.26 23.22
N ILE B 440 24.13 -10.99 22.12
CA ILE B 440 23.33 -10.57 20.99
C ILE B 440 22.19 -11.56 20.80
N LEU B 441 20.96 -11.08 20.91
CA LEU B 441 19.77 -11.87 20.65
C LEU B 441 19.42 -11.79 19.17
N ALA B 442 18.84 -12.87 18.65
CA ALA B 442 18.52 -12.97 17.24
C ALA B 442 17.03 -13.25 17.04
N ASN B 443 16.48 -12.74 15.95
CA ASN B 443 15.10 -13.00 15.56
C ASN B 443 15.05 -14.37 14.90
N LYS B 444 14.68 -15.38 15.68
CA LYS B 444 14.72 -16.75 15.21
C LYS B 444 13.58 -17.09 14.26
N TYR B 445 12.54 -16.26 14.20
CA TYR B 445 11.38 -16.51 13.34
C TYR B 445 11.35 -15.58 12.13
N CYS B 446 12.53 -15.19 11.64
CA CYS B 446 12.61 -14.35 10.45
C CYS B 446 12.28 -15.15 9.20
N ALA B 447 11.64 -14.48 8.24
CA ALA B 447 11.31 -15.13 6.97
C ALA B 447 12.59 -15.42 6.16
N ASP B 448 13.54 -14.50 6.20
CA ASP B 448 14.82 -14.68 5.50
C ASP B 448 15.93 -14.81 6.53
N PRO B 449 16.44 -16.02 6.79
CA PRO B 449 17.48 -16.19 7.82
C PRO B 449 18.84 -15.61 7.42
N ASP B 450 19.07 -15.32 6.14
CA ASP B 450 20.37 -14.80 5.72
C ASP B 450 20.54 -13.34 6.10
N ALA B 451 19.47 -12.54 6.02
CA ALA B 451 19.55 -11.12 6.36
C ALA B 451 19.80 -10.93 7.86
N GLU B 452 19.15 -11.74 8.70
CA GLU B 452 19.36 -11.65 10.14
C GLU B 452 20.79 -12.04 10.52
N ASP B 453 21.33 -13.08 9.86
CA ASP B 453 22.71 -13.47 10.10
C ASP B 453 23.68 -12.40 9.63
N ALA B 454 23.38 -11.76 8.50
CA ALA B 454 24.23 -10.67 8.02
C ALA B 454 24.21 -9.48 8.98
N SER B 455 23.03 -9.16 9.52
CA SER B 455 22.93 -8.07 10.49
C SER B 455 23.69 -8.40 11.77
N ASN B 456 23.60 -9.64 12.23
CA ASN B 456 24.33 -10.04 13.44
C ASN B 456 25.85 -10.03 13.20
N ILE B 457 26.28 -10.43 12.00
CA ILE B 457 27.69 -10.39 11.65
C ILE B 457 28.17 -8.94 11.61
N MET B 458 27.34 -8.03 11.08
CA MET B 458 27.69 -6.61 11.07
C MET B 458 27.79 -6.04 12.48
N ARG B 459 26.88 -6.46 13.37
CA ARG B 459 26.97 -6.03 14.76
C ARG B 459 28.24 -6.53 15.44
N VAL B 460 28.61 -7.80 15.19
CA VAL B 460 29.83 -8.36 15.75
C VAL B 460 31.06 -7.62 15.20
N ILE B 461 31.03 -7.27 13.92
CA ILE B 461 32.11 -6.52 13.29
C ILE B 461 32.25 -5.15 13.94
N SER B 462 31.12 -4.47 14.19
CA SER B 462 31.17 -3.15 14.83
C SER B 462 31.71 -3.22 16.25
N ILE B 463 31.26 -4.22 17.02
CA ILE B 463 31.70 -4.36 18.40
C ILE B 463 33.18 -4.70 18.47
N LYS B 464 33.65 -5.62 17.61
CA LYS B 464 35.06 -5.97 17.60
C LYS B 464 35.93 -4.87 17.02
N ASN B 465 35.36 -4.02 16.17
CA ASN B 465 36.11 -2.87 15.66
C ASN B 465 36.29 -1.82 16.74
N TYR B 466 35.26 -1.57 17.55
CA TYR B 466 35.41 -0.63 18.66
C TYR B 466 36.32 -1.18 19.75
N HIS B 467 36.13 -2.43 20.14
CA HIS B 467 36.94 -3.06 21.17
C HIS B 467 37.25 -4.49 20.78
N PRO B 468 38.49 -4.80 20.41
CA PRO B 468 38.82 -6.13 19.89
C PRO B 468 38.97 -7.21 20.95
N LYS B 469 38.90 -6.88 22.24
CA LYS B 469 39.16 -7.84 23.31
C LYS B 469 37.97 -7.98 24.24
N ILE B 470 36.77 -8.11 23.67
CA ILE B 470 35.55 -8.28 24.44
C ILE B 470 34.94 -9.62 24.08
N ARG B 471 34.42 -10.32 25.10
CA ARG B 471 33.73 -11.59 24.88
C ARG B 471 32.38 -11.35 24.21
N ILE B 472 32.09 -12.13 23.17
CA ILE B 472 30.85 -11.98 22.41
C ILE B 472 30.17 -13.33 22.32
N ILE B 473 28.92 -13.40 22.80
CA ILE B 473 28.09 -14.59 22.64
C ILE B 473 26.90 -14.20 21.78
N THR B 474 26.79 -14.85 20.62
CA THR B 474 25.77 -14.51 19.63
C THR B 474 25.01 -15.76 19.22
N GLN B 475 23.91 -15.54 18.50
CA GLN B 475 23.05 -16.61 18.00
C GLN B 475 23.05 -16.58 16.48
N MET B 476 23.23 -17.74 15.86
CA MET B 476 23.21 -17.87 14.41
C MET B 476 22.07 -18.80 13.99
N LEU B 477 21.46 -18.51 12.84
CA LEU B 477 20.35 -19.29 12.34
C LEU B 477 20.76 -20.35 11.32
N GLN B 478 21.79 -20.08 10.53
CA GLN B 478 22.25 -21.01 9.50
C GLN B 478 23.71 -21.36 9.74
N TYR B 479 24.07 -22.59 9.36
CA TYR B 479 25.41 -23.10 9.63
C TYR B 479 26.48 -22.48 8.72
N HIS B 480 26.11 -22.14 7.48
CA HIS B 480 27.11 -21.61 6.54
C HIS B 480 27.52 -20.18 6.87
N ASN B 481 26.72 -19.47 7.67
CA ASN B 481 27.12 -18.14 8.13
C ASN B 481 28.06 -18.18 9.33
N LYS B 482 28.07 -19.29 10.07
CA LYS B 482 28.98 -19.44 11.20
C LYS B 482 30.43 -19.53 10.73
N ALA B 483 30.67 -20.12 9.56
CA ALA B 483 32.01 -20.15 8.99
C ALA B 483 32.51 -18.76 8.64
N HIS B 484 31.63 -17.91 8.11
CA HIS B 484 31.99 -16.51 7.85
C HIS B 484 32.21 -15.75 9.15
N LEU B 485 31.40 -16.06 10.18
CA LEU B 485 31.57 -15.40 11.47
C LEU B 485 32.89 -15.76 12.14
N LEU B 486 33.32 -17.02 12.00
CA LEU B 486 34.54 -17.48 12.65
C LEU B 486 35.81 -16.96 11.98
N ASN B 487 35.71 -16.32 10.82
CA ASN B 487 36.86 -15.82 10.09
C ASN B 487 37.15 -14.34 10.39
N ILE B 488 36.45 -13.75 11.35
CA ILE B 488 36.73 -12.38 11.78
C ILE B 488 38.10 -12.34 12.43
N PRO B 489 38.93 -11.32 12.16
CA PRO B 489 40.31 -11.30 12.70
C PRO B 489 40.40 -11.33 14.23
N SER B 490 39.48 -10.67 14.92
CA SER B 490 39.50 -10.62 16.37
C SER B 490 38.66 -11.72 17.01
N TRP B 491 37.98 -12.54 16.21
CA TRP B 491 37.19 -13.64 16.74
C TRP B 491 38.10 -14.82 17.04
N ASN B 492 38.43 -15.01 18.31
CA ASN B 492 39.19 -16.18 18.74
C ASN B 492 38.32 -16.98 19.71
N TRP B 493 38.20 -18.27 19.46
CA TRP B 493 37.33 -19.14 20.24
C TRP B 493 38.08 -19.99 21.25
N LYS B 494 39.42 -19.85 21.33
CA LYS B 494 40.15 -20.49 22.41
C LYS B 494 39.78 -19.86 23.75
N GLU B 495 39.61 -18.54 23.77
CA GLU B 495 39.02 -17.85 24.91
C GLU B 495 37.49 -17.86 24.74
N GLY B 496 36.80 -17.06 25.54
CA GLY B 496 35.35 -17.02 25.44
C GLY B 496 34.83 -16.28 24.23
N ASP B 497 34.33 -17.02 23.24
CA ASP B 497 33.61 -16.43 22.10
C ASP B 497 32.73 -17.53 21.53
N ASP B 498 31.44 -17.47 21.83
CA ASP B 498 30.49 -18.54 21.50
C ASP B 498 29.55 -18.08 20.41
N ALA B 499 29.36 -18.93 19.40
CA ALA B 499 28.39 -18.71 18.34
C ALA B 499 27.40 -19.87 18.37
N ILE B 500 26.23 -19.64 18.95
CA ILE B 500 25.23 -20.70 19.12
C ILE B 500 24.44 -20.82 17.84
N CYS B 501 24.67 -21.91 17.10
CA CYS B 501 23.94 -22.18 15.86
C CYS B 501 22.69 -22.98 16.20
N LEU B 502 21.52 -22.45 15.84
CA LEU B 502 20.27 -23.09 16.20
C LEU B 502 20.00 -24.33 15.36
N ALA B 503 20.27 -24.25 14.05
CA ALA B 503 20.00 -25.37 13.16
C ALA B 503 20.90 -26.56 13.46
N GLU B 504 22.20 -26.30 13.68
CA GLU B 504 23.15 -27.36 13.98
C GLU B 504 22.80 -28.06 15.29
N LEU B 505 22.48 -27.28 16.32
CA LEU B 505 22.16 -27.86 17.62
C LEU B 505 20.84 -28.61 17.59
N LYS B 506 19.82 -28.06 16.91
CA LYS B 506 18.54 -28.74 16.81
C LYS B 506 18.64 -30.06 16.05
N LEU B 507 19.38 -30.05 14.93
CA LEU B 507 19.54 -31.28 14.16
C LEU B 507 20.42 -32.29 14.89
N GLY B 508 21.41 -31.82 15.67
CA GLY B 508 22.17 -32.74 16.50
C GLY B 508 21.34 -33.37 17.60
N PHE B 509 20.45 -32.58 18.20
CA PHE B 509 19.53 -33.11 19.20
C PHE B 509 18.62 -34.17 18.61
N ILE B 510 18.08 -33.90 17.42
CA ILE B 510 17.21 -34.88 16.75
C ILE B 510 17.99 -36.13 16.36
N ALA B 511 19.21 -35.96 15.83
CA ALA B 511 20.01 -37.11 15.40
C ALA B 511 20.43 -37.98 16.57
N GLN B 512 20.78 -37.39 17.71
CA GLN B 512 21.07 -38.19 18.89
C GLN B 512 19.82 -38.75 19.55
N SER B 513 18.66 -38.15 19.31
CA SER B 513 17.41 -38.78 19.72
C SER B 513 17.02 -39.95 18.84
N CYS B 514 17.54 -40.00 17.61
CA CYS B 514 17.33 -41.17 16.76
C CYS B 514 18.03 -42.41 17.30
N LEU B 515 19.06 -42.25 18.13
CA LEU B 515 19.74 -43.38 18.76
C LEU B 515 19.18 -43.72 20.13
N ALA B 516 18.61 -42.74 20.83
CA ALA B 516 17.99 -42.97 22.13
C ALA B 516 16.88 -41.95 22.31
N GLN B 517 15.63 -42.41 22.34
CA GLN B 517 14.48 -41.53 22.39
C GLN B 517 14.41 -40.79 23.72
N GLY B 518 13.96 -39.53 23.65
CA GLY B 518 13.87 -38.68 24.82
C GLY B 518 15.13 -37.92 25.17
N LEU B 519 16.21 -38.14 24.41
CA LEU B 519 17.48 -37.48 24.73
C LEU B 519 17.43 -35.98 24.46
N SER B 520 16.69 -35.55 23.44
CA SER B 520 16.54 -34.12 23.18
C SER B 520 15.86 -33.41 24.33
N THR B 521 14.80 -33.99 24.87
CA THR B 521 14.10 -33.38 26.00
C THR B 521 14.93 -33.46 27.28
N MET B 522 15.67 -34.57 27.45
CA MET B 522 16.55 -34.69 28.61
C MET B 522 17.66 -33.64 28.58
N LEU B 523 18.23 -33.39 27.40
CA LEU B 523 19.26 -32.37 27.27
C LEU B 523 18.69 -30.97 27.42
N ALA B 524 17.51 -30.71 26.84
CA ALA B 524 16.90 -29.40 26.91
C ALA B 524 16.43 -29.06 28.32
N ASN B 525 16.03 -30.05 29.11
CA ASN B 525 15.66 -29.79 30.49
C ASN B 525 16.87 -29.60 31.40
N LEU B 526 18.07 -29.91 30.94
CA LEU B 526 19.27 -29.72 31.73
C LEU B 526 19.80 -28.29 31.70
N PHE B 527 19.29 -27.45 30.80
CA PHE B 527 19.75 -26.06 30.70
C PHE B 527 18.69 -25.03 31.06
N SER B 528 17.41 -25.40 31.02
CA SER B 528 16.37 -24.53 31.55
C SER B 528 16.44 -24.56 33.08
N MET B 529 16.47 -23.38 33.68
CA MET B 529 16.80 -23.23 35.10
C MET B 529 15.50 -23.32 35.92
N ARG B 530 15.27 -24.46 36.56
CA ARG B 530 14.03 -24.72 37.26
C ARG B 530 14.31 -25.13 38.70
N SER B 531 13.24 -25.20 39.49
CA SER B 531 13.29 -25.60 40.89
C SER B 531 12.52 -26.90 41.09
N PHE B 532 12.43 -27.32 42.35
CA PHE B 532 11.73 -28.55 42.71
C PHE B 532 10.24 -28.25 42.89
N ILE B 533 9.40 -28.98 42.18
CA ILE B 533 7.95 -28.92 42.33
C ILE B 533 7.50 -30.27 42.87
N LYS B 534 7.00 -30.27 44.10
CA LYS B 534 6.59 -31.51 44.76
C LYS B 534 5.11 -31.77 44.50
N ILE B 535 4.82 -32.98 44.04
CA ILE B 535 3.45 -33.40 43.72
C ILE B 535 3.07 -34.52 44.67
N GLU B 536 1.95 -34.36 45.38
CA GLU B 536 1.57 -35.31 46.41
C GLU B 536 1.06 -36.62 45.82
N GLU B 537 0.26 -36.55 44.77
CA GLU B 537 -0.30 -37.75 44.18
C GLU B 537 0.77 -38.53 43.42
N ASP B 538 0.64 -39.86 43.41
CA ASP B 538 1.62 -40.73 42.79
C ASP B 538 1.28 -40.88 41.32
N THR B 539 1.82 -39.98 40.50
CA THR B 539 1.65 -40.00 39.05
C THR B 539 3.01 -39.93 38.39
N TRP B 540 3.00 -39.92 37.04
CA TRP B 540 4.24 -39.80 36.29
C TRP B 540 4.81 -38.39 36.35
N GLN B 541 3.95 -37.38 36.60
CA GLN B 541 4.41 -36.01 36.61
C GLN B 541 5.33 -35.72 37.80
N LYS B 542 5.11 -36.38 38.93
CA LYS B 542 5.99 -36.22 40.07
C LYS B 542 7.39 -36.75 39.76
N TYR B 543 7.48 -37.91 39.12
CA TYR B 543 8.79 -38.47 38.77
C TYR B 543 9.45 -37.68 37.64
N TYR B 544 8.64 -37.07 36.76
CA TYR B 544 9.20 -36.21 35.73
C TYR B 544 9.78 -34.93 36.33
N LEU B 545 9.00 -34.26 37.20
CA LEU B 545 9.44 -33.00 37.79
C LEU B 545 10.54 -33.21 38.82
N GLU B 546 10.74 -34.44 39.31
CA GLU B 546 11.92 -34.74 40.12
C GLU B 546 13.20 -34.60 39.30
N GLY B 547 13.16 -35.02 38.04
CA GLY B 547 14.32 -34.94 37.17
C GLY B 547 14.44 -33.63 36.40
N VAL B 548 13.34 -32.88 36.29
CA VAL B 548 13.40 -31.57 35.65
C VAL B 548 14.27 -30.60 36.45
N SER B 549 14.23 -30.70 37.78
CA SER B 549 14.87 -29.72 38.66
C SER B 549 16.40 -29.74 38.59
N ASN B 550 17.00 -30.74 37.96
CA ASN B 550 18.45 -30.84 37.86
C ASN B 550 18.97 -30.02 36.68
N GLU B 551 20.14 -29.42 36.85
CA GLU B 551 20.82 -28.67 35.80
C GLU B 551 22.27 -29.15 35.72
N MET B 552 23.03 -28.56 34.80
CA MET B 552 24.41 -28.94 34.54
C MET B 552 25.32 -27.81 34.99
N TYR B 553 26.34 -28.15 35.78
CA TYR B 553 27.24 -27.17 36.37
C TYR B 553 28.69 -27.59 36.15
N THR B 554 29.57 -26.58 36.16
CA THR B 554 31.01 -26.79 36.01
C THR B 554 31.73 -26.38 37.29
N GLU B 555 32.77 -27.14 37.63
CA GLU B 555 33.56 -26.86 38.82
C GLU B 555 34.94 -27.49 38.67
N TYR B 556 35.96 -26.78 39.15
CA TYR B 556 37.29 -27.36 39.22
C TYR B 556 37.33 -28.47 40.27
N LEU B 557 38.02 -29.56 39.95
CA LEU B 557 38.11 -30.68 40.86
C LEU B 557 39.04 -30.36 42.03
N SER B 558 38.84 -31.08 43.13
CA SER B 558 39.64 -30.87 44.32
C SER B 558 41.05 -31.42 44.12
N SER B 559 41.94 -31.06 45.04
CA SER B 559 43.33 -31.50 45.00
C SER B 559 43.52 -32.91 45.53
N ALA B 560 42.47 -33.55 46.05
CA ALA B 560 42.61 -34.92 46.54
C ALA B 560 42.78 -35.91 45.40
N PHE B 561 42.07 -35.70 44.29
CA PHE B 561 42.12 -36.62 43.16
C PHE B 561 43.30 -36.27 42.26
N VAL B 562 44.42 -36.96 42.48
CA VAL B 562 45.60 -36.79 41.64
C VAL B 562 45.87 -38.09 40.89
N GLY B 563 46.14 -39.16 41.63
CA GLY B 563 46.40 -40.46 41.04
C GLY B 563 45.18 -41.30 40.76
N LEU B 564 44.00 -40.85 41.17
CA LEU B 564 42.78 -41.62 40.97
C LEU B 564 42.33 -41.56 39.52
N SER B 565 41.79 -42.67 39.03
CA SER B 565 41.25 -42.75 37.69
C SER B 565 39.84 -42.19 37.64
N PHE B 566 39.38 -41.86 36.43
CA PHE B 566 38.06 -41.28 36.25
C PHE B 566 36.90 -42.15 36.74
N PRO B 567 36.85 -43.48 36.51
CA PRO B 567 35.77 -44.26 37.16
C PRO B 567 35.82 -44.22 38.68
N THR B 568 37.01 -44.18 39.27
CA THR B 568 37.12 -44.10 40.73
C THR B 568 36.60 -42.76 41.23
N VAL B 569 36.97 -41.65 40.56
CA VAL B 569 36.50 -40.33 40.96
C VAL B 569 34.98 -40.23 40.79
N CYS B 570 34.45 -40.78 39.69
CA CYS B 570 33.01 -40.74 39.46
C CYS B 570 32.25 -41.55 40.49
N GLU B 571 32.73 -42.76 40.82
CA GLU B 571 32.07 -43.59 41.81
C GLU B 571 32.12 -42.96 43.20
N LEU B 572 33.27 -42.39 43.57
CA LEU B 572 33.38 -41.70 44.85
C LEU B 572 32.45 -40.49 44.91
N CYS B 573 32.41 -39.70 43.83
CA CYS B 573 31.55 -38.52 43.78
C CYS B 573 30.08 -38.90 43.93
N PHE B 574 29.65 -39.93 43.19
CA PHE B 574 28.27 -40.42 43.31
C PHE B 574 27.97 -40.88 44.73
N VAL B 575 28.71 -41.88 45.22
CA VAL B 575 28.36 -42.56 46.47
C VAL B 575 28.43 -41.62 47.66
N LYS B 576 29.48 -40.80 47.77
CA LYS B 576 29.55 -39.91 48.92
C LYS B 576 28.82 -38.58 48.65
N LEU B 577 29.22 -37.84 47.61
CA LEU B 577 28.75 -36.47 47.46
C LEU B 577 27.38 -36.36 46.81
N LYS B 578 26.78 -37.49 46.37
CA LYS B 578 25.49 -37.50 45.68
C LYS B 578 25.47 -36.58 44.47
N LEU B 579 26.55 -36.62 43.69
CA LEU B 579 26.70 -35.80 42.49
C LEU B 579 27.03 -36.69 41.31
N LEU B 580 26.46 -36.36 40.15
CA LEU B 580 26.71 -37.10 38.91
C LEU B 580 27.72 -36.33 38.08
N MET B 581 28.86 -36.94 37.80
CA MET B 581 29.96 -36.31 37.08
C MET B 581 30.15 -37.05 35.76
N ILE B 582 30.11 -36.32 34.65
CA ILE B 582 30.00 -36.97 33.35
C ILE B 582 31.23 -36.72 32.47
N ALA B 583 31.91 -35.60 32.65
CA ALA B 583 33.00 -35.25 31.76
C ALA B 583 33.99 -34.33 32.47
N ILE B 584 35.20 -34.26 31.91
CA ILE B 584 36.27 -33.40 32.38
C ILE B 584 36.81 -32.60 31.19
N GLU B 585 37.85 -31.81 31.47
CA GLU B 585 38.57 -31.06 30.43
C GLU B 585 40.05 -31.43 30.56
N TYR B 586 40.49 -32.35 29.70
CA TYR B 586 41.87 -32.81 29.72
C TYR B 586 42.82 -31.76 29.15
N SER B 593 43.99 -28.24 24.86
CA SER B 593 42.79 -28.49 25.65
C SER B 593 41.77 -29.31 24.87
N ARG B 594 41.16 -30.29 25.55
CA ARG B 594 40.17 -31.15 24.93
C ARG B 594 39.23 -31.65 26.01
N ILE B 595 37.94 -31.74 25.67
CA ILE B 595 36.91 -32.26 26.57
C ILE B 595 36.71 -33.72 26.24
N LEU B 596 36.85 -34.58 27.24
CA LEU B 596 36.66 -36.03 27.09
C LEU B 596 35.43 -36.44 27.90
N ILE B 597 34.50 -37.12 27.24
CA ILE B 597 33.27 -37.58 27.88
C ILE B 597 33.44 -39.05 28.23
N ASN B 598 33.43 -39.34 29.54
CA ASN B 598 33.56 -40.66 30.14
C ASN B 598 34.79 -41.43 29.66
N PRO B 599 36.00 -41.05 30.05
CA PRO B 599 37.16 -41.90 29.80
C PRO B 599 37.16 -43.10 30.74
N GLY B 600 37.88 -44.15 30.34
CA GLY B 600 37.86 -45.35 31.14
C GLY B 600 39.20 -46.02 31.42
N ASN B 601 39.57 -46.05 32.71
CA ASN B 601 40.63 -46.90 33.26
C ASN B 601 41.99 -46.68 32.62
N HIS B 602 42.23 -45.54 31.98
CA HIS B 602 43.53 -45.25 31.42
C HIS B 602 43.94 -43.78 31.55
N LEU B 603 43.17 -42.97 32.28
CA LEU B 603 43.41 -41.54 32.39
C LEU B 603 43.49 -41.16 33.86
N LYS B 604 44.43 -40.27 34.18
CA LYS B 604 44.62 -39.78 35.54
C LYS B 604 44.29 -38.29 35.61
N ILE B 605 43.76 -37.88 36.76
CA ILE B 605 43.28 -36.51 36.93
C ILE B 605 44.48 -35.59 37.14
N GLN B 606 44.50 -34.49 36.39
CA GLN B 606 45.52 -33.46 36.56
C GLN B 606 45.03 -32.44 37.59
N GLU B 607 45.72 -31.31 37.71
CA GLU B 607 45.37 -30.26 38.64
C GLU B 607 44.49 -29.23 37.92
N GLY B 608 43.28 -29.02 38.44
CA GLY B 608 42.34 -28.10 37.82
C GLY B 608 41.80 -28.61 36.51
N THR B 609 41.01 -29.69 36.55
CA THR B 609 40.54 -30.34 35.33
C THR B 609 39.15 -29.87 34.90
N LEU B 610 38.44 -29.11 35.74
CA LEU B 610 37.14 -28.50 35.42
C LEU B 610 36.11 -29.58 35.02
N GLY B 611 35.79 -30.42 36.00
CA GLY B 611 34.80 -31.46 35.77
C GLY B 611 33.40 -30.89 35.60
N PHE B 612 32.57 -31.65 34.88
CA PHE B 612 31.20 -31.25 34.59
C PHE B 612 30.25 -32.10 35.43
N PHE B 613 29.31 -31.44 36.09
CA PHE B 613 28.47 -32.08 37.10
C PHE B 613 26.99 -31.83 36.79
N ILE B 614 26.14 -32.72 37.30
CA ILE B 614 24.70 -32.58 37.24
C ILE B 614 24.19 -32.55 38.68
N ALA B 615 23.46 -31.49 39.03
CA ALA B 615 22.99 -31.31 40.40
C ALA B 615 21.74 -30.42 40.37
N SER B 616 21.06 -30.37 41.51
CA SER B 616 19.84 -29.58 41.62
C SER B 616 20.14 -28.09 41.64
N ASP B 617 21.23 -27.70 42.32
CA ASP B 617 21.63 -26.30 42.42
C ASP B 617 23.15 -26.20 42.48
N ALA B 618 23.64 -24.97 42.44
CA ALA B 618 25.07 -24.71 42.43
C ALA B 618 25.69 -24.78 43.82
N LYS B 619 24.89 -24.89 44.88
CA LYS B 619 25.44 -24.95 46.23
C LYS B 619 26.06 -26.32 46.51
N GLU B 620 25.41 -27.39 46.08
CA GLU B 620 25.90 -28.74 46.31
C GLU B 620 27.06 -29.10 45.38
N VAL B 621 27.30 -28.32 44.34
CA VAL B 621 28.41 -28.57 43.43
C VAL B 621 29.75 -28.29 44.13
N LYS B 622 29.75 -27.35 45.08
CA LYS B 622 30.97 -26.93 45.78
C LYS B 622 31.61 -28.04 46.61
N ARG B 623 30.90 -29.12 46.90
CA ARG B 623 31.49 -30.23 47.64
C ARG B 623 32.58 -30.93 46.85
N ALA B 624 32.53 -30.86 45.52
CA ALA B 624 33.56 -31.47 44.69
C ALA B 624 34.86 -30.67 44.71
N PHE B 625 34.82 -29.42 45.16
CA PHE B 625 36.01 -28.59 45.29
C PHE B 625 36.49 -28.49 46.73
N PHE B 626 35.57 -28.32 47.69
CA PHE B 626 35.91 -28.31 49.10
C PHE B 626 35.83 -29.74 49.65
N TYR B 627 36.75 -30.58 49.17
CA TYR B 627 36.79 -31.99 49.53
C TYR B 627 38.11 -32.31 50.21
N CYS B 628 38.04 -33.10 51.27
CA CYS B 628 39.21 -33.56 52.00
C CYS B 628 39.06 -35.05 52.28
N LYS B 629 40.20 -35.75 52.30
CA LYS B 629 40.21 -37.18 52.56
C LYS B 629 39.90 -37.50 54.02
N VAL B 699 41.26 -48.61 0.68
CA VAL B 699 40.59 -47.44 0.14
C VAL B 699 40.38 -46.40 1.22
N LYS B 700 39.77 -45.26 0.85
CA LYS B 700 39.49 -44.19 1.79
C LYS B 700 38.15 -44.46 2.44
N LYS B 701 38.18 -45.16 3.57
CA LYS B 701 36.98 -45.47 4.33
C LYS B 701 36.66 -44.44 5.40
N TYR B 702 37.51 -43.42 5.57
CA TYR B 702 37.29 -42.36 6.53
C TYR B 702 37.75 -41.05 5.92
N ASP B 703 37.46 -39.95 6.62
CA ASP B 703 37.87 -38.63 6.16
C ASP B 703 39.32 -38.36 6.58
N SER B 704 39.78 -37.13 6.37
CA SER B 704 41.16 -36.77 6.70
C SER B 704 41.38 -36.80 8.21
N THR B 705 40.39 -36.34 8.99
CA THR B 705 40.53 -36.37 10.44
C THR B 705 40.36 -37.78 10.99
N GLY B 706 39.67 -38.65 10.26
CA GLY B 706 39.42 -40.00 10.74
C GLY B 706 38.33 -40.11 11.79
N MET B 707 37.48 -39.09 11.91
CA MET B 707 36.43 -39.06 12.91
C MET B 707 35.04 -39.29 12.35
N PHE B 708 34.91 -39.40 11.02
CA PHE B 708 33.62 -39.66 10.39
C PHE B 708 33.80 -40.66 9.26
N HIS B 709 32.73 -41.40 8.97
CA HIS B 709 32.76 -42.32 7.84
C HIS B 709 32.69 -41.55 6.53
N TRP B 710 33.42 -42.04 5.53
CA TRP B 710 33.52 -41.35 4.25
C TRP B 710 33.59 -42.39 3.14
N CYS B 711 32.96 -42.07 2.00
CA CYS B 711 32.95 -42.95 0.85
C CYS B 711 33.16 -42.11 -0.40
N ALA B 712 33.17 -42.78 -1.55
CA ALA B 712 33.40 -42.09 -2.81
C ALA B 712 32.20 -41.20 -3.17
N PRO B 713 32.44 -40.09 -3.87
CA PRO B 713 31.31 -39.24 -4.31
C PRO B 713 30.37 -39.99 -5.24
N LYS B 714 29.08 -39.68 -5.12
CA LYS B 714 28.04 -40.35 -5.88
C LYS B 714 27.08 -39.31 -6.45
N GLU B 715 26.45 -39.66 -7.56
CA GLU B 715 25.40 -38.83 -8.13
C GLU B 715 24.04 -39.28 -7.61
N ILE B 716 23.04 -38.42 -7.79
CA ILE B 716 21.72 -38.68 -7.24
C ILE B 716 21.00 -39.80 -7.98
N GLU B 717 21.44 -40.15 -9.19
CA GLU B 717 20.77 -41.20 -9.95
C GLU B 717 21.00 -42.58 -9.35
N LYS B 718 22.13 -42.78 -8.66
CA LYS B 718 22.40 -44.05 -8.00
C LYS B 718 21.72 -44.19 -6.65
N VAL B 719 21.13 -43.12 -6.12
CA VAL B 719 20.43 -43.17 -4.85
C VAL B 719 18.94 -42.90 -4.97
N ILE B 720 18.47 -42.42 -6.12
CA ILE B 720 17.04 -42.23 -6.32
C ILE B 720 16.37 -43.59 -6.49
N LEU B 721 15.32 -43.84 -5.72
CA LEU B 721 14.57 -45.09 -5.75
C LEU B 721 13.14 -44.82 -6.19
N THR B 722 12.47 -45.88 -6.63
CA THR B 722 11.05 -45.84 -6.97
C THR B 722 10.27 -46.67 -5.95
N ARG B 723 8.94 -46.64 -6.09
CA ARG B 723 8.08 -47.36 -5.17
C ARG B 723 8.25 -48.87 -5.29
N SER B 724 8.41 -49.37 -6.53
CA SER B 724 8.59 -50.80 -6.74
C SER B 724 9.90 -51.30 -6.13
N GLU B 725 10.99 -50.55 -6.35
CA GLU B 725 12.27 -50.95 -5.76
C GLU B 725 12.26 -50.81 -4.25
N ALA B 726 11.59 -49.78 -3.73
CA ALA B 726 11.49 -49.59 -2.28
C ALA B 726 10.70 -50.73 -1.63
N ALA B 727 9.65 -51.21 -2.30
CA ALA B 727 8.92 -52.36 -1.79
C ALA B 727 9.71 -53.65 -1.99
N MET B 728 10.57 -53.71 -3.01
CA MET B 728 11.37 -54.90 -3.26
C MET B 728 12.44 -55.08 -2.18
N THR B 729 13.18 -54.02 -1.86
CA THR B 729 14.20 -54.10 -0.83
C THR B 729 13.59 -53.77 0.53
N VAL B 730 13.55 -54.76 1.41
CA VAL B 730 12.96 -54.60 2.73
C VAL B 730 13.96 -53.91 3.64
N LEU B 731 13.52 -52.81 4.27
CA LEU B 731 14.36 -52.05 5.18
C LEU B 731 13.89 -52.28 6.62
N SER B 732 14.83 -52.64 7.48
CA SER B 732 14.54 -52.86 8.89
C SER B 732 15.64 -52.20 9.72
N GLY B 733 15.23 -51.58 10.83
CA GLY B 733 16.17 -50.88 11.69
C GLY B 733 16.80 -49.66 11.04
N HIS B 734 16.01 -48.85 10.35
CA HIS B 734 16.50 -47.70 9.60
C HIS B 734 15.86 -46.42 10.15
N VAL B 735 16.15 -45.30 9.49
CA VAL B 735 15.63 -43.99 9.85
C VAL B 735 14.97 -43.38 8.62
N VAL B 736 13.71 -42.98 8.76
CA VAL B 736 12.95 -42.34 7.68
C VAL B 736 12.82 -40.86 8.01
N VAL B 737 13.22 -40.01 7.07
CA VAL B 737 13.15 -38.56 7.23
C VAL B 737 12.13 -38.03 6.24
N CYS B 738 11.11 -37.34 6.73
CA CYS B 738 10.07 -36.75 5.91
C CYS B 738 10.34 -35.26 5.76
N ILE B 739 10.43 -34.78 4.53
CA ILE B 739 10.83 -33.42 4.23
C ILE B 739 9.70 -32.73 3.46
N PHE B 740 9.26 -31.58 3.95
CA PHE B 740 8.33 -30.71 3.24
C PHE B 740 9.10 -29.49 2.73
N GLY B 741 9.07 -29.29 1.42
CA GLY B 741 9.79 -28.18 0.84
C GLY B 741 9.67 -28.19 -0.67
N ASP B 742 10.18 -27.13 -1.28
CA ASP B 742 10.17 -26.97 -2.72
C ASP B 742 11.45 -26.24 -3.15
N VAL B 743 11.47 -25.77 -4.39
CA VAL B 743 12.65 -25.11 -4.94
C VAL B 743 12.87 -23.75 -4.27
N SER B 744 11.78 -23.03 -3.99
CA SER B 744 11.90 -21.69 -3.45
C SER B 744 12.10 -21.66 -1.94
N SER B 745 12.00 -22.80 -1.26
CA SER B 745 12.12 -22.83 0.19
C SER B 745 13.59 -22.72 0.61
N ALA B 746 13.78 -22.34 1.87
CA ALA B 746 15.12 -22.21 2.42
C ALA B 746 15.74 -23.58 2.68
N LEU B 747 17.04 -23.59 2.94
CA LEU B 747 17.79 -24.83 3.13
C LEU B 747 17.83 -25.20 4.61
N ILE B 748 17.37 -26.42 4.91
CA ILE B 748 17.44 -26.93 6.28
C ILE B 748 18.89 -27.19 6.67
N GLY B 749 19.69 -27.70 5.74
CA GLY B 749 21.04 -28.10 6.06
C GLY B 749 21.10 -29.48 6.69
N LEU B 750 20.72 -30.50 5.91
CA LEU B 750 20.58 -31.87 6.40
C LEU B 750 21.92 -32.53 6.75
N ARG B 751 23.04 -31.90 6.41
CA ARG B 751 24.35 -32.41 6.82
C ARG B 751 24.47 -32.45 8.34
N ASN B 752 23.92 -31.45 9.03
CA ASN B 752 23.95 -31.41 10.48
C ASN B 752 23.13 -32.52 11.14
N LEU B 753 22.26 -33.19 10.38
CA LEU B 753 21.55 -34.36 10.85
C LEU B 753 22.21 -35.67 10.42
N VAL B 754 22.70 -35.75 9.18
CA VAL B 754 23.30 -36.98 8.69
C VAL B 754 24.65 -37.25 9.36
N MET B 755 25.48 -36.20 9.49
CA MET B 755 26.84 -36.38 10.02
C MET B 755 26.94 -36.93 11.44
N PRO B 756 26.10 -36.54 12.43
CA PRO B 756 26.16 -37.24 13.73
C PRO B 756 25.83 -38.72 13.65
N LEU B 757 25.03 -39.14 12.67
CA LEU B 757 24.70 -40.56 12.53
C LEU B 757 25.76 -41.33 11.75
N ARG B 758 26.79 -40.66 11.22
CA ARG B 758 27.84 -41.29 10.45
C ARG B 758 29.20 -41.13 11.13
N ALA B 759 29.22 -41.08 12.46
CA ALA B 759 30.46 -40.91 13.20
C ALA B 759 31.25 -42.22 13.22
N SER B 760 32.51 -42.12 13.64
CA SER B 760 33.45 -43.23 13.53
C SER B 760 33.50 -44.12 14.76
N ASN B 761 32.78 -43.81 15.83
CA ASN B 761 32.70 -44.71 16.97
C ASN B 761 31.63 -45.78 16.78
N PHE B 762 30.91 -45.75 15.66
CA PHE B 762 29.99 -46.81 15.28
C PHE B 762 30.67 -47.70 14.25
N HIS B 763 30.41 -49.01 14.33
CA HIS B 763 30.91 -49.91 13.32
C HIS B 763 30.08 -49.78 12.04
N TYR B 764 30.58 -50.35 10.95
CA TYR B 764 29.89 -50.24 9.67
C TYR B 764 28.60 -51.05 9.67
N HIS B 765 28.55 -52.15 10.41
CA HIS B 765 27.31 -52.91 10.56
C HIS B 765 26.36 -52.28 11.56
N GLU B 766 26.81 -51.31 12.34
CA GLU B 766 25.96 -50.60 13.30
C GLU B 766 25.35 -49.33 12.73
N LEU B 767 25.70 -48.96 11.50
CA LEU B 767 25.18 -47.74 10.91
C LEU B 767 23.72 -47.93 10.47
N LYS B 768 22.90 -46.95 10.80
CA LYS B 768 21.48 -46.98 10.44
C LYS B 768 21.28 -46.40 9.05
N HIS B 769 20.42 -47.06 8.27
CA HIS B 769 20.09 -46.58 6.94
C HIS B 769 19.19 -45.36 7.03
N ILE B 770 19.48 -44.35 6.20
CA ILE B 770 18.70 -43.12 6.14
C ILE B 770 18.10 -43.02 4.75
N VAL B 771 16.77 -42.93 4.68
CA VAL B 771 16.05 -42.78 3.43
C VAL B 771 15.19 -41.54 3.52
N PHE B 772 15.35 -40.65 2.54
CA PHE B 772 14.62 -39.37 2.51
C PHE B 772 13.36 -39.52 1.67
N VAL B 773 12.23 -39.11 2.25
CA VAL B 773 10.95 -39.11 1.56
C VAL B 773 10.52 -37.66 1.41
N GLY B 774 10.66 -37.11 0.21
CA GLY B 774 10.33 -35.73 -0.04
C GLY B 774 10.31 -35.38 -1.52
N SER B 775 10.60 -34.13 -1.86
CA SER B 775 10.61 -33.68 -3.24
C SER B 775 12.04 -33.62 -3.75
N ILE B 776 12.25 -34.23 -4.93
CA ILE B 776 13.59 -34.27 -5.52
C ILE B 776 14.07 -32.89 -5.94
N GLU B 777 13.15 -31.95 -6.21
CA GLU B 777 13.54 -30.58 -6.54
C GLU B 777 14.20 -29.90 -5.35
N TYR B 778 13.69 -30.14 -4.14
CA TYR B 778 14.34 -29.62 -2.95
C TYR B 778 15.59 -30.42 -2.60
N LEU B 779 15.53 -31.74 -2.76
CA LEU B 779 16.67 -32.59 -2.35
C LEU B 779 17.87 -32.46 -3.29
N LYS B 780 17.68 -31.97 -4.51
CA LYS B 780 18.81 -31.76 -5.41
C LYS B 780 19.71 -30.63 -4.92
N ARG B 781 19.14 -29.62 -4.27
CA ARG B 781 19.93 -28.52 -3.72
C ARG B 781 20.64 -28.89 -2.43
N GLU B 782 20.28 -30.01 -1.81
CA GLU B 782 20.93 -30.46 -0.57
C GLU B 782 21.81 -31.68 -0.76
N TRP B 783 21.71 -32.38 -1.90
CA TRP B 783 22.54 -33.56 -2.14
C TRP B 783 24.02 -33.23 -2.27
N GLU B 784 24.37 -31.99 -2.64
CA GLU B 784 25.77 -31.63 -2.86
C GLU B 784 26.60 -31.65 -1.58
N THR B 785 25.97 -31.64 -0.40
CA THR B 785 26.67 -31.76 0.86
C THR B 785 26.47 -33.11 1.52
N LEU B 786 25.89 -34.09 0.80
CA LEU B 786 25.54 -35.36 1.40
C LEU B 786 26.03 -36.58 0.61
N HIS B 787 26.76 -36.38 -0.49
CA HIS B 787 27.12 -37.50 -1.36
C HIS B 787 28.42 -38.20 -0.93
N ASN B 788 28.89 -37.95 0.29
CA ASN B 788 30.07 -38.62 0.82
C ASN B 788 29.74 -39.51 2.01
N PHE B 789 28.47 -39.84 2.21
CA PHE B 789 28.03 -40.62 3.35
C PHE B 789 27.44 -41.94 2.90
N PRO B 790 27.87 -43.07 3.47
CA PRO B 790 27.31 -44.37 3.07
C PRO B 790 25.88 -44.55 3.55
N LYS B 791 25.16 -45.42 2.84
CA LYS B 791 23.80 -45.86 3.19
C LYS B 791 22.82 -44.68 3.25
N VAL B 792 22.68 -44.01 2.11
CA VAL B 792 21.71 -42.92 1.97
C VAL B 792 20.88 -43.19 0.73
N SER B 793 19.56 -43.18 0.88
CA SER B 793 18.63 -43.40 -0.20
C SER B 793 17.64 -42.25 -0.29
N ILE B 794 17.06 -42.06 -1.47
CA ILE B 794 16.08 -41.00 -1.72
C ILE B 794 14.90 -41.60 -2.45
N LEU B 795 13.71 -41.45 -1.88
CA LEU B 795 12.46 -41.84 -2.53
C LEU B 795 11.63 -40.59 -2.78
N PRO B 796 11.56 -40.08 -4.01
CA PRO B 796 10.75 -38.88 -4.27
C PRO B 796 9.26 -39.15 -4.09
N GLY B 797 8.55 -38.12 -3.64
CA GLY B 797 7.14 -38.22 -3.38
C GLY B 797 6.65 -37.22 -2.37
N THR B 798 5.72 -37.61 -1.52
CA THR B 798 5.20 -36.76 -0.46
C THR B 798 5.10 -37.57 0.82
N PRO B 799 5.30 -36.93 1.97
CA PRO B 799 5.14 -37.65 3.25
C PRO B 799 3.70 -37.98 3.61
N LEU B 800 2.72 -37.43 2.90
CA LEU B 800 1.32 -37.73 3.16
C LEU B 800 0.82 -38.96 2.40
N SER B 801 1.68 -39.60 1.61
CA SER B 801 1.26 -40.74 0.81
C SER B 801 1.40 -42.04 1.60
N ARG B 802 0.26 -42.72 1.79
CA ARG B 802 0.24 -43.96 2.55
C ARG B 802 1.04 -45.06 1.85
N ALA B 803 0.93 -45.16 0.53
CA ALA B 803 1.70 -46.15 -0.22
C ALA B 803 3.20 -45.86 -0.16
N ASP B 804 3.57 -44.58 -0.24
CA ASP B 804 4.98 -44.21 -0.16
C ASP B 804 5.56 -44.52 1.22
N LEU B 805 4.79 -44.30 2.28
CA LEU B 805 5.26 -44.65 3.61
C LEU B 805 5.25 -46.15 3.85
N ARG B 806 4.35 -46.89 3.19
CA ARG B 806 4.35 -48.35 3.31
C ARG B 806 5.52 -48.97 2.55
N ALA B 807 5.98 -48.32 1.49
CA ALA B 807 7.09 -48.85 0.70
C ALA B 807 8.39 -48.85 1.47
N VAL B 808 8.61 -47.86 2.34
CA VAL B 808 9.89 -47.72 3.04
C VAL B 808 9.85 -48.43 4.39
N ASN B 809 8.78 -49.19 4.64
CA ASN B 809 8.59 -50.00 5.84
C ASN B 809 8.68 -49.15 7.12
N ILE B 810 7.70 -48.24 7.23
CA ILE B 810 7.66 -47.31 8.36
C ILE B 810 7.36 -48.02 9.68
N ASN B 811 6.81 -49.23 9.65
CA ASN B 811 6.52 -49.97 10.88
C ASN B 811 7.75 -50.64 11.48
N LEU B 812 8.85 -50.74 10.72
CA LEU B 812 10.08 -51.36 11.19
C LEU B 812 11.16 -50.33 11.54
N CYS B 813 10.80 -49.06 11.64
CA CYS B 813 11.76 -47.99 11.87
C CYS B 813 12.13 -47.90 13.35
N ASP B 814 13.18 -47.13 13.62
CA ASP B 814 13.54 -46.74 14.98
C ASP B 814 13.14 -45.31 15.31
N MET B 815 13.07 -44.43 14.31
CA MET B 815 12.65 -43.06 14.52
C MET B 815 12.22 -42.46 13.19
N CYS B 816 11.09 -41.77 13.19
CA CYS B 816 10.60 -41.03 12.04
C CYS B 816 10.75 -39.54 12.31
N VAL B 817 11.40 -38.83 11.40
CA VAL B 817 11.68 -37.40 11.54
C VAL B 817 10.88 -36.64 10.49
N ILE B 818 10.10 -35.67 10.93
CA ILE B 818 9.29 -34.83 10.06
C ILE B 818 9.77 -33.40 10.19
N LEU B 819 10.23 -32.82 9.09
CA LEU B 819 10.72 -31.45 9.06
C LEU B 819 10.07 -30.68 7.93
N SER B 820 9.94 -29.37 8.11
CA SER B 820 9.39 -28.48 7.11
C SER B 820 10.40 -27.40 6.79
N ALA B 821 10.74 -27.25 5.50
CA ALA B 821 11.71 -26.26 5.06
C ALA B 821 11.09 -24.88 4.86
N ASN B 822 9.76 -24.78 4.85
CA ASN B 822 9.09 -23.50 4.63
C ASN B 822 8.12 -23.22 5.77
N GLN B 823 8.57 -23.42 7.01
CA GLN B 823 7.70 -23.30 8.17
C GLN B 823 7.68 -21.91 8.76
N ASN B 824 8.54 -21.00 8.28
CA ASN B 824 8.61 -19.65 8.81
C ASN B 824 8.34 -18.56 7.76
N ASN B 825 8.41 -18.88 6.47
CA ASN B 825 8.24 -17.89 5.42
C ASN B 825 6.78 -17.59 5.10
N ILE B 826 5.85 -18.32 5.69
CA ILE B 826 4.43 -18.07 5.44
C ILE B 826 3.99 -16.81 6.16
N ASP B 827 3.01 -16.12 5.58
CA ASP B 827 2.55 -14.84 6.10
C ASP B 827 1.39 -14.97 7.08
N ASP B 828 0.96 -16.18 7.38
CA ASP B 828 -0.18 -16.42 8.27
C ASP B 828 0.32 -16.95 9.62
N THR B 829 -0.17 -16.34 10.70
CA THR B 829 0.09 -16.89 12.03
C THR B 829 -0.59 -18.24 12.21
N SER B 830 -1.76 -18.41 11.61
CA SER B 830 -2.39 -19.73 11.54
C SER B 830 -1.73 -20.56 10.44
N LEU B 831 -2.18 -21.81 10.34
CA LEU B 831 -1.66 -22.81 9.40
C LEU B 831 -0.16 -23.04 9.55
N GLN B 832 0.37 -22.85 10.76
CA GLN B 832 1.76 -23.15 11.04
C GLN B 832 1.89 -24.57 11.55
N ASP B 833 2.92 -25.28 11.05
CA ASP B 833 3.17 -26.70 11.32
C ASP B 833 1.98 -27.57 10.90
N LYS B 834 1.22 -27.09 9.91
CA LYS B 834 0.01 -27.78 9.48
C LYS B 834 0.34 -29.10 8.78
N GLU B 835 1.33 -29.09 7.89
CA GLU B 835 1.71 -30.31 7.18
C GLU B 835 2.34 -31.32 8.13
N CYS B 836 3.14 -30.85 9.09
CA CYS B 836 3.73 -31.75 10.07
C CYS B 836 2.67 -32.38 10.97
N ILE B 837 1.70 -31.58 11.41
CA ILE B 837 0.60 -32.10 12.22
C ILE B 837 -0.23 -33.11 11.44
N LEU B 838 -0.50 -32.80 10.17
CA LEU B 838 -1.28 -33.71 9.31
C LEU B 838 -0.53 -35.02 9.09
N ALA B 839 0.77 -34.97 8.82
CA ALA B 839 1.56 -36.18 8.64
C ALA B 839 1.63 -37.01 9.92
N SER B 840 1.84 -36.36 11.06
CA SER B 840 1.90 -37.08 12.33
C SER B 840 0.56 -37.74 12.66
N LEU B 841 -0.55 -37.08 12.34
CA LEU B 841 -1.86 -37.68 12.57
C LEU B 841 -2.15 -38.80 11.59
N ASN B 842 -1.70 -38.66 10.34
N ASN B 842 -1.68 -38.68 10.35
CA ASN B 842 -1.95 -39.69 9.33
CA ASN B 842 -1.96 -39.71 9.35
C ASN B 842 -1.15 -40.95 9.61
C ASN B 842 -1.12 -40.96 9.56
N ILE B 843 0.06 -40.82 10.16
CA ILE B 843 0.88 -42.00 10.46
C ILE B 843 0.23 -42.84 11.56
N LYS B 844 -0.36 -42.18 12.56
CA LYS B 844 -0.94 -42.90 13.70
C LYS B 844 -2.19 -43.69 13.35
N SER B 845 -2.85 -43.37 12.23
CA SER B 845 -4.09 -44.04 11.85
C SER B 845 -3.88 -45.23 10.92
N MET B 846 -2.64 -45.58 10.61
CA MET B 846 -2.37 -46.66 9.68
C MET B 846 -2.59 -48.02 10.35
N GLN B 847 -2.76 -49.04 9.50
CA GLN B 847 -2.92 -50.42 9.94
C GLN B 847 -2.00 -51.32 9.13
N PHE B 848 -1.32 -52.23 9.81
CA PHE B 848 -0.37 -53.14 9.19
C PHE B 848 -0.72 -54.58 9.56
N ASP B 849 -0.62 -55.48 8.59
CA ASP B 849 -0.92 -56.88 8.81
C ASP B 849 0.19 -57.57 9.58
N THR B 887 -1.57 -54.76 14.63
CA THR B 887 -0.55 -53.72 14.53
C THR B 887 -1.16 -52.39 14.08
N THR B 888 -0.82 -51.32 14.78
CA THR B 888 -1.35 -50.00 14.49
C THR B 888 -0.20 -49.00 14.54
N GLY B 889 -0.38 -47.88 13.84
CA GLY B 889 0.64 -46.85 13.73
C GLY B 889 0.84 -45.99 14.94
N VAL B 890 0.09 -46.22 16.02
CA VAL B 890 0.25 -45.43 17.24
C VAL B 890 1.55 -45.78 17.98
N ASN B 891 2.11 -46.96 17.73
CA ASN B 891 3.33 -47.40 18.40
C ASN B 891 4.59 -47.12 17.59
N ILE B 892 4.46 -46.47 16.44
CA ILE B 892 5.64 -46.12 15.63
C ILE B 892 6.34 -44.93 16.27
N PRO B 893 7.64 -45.03 16.55
CA PRO B 893 8.37 -43.86 17.06
C PRO B 893 8.40 -42.73 16.06
N ILE B 894 8.28 -41.50 16.56
CA ILE B 894 8.15 -40.34 15.69
C ILE B 894 8.64 -39.12 16.45
N ILE B 895 9.25 -38.18 15.72
CA ILE B 895 9.64 -36.89 16.26
C ILE B 895 9.31 -35.82 15.21
N THR B 896 8.76 -34.70 15.66
CA THR B 896 8.39 -33.61 14.77
C THR B 896 8.83 -32.28 15.38
N GLU B 897 9.21 -31.35 14.51
CA GLU B 897 9.66 -30.03 14.92
C GLU B 897 8.56 -29.02 14.65
N LEU B 898 8.29 -28.16 15.62
CA LEU B 898 7.24 -27.15 15.53
C LEU B 898 7.83 -25.77 15.79
N VAL B 899 7.35 -24.77 15.05
CA VAL B 899 7.72 -23.38 15.32
C VAL B 899 6.75 -22.70 16.27
N ASN B 900 5.61 -23.32 16.57
CA ASN B 900 4.65 -22.81 17.53
C ASN B 900 4.45 -23.88 18.60
N ASP B 901 4.87 -23.57 19.82
CA ASP B 901 4.85 -24.56 20.90
C ASP B 901 3.45 -24.84 21.42
N THR B 902 2.47 -23.99 21.12
CA THR B 902 1.09 -24.25 21.52
C THR B 902 0.36 -25.17 20.54
N ASN B 903 1.01 -25.57 19.45
CA ASN B 903 0.45 -26.50 18.49
C ASN B 903 0.72 -27.95 18.87
N VAL B 904 1.34 -28.19 20.02
CA VAL B 904 1.64 -29.55 20.46
C VAL B 904 0.41 -30.31 20.93
N GLN B 905 -0.72 -29.61 21.13
CA GLN B 905 -1.94 -30.27 21.56
C GLN B 905 -2.56 -31.12 20.45
N PHE B 906 -2.33 -30.74 19.20
CA PHE B 906 -2.91 -31.43 18.06
C PHE B 906 -2.08 -32.63 17.61
N LEU B 907 -0.93 -32.87 18.22
CA LEU B 907 -0.07 -33.97 17.80
C LEU B 907 -0.67 -35.33 18.17
N ASP B 908 -1.34 -35.42 19.32
CA ASP B 908 -1.97 -36.66 19.76
C ASP B 908 -3.41 -36.39 20.14
N GLN B 909 -4.26 -37.39 19.95
CA GLN B 909 -5.69 -37.25 20.19
C GLN B 909 -6.15 -37.78 21.53
N ASP B 910 -5.36 -38.62 22.21
CA ASP B 910 -5.75 -39.19 23.49
C ASP B 910 -4.71 -38.84 24.55
N ASP B 911 -4.85 -37.64 25.11
CA ASP B 911 -4.04 -37.16 26.23
C ASP B 911 -4.74 -35.92 26.80
N ASP B 912 -4.09 -35.28 27.76
CA ASP B 912 -4.63 -34.07 28.38
C ASP B 912 -4.05 -32.84 27.70
N ASP B 913 -4.92 -31.98 27.18
CA ASP B 913 -4.52 -30.78 26.44
C ASP B 913 -4.86 -29.56 27.29
N ASP B 914 -3.84 -28.98 27.92
CA ASP B 914 -3.99 -27.72 28.63
C ASP B 914 -3.24 -26.64 27.85
N PRO B 915 -3.94 -25.69 27.22
CA PRO B 915 -3.24 -24.69 26.39
C PRO B 915 -2.50 -23.62 27.18
N ASP B 916 -2.71 -23.54 28.50
CA ASP B 916 -2.05 -22.52 29.30
C ASP B 916 -0.72 -22.99 29.89
N THR B 917 -0.49 -24.29 29.93
CA THR B 917 0.78 -24.80 30.45
C THR B 917 1.90 -24.57 29.44
N GLU B 918 3.13 -24.55 29.96
CA GLU B 918 4.29 -24.36 29.10
C GLU B 918 4.62 -25.65 28.35
N LEU B 919 5.60 -25.54 27.45
CA LEU B 919 5.92 -26.65 26.55
C LEU B 919 6.54 -27.82 27.31
N TYR B 920 7.38 -27.54 28.31
CA TYR B 920 8.11 -28.61 28.99
C TYR B 920 7.20 -29.49 29.85
N LEU B 921 6.02 -29.02 30.21
CA LEU B 921 5.08 -29.79 31.01
C LEU B 921 4.10 -30.60 30.18
N THR B 922 4.13 -30.47 28.85
CA THR B 922 3.20 -31.19 28.00
C THR B 922 3.62 -32.64 27.85
N GLN B 923 2.61 -33.50 27.62
CA GLN B 923 2.87 -34.93 27.44
C GLN B 923 3.72 -35.28 26.22
N PRO B 924 3.51 -34.71 25.01
CA PRO B 924 4.44 -35.05 23.91
C PRO B 924 5.89 -34.63 24.18
N PHE B 925 6.11 -33.51 24.84
CA PHE B 925 7.48 -33.12 25.16
C PHE B 925 8.06 -33.97 26.28
N ALA B 926 7.22 -34.42 27.22
CA ALA B 926 7.70 -35.32 28.26
C ALA B 926 8.01 -36.70 27.69
N CYS B 927 7.31 -37.11 26.64
CA CYS B 927 7.57 -38.41 26.03
C CYS B 927 8.72 -38.37 25.04
N GLY B 928 8.96 -37.23 24.40
CA GLY B 928 10.02 -37.10 23.43
C GLY B 928 9.60 -37.08 21.98
N THR B 929 8.30 -36.92 21.70
CA THR B 929 7.78 -36.95 20.33
C THR B 929 7.67 -35.56 19.72
N ALA B 930 8.12 -34.52 20.42
CA ALA B 930 8.03 -33.16 19.91
C ALA B 930 9.29 -32.39 20.29
N PHE B 931 9.60 -31.36 19.50
CA PHE B 931 10.75 -30.52 19.75
C PHE B 931 10.50 -29.15 19.15
N ALA B 932 10.99 -28.11 19.82
CA ALA B 932 10.89 -26.75 19.34
C ALA B 932 12.22 -26.04 19.57
N VAL B 933 12.51 -25.07 18.70
CA VAL B 933 13.76 -24.33 18.80
C VAL B 933 13.75 -23.30 19.91
N SER B 934 12.58 -23.02 20.50
CA SER B 934 12.47 -22.05 21.58
C SER B 934 13.02 -22.57 22.91
N VAL B 935 13.28 -23.87 23.03
CA VAL B 935 13.83 -24.42 24.27
C VAL B 935 15.32 -24.22 24.38
N LEU B 936 15.98 -23.72 23.34
CA LEU B 936 17.42 -23.48 23.35
C LEU B 936 17.76 -22.04 23.70
N ASP B 937 16.79 -21.26 24.19
CA ASP B 937 17.05 -19.87 24.56
C ASP B 937 17.83 -19.75 25.86
N SER B 938 17.80 -20.77 26.71
CA SER B 938 18.54 -20.75 27.96
C SER B 938 20.05 -20.90 27.75
N LEU B 939 20.48 -21.30 26.55
CA LEU B 939 21.89 -21.48 26.28
C LEU B 939 22.65 -20.17 26.28
N MET B 940 21.96 -19.05 26.04
CA MET B 940 22.64 -17.75 26.06
C MET B 940 23.13 -17.38 27.46
N SER B 941 22.36 -17.71 28.49
CA SER B 941 22.82 -17.55 29.86
C SER B 941 23.71 -18.70 30.32
N ALA B 942 23.45 -19.92 29.84
CA ALA B 942 24.27 -21.07 30.24
C ALA B 942 25.70 -20.92 29.76
N THR B 943 25.90 -20.46 28.52
CA THR B 943 27.25 -20.31 27.98
C THR B 943 27.98 -19.14 28.62
N TYR B 944 27.25 -18.14 29.11
CA TYR B 944 27.89 -17.05 29.83
C TYR B 944 28.36 -17.51 31.20
N PHE B 945 27.51 -18.26 31.93
CA PHE B 945 27.88 -18.67 33.27
C PHE B 945 28.88 -19.82 33.28
N ASN B 946 28.88 -20.69 32.26
CA ASN B 946 29.86 -21.75 32.14
C ASN B 946 30.51 -21.67 30.77
N ASP B 947 31.84 -21.54 30.74
CA ASP B 947 32.53 -21.22 29.50
C ASP B 947 32.60 -22.40 28.53
N ASN B 948 32.88 -23.59 29.03
CA ASN B 948 33.10 -24.76 28.16
C ASN B 948 31.84 -25.57 27.94
N ILE B 949 30.68 -25.07 28.38
CA ILE B 949 29.45 -25.84 28.27
C ILE B 949 29.02 -25.97 26.80
N LEU B 950 29.30 -24.97 25.95
CA LEU B 950 28.95 -25.07 24.55
C LEU B 950 29.83 -26.09 23.84
N THR B 951 31.11 -26.13 24.17
CA THR B 951 32.01 -27.14 23.61
C THR B 951 31.59 -28.53 24.05
N LEU B 952 31.18 -28.68 25.32
CA LEU B 952 30.68 -29.98 25.78
C LEU B 952 29.42 -30.40 25.05
N ILE B 953 28.48 -29.45 24.83
CA ILE B 953 27.25 -29.75 24.10
C ILE B 953 27.55 -30.17 22.67
N ARG B 954 28.47 -29.45 22.01
CA ARG B 954 28.79 -29.76 20.62
C ARG B 954 29.51 -31.10 20.50
N THR B 955 30.44 -31.40 21.41
CA THR B 955 31.13 -32.68 21.34
C THR B 955 30.27 -33.84 21.83
N LEU B 956 29.16 -33.56 22.52
CA LEU B 956 28.24 -34.61 22.91
C LEU B 956 27.17 -34.89 21.86
N VAL B 957 26.70 -33.85 21.16
CA VAL B 957 25.55 -33.97 20.30
C VAL B 957 25.90 -33.96 18.81
N THR B 958 27.07 -33.44 18.42
CA THR B 958 27.46 -33.40 17.02
C THR B 958 28.24 -34.66 16.63
N GLY B 959 29.06 -35.17 17.54
CA GLY B 959 29.89 -36.32 17.25
C GLY B 959 31.33 -36.05 17.61
N GLY B 960 31.77 -34.82 17.38
CA GLY B 960 33.10 -34.40 17.76
C GLY B 960 33.36 -32.93 17.48
N ALA B 961 33.93 -32.23 18.46
CA ALA B 961 34.32 -30.82 18.32
C ALA B 961 35.78 -30.72 18.73
N THR B 962 36.67 -30.96 17.78
CA THR B 962 38.11 -30.93 18.00
C THR B 962 38.72 -29.74 17.28
N PRO B 963 39.84 -29.20 17.79
CA PRO B 963 40.49 -28.08 17.10
C PRO B 963 40.97 -28.39 15.69
N GLU B 964 41.42 -29.62 15.44
CA GLU B 964 41.85 -30.00 14.09
C GLU B 964 40.68 -29.99 13.11
N LEU B 965 39.54 -30.55 13.52
CA LEU B 965 38.36 -30.54 12.68
C LEU B 965 37.82 -29.13 12.49
N GLU B 966 37.89 -28.30 13.55
CA GLU B 966 37.45 -26.91 13.43
C GLU B 966 38.34 -26.13 12.47
N ALA B 967 39.66 -26.36 12.50
CA ALA B 967 40.56 -25.71 11.57
C ALA B 967 40.31 -26.18 10.13
N LEU B 968 40.05 -27.48 9.96
CA LEU B 968 39.74 -28.01 8.62
C LEU B 968 38.45 -27.40 8.09
N ILE B 969 37.44 -27.26 8.95
CA ILE B 969 36.17 -26.65 8.55
C ILE B 969 36.37 -25.18 8.18
N ALA B 970 37.11 -24.44 9.01
CA ALA B 970 37.38 -23.03 8.73
C ALA B 970 38.26 -22.85 7.49
N GLU B 971 39.02 -23.87 7.10
CA GLU B 971 39.85 -23.75 5.91
C GLU B 971 39.07 -24.07 4.64
N GLU B 972 38.38 -25.22 4.59
CA GLU B 972 37.79 -25.68 3.35
C GLU B 972 36.27 -25.84 3.36
N ASN B 973 35.63 -25.88 4.54
CA ASN B 973 34.18 -26.03 4.69
C ASN B 973 33.66 -27.31 4.03
N ALA B 974 34.46 -28.36 4.06
CA ALA B 974 34.09 -29.65 3.49
C ALA B 974 34.95 -30.72 4.14
N LEU B 975 34.74 -31.97 3.73
CA LEU B 975 35.51 -33.10 4.22
C LEU B 975 36.07 -33.89 3.04
N ARG B 976 37.32 -34.31 3.15
CA ARG B 976 37.98 -35.11 2.13
C ARG B 976 38.52 -36.38 2.75
N GLY B 977 38.54 -37.45 1.96
CA GLY B 977 38.96 -38.74 2.45
C GLY B 977 40.46 -38.81 2.66
N GLY B 978 40.86 -39.80 3.46
CA GLY B 978 42.27 -40.00 3.76
C GLY B 978 42.52 -41.43 4.19
N TYR B 979 43.77 -41.86 4.00
CA TYR B 979 44.17 -43.22 4.33
C TYR B 979 44.35 -43.37 5.84
N SER B 980 44.33 -44.63 6.29
CA SER B 980 44.40 -44.95 7.70
C SER B 980 45.83 -45.34 8.09
N THR B 981 46.34 -44.73 9.15
CA THR B 981 47.67 -44.97 9.69
C THR B 981 47.52 -45.44 11.13
N PRO B 982 48.62 -45.76 11.84
CA PRO B 982 48.53 -45.85 13.31
C PRO B 982 47.98 -44.58 13.96
N GLN B 983 48.37 -43.42 13.46
CA GLN B 983 47.70 -42.18 13.84
C GLN B 983 46.38 -42.05 13.08
N THR B 984 45.57 -41.08 13.50
CA THR B 984 44.17 -40.83 13.13
C THR B 984 43.36 -42.13 12.93
N LEU B 985 43.57 -43.09 13.83
CA LEU B 985 42.74 -44.28 13.94
C LEU B 985 42.36 -44.62 15.36
N ALA B 986 43.03 -44.05 16.36
CA ALA B 986 42.61 -44.12 17.75
C ALA B 986 41.60 -43.04 18.10
N ASN B 987 41.24 -42.19 17.13
CA ASN B 987 40.18 -41.20 17.31
C ASN B 987 38.81 -41.83 17.46
N ARG B 988 38.65 -43.10 17.07
CA ARG B 988 37.39 -43.81 17.24
C ARG B 988 37.13 -44.19 18.69
N ASP B 989 38.13 -44.10 19.57
CA ASP B 989 37.97 -44.49 20.97
C ASP B 989 37.32 -43.34 21.75
N ARG B 990 36.02 -43.20 21.54
CA ARG B 990 35.20 -42.21 22.23
C ARG B 990 33.85 -42.81 22.57
N CYS B 991 33.24 -42.30 23.64
CA CYS B 991 31.97 -42.83 24.10
C CYS B 991 30.83 -42.40 23.17
N ARG B 992 29.78 -43.20 23.15
CA ARG B 992 28.60 -42.96 22.33
C ARG B 992 27.35 -43.08 23.18
N VAL B 993 26.24 -42.59 22.66
CA VAL B 993 24.96 -42.61 23.35
C VAL B 993 24.21 -43.87 22.95
N ALA B 994 23.79 -44.65 23.95
CA ALA B 994 23.06 -45.88 23.70
C ALA B 994 22.03 -46.08 24.81
N GLN B 995 21.08 -46.96 24.55
CA GLN B 995 20.04 -47.32 25.51
C GLN B 995 20.14 -48.80 25.85
N LEU B 996 20.01 -49.12 27.13
CA LEU B 996 20.16 -50.48 27.62
C LEU B 996 18.87 -50.96 28.25
N ALA B 997 18.52 -52.22 27.99
CA ALA B 997 17.30 -52.83 28.51
C ALA B 997 17.66 -53.92 29.51
N LEU B 998 16.95 -53.93 30.63
CA LEU B 998 17.18 -54.90 31.69
C LEU B 998 16.24 -56.11 31.55
N LEU B 999 16.32 -56.75 30.39
CA LEU B 999 15.48 -57.90 30.07
C LEU B 999 16.27 -59.19 29.93
N ASP B 1000 17.27 -59.22 29.04
CA ASP B 1000 18.03 -60.43 28.77
C ASP B 1000 19.51 -60.30 29.02
N GLY B 1001 20.01 -59.10 29.33
CA GLY B 1001 21.43 -58.91 29.56
C GLY B 1001 21.86 -59.35 30.94
N PRO B 1002 23.11 -59.05 31.30
CA PRO B 1002 23.62 -59.42 32.64
C PRO B 1002 23.04 -58.60 33.78
N PHE B 1003 22.22 -57.59 33.49
CA PHE B 1003 21.64 -56.73 34.51
C PHE B 1003 20.20 -57.13 34.87
N ALA B 1004 19.74 -58.30 34.41
CA ALA B 1004 18.35 -58.70 34.57
C ALA B 1004 17.98 -59.01 36.02
N ASP B 1005 18.93 -59.52 36.80
CA ASP B 1005 18.67 -59.84 38.21
C ASP B 1005 18.45 -58.58 39.02
N LEU B 1006 19.15 -57.50 38.67
CA LEU B 1006 19.08 -56.25 39.40
C LEU B 1006 17.84 -55.44 39.03
N GLY B 1007 17.22 -55.74 37.89
CA GLY B 1007 16.09 -54.98 37.37
C GLY B 1007 14.74 -55.29 37.98
N ASP B 1008 14.64 -56.32 38.82
CA ASP B 1008 13.36 -56.68 39.41
C ASP B 1008 12.99 -55.70 40.52
N GLY B 1009 13.84 -55.60 41.54
CA GLY B 1009 13.60 -54.70 42.66
C GLY B 1009 14.86 -54.09 43.20
N GLY B 1010 15.91 -54.03 42.37
CA GLY B 1010 17.18 -53.48 42.80
C GLY B 1010 17.19 -51.97 42.83
N CYS B 1011 18.37 -51.41 43.06
CA CYS B 1011 18.55 -49.98 43.20
C CYS B 1011 19.37 -49.41 42.05
N TYR B 1012 19.02 -48.18 41.68
CA TYR B 1012 19.75 -47.48 40.63
C TYR B 1012 21.19 -47.19 41.04
N GLY B 1013 21.44 -47.01 42.33
CA GLY B 1013 22.81 -46.83 42.79
C GLY B 1013 23.66 -48.06 42.58
N ASP B 1014 23.12 -49.24 42.89
CA ASP B 1014 23.82 -50.49 42.60
C ASP B 1014 23.97 -50.70 41.11
N LEU B 1015 22.97 -50.31 40.31
CA LEU B 1015 23.06 -50.36 38.86
C LEU B 1015 24.24 -49.53 38.35
N PHE B 1016 24.32 -48.28 38.81
CA PHE B 1016 25.38 -47.36 38.38
C PHE B 1016 26.75 -47.87 38.81
N CYS B 1017 26.86 -48.33 40.06
CA CYS B 1017 28.14 -48.80 40.58
C CYS B 1017 28.62 -50.05 39.84
N LYS B 1018 27.73 -51.02 39.63
CA LYS B 1018 28.10 -52.24 38.94
C LYS B 1018 28.46 -51.97 37.47
N ALA B 1019 27.66 -51.13 36.79
CA ALA B 1019 27.93 -50.81 35.40
C ALA B 1019 29.27 -50.11 35.23
N LEU B 1020 29.54 -49.11 36.08
CA LEU B 1020 30.81 -48.39 36.01
C LEU B 1020 31.98 -49.31 36.31
N LYS B 1021 31.93 -50.01 37.44
CA LYS B 1021 33.05 -50.85 37.87
C LYS B 1021 33.28 -52.06 36.97
N THR B 1022 32.28 -52.46 36.18
CA THR B 1022 32.45 -53.63 35.33
C THR B 1022 32.78 -53.28 33.88
N TYR B 1023 32.10 -52.29 33.27
CA TYR B 1023 32.36 -52.01 31.86
C TYR B 1023 32.60 -50.54 31.57
N ASN B 1024 32.86 -49.71 32.59
CA ASN B 1024 33.06 -48.26 32.45
C ASN B 1024 31.86 -47.61 31.75
N MET B 1025 30.66 -48.02 32.12
CA MET B 1025 29.43 -47.53 31.52
C MET B 1025 28.78 -46.52 32.44
N LEU B 1026 28.48 -45.33 31.92
CA LEU B 1026 27.95 -44.23 32.71
C LEU B 1026 26.46 -44.11 32.45
N CYS B 1027 25.65 -44.49 33.45
CA CYS B 1027 24.21 -44.40 33.36
C CYS B 1027 23.74 -43.07 33.96
N PHE B 1028 22.83 -42.39 33.25
CA PHE B 1028 22.40 -41.07 33.71
C PHE B 1028 20.90 -40.83 33.51
N GLY B 1029 20.10 -41.86 33.29
CA GLY B 1029 18.67 -41.64 33.13
C GLY B 1029 17.93 -42.95 32.99
N ILE B 1030 16.60 -42.86 33.10
CA ILE B 1030 15.71 -44.00 32.97
C ILE B 1030 14.57 -43.61 32.05
N TYR B 1031 14.31 -44.44 31.03
CA TYR B 1031 13.16 -44.30 30.15
C TYR B 1031 12.09 -45.25 30.66
N ARG B 1032 11.11 -44.71 31.39
CA ARG B 1032 10.15 -45.50 32.14
C ARG B 1032 8.76 -45.33 31.55
N LEU B 1033 8.01 -46.45 31.48
CA LEU B 1033 6.64 -46.43 31.00
C LEU B 1033 5.75 -45.56 31.89
N ARG B 1034 4.65 -45.07 31.30
CA ARG B 1034 3.77 -44.16 32.00
C ARG B 1034 3.08 -44.83 33.17
N ASP B 1035 2.46 -45.99 32.95
CA ASP B 1035 1.81 -46.75 34.01
C ASP B 1035 2.74 -47.84 34.55
N ALA B 1036 3.94 -47.46 34.96
CA ALA B 1036 4.91 -48.42 35.48
C ALA B 1036 4.93 -48.52 37.00
N HIS B 1037 4.49 -47.47 37.70
CA HIS B 1037 4.44 -47.49 39.16
C HIS B 1037 3.10 -47.99 39.69
N LEU B 1038 2.19 -48.39 38.82
CA LEU B 1038 0.87 -48.89 39.21
C LEU B 1038 0.80 -50.39 38.96
N SER B 1039 0.08 -51.09 39.84
CA SER B 1039 -0.02 -52.54 39.76
C SER B 1039 -1.04 -53.02 38.73
N THR B 1040 -1.83 -52.13 38.15
CA THR B 1040 -2.85 -52.53 37.18
C THR B 1040 -2.20 -52.67 35.81
N PRO B 1041 -2.24 -53.85 35.19
CA PRO B 1041 -1.66 -53.99 33.85
C PRO B 1041 -2.47 -53.26 32.79
N SER B 1042 -1.76 -52.82 31.75
CA SER B 1042 -2.39 -52.17 30.61
C SER B 1042 -1.43 -52.27 29.43
N GLN B 1043 -1.83 -51.68 28.30
CA GLN B 1043 -1.02 -51.73 27.10
C GLN B 1043 -0.64 -50.33 26.64
N CYS B 1044 -0.24 -49.48 27.58
CA CYS B 1044 0.24 -48.13 27.27
C CYS B 1044 1.74 -48.18 27.07
N THR B 1045 2.19 -48.03 25.83
CA THR B 1045 3.60 -48.13 25.48
C THR B 1045 4.32 -46.80 25.50
N LYS B 1046 3.64 -45.71 25.86
CA LYS B 1046 4.27 -44.40 25.92
C LYS B 1046 5.15 -44.29 27.14
N ARG B 1047 6.38 -43.83 26.95
CA ARG B 1047 7.36 -43.70 28.02
C ARG B 1047 7.70 -42.23 28.27
N TYR B 1048 8.30 -41.98 29.42
CA TYR B 1048 8.76 -40.64 29.78
C TYR B 1048 10.14 -40.77 30.42
N VAL B 1049 10.91 -39.68 30.38
CA VAL B 1049 12.29 -39.70 30.83
C VAL B 1049 12.36 -39.26 32.28
N ILE B 1050 13.38 -39.74 32.97
CA ILE B 1050 13.71 -39.34 34.34
C ILE B 1050 15.20 -39.06 34.38
N THR B 1051 15.58 -37.85 34.75
CA THR B 1051 16.97 -37.41 34.71
C THR B 1051 17.60 -37.51 36.09
N ASN B 1052 18.72 -38.24 36.18
CA ASN B 1052 19.53 -38.45 37.38
C ASN B 1052 18.70 -38.96 38.57
N PRO B 1053 18.28 -40.24 38.55
CA PRO B 1053 17.54 -40.76 39.70
C PRO B 1053 18.44 -40.90 40.90
N PRO B 1054 17.88 -40.85 42.11
CA PRO B 1054 18.69 -40.99 43.32
C PRO B 1054 19.10 -42.44 43.55
N TYR B 1055 19.86 -42.64 44.64
CA TYR B 1055 20.33 -43.98 44.98
C TYR B 1055 19.18 -44.89 45.39
N GLU B 1056 18.22 -44.36 46.14
CA GLU B 1056 17.10 -45.15 46.64
C GLU B 1056 15.93 -45.17 45.66
N PHE B 1057 16.21 -45.56 44.41
CA PHE B 1057 15.22 -45.65 43.36
C PHE B 1057 15.07 -47.11 42.95
N GLU B 1058 13.85 -47.62 43.03
CA GLU B 1058 13.57 -49.01 42.68
C GLU B 1058 13.23 -49.13 41.19
N LEU B 1059 13.72 -50.19 40.56
CA LEU B 1059 13.55 -50.41 39.14
C LEU B 1059 12.43 -51.41 38.87
N VAL B 1060 11.90 -51.33 37.66
CA VAL B 1060 10.95 -52.33 37.15
C VAL B 1060 11.60 -52.99 35.95
N PRO B 1061 11.26 -54.24 35.61
CA PRO B 1061 11.95 -54.91 34.49
C PRO B 1061 11.67 -54.30 33.12
N THR B 1062 10.67 -53.44 32.98
CA THR B 1062 10.33 -52.82 31.71
C THR B 1062 10.95 -51.43 31.57
N ASP B 1063 12.12 -51.21 32.16
CA ASP B 1063 12.80 -49.92 32.12
C ASP B 1063 13.95 -49.94 31.14
N LEU B 1064 14.17 -48.80 30.48
CA LEU B 1064 15.32 -48.59 29.61
C LEU B 1064 16.22 -47.55 30.25
N ILE B 1065 17.53 -47.78 30.17
CA ILE B 1065 18.53 -46.96 30.84
C ILE B 1065 19.34 -46.21 29.81
N PHE B 1066 19.41 -44.89 29.96
CA PHE B 1066 20.33 -44.09 29.18
C PHE B 1066 21.76 -44.35 29.66
N CYS B 1067 22.68 -44.60 28.72
CA CYS B 1067 24.03 -44.94 29.10
C CYS B 1067 25.02 -44.45 28.06
N LEU B 1068 26.26 -44.28 28.50
CA LEU B 1068 27.39 -44.00 27.63
C LEU B 1068 28.36 -45.17 27.73
N MET B 1069 28.72 -45.74 26.59
CA MET B 1069 29.54 -46.94 26.54
C MET B 1069 30.76 -46.70 25.66
N GLN B 1070 31.83 -47.44 25.96
CA GLN B 1070 33.10 -47.26 25.27
C GLN B 1070 33.07 -47.92 23.90
N PHE B 1071 34.08 -47.61 23.09
CA PHE B 1071 34.22 -48.18 21.76
C PHE B 1071 35.12 -49.40 21.83
N ASP B 1072 34.60 -50.54 21.36
CA ASP B 1072 35.36 -51.79 21.35
C ASP B 1072 35.64 -52.25 19.93
N UNK B 1073 11.24 44.24 -15.04
CA UNK B 1073 12.63 44.26 -14.60
C UNK B 1073 12.83 45.29 -13.48
N UNK B 1074 14.00 45.92 -13.46
CA UNK B 1074 14.32 46.91 -12.44
C UNK B 1074 13.63 48.24 -12.74
N UNK B 1075 12.34 48.33 -12.41
CA UNK B 1075 11.60 49.56 -12.64
C UNK B 1075 12.08 50.66 -11.70
N UNK B 1076 12.37 51.82 -12.31
CA UNK B 1076 12.98 52.97 -11.62
C UNK B 1076 14.24 52.58 -10.86
N UNK B 1077 15.20 51.99 -11.57
CA UNK B 1077 16.43 51.49 -10.97
C UNK B 1077 17.27 52.62 -10.40
N UNK B 1078 17.36 52.68 -9.07
CA UNK B 1078 18.12 53.69 -8.37
C UNK B 1078 19.15 53.01 -7.48
N UNK B 1079 20.42 53.21 -7.80
CA UNK B 1079 21.51 52.60 -7.04
C UNK B 1079 22.60 53.63 -6.76
N UNK B 1080 22.21 54.78 -6.21
CA UNK B 1080 23.15 55.82 -5.82
C UNK B 1080 23.35 55.77 -4.32
N UNK B 1081 24.06 56.79 -3.82
CA UNK B 1081 24.31 57.03 -2.40
C UNK B 1081 25.02 55.87 -1.70
N UNK B 1082 26.01 55.27 -2.38
CA UNK B 1082 26.84 54.24 -1.78
C UNK B 1082 28.15 54.10 -2.56
N UNK B 1083 28.99 53.16 -2.17
CA UNK B 1083 30.29 53.01 -2.83
C UNK B 1083 30.71 51.55 -2.81
N UNK B 1084 31.36 51.13 -3.90
CA UNK B 1084 31.93 49.80 -4.02
C UNK B 1084 33.04 49.85 -5.07
N UNK B 1085 33.71 48.72 -5.27
CA UNK B 1085 34.87 48.62 -6.14
C UNK B 1085 34.60 47.65 -7.28
N UNK B 1086 35.63 47.34 -8.08
CA UNK B 1086 35.58 46.39 -9.19
C UNK B 1086 34.51 46.76 -10.23
N UNK B 1087 34.61 47.98 -10.74
CA UNK B 1087 33.70 48.50 -11.76
C UNK B 1087 34.37 49.68 -12.44
N UNK B 1088 33.60 50.41 -13.24
CA UNK B 1088 34.06 51.61 -13.92
C UNK B 1088 32.88 52.56 -14.04
N UNK B 1089 33.01 53.57 -14.91
CA UNK B 1089 31.95 54.54 -15.12
C UNK B 1089 30.93 54.02 -16.12
N UNK B 1090 30.26 52.91 -15.77
CA UNK B 1090 29.24 52.24 -16.60
C UNK B 1090 29.74 51.90 -18.00
N GLN C 35 -46.56 15.04 54.61
CA GLN C 35 -45.46 15.99 54.65
C GLN C 35 -44.17 15.31 54.21
N ARG C 36 -43.65 15.75 53.05
CA ARG C 36 -42.42 15.27 52.45
C ARG C 36 -42.42 13.75 52.28
N MET C 37 -43.32 13.24 51.44
CA MET C 37 -43.46 11.81 51.20
C MET C 37 -42.51 11.29 50.12
N TRP C 38 -41.47 12.06 49.79
CA TRP C 38 -40.58 11.70 48.68
C TRP C 38 -39.77 10.44 49.01
N TRP C 39 -39.57 10.16 50.29
CA TRP C 39 -38.76 8.99 50.69
C TRP C 39 -39.44 7.70 50.29
N ALA C 40 -40.78 7.64 50.39
CA ALA C 40 -41.51 6.43 50.01
C ALA C 40 -41.38 6.18 48.51
N PHE C 41 -41.58 7.22 47.69
CA PHE C 41 -41.45 7.08 46.24
C PHE C 41 -40.03 6.70 45.84
N LEU C 42 -39.02 7.29 46.50
CA LEU C 42 -37.64 6.98 46.18
C LEU C 42 -37.21 5.61 46.65
N ALA C 43 -37.77 5.09 47.75
CA ALA C 43 -37.40 3.81 48.30
C ALA C 43 -38.16 2.64 47.69
N SER C 44 -39.36 2.88 47.16
CA SER C 44 -40.16 1.82 46.57
C SER C 44 -39.51 1.23 45.31
N SER C 45 -38.63 1.99 44.67
CA SER C 45 -37.86 1.50 43.54
C SER C 45 -36.55 0.86 43.96
N MET C 46 -35.82 1.53 44.86
CA MET C 46 -34.51 1.04 45.29
C MET C 46 -34.63 -0.28 46.04
N VAL C 47 -35.59 -0.39 46.96
CA VAL C 47 -35.71 -1.64 47.72
C VAL C 47 -36.28 -2.74 46.84
N THR C 48 -37.04 -2.40 45.79
CA THR C 48 -37.50 -3.41 44.85
C THR C 48 -36.34 -3.98 44.03
N PHE C 49 -35.49 -3.09 43.52
CA PHE C 49 -34.32 -3.51 42.75
C PHE C 49 -33.37 -4.35 43.61
N PHE C 50 -33.09 -3.88 44.84
CA PHE C 50 -32.17 -4.60 45.70
C PHE C 50 -32.78 -5.88 46.26
N GLY C 51 -34.08 -5.92 46.48
CA GLY C 51 -34.72 -7.17 46.89
C GLY C 51 -34.72 -8.21 45.79
N GLY C 52 -34.92 -7.78 44.54
CA GLY C 52 -34.79 -8.70 43.42
C GLY C 52 -33.38 -9.24 43.28
N LEU C 53 -32.38 -8.36 43.39
CA LEU C 53 -30.99 -8.79 43.33
C LEU C 53 -30.66 -9.75 44.48
N PHE C 54 -31.17 -9.46 45.67
CA PHE C 54 -30.95 -10.34 46.82
C PHE C 54 -31.63 -11.68 46.65
N ILE C 55 -32.81 -11.71 46.02
CA ILE C 55 -33.51 -12.97 45.78
C ILE C 55 -32.74 -13.83 44.79
N ILE C 56 -32.24 -13.22 43.70
CA ILE C 56 -31.45 -13.99 42.73
C ILE C 56 -30.15 -14.48 43.35
N LEU C 57 -29.47 -13.64 44.14
CA LEU C 57 -28.24 -14.06 44.79
C LEU C 57 -28.49 -15.14 45.85
N LEU C 58 -29.64 -15.06 46.53
CA LEU C 58 -30.00 -16.08 47.50
C LEU C 58 -30.29 -17.41 46.84
N TRP C 59 -30.94 -17.39 45.67
CA TRP C 59 -31.15 -18.62 44.91
C TRP C 59 -29.83 -19.21 44.45
N ARG C 60 -28.92 -18.36 43.96
CA ARG C 60 -27.61 -18.84 43.55
C ARG C 60 -26.80 -19.42 44.70
N THR C 61 -26.90 -18.80 45.89
CA THR C 61 -26.19 -19.33 47.06
C THR C 61 -26.81 -20.63 47.55
N LEU C 62 -28.15 -20.69 47.58
CA LEU C 62 -28.84 -21.89 48.05
C LEU C 62 -28.72 -23.05 47.08
N LYS C 63 -28.39 -22.80 45.82
CA LYS C 63 -28.12 -23.88 44.87
C LYS C 63 -26.67 -24.36 44.92
N TYR C 64 -25.95 -24.10 46.02
CA TYR C 64 -24.66 -24.71 46.28
C TYR C 64 -24.78 -26.03 47.03
N LEU C 65 -25.97 -26.65 47.01
CA LEU C 65 -26.19 -27.93 47.66
C LEU C 65 -25.57 -29.09 46.88
N TRP C 66 -25.12 -28.83 45.65
CA TRP C 66 -24.50 -29.87 44.83
C TRP C 66 -23.21 -30.40 45.46
N THR C 67 -22.38 -29.50 46.01
CA THR C 67 -21.13 -29.94 46.62
C THR C 67 -21.28 -30.28 48.09
N VAL C 68 -22.35 -29.81 48.74
CA VAL C 68 -22.63 -30.15 50.14
C VAL C 68 -24.05 -30.69 50.16
N CYS C 69 -24.19 -32.01 50.06
CA CYS C 69 -25.50 -32.65 50.02
C CYS C 69 -25.92 -33.13 51.40
N ALA C 104 -33.88 -37.23 27.75
CA ALA C 104 -35.30 -37.29 27.39
C ALA C 104 -35.52 -36.80 25.97
N ALA C 105 -36.67 -37.17 25.39
CA ALA C 105 -37.02 -36.77 24.04
C ALA C 105 -38.05 -35.65 23.99
N GLU C 106 -38.58 -35.23 25.13
CA GLU C 106 -39.56 -34.16 25.20
C GLU C 106 -39.09 -33.09 26.18
N VAL C 107 -39.47 -31.84 25.90
CA VAL C 107 -39.13 -30.74 26.78
C VAL C 107 -40.17 -30.63 27.90
N GLY C 108 -39.77 -29.98 28.99
CA GLY C 108 -40.68 -29.77 30.10
C GLY C 108 -41.65 -28.65 29.84
N TRP C 109 -42.57 -28.45 30.79
CA TRP C 109 -43.56 -27.39 30.66
C TRP C 109 -42.99 -26.02 31.01
N MET C 110 -41.80 -25.96 31.62
CA MET C 110 -41.12 -24.68 31.80
C MET C 110 -40.60 -24.14 30.47
N THR C 111 -39.99 -25.02 29.66
CA THR C 111 -39.38 -24.60 28.41
C THR C 111 -40.42 -24.15 27.40
N SER C 112 -41.62 -24.75 27.41
CA SER C 112 -42.67 -24.31 26.51
C SER C 112 -43.16 -22.90 26.87
N VAL C 113 -43.26 -22.61 28.17
CA VAL C 113 -43.60 -21.27 28.61
C VAL C 113 -42.53 -20.27 28.20
N LYS C 114 -41.25 -20.64 28.37
CA LYS C 114 -40.16 -19.76 27.99
C LYS C 114 -40.16 -19.51 26.47
N ASP C 115 -40.41 -20.54 25.68
CA ASP C 115 -40.47 -20.38 24.23
C ASP C 115 -41.66 -19.53 23.80
N TRP C 116 -42.81 -19.71 24.45
CA TRP C 116 -43.99 -18.90 24.13
C TRP C 116 -43.75 -17.43 24.47
N ALA C 117 -43.12 -17.16 25.62
CA ALA C 117 -42.80 -15.79 25.98
C ALA C 117 -41.77 -15.19 25.02
N GLY C 118 -40.80 -15.99 24.56
CA GLY C 118 -39.83 -15.51 23.60
C GLY C 118 -40.45 -15.15 22.26
N VAL C 119 -41.31 -16.04 21.74
CA VAL C 119 -41.98 -15.76 20.47
C VAL C 119 -43.10 -14.74 20.60
N MET C 120 -43.48 -14.37 21.82
CA MET C 120 -44.37 -13.23 22.00
C MET C 120 -43.61 -11.91 22.09
N ILE C 121 -42.50 -11.87 22.82
CA ILE C 121 -41.74 -10.62 22.90
C ILE C 121 -40.95 -10.35 21.62
N SER C 122 -40.73 -11.36 20.78
CA SER C 122 -40.20 -11.17 19.44
C SER C 122 -41.36 -11.17 18.46
N ALA C 123 -41.37 -10.21 17.54
CA ALA C 123 -42.52 -9.98 16.67
C ALA C 123 -42.58 -11.08 15.61
N GLN C 124 -43.06 -12.24 16.02
CA GLN C 124 -43.32 -13.37 15.13
C GLN C 124 -44.79 -13.73 15.04
N THR C 125 -45.45 -13.91 16.18
CA THR C 125 -46.89 -14.10 16.24
C THR C 125 -47.58 -12.76 15.97
N LEU C 126 -48.82 -12.83 15.46
CA LEU C 126 -49.60 -11.62 15.25
C LEU C 126 -49.89 -10.91 16.56
N THR C 127 -50.15 -11.68 17.63
CA THR C 127 -50.29 -11.09 18.96
C THR C 127 -49.00 -10.43 19.41
N GLY C 128 -47.86 -11.01 19.06
CA GLY C 128 -46.58 -10.39 19.38
C GLY C 128 -46.37 -9.09 18.63
N ARG C 129 -46.77 -9.03 17.36
CA ARG C 129 -46.67 -7.80 16.59
C ARG C 129 -47.58 -6.71 17.16
N VAL C 130 -48.79 -7.09 17.56
CA VAL C 130 -49.72 -6.13 18.18
C VAL C 130 -49.16 -5.63 19.50
N LEU C 131 -48.57 -6.53 20.30
CA LEU C 131 -47.96 -6.13 21.57
C LEU C 131 -46.78 -5.19 21.36
N VAL C 132 -45.96 -5.46 20.34
CA VAL C 132 -44.82 -4.59 20.03
C VAL C 132 -45.29 -3.21 19.60
N VAL C 133 -46.32 -3.15 18.76
CA VAL C 133 -46.89 -1.87 18.33
C VAL C 133 -47.48 -1.13 19.53
N LEU C 134 -48.11 -1.86 20.46
CA LEU C 134 -48.65 -1.25 21.66
C LEU C 134 -47.55 -0.68 22.56
N VAL C 135 -46.42 -1.38 22.67
CA VAL C 135 -45.28 -0.86 23.43
C VAL C 135 -44.77 0.43 22.79
N PHE C 136 -44.64 0.44 21.46
CA PHE C 136 -44.20 1.62 20.73
C PHE C 136 -45.12 2.81 20.97
N ALA C 137 -46.44 2.56 20.98
CA ALA C 137 -47.39 3.65 21.21
C ALA C 137 -47.36 4.12 22.66
N LEU C 138 -47.33 3.19 23.61
CA LEU C 138 -47.49 3.57 25.02
C LEU C 138 -46.23 4.21 25.60
N SER C 139 -45.05 3.93 25.05
CA SER C 139 -43.86 4.65 25.49
C SER C 139 -43.97 6.14 25.17
N ILE C 140 -44.40 6.46 23.95
CA ILE C 140 -44.61 7.85 23.55
C ILE C 140 -45.75 8.46 24.35
N GLY C 141 -46.80 7.68 24.64
CA GLY C 141 -47.89 8.18 25.47
C GLY C 141 -47.46 8.53 26.88
N ALA C 142 -46.63 7.69 27.50
CA ALA C 142 -46.12 7.98 28.83
C ALA C 142 -45.19 9.18 28.83
N LEU C 143 -44.37 9.32 27.79
CA LEU C 143 -43.51 10.51 27.69
C LEU C 143 -44.33 11.78 27.53
N VAL C 144 -45.42 11.70 26.75
CA VAL C 144 -46.30 12.86 26.58
C VAL C 144 -47.02 13.19 27.88
N ILE C 145 -47.40 12.17 28.66
CA ILE C 145 -48.03 12.39 29.95
C ILE C 145 -47.07 13.08 30.91
N TYR C 146 -45.79 12.66 30.91
CA TYR C 146 -44.79 13.34 31.72
C TYR C 146 -44.57 14.78 31.27
N PHE C 147 -44.58 15.02 29.95
CA PHE C 147 -44.43 16.37 29.41
C PHE C 147 -45.59 17.26 29.86
N ILE C 148 -46.81 16.71 29.88
CA ILE C 148 -47.97 17.46 30.36
C ILE C 148 -47.85 17.74 31.85
N ASP C 149 -47.42 16.75 32.64
CA ASP C 149 -47.40 16.87 34.08
C ASP C 149 -46.14 17.56 34.61
N SER C 150 -45.21 17.95 33.74
CA SER C 150 -44.00 18.61 34.21
C SER C 150 -44.27 20.01 34.77
N SER C 151 -45.35 20.66 34.33
CA SER C 151 -45.66 22.01 34.78
C SER C 151 -46.33 22.05 36.14
N ASN C 152 -46.76 20.91 36.67
CA ASN C 152 -47.41 20.87 37.98
C ASN C 152 -46.39 21.10 39.08
N PRO C 153 -46.84 21.46 40.29
CA PRO C 153 -45.94 21.53 41.44
C PRO C 153 -45.29 20.19 41.75
N ILE C 154 -44.21 20.26 42.54
CA ILE C 154 -43.40 19.07 42.82
C ILE C 154 -44.19 18.06 43.64
N GLU C 155 -44.90 18.51 44.67
CA GLU C 155 -45.73 17.64 45.49
C GLU C 155 -47.13 18.23 45.57
N SER C 156 -48.12 17.42 45.20
CA SER C 156 -49.52 17.85 45.17
C SER C 156 -50.37 16.73 45.77
N CYS C 157 -51.69 16.87 45.64
CA CYS C 157 -52.61 15.88 46.17
C CYS C 157 -53.81 15.79 45.23
N GLN C 158 -53.96 14.65 44.56
CA GLN C 158 -55.07 14.40 43.64
C GLN C 158 -55.85 13.18 44.11
N ASN C 159 -56.93 12.88 43.37
CA ASN C 159 -57.77 11.72 43.64
C ASN C 159 -57.81 10.82 42.42
N PHE C 160 -57.70 9.51 42.66
CA PHE C 160 -57.68 8.56 41.55
C PHE C 160 -59.04 8.50 40.86
N TYR C 161 -60.13 8.56 41.63
CA TYR C 161 -61.47 8.42 41.06
C TYR C 161 -61.98 9.70 40.40
N LYS C 162 -61.29 10.83 40.59
CA LYS C 162 -61.70 12.09 39.98
C LYS C 162 -60.79 12.54 38.85
N ASP C 163 -59.48 12.38 39.00
CA ASP C 163 -58.55 12.77 37.94
C ASP C 163 -58.61 11.77 36.79
N PHE C 164 -58.47 12.28 35.58
CA PHE C 164 -58.50 11.46 34.37
C PHE C 164 -57.12 11.16 33.82
N THR C 165 -56.14 12.01 34.08
CA THR C 165 -54.78 11.79 33.59
C THR C 165 -54.14 10.59 34.29
N LEU C 166 -54.33 10.48 35.62
CA LEU C 166 -53.75 9.37 36.37
C LEU C 166 -54.36 8.03 36.00
N GLN C 167 -55.62 8.04 35.53
CA GLN C 167 -56.28 6.80 35.15
C GLN C 167 -55.65 6.17 33.90
N ILE C 168 -55.21 7.00 32.96
CA ILE C 168 -54.49 6.48 31.79
C ILE C 168 -53.11 5.97 32.20
N ASP C 169 -52.45 6.69 33.11
CA ASP C 169 -51.12 6.28 33.57
C ASP C 169 -51.15 4.97 34.32
N MET C 170 -52.24 4.71 35.05
CA MET C 170 -52.39 3.42 35.73
C MET C 170 -52.43 2.27 34.74
N ALA C 171 -53.21 2.41 33.67
CA ALA C 171 -53.27 1.37 32.64
C ALA C 171 -51.95 1.23 31.91
N PHE C 172 -51.28 2.36 31.65
CA PHE C 172 -49.97 2.32 30.97
C PHE C 172 -48.95 1.57 31.80
N ASN C 173 -48.92 1.82 33.11
CA ASN C 173 -47.96 1.14 33.98
C ASN C 173 -48.34 -0.32 34.20
N VAL C 174 -49.63 -0.65 34.18
CA VAL C 174 -50.03 -2.06 34.25
C VAL C 174 -49.56 -2.81 33.00
N PHE C 175 -49.70 -2.18 31.83
CA PHE C 175 -49.20 -2.79 30.59
C PHE C 175 -47.69 -2.94 30.63
N PHE C 176 -46.98 -1.93 31.15
CA PHE C 176 -45.53 -2.02 31.26
C PHE C 176 -45.11 -3.13 32.23
N LEU C 177 -45.86 -3.31 33.32
CA LEU C 177 -45.58 -4.40 34.25
C LEU C 177 -45.78 -5.76 33.60
N LEU C 178 -46.84 -5.90 32.80
CA LEU C 178 -47.07 -7.15 32.08
C LEU C 178 -45.97 -7.42 31.07
N TYR C 179 -45.54 -6.38 30.35
CA TYR C 179 -44.44 -6.53 29.38
C TYR C 179 -43.14 -6.91 30.08
N PHE C 180 -42.88 -6.32 31.26
CA PHE C 180 -41.71 -6.68 32.04
C PHE C 180 -41.78 -8.14 32.50
N GLY C 181 -42.97 -8.59 32.90
CA GLY C 181 -43.13 -9.99 33.28
C GLY C 181 -42.86 -10.94 32.13
N LEU C 182 -43.36 -10.60 30.94
CA LEU C 182 -43.08 -11.41 29.75
C LEU C 182 -41.59 -11.44 29.43
N ARG C 183 -40.93 -10.28 29.52
CA ARG C 183 -39.48 -10.22 29.26
C ARG C 183 -38.69 -10.98 30.31
N PHE C 184 -39.15 -10.99 31.56
CA PHE C 184 -38.47 -11.74 32.61
C PHE C 184 -38.64 -13.25 32.41
N ILE C 185 -39.82 -13.68 31.97
CA ILE C 185 -40.02 -15.10 31.66
C ILE C 185 -39.14 -15.51 30.48
N ALA C 186 -39.09 -14.67 29.43
CA ALA C 186 -38.23 -14.96 28.28
C ALA C 186 -36.84 -14.39 28.50
N ALA C 187 -36.08 -15.07 29.35
CA ALA C 187 -34.71 -14.66 29.66
C ALA C 187 -33.86 -15.89 29.96
N ASN C 188 -32.57 -15.78 29.66
CA ASN C 188 -31.62 -16.85 29.96
C ASN C 188 -30.92 -16.61 31.29
N ASP C 189 -30.24 -15.47 31.42
CA ASP C 189 -29.56 -15.08 32.66
C ASP C 189 -30.46 -14.06 33.36
N LYS C 190 -31.19 -14.52 34.38
CA LYS C 190 -32.11 -13.64 35.08
C LYS C 190 -31.40 -12.64 35.99
N LEU C 191 -30.16 -12.93 36.38
CA LEU C 191 -29.37 -11.94 37.11
C LEU C 191 -28.95 -10.79 36.20
N TRP C 192 -28.45 -11.09 35.01
CA TRP C 192 -28.05 -10.05 34.08
C TRP C 192 -29.24 -9.37 33.42
N PHE C 193 -30.42 -10.01 33.44
CA PHE C 193 -31.63 -9.31 33.02
C PHE C 193 -32.02 -8.23 34.03
N TRP C 194 -31.73 -8.45 35.31
CA TRP C 194 -32.07 -7.49 36.35
C TRP C 194 -31.26 -6.20 36.21
N LEU C 195 -30.07 -6.27 35.62
CA LEU C 195 -29.19 -5.12 35.52
C LEU C 195 -29.22 -4.47 34.14
N GLU C 196 -30.27 -4.71 33.37
CA GLU C 196 -30.40 -4.05 32.07
C GLU C 196 -30.94 -2.63 32.26
N VAL C 197 -30.67 -1.79 31.26
CA VAL C 197 -31.08 -0.39 31.33
C VAL C 197 -32.60 -0.27 31.32
N ASN C 198 -33.27 -1.04 30.45
CA ASN C 198 -34.73 -1.02 30.40
C ASN C 198 -35.33 -1.57 31.69
N SER C 199 -34.70 -2.60 32.28
CA SER C 199 -35.16 -3.15 33.54
C SER C 199 -35.05 -2.13 34.67
N VAL C 200 -33.93 -1.40 34.73
CA VAL C 200 -33.76 -0.37 35.76
C VAL C 200 -34.74 0.78 35.54
N VAL C 201 -35.01 1.13 34.28
CA VAL C 201 -35.99 2.17 33.98
C VAL C 201 -37.38 1.74 34.43
N ASP C 202 -37.75 0.48 34.19
CA ASP C 202 -39.03 -0.04 34.67
C ASP C 202 -39.10 -0.04 36.19
N PHE C 203 -38.00 -0.43 36.85
CA PHE C 203 -37.95 -0.47 38.31
C PHE C 203 -38.11 0.91 38.93
N PHE C 204 -37.52 1.93 38.31
CA PHE C 204 -37.60 3.28 38.86
C PHE C 204 -38.77 4.07 38.29
N THR C 205 -39.56 3.50 37.39
CA THR C 205 -40.71 4.18 36.82
C THR C 205 -42.05 3.62 37.29
N VAL C 206 -42.24 2.31 37.28
CA VAL C 206 -43.57 1.73 37.49
C VAL C 206 -44.02 1.68 38.96
N PRO C 207 -43.24 1.19 39.93
CA PRO C 207 -43.76 1.12 41.33
C PRO C 207 -44.12 2.45 41.97
N PRO C 208 -43.44 3.58 41.68
CA PRO C 208 -43.94 4.85 42.23
C PRO C 208 -45.33 5.24 41.78
N VAL C 209 -45.78 4.78 40.61
CA VAL C 209 -47.17 5.01 40.20
C VAL C 209 -48.12 4.26 41.12
N PHE C 210 -47.77 3.02 41.47
CA PHE C 210 -48.59 2.26 42.43
C PHE C 210 -48.60 2.92 43.80
N VAL C 211 -47.45 3.44 44.24
CA VAL C 211 -47.38 4.13 45.52
C VAL C 211 -48.22 5.41 45.50
N SER C 212 -48.19 6.15 44.38
CA SER C 212 -49.00 7.35 44.25
C SER C 212 -50.49 7.01 44.26
N VAL C 213 -50.87 5.92 43.60
CA VAL C 213 -52.27 5.48 43.61
C VAL C 213 -52.70 5.11 45.02
N TYR C 214 -51.83 4.41 45.75
CA TYR C 214 -52.16 4.01 47.12
C TYR C 214 -52.27 5.21 48.06
N LEU C 215 -51.34 6.15 47.97
CA LEU C 215 -51.25 7.25 48.92
C LEU C 215 -52.05 8.48 48.51
N ASN C 216 -52.66 8.47 47.32
CA ASN C 216 -53.49 9.56 46.80
C ASN C 216 -52.74 10.89 46.72
N ARG C 217 -51.43 10.83 46.46
CA ARG C 217 -50.65 12.02 46.19
C ARG C 217 -49.43 11.62 45.38
N SER C 218 -48.88 12.58 44.64
CA SER C 218 -47.84 12.31 43.66
C SER C 218 -46.57 13.07 43.98
N TRP C 219 -45.53 12.79 43.20
CA TRP C 219 -44.24 13.47 43.29
C TRP C 219 -43.62 13.49 41.92
N LEU C 220 -43.02 14.64 41.56
CA LEU C 220 -42.45 14.83 40.23
C LEU C 220 -41.12 14.11 40.05
N GLY C 221 -40.49 13.68 41.14
CA GLY C 221 -39.17 13.07 41.07
C GLY C 221 -39.08 11.77 40.31
N LEU C 222 -37.99 11.63 39.54
CA LEU C 222 -37.60 10.40 38.83
C LEU C 222 -38.60 9.97 37.77
N ARG C 223 -39.44 10.89 37.28
CA ARG C 223 -40.33 10.60 36.18
C ARG C 223 -39.71 10.93 34.83
N PHE C 224 -38.50 11.49 34.80
CA PHE C 224 -37.82 11.83 33.56
C PHE C 224 -37.20 10.61 32.89
N LEU C 225 -37.17 9.46 33.57
CA LEU C 225 -36.59 8.24 33.01
C LEU C 225 -37.48 7.60 31.96
N ARG C 226 -38.71 8.10 31.77
CA ARG C 226 -39.58 7.61 30.70
C ARG C 226 -39.05 7.95 29.32
N ALA C 227 -38.17 8.95 29.21
CA ALA C 227 -37.54 9.29 27.95
C ALA C 227 -36.45 8.29 27.55
N LEU C 228 -36.06 7.40 28.45
CA LEU C 228 -35.08 6.36 28.13
C LEU C 228 -35.70 5.16 27.43
N ARG C 229 -37.02 5.15 27.24
CA ARG C 229 -37.69 4.07 26.53
C ARG C 229 -37.62 4.23 25.02
N LEU C 230 -37.09 5.34 24.53
CA LEU C 230 -36.96 5.57 23.09
C LEU C 230 -35.75 4.86 22.49
N ILE C 231 -34.91 4.24 23.32
CA ILE C 231 -33.76 3.52 22.81
C ILE C 231 -34.18 2.25 22.08
N GLN C 232 -35.19 1.55 22.60
CA GLN C 232 -35.63 0.27 22.07
C GLN C 232 -36.49 0.40 20.81
N PHE C 233 -36.67 1.61 20.28
CA PHE C 233 -37.48 1.79 19.09
C PHE C 233 -36.84 1.14 17.86
N SER C 234 -35.51 1.20 17.77
CA SER C 234 -34.80 0.54 16.68
C SER C 234 -34.95 -0.98 16.76
N GLU C 235 -34.87 -1.55 17.96
CA GLU C 235 -35.07 -2.98 18.13
C GLU C 235 -36.51 -3.37 17.80
N ILE C 236 -37.46 -2.50 18.14
CA ILE C 236 -38.87 -2.71 17.76
C ILE C 236 -39.02 -2.74 16.25
N LEU C 237 -38.40 -1.79 15.56
CA LEU C 237 -38.51 -1.72 14.10
C LEU C 237 -37.79 -2.89 13.43
N GLN C 238 -36.71 -3.39 14.03
CA GLN C 238 -36.05 -4.58 13.49
C GLN C 238 -36.86 -5.83 13.75
N PHE C 239 -37.58 -5.90 14.88
CA PHE C 239 -38.47 -7.02 15.14
C PHE C 239 -39.65 -7.02 14.18
N LEU C 240 -40.15 -5.84 13.82
CA LEU C 240 -41.29 -5.74 12.91
C LEU C 240 -40.89 -5.87 11.44
N ASN C 241 -39.61 -6.13 11.15
CA ASN C 241 -39.08 -6.29 9.80
C ASN C 241 -39.32 -5.04 8.96
N ILE C 242 -38.82 -3.91 9.49
CA ILE C 242 -38.90 -2.62 8.82
C ILE C 242 -37.51 -2.07 8.53
N LEU C 243 -36.63 -2.08 9.53
CA LEU C 243 -35.24 -1.70 9.34
C LEU C 243 -34.43 -2.94 8.94
N LYS C 244 -33.86 -2.91 7.74
CA LYS C 244 -33.13 -4.06 7.21
C LYS C 244 -31.71 -3.71 6.79
N THR C 245 -31.47 -2.51 6.27
CA THR C 245 -30.16 -2.13 5.77
C THR C 245 -29.25 -1.72 6.93
N SER C 246 -27.97 -1.51 6.60
CA SER C 246 -26.96 -1.20 7.59
C SER C 246 -26.81 0.29 7.87
N ASN C 247 -27.48 1.15 7.10
CA ASN C 247 -27.41 2.59 7.30
C ASN C 247 -28.61 3.16 8.04
N SER C 248 -29.81 2.67 7.72
CA SER C 248 -31.01 3.14 8.42
C SER C 248 -30.99 2.73 9.88
N ILE C 249 -30.47 1.53 10.17
CA ILE C 249 -30.35 1.05 11.55
C ILE C 249 -29.43 1.98 12.35
N LYS C 250 -28.29 2.34 11.76
CA LYS C 250 -27.35 3.23 12.42
C LYS C 250 -27.94 4.62 12.62
N LEU C 251 -28.67 5.13 11.61
CA LEU C 251 -29.29 6.44 11.73
C LEU C 251 -30.33 6.48 12.85
N VAL C 252 -31.18 5.45 12.91
CA VAL C 252 -32.20 5.37 13.97
C VAL C 252 -31.54 5.21 15.33
N ASN C 253 -30.46 4.42 15.41
CA ASN C 253 -29.73 4.26 16.66
C ASN C 253 -29.19 5.59 17.17
N LEU C 254 -28.49 6.33 16.30
CA LEU C 254 -27.90 7.60 16.70
C LEU C 254 -28.96 8.62 17.09
N LEU C 255 -30.03 8.73 16.30
CA LEU C 255 -31.09 9.70 16.59
C LEU C 255 -31.79 9.38 17.90
N SER C 256 -32.16 8.11 18.11
CA SER C 256 -32.86 7.72 19.32
C SER C 256 -32.00 7.90 20.56
N ILE C 257 -30.72 7.51 20.49
CA ILE C 257 -29.83 7.66 21.64
C ILE C 257 -29.63 9.14 21.97
N PHE C 258 -29.40 9.97 20.95
CA PHE C 258 -29.16 11.40 21.14
C PHE C 258 -30.36 12.07 21.80
N ILE C 259 -31.55 11.89 21.22
CA ILE C 259 -32.75 12.54 21.75
C ILE C 259 -33.09 12.00 23.14
N SER C 260 -32.88 10.70 23.37
CA SER C 260 -33.21 10.08 24.65
C SER C 260 -32.35 10.64 25.78
N THR C 261 -31.03 10.68 25.59
CA THR C 261 -30.19 11.18 26.68
C THR C 261 -30.29 12.70 26.81
N TRP C 262 -30.60 13.41 25.72
CA TRP C 262 -30.84 14.85 25.81
C TRP C 262 -32.05 15.13 26.71
N LEU C 263 -33.16 14.44 26.46
CA LEU C 263 -34.36 14.64 27.27
C LEU C 263 -34.16 14.17 28.71
N THR C 264 -33.41 13.09 28.91
CA THR C 264 -33.17 12.60 30.27
C THR C 264 -32.32 13.57 31.07
N ALA C 265 -31.25 14.11 30.46
CA ALA C 265 -30.42 15.09 31.16
C ALA C 265 -31.20 16.37 31.44
N ALA C 266 -32.05 16.81 30.49
CA ALA C 266 -32.87 17.99 30.73
C ALA C 266 -33.86 17.76 31.87
N GLY C 267 -34.46 16.58 31.95
CA GLY C 267 -35.37 16.28 33.04
C GLY C 267 -34.67 16.22 34.39
N PHE C 268 -33.47 15.64 34.43
CA PHE C 268 -32.72 15.61 35.68
C PHE C 268 -32.33 17.01 36.15
N ILE C 269 -31.91 17.86 35.20
CA ILE C 269 -31.57 19.24 35.53
C ILE C 269 -32.80 19.99 36.04
N HIS C 270 -33.95 19.77 35.40
CA HIS C 270 -35.20 20.41 35.82
C HIS C 270 -35.59 20.00 37.24
N LEU C 271 -35.53 18.70 37.53
CA LEU C 271 -35.90 18.23 38.85
C LEU C 271 -34.94 18.74 39.92
N VAL C 272 -33.63 18.71 39.63
CA VAL C 272 -32.65 19.12 40.62
C VAL C 272 -32.75 20.63 40.90
N GLU C 273 -32.97 21.43 39.86
CA GLU C 273 -33.03 22.88 40.07
C GLU C 273 -34.37 23.30 40.70
N ASN C 274 -35.47 22.64 40.34
CA ASN C 274 -36.75 23.01 40.94
C ASN C 274 -36.90 22.46 42.36
N SER C 275 -36.14 21.43 42.73
CA SER C 275 -36.23 20.91 44.09
C SER C 275 -35.39 21.74 45.06
N GLY C 276 -34.09 21.85 44.80
CA GLY C 276 -33.18 22.57 45.66
C GLY C 276 -32.27 21.63 46.43
N ASP C 277 -31.29 22.23 47.09
CA ASP C 277 -30.33 21.45 47.87
C ASP C 277 -30.99 20.94 49.15
N PRO C 278 -30.96 19.63 49.39
CA PRO C 278 -31.61 19.10 50.61
C PRO C 278 -30.95 19.53 51.90
N TRP C 279 -29.64 19.78 51.90
CA TRP C 279 -28.96 20.21 53.13
C TRP C 279 -29.14 21.69 53.41
N GLU C 280 -29.70 22.45 52.47
CA GLU C 280 -30.00 23.86 52.68
C GLU C 280 -31.48 24.10 52.93
N ASN C 281 -32.22 23.05 53.28
CA ASN C 281 -33.66 23.07 53.56
C ASN C 281 -34.46 23.55 52.35
N PHE C 282 -33.97 23.26 51.14
CA PHE C 282 -34.66 23.55 49.88
C PHE C 282 -34.98 25.03 49.73
N GLN C 283 -34.03 25.88 50.11
CA GLN C 283 -34.25 27.33 50.04
C GLN C 283 -33.52 27.99 48.88
N ASN C 284 -32.65 27.27 48.17
CA ASN C 284 -31.93 27.81 47.03
C ASN C 284 -32.47 27.30 45.70
N ASN C 285 -33.77 27.07 45.62
CA ASN C 285 -34.37 26.56 44.40
C ASN C 285 -34.44 27.63 43.32
N GLN C 286 -34.46 27.19 42.06
CA GLN C 286 -34.56 28.06 40.91
C GLN C 286 -35.79 27.69 40.10
N ALA C 287 -36.57 28.69 39.72
CA ALA C 287 -37.81 28.48 38.96
C ALA C 287 -37.47 28.37 37.48
N LEU C 288 -37.23 27.14 37.04
CA LEU C 288 -36.90 26.85 35.65
C LEU C 288 -37.94 25.90 35.07
N THR C 289 -38.29 26.11 33.80
CA THR C 289 -39.21 25.24 33.10
C THR C 289 -38.43 24.16 32.34
N TYR C 290 -39.16 23.11 31.93
CA TYR C 290 -38.54 21.97 31.27
C TYR C 290 -37.94 22.36 29.92
N TRP C 291 -38.64 23.18 29.15
CA TRP C 291 -38.12 23.58 27.85
C TRP C 291 -36.98 24.57 27.98
N GLU C 292 -36.99 25.38 29.05
CA GLU C 292 -35.82 26.22 29.35
C GLU C 292 -34.61 25.36 29.69
N CYS C 293 -34.83 24.26 30.42
CA CYS C 293 -33.74 23.34 30.70
C CYS C 293 -33.26 22.64 29.43
N VAL C 294 -34.17 22.32 28.51
CA VAL C 294 -33.79 21.75 27.23
C VAL C 294 -32.92 22.71 26.44
N TYR C 295 -33.30 23.99 26.43
CA TYR C 295 -32.50 25.02 25.76
C TYR C 295 -31.13 25.18 26.40
N LEU C 296 -31.08 25.17 27.74
CA LEU C 296 -29.80 25.28 28.45
C LEU C 296 -28.90 24.09 28.15
N LEU C 297 -29.45 22.89 28.14
CA LEU C 297 -28.67 21.69 27.87
C LEU C 297 -28.15 21.68 26.43
N MET C 298 -28.97 22.16 25.48
CA MET C 298 -28.52 22.26 24.09
C MET C 298 -27.37 23.28 23.95
N VAL C 299 -27.50 24.44 24.60
CA VAL C 299 -26.45 25.46 24.54
C VAL C 299 -25.17 24.93 25.19
N THR C 300 -25.29 24.18 26.28
CA THR C 300 -24.11 23.60 26.91
C THR C 300 -23.46 22.54 26.02
N MET C 301 -24.28 21.74 25.31
CA MET C 301 -23.73 20.75 24.39
C MET C 301 -23.00 21.41 23.22
N SER C 302 -23.52 22.53 22.72
CA SER C 302 -22.92 23.19 21.58
C SER C 302 -21.64 23.95 21.92
N THR C 303 -21.30 24.05 23.21
CA THR C 303 -20.16 24.85 23.70
C THR C 303 -20.27 26.31 23.27
N VAL C 304 -21.49 26.84 23.25
CA VAL C 304 -21.69 28.25 22.96
C VAL C 304 -21.60 29.03 24.26
N GLY C 305 -22.46 28.72 25.22
CA GLY C 305 -22.41 29.32 26.53
C GLY C 305 -22.80 30.79 26.55
N TYR C 306 -24.08 31.08 26.28
CA TYR C 306 -24.56 32.45 26.34
C TYR C 306 -24.48 33.01 27.75
N GLY C 307 -24.83 32.19 28.75
CA GLY C 307 -24.84 32.63 30.12
C GLY C 307 -26.10 33.31 30.58
N ASP C 308 -27.13 33.37 29.72
CA ASP C 308 -28.41 33.94 30.13
C ASP C 308 -29.09 33.06 31.17
N VAL C 309 -29.03 31.74 30.98
CA VAL C 309 -29.58 30.77 31.93
C VAL C 309 -28.50 29.73 32.19
N TYR C 310 -28.28 29.40 33.45
CA TYR C 310 -27.28 28.41 33.83
C TYR C 310 -27.73 27.73 35.13
N ALA C 311 -26.84 26.95 35.70
CA ALA C 311 -27.12 26.20 36.92
C ALA C 311 -26.60 26.96 38.14
N LYS C 312 -27.44 27.01 39.18
CA LYS C 312 -27.11 27.74 40.39
C LYS C 312 -26.97 26.86 41.64
N THR C 313 -27.58 25.69 41.66
CA THR C 313 -27.50 24.82 42.81
C THR C 313 -26.21 23.99 42.77
N THR C 314 -25.81 23.51 43.96
CA THR C 314 -24.61 22.69 44.06
C THR C 314 -24.78 21.35 43.33
N LEU C 315 -25.94 20.71 43.50
CA LEU C 315 -26.22 19.46 42.79
C LEU C 315 -26.31 19.70 41.29
N GLY C 316 -26.90 20.83 40.88
CA GLY C 316 -26.96 21.15 39.46
C GLY C 316 -25.60 21.36 38.84
N ARG C 317 -24.71 22.06 39.56
CA ARG C 317 -23.35 22.26 39.05
C ARG C 317 -22.57 20.96 39.03
N LEU C 318 -22.77 20.11 40.04
CA LEU C 318 -22.08 18.81 40.09
C LEU C 318 -22.52 17.89 38.95
N PHE C 319 -23.82 17.90 38.63
CA PHE C 319 -24.28 17.16 37.46
C PHE C 319 -23.79 17.80 36.16
N MET C 320 -23.69 19.13 36.15
CA MET C 320 -23.29 19.85 34.95
C MET C 320 -21.85 19.58 34.58
N VAL C 321 -20.97 19.37 35.58
CA VAL C 321 -19.58 19.02 35.30
C VAL C 321 -19.50 17.67 34.58
N PHE C 322 -20.24 16.67 35.08
CA PHE C 322 -20.24 15.35 34.46
C PHE C 322 -20.87 15.39 33.07
N PHE C 323 -21.93 16.18 32.90
CA PHE C 323 -22.52 16.30 31.58
C PHE C 323 -21.59 17.04 30.61
N ILE C 324 -20.81 18.00 31.10
CA ILE C 324 -19.79 18.64 30.27
C ILE C 324 -18.75 17.61 29.85
N LEU C 325 -18.39 16.70 30.75
CA LEU C 325 -17.44 15.64 30.41
C LEU C 325 -18.00 14.70 29.34
N GLY C 326 -19.28 14.34 29.43
CA GLY C 326 -19.83 13.36 28.50
C GLY C 326 -20.52 13.86 27.23
N GLY C 327 -21.50 14.75 27.39
CA GLY C 327 -22.33 15.18 26.29
C GLY C 327 -21.62 16.02 25.25
N LEU C 328 -20.49 16.64 25.62
CA LEU C 328 -19.71 17.38 24.63
C LEU C 328 -19.12 16.44 23.59
N ALA C 329 -18.48 15.36 24.05
CA ALA C 329 -17.97 14.34 23.13
C ALA C 329 -19.11 13.64 22.41
N MET C 330 -20.24 13.44 23.10
CA MET C 330 -21.44 12.91 22.45
C MET C 330 -21.86 13.75 21.26
N PHE C 331 -21.99 15.07 21.46
CA PHE C 331 -22.42 15.97 20.40
C PHE C 331 -21.42 16.00 19.25
N ALA C 332 -20.14 16.11 19.58
CA ALA C 332 -19.09 16.21 18.56
C ALA C 332 -18.94 14.92 17.76
N SER C 333 -19.26 13.77 18.36
CA SER C 333 -19.17 12.51 17.64
C SER C 333 -20.46 12.14 16.92
N TYR C 334 -21.61 12.67 17.35
CA TYR C 334 -22.89 12.25 16.81
C TYR C 334 -23.44 13.16 15.73
N VAL C 335 -23.27 14.48 15.85
CA VAL C 335 -23.88 15.42 14.89
C VAL C 335 -23.34 15.27 13.47
N PRO C 336 -22.01 15.29 13.21
CA PRO C 336 -21.57 15.10 11.81
C PRO C 336 -21.85 13.72 11.26
N GLU C 337 -21.85 12.69 12.11
CA GLU C 337 -22.19 11.34 11.65
C GLU C 337 -23.64 11.26 11.18
N ILE C 338 -24.56 11.88 11.94
CA ILE C 338 -25.96 11.92 11.54
C ILE C 338 -26.13 12.74 10.27
N ILE C 339 -25.41 13.86 10.17
CA ILE C 339 -25.51 14.73 8.98
C ILE C 339 -25.03 13.99 7.73
N GLU C 340 -23.91 13.27 7.82
CA GLU C 340 -23.42 12.52 6.67
C GLU C 340 -24.22 11.25 6.43
N LEU C 341 -24.93 10.72 7.43
CA LEU C 341 -25.79 9.58 7.20
C LEU C 341 -27.09 9.96 6.52
N ILE C 342 -27.55 11.21 6.72
CA ILE C 342 -28.66 11.71 5.93
C ILE C 342 -28.28 11.78 4.45
N GLY C 343 -27.09 12.32 4.16
CA GLY C 343 -26.58 12.33 2.82
C GLY C 343 -27.20 13.42 1.96
N ASN C 344 -26.90 13.33 0.66
CA ASN C 344 -27.40 14.28 -0.32
C ASN C 344 -28.28 13.55 -1.34
N ARG C 345 -29.23 14.29 -1.88
CA ARG C 345 -30.13 13.74 -2.90
C ARG C 345 -29.36 13.46 -4.19
N LYS C 346 -29.71 12.34 -4.84
CA LYS C 346 -29.08 12.00 -6.10
C LYS C 346 -29.51 12.97 -7.20
N LYS C 347 -28.62 13.19 -8.17
CA LYS C 347 -28.80 14.23 -9.16
C LYS C 347 -29.06 13.72 -10.56
N TYR C 348 -28.64 12.49 -10.88
CA TYR C 348 -28.78 11.93 -12.22
C TYR C 348 -29.42 10.56 -12.17
N GLY C 349 -30.48 10.42 -11.36
CA GLY C 349 -31.17 9.15 -11.23
C GLY C 349 -32.47 9.09 -11.98
N GLY C 350 -32.68 10.03 -12.89
CA GLY C 350 -33.92 10.13 -13.63
C GLY C 350 -33.96 9.24 -14.86
N SER C 351 -34.92 9.53 -15.74
CA SER C 351 -35.11 8.77 -16.96
C SER C 351 -35.18 9.73 -18.14
N TYR C 352 -34.86 9.21 -19.32
CA TYR C 352 -34.91 10.00 -20.55
C TYR C 352 -36.31 9.93 -21.15
N SER C 353 -36.80 11.07 -21.61
CA SER C 353 -38.11 11.18 -22.25
C SER C 353 -37.91 11.42 -23.73
N ALA C 354 -38.47 10.53 -24.55
CA ALA C 354 -38.29 10.62 -25.99
C ALA C 354 -39.08 11.79 -26.57
N VAL C 355 -38.52 12.43 -27.58
CA VAL C 355 -39.13 13.58 -28.25
C VAL C 355 -39.57 13.13 -29.64
N SER C 356 -40.82 13.41 -29.98
CA SER C 356 -41.36 13.03 -31.28
C SER C 356 -40.73 13.88 -32.38
N GLY C 357 -40.30 13.22 -33.46
CA GLY C 357 -39.66 13.91 -34.56
C GLY C 357 -38.18 14.16 -34.38
N ARG C 358 -37.57 13.67 -33.31
CA ARG C 358 -36.16 13.89 -33.04
C ARG C 358 -35.54 12.61 -32.53
N LYS C 359 -34.46 12.16 -33.17
CA LYS C 359 -33.76 10.95 -32.78
C LYS C 359 -32.66 11.27 -31.76
N HIS C 360 -32.14 10.23 -31.13
CA HIS C 360 -31.11 10.39 -30.12
C HIS C 360 -30.17 9.18 -30.16
N ILE C 361 -28.97 9.38 -29.62
CA ILE C 361 -27.96 8.33 -29.54
C ILE C 361 -27.50 8.23 -28.10
N VAL C 362 -26.93 7.06 -27.77
CA VAL C 362 -26.42 6.78 -26.43
C VAL C 362 -24.91 6.59 -26.51
N VAL C 363 -24.18 7.31 -25.67
CA VAL C 363 -22.73 7.24 -25.63
C VAL C 363 -22.31 6.68 -24.28
N CYS C 364 -21.46 5.64 -24.30
CA CYS C 364 -20.99 4.98 -23.10
C CYS C 364 -19.52 4.65 -23.25
N GLY C 365 -18.94 4.05 -22.22
CA GLY C 365 -17.55 3.64 -22.26
C GLY C 365 -16.62 4.51 -21.45
N HIS C 366 -15.61 5.07 -22.11
CA HIS C 366 -14.63 5.93 -21.44
C HIS C 366 -15.14 7.36 -21.47
N ILE C 367 -15.78 7.78 -20.39
CA ILE C 367 -16.40 9.10 -20.30
C ILE C 367 -15.53 9.95 -19.39
N THR C 368 -14.66 10.76 -19.97
CA THR C 368 -13.86 11.75 -19.25
C THR C 368 -14.10 13.11 -19.89
N LEU C 369 -13.56 14.15 -19.23
CA LEU C 369 -13.76 15.51 -19.72
C LEU C 369 -13.13 15.72 -21.08
N GLU C 370 -11.90 15.22 -21.28
CA GLU C 370 -11.22 15.35 -22.56
C GLU C 370 -11.95 14.58 -23.66
N SER C 371 -12.41 13.36 -23.35
CA SER C 371 -13.12 12.54 -24.33
C SER C 371 -14.45 13.19 -24.74
N VAL C 372 -15.20 13.70 -23.77
CA VAL C 372 -16.48 14.33 -24.08
C VAL C 372 -16.27 15.63 -24.86
N SER C 373 -15.24 16.42 -24.51
CA SER C 373 -14.96 17.64 -25.25
C SER C 373 -14.55 17.35 -26.68
N ASN C 374 -13.67 16.36 -26.87
CA ASN C 374 -13.23 16.00 -28.22
C ASN C 374 -14.36 15.39 -29.05
N PHE C 375 -15.27 14.66 -28.41
CA PHE C 375 -16.41 14.10 -29.14
C PHE C 375 -17.39 15.19 -29.54
N LEU C 376 -17.69 16.12 -28.61
CA LEU C 376 -18.69 17.15 -28.90
C LEU C 376 -18.17 18.19 -29.90
N LYS C 377 -16.85 18.47 -29.88
CA LYS C 377 -16.29 19.43 -30.81
C LYS C 377 -16.41 18.95 -32.26
N ASP C 378 -16.38 17.64 -32.48
CA ASP C 378 -16.56 17.08 -33.81
C ASP C 378 -18.01 16.79 -34.14
N PHE C 379 -18.81 16.41 -33.13
CA PHE C 379 -20.20 16.04 -33.39
C PHE C 379 -21.06 17.28 -33.65
N LEU C 380 -20.85 18.35 -32.89
CA LEU C 380 -21.67 19.55 -32.98
C LEU C 380 -21.00 20.65 -33.79
N HIS C 381 -20.23 20.28 -34.81
CA HIS C 381 -19.56 21.27 -35.64
C HIS C 381 -20.57 21.96 -36.56
N LYS C 382 -20.26 23.22 -36.89
CA LYS C 382 -21.18 24.04 -37.69
C LYS C 382 -21.14 23.70 -39.17
N ASP C 383 -20.15 22.93 -39.62
CA ASP C 383 -20.07 22.56 -41.03
C ASP C 383 -21.00 21.40 -41.40
N ARG C 384 -21.57 20.72 -40.42
CA ARG C 384 -22.52 19.66 -40.71
C ARG C 384 -23.86 20.24 -41.15
N ASP C 385 -24.70 19.38 -41.73
CA ASP C 385 -25.97 19.79 -42.33
C ASP C 385 -26.94 20.39 -41.32
N ASP C 386 -27.45 19.54 -40.42
CA ASP C 386 -28.35 20.00 -39.37
C ASP C 386 -28.31 18.94 -38.26
N VAL C 387 -27.60 19.25 -37.17
CA VAL C 387 -27.49 18.30 -36.07
C VAL C 387 -28.77 18.36 -35.25
N ASN C 388 -29.72 17.48 -35.55
CA ASN C 388 -30.96 17.36 -34.81
C ASN C 388 -30.95 16.14 -33.88
N VAL C 389 -29.79 15.53 -33.68
CA VAL C 389 -29.68 14.33 -32.87
C VAL C 389 -29.23 14.72 -31.47
N GLU C 390 -29.94 14.23 -30.46
CA GLU C 390 -29.60 14.47 -29.07
C GLU C 390 -28.60 13.42 -28.58
N ILE C 391 -27.71 13.84 -27.69
CA ILE C 391 -26.65 12.98 -27.16
C ILE C 391 -26.99 12.65 -25.71
N VAL C 392 -27.03 11.36 -25.39
CA VAL C 392 -27.31 10.89 -24.04
C VAL C 392 -26.11 10.10 -23.56
N PHE C 393 -25.60 10.46 -22.39
CA PHE C 393 -24.45 9.81 -21.79
C PHE C 393 -24.90 8.88 -20.66
N LEU C 394 -24.25 7.72 -20.57
CA LEU C 394 -24.52 6.74 -19.52
C LEU C 394 -23.19 6.28 -18.93
N HIS C 395 -22.90 6.75 -17.72
CA HIS C 395 -21.67 6.38 -17.02
C HIS C 395 -21.99 6.13 -15.56
N ASN C 396 -21.19 5.27 -14.93
CA ASN C 396 -21.42 4.86 -13.55
C ASN C 396 -20.70 5.75 -12.54
N ILE C 397 -20.02 6.80 -13.00
CA ILE C 397 -19.28 7.72 -12.13
C ILE C 397 -19.85 9.11 -12.32
N SER C 398 -20.16 9.77 -11.19
CA SER C 398 -20.69 11.13 -11.26
C SER C 398 -19.63 12.09 -11.79
N PRO C 399 -20.01 13.03 -12.66
CA PRO C 399 -19.03 13.96 -13.23
C PRO C 399 -18.52 14.94 -12.20
N ASN C 400 -17.32 15.45 -12.45
CA ASN C 400 -16.72 16.48 -11.62
C ASN C 400 -17.25 17.85 -12.04
N LEU C 401 -16.68 18.91 -11.46
CA LEU C 401 -17.20 20.26 -11.69
C LEU C 401 -16.92 20.75 -13.11
N GLU C 402 -15.77 20.38 -13.69
CA GLU C 402 -15.47 20.80 -15.07
C GLU C 402 -16.40 20.12 -16.07
N LEU C 403 -16.65 18.82 -15.89
CA LEU C 403 -17.57 18.12 -16.78
C LEU C 403 -19.00 18.61 -16.59
N GLU C 404 -19.37 18.95 -15.35
CA GLU C 404 -20.69 19.53 -15.10
C GLU C 404 -20.83 20.89 -15.77
N ALA C 405 -19.77 21.70 -15.75
CA ALA C 405 -19.79 22.99 -16.43
C ALA C 405 -19.88 22.82 -17.94
N LEU C 406 -19.18 21.82 -18.49
CA LEU C 406 -19.30 21.53 -19.92
C LEU C 406 -20.72 21.08 -20.30
N PHE C 407 -21.33 20.23 -19.46
CA PHE C 407 -22.70 19.82 -19.70
C PHE C 407 -23.68 20.98 -19.56
N LYS C 408 -23.39 21.93 -18.67
CA LYS C 408 -24.23 23.12 -18.57
C LYS C 408 -24.06 24.01 -19.81
N ARG C 409 -22.84 24.09 -20.35
CA ARG C 409 -22.60 24.86 -21.56
C ARG C 409 -23.34 24.25 -22.75
N HIS C 410 -23.36 22.93 -22.85
CA HIS C 410 -24.19 22.25 -23.84
C HIS C 410 -25.50 21.81 -23.18
N PHE C 411 -26.36 22.79 -22.93
CA PHE C 411 -27.54 22.57 -22.10
C PHE C 411 -28.65 21.85 -22.85
N THR C 412 -29.02 22.36 -24.03
CA THR C 412 -30.13 21.81 -24.79
C THR C 412 -29.72 20.70 -25.74
N GLN C 413 -28.45 20.31 -25.77
CA GLN C 413 -27.95 19.33 -26.71
C GLN C 413 -27.60 17.99 -26.08
N VAL C 414 -27.01 17.97 -24.89
CA VAL C 414 -26.58 16.71 -24.28
C VAL C 414 -27.31 16.52 -22.96
N GLU C 415 -27.40 15.24 -22.56
CA GLU C 415 -27.97 14.85 -21.28
C GLU C 415 -27.05 13.82 -20.63
N PHE C 416 -27.13 13.72 -19.31
CA PHE C 416 -26.35 12.75 -18.55
C PHE C 416 -27.26 11.98 -17.61
N TYR C 417 -27.08 10.67 -17.56
CA TYR C 417 -27.79 9.80 -16.62
C TYR C 417 -26.80 8.80 -16.06
N GLN C 418 -26.87 8.57 -14.75
CA GLN C 418 -25.92 7.72 -14.06
C GLN C 418 -26.44 6.29 -13.99
N GLY C 419 -25.64 5.35 -14.48
CA GLY C 419 -26.04 3.96 -14.49
C GLY C 419 -24.97 3.11 -15.13
N SER C 420 -25.28 1.82 -15.26
CA SER C 420 -24.35 0.84 -15.81
C SER C 420 -24.89 0.30 -17.13
N VAL C 421 -23.99 0.05 -18.07
CA VAL C 421 -24.38 -0.51 -19.37
C VAL C 421 -24.84 -1.96 -19.20
N LEU C 422 -24.29 -2.68 -18.22
CA LEU C 422 -24.67 -4.06 -17.96
C LEU C 422 -25.99 -4.20 -17.24
N ASN C 423 -26.60 -3.09 -16.81
CA ASN C 423 -27.86 -3.12 -16.09
C ASN C 423 -29.01 -2.92 -17.05
N PRO C 424 -29.90 -3.92 -17.22
CA PRO C 424 -31.05 -3.73 -18.13
C PRO C 424 -32.01 -2.65 -17.67
N HIS C 425 -32.13 -2.41 -16.37
CA HIS C 425 -32.96 -1.32 -15.89
C HIS C 425 -32.41 0.04 -16.32
N ASP C 426 -31.09 0.21 -16.25
CA ASP C 426 -30.48 1.45 -16.73
C ASP C 426 -30.57 1.56 -18.25
N LEU C 427 -30.46 0.42 -18.95
CA LEU C 427 -30.62 0.42 -20.40
C LEU C 427 -32.03 0.82 -20.82
N ALA C 428 -33.03 0.40 -20.06
CA ALA C 428 -34.39 0.87 -20.30
C ALA C 428 -34.56 2.32 -19.86
N ARG C 429 -33.78 2.75 -18.88
CA ARG C 429 -33.84 4.13 -18.41
C ARG C 429 -33.35 5.11 -19.47
N VAL C 430 -32.28 4.75 -20.21
CA VAL C 430 -31.78 5.63 -21.26
C VAL C 430 -32.53 5.49 -22.57
N LYS C 431 -33.56 4.63 -22.63
CA LYS C 431 -34.38 4.40 -23.81
C LYS C 431 -33.54 3.95 -25.01
N ILE C 432 -32.79 2.87 -24.81
CA ILE C 432 -31.91 2.37 -25.86
C ILE C 432 -32.70 1.66 -26.97
N GLU C 433 -33.93 1.23 -26.68
CA GLU C 433 -34.76 0.57 -27.68
C GLU C 433 -35.26 1.52 -28.75
N SER C 434 -35.18 2.84 -28.52
CA SER C 434 -35.55 3.83 -29.52
C SER C 434 -34.37 4.66 -30.00
N ALA C 435 -33.17 4.39 -29.50
CA ALA C 435 -32.00 5.15 -29.91
C ALA C 435 -31.59 4.81 -31.33
N ASP C 436 -31.02 5.80 -32.03
CA ASP C 436 -30.56 5.59 -33.39
C ASP C 436 -29.32 4.69 -33.42
N ALA C 437 -28.37 4.94 -32.52
CA ALA C 437 -27.14 4.16 -32.48
C ALA C 437 -26.57 4.23 -31.08
N CYS C 438 -25.67 3.30 -30.78
CA CYS C 438 -24.93 3.27 -29.53
C CYS C 438 -23.45 3.41 -29.81
N LEU C 439 -22.81 4.37 -29.16
CA LEU C 439 -21.39 4.65 -29.36
C LEU C 439 -20.62 4.32 -28.09
N ILE C 440 -19.55 3.54 -28.24
CA ILE C 440 -18.74 3.10 -27.12
C ILE C 440 -17.33 3.65 -27.29
N LEU C 441 -16.91 4.47 -26.34
CA LEU C 441 -15.54 4.99 -26.30
C LEU C 441 -14.64 4.02 -25.56
N ALA C 442 -13.38 3.97 -25.96
CA ALA C 442 -12.42 3.04 -25.39
C ALA C 442 -11.22 3.78 -24.83
N ASN C 443 -10.64 3.21 -23.77
CA ASN C 443 -9.42 3.74 -23.17
C ASN C 443 -8.24 3.28 -24.01
N LYS C 444 -7.79 4.14 -24.92
CA LYS C 444 -6.75 3.78 -25.86
C LYS C 444 -5.36 3.72 -25.25
N TYR C 445 -5.18 4.26 -24.05
CA TYR C 445 -3.87 4.28 -23.40
C TYR C 445 -3.82 3.30 -22.22
N CYS C 446 -4.55 2.19 -22.32
CA CYS C 446 -4.52 1.18 -21.28
C CYS C 446 -3.22 0.39 -21.33
N ALA C 447 -2.74 -0.01 -20.15
CA ALA C 447 -1.52 -0.82 -20.08
C ALA C 447 -1.75 -2.21 -20.65
N ASP C 448 -2.93 -2.79 -20.40
CA ASP C 448 -3.28 -4.11 -20.93
C ASP C 448 -4.42 -3.94 -21.94
N PRO C 449 -4.14 -4.00 -23.25
CA PRO C 449 -5.21 -3.81 -24.24
C PRO C 449 -6.22 -4.94 -24.31
N ASP C 450 -5.91 -6.11 -23.75
CA ASP C 450 -6.84 -7.24 -23.83
C ASP C 450 -8.01 -7.08 -22.87
N ALA C 451 -7.76 -6.52 -21.67
CA ALA C 451 -8.83 -6.34 -20.70
C ALA C 451 -9.84 -5.29 -21.17
N GLU C 452 -9.36 -4.21 -21.79
CA GLU C 452 -10.26 -3.18 -22.32
C GLU C 452 -11.11 -3.73 -23.46
N ASP C 453 -10.50 -4.54 -24.34
CA ASP C 453 -11.25 -5.17 -25.41
C ASP C 453 -12.28 -6.15 -24.87
N ALA C 454 -11.92 -6.90 -23.82
CA ALA C 454 -12.88 -7.82 -23.20
C ALA C 454 -14.05 -7.07 -22.56
N SER C 455 -13.76 -5.94 -21.91
CA SER C 455 -14.82 -5.12 -21.33
C SER C 455 -15.74 -4.55 -22.40
N ASN C 456 -15.17 -4.10 -23.52
CA ASN C 456 -15.98 -3.56 -24.60
C ASN C 456 -16.82 -4.66 -25.26
N ILE C 457 -16.26 -5.86 -25.39
CA ILE C 457 -17.02 -6.99 -25.92
C ILE C 457 -18.17 -7.35 -24.98
N MET C 458 -17.93 -7.30 -23.66
CA MET C 458 -18.99 -7.55 -22.69
C MET C 458 -20.09 -6.50 -22.77
N ARG C 459 -19.70 -5.23 -22.97
CA ARG C 459 -20.69 -4.17 -23.15
C ARG C 459 -21.54 -4.39 -24.40
N VAL C 460 -20.88 -4.77 -25.51
CA VAL C 460 -21.60 -5.04 -26.75
C VAL C 460 -22.55 -6.23 -26.58
N ILE C 461 -22.11 -7.25 -25.84
CA ILE C 461 -22.93 -8.42 -25.56
C ILE C 461 -24.17 -8.01 -24.76
N SER C 462 -23.98 -7.16 -23.74
CA SER C 462 -25.11 -6.71 -22.93
C SER C 462 -26.11 -5.89 -23.75
N ILE C 463 -25.60 -4.98 -24.58
CA ILE C 463 -26.49 -4.14 -25.38
C ILE C 463 -27.25 -4.97 -26.41
N LYS C 464 -26.57 -5.91 -27.07
CA LYS C 464 -27.23 -6.75 -28.05
C LYS C 464 -28.18 -7.76 -27.39
N ASN C 465 -27.91 -8.12 -26.14
CA ASN C 465 -28.81 -9.01 -25.42
C ASN C 465 -30.10 -8.28 -25.04
N TYR C 466 -29.99 -7.02 -24.62
CA TYR C 466 -31.18 -6.25 -24.30
C TYR C 466 -31.97 -5.91 -25.57
N HIS C 467 -31.29 -5.44 -26.60
CA HIS C 467 -31.94 -5.09 -27.86
C HIS C 467 -31.09 -5.55 -29.03
N PRO C 468 -31.51 -6.59 -29.75
CA PRO C 468 -30.67 -7.17 -30.81
C PRO C 468 -30.62 -6.37 -32.11
N LYS C 469 -31.42 -5.31 -32.25
CA LYS C 469 -31.53 -4.59 -33.51
C LYS C 469 -31.15 -3.13 -33.35
N ILE C 470 -30.04 -2.86 -32.67
CA ILE C 470 -29.54 -1.51 -32.48
C ILE C 470 -28.17 -1.40 -33.13
N ARG C 471 -27.93 -0.25 -33.78
CA ARG C 471 -26.62 0.01 -34.39
C ARG C 471 -25.59 0.28 -33.31
N ILE C 472 -24.42 -0.36 -33.42
CA ILE C 472 -23.36 -0.24 -32.43
C ILE C 472 -22.07 0.14 -33.16
N ILE C 473 -21.48 1.27 -32.77
CA ILE C 473 -20.16 1.67 -33.25
C ILE C 473 -19.22 1.67 -32.06
N THR C 474 -18.18 0.86 -32.13
CA THR C 474 -17.26 0.66 -31.01
C THR C 474 -15.81 0.80 -31.51
N GLN C 475 -14.90 0.89 -30.54
CA GLN C 475 -13.48 1.03 -30.80
C GLN C 475 -12.74 -0.19 -30.25
N MET C 476 -11.85 -0.77 -31.05
CA MET C 476 -11.06 -1.92 -30.65
C MET C 476 -9.58 -1.55 -30.69
N LEU C 477 -8.81 -2.12 -29.76
CA LEU C 477 -7.38 -1.83 -29.67
C LEU C 477 -6.51 -2.86 -30.36
N GLN C 478 -6.93 -4.13 -30.41
CA GLN C 478 -6.17 -5.19 -31.02
C GLN C 478 -6.99 -5.88 -32.10
N TYR C 479 -6.31 -6.38 -33.13
CA TYR C 479 -6.99 -6.94 -34.28
C TYR C 479 -7.56 -8.32 -34.01
N HIS C 480 -6.94 -9.11 -33.12
CA HIS C 480 -7.43 -10.46 -32.87
C HIS C 480 -8.69 -10.48 -32.03
N ASN C 481 -9.03 -9.38 -31.35
CA ASN C 481 -10.29 -9.28 -30.64
C ASN C 481 -11.44 -8.88 -31.55
N LYS C 482 -11.15 -8.26 -32.69
CA LYS C 482 -12.19 -7.91 -33.65
C LYS C 482 -12.83 -9.15 -34.27
N ALA C 483 -12.04 -10.21 -34.46
CA ALA C 483 -12.60 -11.47 -34.95
C ALA C 483 -13.59 -12.07 -33.95
N HIS C 484 -13.27 -12.00 -32.66
CA HIS C 484 -14.20 -12.45 -31.63
C HIS C 484 -15.44 -11.56 -31.58
N LEU C 485 -15.26 -10.26 -31.78
CA LEU C 485 -16.39 -9.33 -31.77
C LEU C 485 -17.33 -9.59 -32.94
N LEU C 486 -16.78 -9.92 -34.12
CA LEU C 486 -17.60 -10.12 -35.31
C LEU C 486 -18.39 -11.42 -35.29
N ASN C 487 -18.14 -12.31 -34.33
CA ASN C 487 -18.81 -13.60 -34.24
C ASN C 487 -20.03 -13.56 -33.31
N ILE C 488 -20.40 -12.39 -32.82
CA ILE C 488 -21.62 -12.25 -32.00
C ILE C 488 -22.84 -12.55 -32.86
N PRO C 489 -23.83 -13.30 -32.36
CA PRO C 489 -24.97 -13.68 -33.22
C PRO C 489 -25.76 -12.52 -33.79
N SER C 490 -25.91 -11.43 -33.06
CA SER C 490 -26.67 -10.27 -33.53
C SER C 490 -25.80 -9.23 -34.22
N TRP C 491 -24.49 -9.45 -34.28
CA TRP C 491 -23.58 -8.53 -34.95
C TRP C 491 -23.59 -8.80 -36.44
N ASN C 492 -24.32 -7.98 -37.19
CA ASN C 492 -24.32 -8.05 -38.64
C ASN C 492 -23.75 -6.75 -39.18
N TRP C 493 -22.79 -6.85 -40.08
CA TRP C 493 -22.10 -5.67 -40.61
C TRP C 493 -22.57 -5.29 -42.01
N LYS C 494 -23.53 -6.03 -42.57
CA LYS C 494 -24.15 -5.58 -43.82
C LYS C 494 -24.96 -4.31 -43.59
N GLU C 495 -25.63 -4.22 -42.45
CA GLU C 495 -26.23 -2.97 -41.99
C GLU C 495 -25.18 -2.19 -41.19
N GLY C 496 -25.61 -1.16 -40.48
CA GLY C 496 -24.67 -0.37 -39.72
C GLY C 496 -24.20 -1.05 -38.44
N ASP C 497 -22.95 -1.52 -38.46
CA ASP C 497 -22.29 -2.01 -37.24
C ASP C 497 -20.78 -1.93 -37.50
N ASP C 498 -20.15 -0.90 -36.91
CA ASP C 498 -18.77 -0.59 -37.20
C ASP C 498 -17.89 -0.90 -35.99
N ALA C 499 -16.77 -1.58 -36.23
CA ALA C 499 -15.76 -1.85 -35.22
C ALA C 499 -14.47 -1.20 -35.68
N ILE C 500 -14.14 -0.05 -35.11
CA ILE C 500 -12.97 0.72 -35.54
C ILE C 500 -11.75 0.17 -34.80
N CYS C 501 -10.89 -0.54 -35.53
CA CYS C 501 -9.66 -1.09 -34.96
C CYS C 501 -8.55 -0.05 -35.10
N LEU C 502 -7.96 0.34 -33.97
CA LEU C 502 -6.95 1.40 -34.00
C LEU C 502 -5.64 0.91 -34.57
N ALA C 503 -5.21 -0.30 -34.19
CA ALA C 503 -3.93 -0.82 -34.65
C ALA C 503 -3.94 -1.08 -36.15
N GLU C 504 -5.02 -1.69 -36.65
CA GLU C 504 -5.14 -2.00 -38.08
C GLU C 504 -5.14 -0.72 -38.91
N LEU C 505 -5.90 0.28 -38.48
CA LEU C 505 -6.00 1.52 -39.23
C LEU C 505 -4.69 2.31 -39.18
N LYS C 506 -4.05 2.37 -38.01
CA LYS C 506 -2.78 3.07 -37.89
C LYS C 506 -1.69 2.42 -38.72
N LEU C 507 -1.60 1.09 -38.70
CA LEU C 507 -0.60 0.40 -39.50
C LEU C 507 -0.91 0.48 -40.99
N GLY C 508 -2.19 0.51 -41.37
CA GLY C 508 -2.53 0.74 -42.76
C GLY C 508 -2.17 2.14 -43.23
N PHE C 509 -2.37 3.14 -42.37
CA PHE C 509 -1.97 4.50 -42.68
C PHE C 509 -0.46 4.59 -42.89
N ILE C 510 0.31 3.96 -42.00
CA ILE C 510 1.76 3.96 -42.12
C ILE C 510 2.22 3.22 -43.37
N ALA C 511 1.60 2.07 -43.66
CA ALA C 511 1.99 1.27 -44.82
C ALA C 511 1.68 1.98 -46.13
N GLN C 512 0.54 2.66 -46.21
CA GLN C 512 0.26 3.44 -47.40
C GLN C 512 1.06 4.74 -47.47
N SER C 513 1.55 5.23 -46.33
CA SER C 513 2.51 6.32 -46.37
C SER C 513 3.90 5.88 -46.81
N CYS C 514 4.20 4.58 -46.68
CA CYS C 514 5.45 4.06 -47.23
C CYS C 514 5.49 4.09 -48.75
N LEU C 515 4.33 4.15 -49.41
CA LEU C 515 4.26 4.26 -50.85
C LEU C 515 4.15 5.71 -51.32
N ALA C 516 3.58 6.59 -50.50
CA ALA C 516 3.47 8.01 -50.83
C ALA C 516 3.47 8.78 -49.52
N GLN C 517 4.53 9.57 -49.30
CA GLN C 517 4.69 10.27 -48.03
C GLN C 517 3.65 11.37 -47.87
N GLY C 518 3.22 11.56 -46.62
CA GLY C 518 2.19 12.52 -46.30
C GLY C 518 0.76 12.02 -46.42
N LEU C 519 0.58 10.77 -46.87
CA LEU C 519 -0.77 10.26 -47.07
C LEU C 519 -1.50 10.03 -45.76
N SER C 520 -0.79 9.65 -44.70
CA SER C 520 -1.43 9.49 -43.39
C SER C 520 -2.00 10.80 -42.88
N THR C 521 -1.23 11.89 -43.01
CA THR C 521 -1.72 13.19 -42.56
C THR C 521 -2.81 13.72 -43.48
N MET C 522 -2.71 13.44 -44.79
CA MET C 522 -3.76 13.85 -45.71
C MET C 522 -5.08 13.13 -45.41
N LEU C 523 -5.01 11.84 -45.09
CA LEU C 523 -6.21 11.10 -44.74
C LEU C 523 -6.75 11.53 -43.37
N ALA C 524 -5.88 11.75 -42.39
CA ALA C 524 -6.31 12.15 -41.07
C ALA C 524 -6.91 13.55 -41.04
N ASN C 525 -6.46 14.44 -41.91
CA ASN C 525 -7.05 15.77 -42.00
C ASN C 525 -8.38 15.78 -42.76
N LEU C 526 -8.72 14.68 -43.43
CA LEU C 526 -9.98 14.58 -44.15
C LEU C 526 -11.16 14.22 -43.24
N PHE C 527 -10.90 13.77 -42.01
CA PHE C 527 -11.96 13.39 -41.10
C PHE C 527 -12.08 14.29 -39.88
N SER C 528 -11.04 15.03 -39.53
CA SER C 528 -11.16 16.06 -38.50
C SER C 528 -11.93 17.24 -39.07
N MET C 529 -12.96 17.67 -38.35
CA MET C 529 -13.95 18.61 -38.88
C MET C 529 -13.49 20.02 -38.58
N ARG C 530 -12.98 20.72 -39.61
CA ARG C 530 -12.38 22.03 -39.45
C ARG C 530 -13.02 23.03 -40.41
N SER C 531 -12.67 24.29 -40.23
CA SER C 531 -13.17 25.40 -41.05
C SER C 531 -12.00 26.05 -41.78
N PHE C 532 -12.31 27.13 -42.50
CA PHE C 532 -11.32 27.87 -43.26
C PHE C 532 -10.65 28.91 -42.36
N ILE C 533 -9.32 28.84 -42.26
CA ILE C 533 -8.52 29.83 -41.56
C ILE C 533 -7.70 30.56 -42.61
N LYS C 534 -7.99 31.85 -42.79
CA LYS C 534 -7.32 32.65 -43.80
C LYS C 534 -6.09 33.33 -43.19
N ILE C 535 -4.95 33.17 -43.86
CA ILE C 535 -3.68 33.75 -43.42
C ILE C 535 -3.24 34.76 -44.46
N GLU C 536 -2.97 35.99 -44.02
CA GLU C 536 -2.67 37.08 -44.95
C GLU C 536 -1.28 36.94 -45.55
N GLU C 537 -0.29 36.59 -44.72
CA GLU C 537 1.08 36.47 -45.21
C GLU C 537 1.24 35.23 -46.10
N ASP C 538 2.11 35.35 -47.09
CA ASP C 538 2.33 34.28 -48.07
C ASP C 538 3.36 33.31 -47.51
N THR C 539 2.87 32.31 -46.78
CA THR C 539 3.71 31.26 -46.21
C THR C 539 3.13 29.90 -46.60
N TRP C 540 3.80 28.84 -46.13
CA TRP C 540 3.31 27.48 -46.38
C TRP C 540 2.08 27.16 -45.55
N GLN C 541 1.88 27.84 -44.42
CA GLN C 541 0.76 27.55 -43.53
C GLN C 541 -0.56 27.94 -44.17
N LYS C 542 -0.59 29.00 -44.99
CA LYS C 542 -1.81 29.38 -45.68
C LYS C 542 -2.23 28.30 -46.69
N TYR C 543 -1.27 27.76 -47.44
CA TYR C 543 -1.59 26.71 -48.40
C TYR C 543 -1.92 25.40 -47.71
N TYR C 544 -1.35 25.16 -46.53
CA TYR C 544 -1.71 23.98 -45.75
C TYR C 544 -3.13 24.08 -45.22
N LEU C 545 -3.47 25.22 -44.59
CA LEU C 545 -4.79 25.41 -44.02
C LEU C 545 -5.87 25.58 -45.08
N GLU C 546 -5.49 25.89 -46.33
CA GLU C 546 -6.46 25.83 -47.42
C GLU C 546 -6.95 24.41 -47.65
N GLY C 547 -6.06 23.43 -47.53
CA GLY C 547 -6.40 22.04 -47.74
C GLY C 547 -6.89 21.32 -46.50
N VAL C 548 -6.59 21.86 -45.31
CA VAL C 548 -7.10 21.29 -44.07
C VAL C 548 -8.62 21.39 -44.00
N SER C 549 -9.20 22.48 -44.52
CA SER C 549 -10.62 22.76 -44.36
C SER C 549 -11.53 21.80 -45.09
N ASN C 550 -11.00 20.95 -45.98
CA ASN C 550 -11.81 20.01 -46.74
C ASN C 550 -12.04 18.74 -45.92
N GLU C 551 -13.23 18.16 -46.08
CA GLU C 551 -13.59 16.88 -45.46
C GLU C 551 -14.17 15.96 -46.53
N MET C 552 -14.58 14.77 -46.10
CA MET C 552 -15.10 13.74 -47.00
C MET C 552 -16.58 13.53 -46.70
N TYR C 553 -17.40 13.56 -47.75
CA TYR C 553 -18.84 13.48 -47.61
C TYR C 553 -19.41 12.43 -48.58
N THR C 554 -20.57 11.90 -48.22
CA THR C 554 -21.28 10.92 -49.03
C THR C 554 -22.61 11.50 -49.50
N GLU C 555 -22.98 11.17 -50.74
CA GLU C 555 -24.23 11.65 -51.31
C GLU C 555 -24.65 10.72 -52.44
N TYR C 556 -25.95 10.46 -52.53
CA TYR C 556 -26.49 9.74 -53.68
C TYR C 556 -26.36 10.59 -54.93
N LEU C 557 -25.99 9.94 -56.04
CA LEU C 557 -25.82 10.65 -57.29
C LEU C 557 -27.17 11.02 -57.89
N SER C 558 -27.16 12.03 -58.75
CA SER C 558 -28.38 12.50 -59.38
C SER C 558 -28.84 11.51 -60.45
N SER C 559 -30.07 11.71 -60.91
CA SER C 559 -30.67 10.85 -61.93
C SER C 559 -30.21 11.20 -63.34
N ALA C 560 -29.41 12.25 -63.51
CA ALA C 560 -28.93 12.61 -64.84
C ALA C 560 -27.88 11.61 -65.34
N PHE C 561 -27.02 11.14 -64.44
CA PHE C 561 -25.93 10.23 -64.81
C PHE C 561 -26.46 8.80 -64.81
N VAL C 562 -26.86 8.33 -65.99
CA VAL C 562 -27.28 6.93 -66.15
C VAL C 562 -26.31 6.21 -67.07
N GLY C 563 -26.21 6.67 -68.31
CA GLY C 563 -25.31 6.08 -69.27
C GLY C 563 -23.89 6.60 -69.25
N LEU C 564 -23.62 7.63 -68.46
CA LEU C 564 -22.29 8.21 -68.40
C LEU C 564 -21.32 7.31 -67.63
N SER C 565 -20.08 7.29 -68.07
CA SER C 565 -19.03 6.54 -67.42
C SER C 565 -18.45 7.33 -66.26
N PHE C 566 -17.77 6.62 -65.36
CA PHE C 566 -17.19 7.25 -64.17
C PHE C 566 -16.18 8.36 -64.47
N PRO C 567 -15.23 8.24 -65.42
CA PRO C 567 -14.40 9.42 -65.75
C PRO C 567 -15.19 10.61 -66.25
N THR C 568 -16.27 10.37 -67.02
CA THR C 568 -17.10 11.47 -67.50
C THR C 568 -17.83 12.15 -66.35
N VAL C 569 -18.38 11.37 -65.42
CA VAL C 569 -19.08 11.94 -64.27
C VAL C 569 -18.09 12.71 -63.38
N CYS C 570 -16.89 12.15 -63.19
CA CYS C 570 -15.88 12.83 -62.37
C CYS C 570 -15.43 14.15 -63.00
N GLU C 571 -15.17 14.13 -64.31
CA GLU C 571 -14.73 15.35 -64.99
C GLU C 571 -15.82 16.40 -64.99
N LEU C 572 -17.08 16.00 -65.22
CA LEU C 572 -18.19 16.95 -65.16
C LEU C 572 -18.35 17.52 -63.76
N CYS C 573 -18.27 16.66 -62.73
CA CYS C 573 -18.40 17.11 -61.35
C CYS C 573 -17.33 18.12 -61.00
N PHE C 574 -16.07 17.82 -61.34
CA PHE C 574 -14.97 18.74 -61.10
C PHE C 574 -15.20 20.07 -61.80
N VAL C 575 -15.31 20.05 -63.14
CA VAL C 575 -15.29 21.27 -63.94
C VAL C 575 -16.48 22.16 -63.63
N LYS C 576 -17.69 21.60 -63.53
CA LYS C 576 -18.83 22.46 -63.24
C LYS C 576 -19.03 22.65 -61.73
N LEU C 577 -19.23 21.56 -60.99
CA LEU C 577 -19.68 21.68 -59.61
C LEU C 577 -18.55 21.98 -58.62
N LYS C 578 -17.28 22.01 -59.08
CA LYS C 578 -16.11 22.24 -58.21
C LYS C 578 -16.07 21.25 -57.04
N LEU C 579 -16.35 19.99 -57.34
CA LEU C 579 -16.33 18.93 -56.35
C LEU C 579 -15.43 17.79 -56.83
N LEU C 580 -14.70 17.19 -55.89
CA LEU C 580 -13.82 16.07 -56.18
C LEU C 580 -14.51 14.78 -55.77
N MET C 581 -14.72 13.89 -56.73
CA MET C 581 -15.42 12.63 -56.52
C MET C 581 -14.44 11.49 -56.75
N ILE C 582 -14.31 10.60 -55.76
CA ILE C 582 -13.22 9.63 -55.76
C ILE C 582 -13.70 8.20 -55.86
N ALA C 583 -14.91 7.91 -55.36
CA ALA C 583 -15.37 6.53 -55.31
C ALA C 583 -16.90 6.49 -55.32
N ILE C 584 -17.42 5.32 -55.67
CA ILE C 584 -18.85 5.04 -55.67
C ILE C 584 -19.09 3.75 -54.89
N GLU C 585 -20.35 3.32 -54.86
CA GLU C 585 -20.75 2.05 -54.26
C GLU C 585 -21.52 1.26 -55.32
N TYR C 586 -20.83 0.34 -55.98
CA TYR C 586 -21.44 -0.47 -57.03
C TYR C 586 -22.40 -1.50 -56.46
N SER C 593 -23.12 -5.72 -52.73
CA SER C 593 -22.60 -4.37 -52.62
C SER C 593 -21.08 -4.36 -52.52
N ARG C 594 -20.45 -3.44 -53.22
CA ARG C 594 -19.00 -3.31 -53.21
C ARG C 594 -18.63 -1.87 -53.53
N ILE C 595 -17.60 -1.37 -52.85
CA ILE C 595 -17.09 -0.03 -53.07
C ILE C 595 -15.91 -0.13 -54.03
N LEU C 596 -15.98 0.62 -55.13
CA LEU C 596 -14.93 0.65 -56.14
C LEU C 596 -14.30 2.03 -56.16
N ILE C 597 -12.98 2.08 -56.01
CA ILE C 597 -12.24 3.33 -55.99
C ILE C 597 -11.64 3.55 -57.38
N ASN C 598 -12.10 4.61 -58.05
CA ASN C 598 -11.69 5.04 -59.38
C ASN C 598 -11.77 3.94 -60.45
N PRO C 599 -12.96 3.53 -60.86
CA PRO C 599 -13.05 2.65 -62.05
C PRO C 599 -12.80 3.44 -63.31
N GLY C 600 -12.42 2.73 -64.37
CA GLY C 600 -12.09 3.41 -65.60
C GLY C 600 -12.67 2.85 -66.89
N ASN C 601 -13.52 3.66 -67.53
CA ASN C 601 -13.95 3.49 -68.93
C ASN C 601 -14.64 2.16 -69.21
N HIS C 602 -15.14 1.47 -68.18
CA HIS C 602 -15.86 0.23 -68.39
C HIS C 602 -17.07 0.05 -67.47
N LEU C 603 -17.43 1.07 -66.69
CA LEU C 603 -18.50 0.98 -65.70
C LEU C 603 -19.50 2.10 -65.93
N LYS C 604 -20.78 1.77 -65.80
CA LYS C 604 -21.86 2.73 -65.97
C LYS C 604 -22.57 2.95 -64.64
N ILE C 605 -23.04 4.18 -64.44
CA ILE C 605 -23.66 4.56 -63.17
C ILE C 605 -25.07 3.99 -63.09
N GLN C 606 -25.37 3.35 -61.97
CA GLN C 606 -26.72 2.85 -61.70
C GLN C 606 -27.53 3.95 -61.00
N GLU C 607 -28.69 3.59 -60.48
CA GLU C 607 -29.56 4.53 -59.77
C GLU C 607 -29.26 4.45 -58.27
N GLY C 608 -28.88 5.59 -57.69
CA GLY C 608 -28.54 5.64 -56.28
C GLY C 608 -27.24 4.92 -55.97
N THR C 609 -26.12 5.44 -56.47
CA THR C 609 -24.83 4.78 -56.33
C THR C 609 -24.03 5.23 -55.12
N LEU C 610 -24.43 6.32 -54.46
CA LEU C 610 -23.83 6.83 -53.23
C LEU C 610 -22.34 7.15 -53.43
N GLY C 611 -22.11 8.15 -54.29
CA GLY C 611 -20.75 8.59 -54.56
C GLY C 611 -20.13 9.27 -53.35
N PHE C 612 -18.80 9.21 -53.30
CA PHE C 612 -18.01 9.79 -52.21
C PHE C 612 -17.33 11.05 -52.71
N PHE C 613 -17.45 12.13 -51.94
CA PHE C 613 -17.02 13.45 -52.39
C PHE C 613 -16.09 14.08 -51.36
N ILE C 614 -15.27 15.02 -51.83
CA ILE C 614 -14.42 15.84 -50.99
C ILE C 614 -14.81 17.29 -51.21
N ALA C 615 -15.16 17.98 -50.12
CA ALA C 615 -15.65 19.35 -50.20
C ALA C 615 -15.38 20.05 -48.87
N SER C 616 -15.54 21.37 -48.90
CA SER C 616 -15.30 22.17 -47.70
C SER C 616 -16.39 21.97 -46.66
N ASP C 617 -17.64 21.86 -47.12
CA ASP C 617 -18.78 21.66 -46.22
C ASP C 617 -19.83 20.79 -46.91
N ALA C 618 -20.86 20.44 -46.15
CA ALA C 618 -21.92 19.57 -46.66
C ALA C 618 -22.95 20.31 -47.50
N LYS C 619 -22.90 21.64 -47.54
CA LYS C 619 -23.86 22.39 -48.33
C LYS C 619 -23.58 22.28 -49.82
N GLU C 620 -22.32 22.36 -50.21
CA GLU C 620 -21.93 22.27 -51.61
C GLU C 620 -21.99 20.85 -52.16
N VAL C 621 -22.11 19.85 -51.28
CA VAL C 621 -22.21 18.46 -51.73
C VAL C 621 -23.56 18.22 -52.39
N LYS C 622 -24.60 18.95 -51.98
CA LYS C 622 -25.96 18.78 -52.47
C LYS C 622 -26.11 19.08 -53.96
N ARG C 623 -25.15 19.77 -54.58
CA ARG C 623 -25.23 20.05 -56.01
C ARG C 623 -25.11 18.77 -56.84
N ALA C 624 -24.46 17.73 -56.30
CA ALA C 624 -24.36 16.47 -57.01
C ALA C 624 -25.66 15.68 -57.02
N PHE C 625 -26.60 16.04 -56.14
CA PHE C 625 -27.92 15.41 -56.12
C PHE C 625 -28.99 16.27 -56.77
N PHE C 626 -28.96 17.57 -56.52
CA PHE C 626 -29.89 18.51 -57.17
C PHE C 626 -29.25 19.03 -58.46
N TYR C 627 -29.09 18.12 -59.41
CA TYR C 627 -28.45 18.42 -60.68
C TYR C 627 -29.42 18.18 -61.83
N CYS C 628 -29.43 19.11 -62.78
CA CYS C 628 -30.25 19.00 -63.98
C CYS C 628 -29.41 19.35 -65.20
N LYS C 629 -29.72 18.71 -66.32
CA LYS C 629 -28.99 18.94 -67.55
C LYS C 629 -29.33 20.30 -68.15
N VAL C 699 2.64 -22.95 -59.43
CA VAL C 699 2.64 -23.03 -57.98
C VAL C 699 1.62 -22.05 -57.40
N LYS C 700 1.52 -22.01 -56.08
CA LYS C 700 0.59 -21.13 -55.39
C LYS C 700 1.28 -19.79 -55.18
N LYS C 701 1.11 -18.88 -56.13
CA LYS C 701 1.70 -17.55 -56.06
C LYS C 701 0.75 -16.53 -55.44
N TYR C 702 -0.47 -16.93 -55.09
CA TYR C 702 -1.44 -16.05 -54.46
C TYR C 702 -2.22 -16.85 -53.43
N ASP C 703 -3.03 -16.15 -52.64
CA ASP C 703 -3.86 -16.79 -51.63
C ASP C 703 -5.14 -17.32 -52.27
N SER C 704 -6.06 -17.81 -51.45
CA SER C 704 -7.30 -18.37 -51.96
C SER C 704 -8.18 -17.31 -52.61
N THR C 705 -8.20 -16.10 -52.03
CA THR C 705 -8.98 -15.01 -52.61
C THR C 705 -8.31 -14.45 -53.85
N GLY C 706 -6.99 -14.60 -53.96
CA GLY C 706 -6.26 -14.04 -55.08
C GLY C 706 -6.02 -12.54 -54.99
N MET C 707 -6.13 -11.96 -53.79
CA MET C 707 -5.98 -10.53 -53.60
C MET C 707 -4.68 -10.15 -52.92
N PHE C 708 -3.89 -11.12 -52.46
CA PHE C 708 -2.61 -10.84 -51.83
C PHE C 708 -1.57 -11.83 -52.33
N HIS C 709 -0.31 -11.40 -52.31
CA HIS C 709 0.78 -12.30 -52.67
C HIS C 709 1.00 -13.33 -51.57
N TRP C 710 1.32 -14.55 -51.98
CA TRP C 710 1.47 -15.65 -51.04
C TRP C 710 2.60 -16.56 -51.52
N CYS C 711 3.36 -17.10 -50.57
CA CYS C 711 4.46 -18.00 -50.86
C CYS C 711 4.43 -19.15 -49.86
N ALA C 712 5.40 -20.06 -50.01
CA ALA C 712 5.47 -21.22 -49.12
C ALA C 712 5.86 -20.79 -47.71
N PRO C 713 5.41 -21.53 -46.69
CA PRO C 713 5.82 -21.23 -45.32
C PRO C 713 7.32 -21.39 -45.14
N LYS C 714 7.90 -20.51 -44.31
CA LYS C 714 9.33 -20.49 -44.07
C LYS C 714 9.59 -20.40 -42.58
N GLU C 715 10.74 -20.93 -42.15
CA GLU C 715 11.19 -20.78 -40.78
C GLU C 715 12.05 -19.52 -40.65
N ILE C 716 12.26 -19.10 -39.41
CA ILE C 716 12.98 -17.84 -39.16
C ILE C 716 14.47 -17.97 -39.44
N GLU C 717 14.99 -19.20 -39.54
CA GLU C 717 16.42 -19.37 -39.80
C GLU C 717 16.79 -18.98 -41.22
N LYS C 718 15.87 -19.12 -42.17
CA LYS C 718 16.14 -18.74 -43.54
C LYS C 718 15.99 -17.24 -43.79
N VAL C 719 15.45 -16.49 -42.82
CA VAL C 719 15.31 -15.04 -42.96
C VAL C 719 16.16 -14.26 -41.96
N ILE C 720 16.72 -14.90 -40.95
CA ILE C 720 17.62 -14.21 -40.02
C ILE C 720 18.94 -13.92 -40.73
N LEU C 721 19.37 -12.67 -40.67
CA LEU C 721 20.61 -12.23 -41.29
C LEU C 721 21.57 -11.73 -40.22
N THR C 722 22.83 -11.64 -40.59
CA THR C 722 23.87 -11.06 -39.75
C THR C 722 24.37 -9.77 -40.37
N ARG C 723 25.26 -9.08 -39.65
CA ARG C 723 25.79 -7.81 -40.12
C ARG C 723 26.64 -7.97 -41.37
N SER C 724 27.45 -9.04 -41.42
CA SER C 724 28.30 -9.29 -42.58
C SER C 724 27.47 -9.57 -43.83
N GLU C 725 26.43 -10.41 -43.70
CA GLU C 725 25.57 -10.70 -44.85
C GLU C 725 24.75 -9.49 -45.25
N ALA C 726 24.30 -8.70 -44.27
CA ALA C 726 23.55 -7.49 -44.57
C ALA C 726 24.40 -6.47 -45.31
N ALA C 727 25.68 -6.37 -44.95
CA ALA C 727 26.58 -5.49 -45.69
C ALA C 727 26.95 -6.09 -47.05
N MET C 728 26.94 -7.42 -47.16
CA MET C 728 27.27 -8.07 -48.43
C MET C 728 26.18 -7.84 -49.47
N THR C 729 24.93 -8.05 -49.09
CA THR C 729 23.81 -7.84 -50.02
C THR C 729 23.34 -6.39 -49.91
N VAL C 730 23.52 -5.63 -50.99
CA VAL C 730 23.15 -4.22 -51.01
C VAL C 730 21.65 -4.10 -51.26
N LEU C 731 20.96 -3.38 -50.39
CA LEU C 731 19.52 -3.16 -50.49
C LEU C 731 19.26 -1.74 -50.94
N SER C 732 18.46 -1.59 -52.00
CA SER C 732 18.07 -0.29 -52.51
C SER C 732 16.58 -0.29 -52.81
N GLY C 733 15.92 0.82 -52.49
CA GLY C 733 14.49 0.92 -52.68
C GLY C 733 13.67 0.00 -51.79
N HIS C 734 14.03 -0.09 -50.52
CA HIS C 734 13.40 -1.02 -49.59
C HIS C 734 12.77 -0.23 -48.44
N VAL C 735 12.23 -0.96 -47.46
CA VAL C 735 11.61 -0.38 -46.28
C VAL C 735 12.27 -0.99 -45.05
N VAL C 736 12.75 -0.14 -44.15
CA VAL C 736 13.38 -0.56 -42.90
C VAL C 736 12.42 -0.25 -41.76
N VAL C 737 12.12 -1.26 -40.95
CA VAL C 737 11.21 -1.13 -39.82
C VAL C 737 12.03 -1.33 -38.54
N CYS C 738 12.02 -0.34 -37.67
CA CYS C 738 12.73 -0.39 -36.40
C CYS C 738 11.73 -0.71 -35.29
N ILE C 739 12.00 -1.76 -34.52
CA ILE C 739 11.08 -2.26 -33.52
C ILE C 739 11.76 -2.23 -32.15
N PHE C 740 11.10 -1.61 -31.19
CA PHE C 740 11.52 -1.64 -29.79
C PHE C 740 10.56 -2.53 -29.02
N GLY C 741 11.09 -3.57 -28.40
CA GLY C 741 10.26 -4.50 -27.66
C GLY C 741 11.09 -5.63 -27.09
N ASP C 742 10.43 -6.45 -26.29
CA ASP C 742 11.05 -7.60 -25.66
C ASP C 742 10.02 -8.73 -25.56
N VAL C 743 10.34 -9.75 -24.76
CA VAL C 743 9.45 -10.91 -24.64
C VAL C 743 8.18 -10.54 -23.88
N SER C 744 8.29 -9.69 -22.86
CA SER C 744 7.14 -9.35 -22.02
C SER C 744 6.26 -8.26 -22.63
N SER C 745 6.68 -7.63 -23.72
CA SER C 745 5.91 -6.54 -24.30
C SER C 745 4.71 -7.09 -25.07
N ALA C 746 3.74 -6.20 -25.31
CA ALA C 746 2.54 -6.56 -26.04
C ALA C 746 2.85 -6.70 -27.53
N LEU C 747 1.90 -7.26 -28.27
CA LEU C 747 2.08 -7.53 -29.69
C LEU C 747 1.55 -6.37 -30.52
N ILE C 748 2.41 -5.82 -31.38
CA ILE C 748 2.00 -4.76 -32.28
C ILE C 748 1.05 -5.29 -33.35
N GLY C 749 1.31 -6.51 -33.82
CA GLY C 749 0.53 -7.05 -34.92
C GLY C 749 1.02 -6.55 -36.27
N LEU C 750 2.25 -6.92 -36.63
CA LEU C 750 2.91 -6.42 -37.82
C LEU C 750 2.30 -6.92 -39.13
N ARG C 751 1.37 -7.88 -39.05
CA ARG C 751 0.65 -8.32 -40.25
C ARG C 751 -0.14 -7.18 -40.87
N ASN C 752 -0.73 -6.31 -40.03
CA ASN C 752 -1.50 -5.18 -40.52
C ASN C 752 -0.64 -4.14 -41.22
N LEU C 753 0.68 -4.21 -41.07
CA LEU C 753 1.61 -3.36 -41.82
C LEU C 753 2.19 -4.07 -43.04
N VAL C 754 2.53 -5.36 -42.93
CA VAL C 754 3.13 -6.08 -44.04
C VAL C 754 2.11 -6.35 -45.14
N MET C 755 0.90 -6.76 -44.77
CA MET C 755 -0.12 -7.15 -45.75
C MET C 755 -0.54 -6.05 -46.73
N PRO C 756 -0.73 -4.78 -46.35
CA PRO C 756 -0.98 -3.76 -47.38
C PRO C 756 0.15 -3.59 -48.38
N LEU C 757 1.39 -3.88 -47.99
CA LEU C 757 2.52 -3.77 -48.90
C LEU C 757 2.69 -5.01 -49.78
N ARG C 758 1.88 -6.05 -49.56
CA ARG C 758 1.98 -7.29 -50.33
C ARG C 758 0.69 -7.56 -51.10
N ALA C 759 0.00 -6.50 -51.52
CA ALA C 759 -1.26 -6.66 -52.25
C ALA C 759 -0.98 -7.08 -53.69
N SER C 760 -2.04 -7.51 -54.38
CA SER C 760 -1.92 -8.13 -55.70
C SER C 760 -2.03 -7.14 -56.86
N ASN C 761 -2.27 -5.87 -56.60
CA ASN C 761 -2.24 -4.88 -57.68
C ASN C 761 -0.84 -4.37 -57.95
N PHE C 762 0.15 -4.84 -57.18
CA PHE C 762 1.55 -4.57 -57.46
C PHE C 762 2.16 -5.78 -58.15
N HIS C 763 3.06 -5.53 -59.09
CA HIS C 763 3.80 -6.62 -59.72
C HIS C 763 4.87 -7.14 -58.75
N TYR C 764 5.41 -8.31 -59.08
CA TYR C 764 6.43 -8.91 -58.22
C TYR C 764 7.73 -8.13 -58.23
N HIS C 765 8.05 -7.48 -59.35
CA HIS C 765 9.22 -6.60 -59.41
C HIS C 765 8.95 -5.24 -58.76
N GLU C 766 7.70 -4.91 -58.49
CA GLU C 766 7.34 -3.66 -57.83
C GLU C 766 7.24 -3.78 -56.33
N LEU C 767 7.40 -4.98 -55.78
CA LEU C 767 7.30 -5.17 -54.34
C LEU C 767 8.53 -4.64 -53.63
N LYS C 768 8.32 -3.91 -52.53
CA LYS C 768 9.41 -3.35 -51.75
C LYS C 768 9.88 -4.36 -50.71
N HIS C 769 11.20 -4.45 -50.55
CA HIS C 769 11.77 -5.32 -49.54
C HIS C 769 11.56 -4.74 -48.16
N ILE C 770 11.19 -5.61 -47.21
CA ILE C 770 10.97 -5.22 -45.82
C ILE C 770 11.97 -5.98 -44.97
N VAL C 771 12.79 -5.23 -44.22
CA VAL C 771 13.78 -5.81 -43.32
C VAL C 771 13.53 -5.26 -41.92
N PHE C 772 13.39 -6.15 -40.95
CA PHE C 772 13.09 -5.77 -39.57
C PHE C 772 14.39 -5.68 -38.77
N VAL C 773 14.57 -4.57 -38.09
CA VAL C 773 15.73 -4.34 -37.23
C VAL C 773 15.20 -4.24 -35.80
N GLY C 774 15.37 -5.30 -35.03
CA GLY C 774 14.88 -5.34 -33.66
C GLY C 774 15.41 -6.52 -32.88
N SER C 775 14.64 -6.99 -31.90
CA SER C 775 15.04 -8.11 -31.07
C SER C 775 14.36 -9.38 -31.55
N ILE C 776 15.17 -10.44 -31.73
CA ILE C 776 14.63 -11.71 -32.23
C ILE C 776 13.71 -12.37 -31.21
N GLU C 777 13.87 -12.06 -29.91
CA GLU C 777 12.95 -12.59 -28.90
C GLU C 777 11.54 -12.05 -29.08
N TYR C 778 11.43 -10.77 -29.44
CA TYR C 778 10.11 -10.22 -29.75
C TYR C 778 9.63 -10.67 -31.13
N LEU C 779 10.54 -10.74 -32.11
CA LEU C 779 10.12 -11.06 -33.47
C LEU C 779 9.74 -12.53 -33.65
N LYS C 780 10.18 -13.41 -32.74
CA LYS C 780 9.77 -14.81 -32.82
C LYS C 780 8.29 -14.99 -32.51
N ARG C 781 7.73 -14.15 -31.66
CA ARG C 781 6.30 -14.20 -31.35
C ARG C 781 5.43 -13.59 -32.45
N GLU C 782 6.02 -12.85 -33.38
CA GLU C 782 5.28 -12.23 -34.48
C GLU C 782 5.54 -12.88 -35.83
N TRP C 783 6.58 -13.71 -35.94
CA TRP C 783 6.88 -14.38 -37.21
C TRP C 783 5.81 -15.38 -37.64
N GLU C 784 5.03 -15.92 -36.68
CA GLU C 784 4.04 -16.94 -37.01
C GLU C 784 2.89 -16.42 -37.87
N THR C 785 2.71 -15.10 -37.95
CA THR C 785 1.71 -14.50 -38.83
C THR C 785 2.34 -13.82 -40.04
N LEU C 786 3.63 -14.02 -40.29
CA LEU C 786 4.33 -13.31 -41.33
C LEU C 786 5.14 -14.19 -42.28
N HIS C 787 5.10 -15.52 -42.11
CA HIS C 787 5.96 -16.41 -42.88
C HIS C 787 5.35 -16.82 -44.23
N ASN C 788 4.30 -16.13 -44.68
CA ASN C 788 3.70 -16.39 -45.98
C ASN C 788 3.86 -15.22 -46.94
N PHE C 789 4.77 -14.29 -46.65
CA PHE C 789 4.94 -13.10 -47.45
C PHE C 789 6.33 -13.07 -48.06
N PRO C 790 6.45 -12.84 -49.37
CA PRO C 790 7.78 -12.80 -50.00
C PRO C 790 8.56 -11.55 -49.60
N LYS C 791 9.89 -11.66 -49.70
CA LYS C 791 10.84 -10.57 -49.50
C LYS C 791 10.72 -9.96 -48.11
N VAL C 792 10.97 -10.80 -47.10
CA VAL C 792 10.99 -10.37 -45.70
C VAL C 792 12.29 -10.85 -45.08
N SER C 793 13.04 -9.94 -44.49
CA SER C 793 14.31 -10.24 -43.83
C SER C 793 14.28 -9.75 -42.40
N ILE C 794 15.11 -10.35 -41.56
CA ILE C 794 15.21 -9.99 -40.14
C ILE C 794 16.69 -9.85 -39.79
N LEU C 795 17.07 -8.69 -39.28
CA LEU C 795 18.41 -8.46 -38.75
C LEU C 795 18.31 -8.19 -37.26
N PRO C 796 18.66 -9.14 -36.40
CA PRO C 796 18.58 -8.90 -34.95
C PRO C 796 19.58 -7.85 -34.50
N GLY C 797 19.19 -7.10 -33.47
CA GLY C 797 20.03 -6.04 -32.95
C GLY C 797 19.24 -4.97 -32.25
N THR C 798 19.65 -3.71 -32.40
CA THR C 798 18.94 -2.58 -31.82
C THR C 798 18.87 -1.47 -32.86
N PRO C 799 17.79 -0.67 -32.84
CA PRO C 799 17.69 0.45 -33.78
C PRO C 799 18.62 1.61 -33.47
N LEU C 800 19.26 1.62 -32.31
CA LEU C 800 20.20 2.67 -31.95
C LEU C 800 21.62 2.39 -32.42
N SER C 801 21.85 1.26 -33.09
CA SER C 801 23.20 0.90 -33.52
C SER C 801 23.50 1.48 -34.90
N ARG C 802 24.53 2.33 -34.95
CA ARG C 802 24.92 2.98 -36.19
C ARG C 802 25.41 1.97 -37.22
N ALA C 803 26.19 0.98 -36.79
CA ALA C 803 26.67 -0.05 -37.71
C ALA C 803 25.51 -0.91 -38.23
N ASP C 804 24.55 -1.23 -37.36
CA ASP C 804 23.40 -2.02 -37.79
C ASP C 804 22.55 -1.25 -38.80
N LEU C 805 22.38 0.05 -38.60
CA LEU C 805 21.63 0.84 -39.57
C LEU C 805 22.42 1.09 -40.86
N ARG C 806 23.75 1.11 -40.77
CA ARG C 806 24.57 1.23 -41.98
C ARG C 806 24.57 -0.05 -42.79
N ALA C 807 24.42 -1.20 -42.13
CA ALA C 807 24.43 -2.48 -42.83
C ALA C 807 23.22 -2.65 -43.74
N VAL C 808 22.06 -2.10 -43.35
CA VAL C 808 20.83 -2.31 -44.10
C VAL C 808 20.61 -1.20 -45.11
N ASN C 809 21.62 -0.33 -45.28
CA ASN C 809 21.63 0.77 -46.26
C ASN C 809 20.44 1.71 -46.05
N ILE C 810 20.47 2.38 -44.89
CA ILE C 810 19.38 3.27 -44.52
C ILE C 810 19.34 4.53 -45.38
N ASN C 811 20.43 4.86 -46.07
CA ASN C 811 20.44 6.04 -46.94
C ASN C 811 19.78 5.80 -48.29
N LEU C 812 19.51 4.54 -48.65
CA LEU C 812 18.86 4.20 -49.91
C LEU C 812 17.41 3.80 -49.74
N CYS C 813 16.82 4.07 -48.57
CA CYS C 813 15.47 3.65 -48.27
C CYS C 813 14.45 4.61 -48.89
N ASP C 814 13.19 4.17 -48.88
CA ASP C 814 12.07 5.04 -49.21
C ASP C 814 11.30 5.51 -47.98
N MET C 815 11.30 4.73 -46.91
CA MET C 815 10.63 5.11 -45.68
C MET C 815 11.20 4.29 -44.53
N CYS C 816 11.51 4.96 -43.42
CA CYS C 816 11.94 4.31 -42.19
C CYS C 816 10.83 4.40 -41.16
N VAL C 817 10.44 3.26 -40.60
CA VAL C 817 9.33 3.17 -39.64
C VAL C 817 9.90 2.79 -38.28
N ILE C 818 9.60 3.59 -37.27
CA ILE C 818 10.04 3.34 -35.90
C ILE C 818 8.80 3.14 -35.04
N LEU C 819 8.72 1.96 -34.41
CA LEU C 819 7.58 1.61 -33.56
C LEU C 819 8.10 1.07 -32.23
N SER C 820 7.30 1.27 -31.19
CA SER C 820 7.62 0.77 -29.85
C SER C 820 6.49 -0.12 -29.37
N ALA C 821 6.83 -1.36 -28.99
CA ALA C 821 5.83 -2.31 -28.51
C ALA C 821 5.50 -2.14 -27.04
N ASN C 822 6.28 -1.35 -26.30
CA ASN C 822 6.04 -1.15 -24.87
C ASN C 822 5.93 0.33 -24.57
N GLN C 823 5.16 1.05 -25.37
CA GLN C 823 5.06 2.49 -25.25
C GLN C 823 3.94 2.95 -24.32
N ASN C 824 3.09 2.03 -23.86
CA ASN C 824 1.97 2.38 -22.99
C ASN C 824 2.01 1.67 -21.63
N ASN C 825 2.79 0.61 -21.48
CA ASN C 825 2.82 -0.15 -20.25
C ASN C 825 3.72 0.45 -19.18
N ILE C 826 4.46 1.51 -19.50
CA ILE C 826 5.34 2.15 -18.53
C ILE C 826 4.49 2.95 -17.55
N ASP C 827 4.99 3.06 -16.31
CA ASP C 827 4.26 3.72 -15.23
C ASP C 827 4.59 5.20 -15.11
N ASP C 828 5.44 5.74 -15.97
CA ASP C 828 5.87 7.12 -15.91
C ASP C 828 5.21 7.91 -17.03
N THR C 829 4.62 9.07 -16.68
CA THR C 829 4.14 9.98 -17.70
C THR C 829 5.29 10.58 -18.51
N SER C 830 6.43 10.80 -17.87
CA SER C 830 7.65 11.15 -18.58
C SER C 830 8.27 9.90 -19.18
N LEU C 831 9.36 10.11 -19.94
CA LEU C 831 10.09 9.07 -20.68
C LEU C 831 9.20 8.31 -21.65
N GLN C 832 8.15 8.95 -22.17
CA GLN C 832 7.31 8.35 -23.19
C GLN C 832 7.84 8.72 -24.56
N ASP C 833 7.85 7.72 -25.46
CA ASP C 833 8.42 7.83 -26.81
C ASP C 833 9.90 8.22 -26.78
N LYS C 834 10.57 7.87 -25.69
CA LYS C 834 11.97 8.27 -25.50
C LYS C 834 12.89 7.55 -26.47
N GLU C 835 12.70 6.24 -26.65
CA GLU C 835 13.53 5.47 -27.57
C GLU C 835 13.28 5.88 -29.01
N CYS C 836 12.01 6.16 -29.35
CA CYS C 836 11.69 6.61 -30.71
C CYS C 836 12.31 7.98 -31.00
N ILE C 837 12.23 8.90 -30.03
CA ILE C 837 12.83 10.22 -30.19
C ILE C 837 14.34 10.10 -30.32
N LEU C 838 14.96 9.25 -29.50
CA LEU C 838 16.41 9.06 -29.56
C LEU C 838 16.84 8.46 -30.89
N ALA C 839 16.11 7.46 -31.39
CA ALA C 839 16.43 6.88 -32.69
C ALA C 839 16.25 7.87 -33.83
N SER C 840 15.17 8.65 -33.81
CA SER C 840 14.95 9.64 -34.85
C SER C 840 16.02 10.73 -34.83
N LEU C 841 16.48 11.12 -33.64
CA LEU C 841 17.55 12.10 -33.56
C LEU C 841 18.89 11.51 -33.99
N ASN C 842 19.14 10.24 -33.66
N ASN C 842 19.14 10.24 -33.69
CA ASN C 842 20.41 9.60 -34.02
CA ASN C 842 20.42 9.63 -34.03
C ASN C 842 20.53 9.39 -35.52
C ASN C 842 20.54 9.34 -35.52
N ILE C 843 19.41 9.10 -36.19
CA ILE C 843 19.45 8.88 -37.64
C ILE C 843 19.82 10.17 -38.38
N LYS C 844 19.30 11.32 -37.91
CA LYS C 844 19.54 12.59 -38.58
C LYS C 844 20.98 13.07 -38.47
N SER C 845 21.76 12.56 -37.51
CA SER C 845 23.13 13.03 -37.31
C SER C 845 24.16 12.17 -38.05
N MET C 846 23.73 11.20 -38.83
CA MET C 846 24.67 10.32 -39.52
C MET C 846 25.30 11.02 -40.72
N GLN C 847 26.42 10.46 -41.17
CA GLN C 847 27.14 10.95 -42.34
C GLN C 847 27.49 9.77 -43.23
N PHE C 848 27.27 9.93 -44.53
CA PHE C 848 27.52 8.88 -45.51
C PHE C 848 28.42 9.43 -46.62
N ASP C 849 29.37 8.61 -47.06
CA ASP C 849 30.29 9.01 -48.11
C ASP C 849 29.61 8.98 -49.48
N THR C 887 26.53 14.00 -48.10
CA THR C 887 25.32 13.27 -47.72
C THR C 887 25.15 13.25 -46.21
N THR C 888 23.95 13.59 -45.75
CA THR C 888 23.64 13.65 -44.33
C THR C 888 22.29 12.96 -44.10
N GLY C 889 22.08 12.48 -42.88
CA GLY C 889 20.88 11.76 -42.52
C GLY C 889 19.63 12.59 -42.36
N VAL C 890 19.72 13.92 -42.53
CA VAL C 890 18.55 14.77 -42.40
C VAL C 890 17.58 14.59 -43.57
N ASN C 891 18.05 14.09 -44.71
CA ASN C 891 17.23 13.90 -45.89
C ASN C 891 16.66 12.49 -46.01
N ILE C 892 16.91 11.64 -45.03
CA ILE C 892 16.37 10.28 -45.05
C ILE C 892 14.89 10.33 -44.66
N PRO C 893 13.99 9.79 -45.48
CA PRO C 893 12.57 9.74 -45.08
C PRO C 893 12.38 8.88 -43.85
N ILE C 894 11.47 9.32 -42.97
CA ILE C 894 11.29 8.67 -41.68
C ILE C 894 9.86 8.96 -41.21
N ILE C 895 9.28 7.99 -40.50
CA ILE C 895 7.99 8.16 -39.83
C ILE C 895 8.08 7.48 -38.47
N THR C 896 7.54 8.14 -37.45
CA THR C 896 7.56 7.63 -36.09
C THR C 896 6.20 7.83 -35.45
N GLU C 897 5.81 6.87 -34.61
CA GLU C 897 4.53 6.90 -33.90
C GLU C 897 4.76 7.31 -32.46
N LEU C 898 3.93 8.24 -31.98
CA LEU C 898 4.05 8.76 -30.62
C LEU C 898 2.72 8.59 -29.89
N VAL C 899 2.80 8.26 -28.59
CA VAL C 899 1.61 8.22 -27.75
C VAL C 899 1.33 9.54 -27.07
N ASN C 900 2.27 10.48 -27.12
CA ASN C 900 2.10 11.82 -26.56
C ASN C 900 2.34 12.82 -27.69
N ASP C 901 1.29 13.54 -28.07
CA ASP C 901 1.37 14.44 -29.22
C ASP C 901 2.16 15.71 -28.93
N THR C 902 2.43 16.03 -27.66
CA THR C 902 3.26 17.17 -27.33
C THR C 902 4.75 16.86 -27.37
N ASN C 903 5.11 15.60 -27.63
CA ASN C 903 6.50 15.18 -27.77
C ASN C 903 7.02 15.37 -29.19
N VAL C 904 6.20 15.92 -30.09
CA VAL C 904 6.60 16.13 -31.48
C VAL C 904 7.60 17.27 -31.63
N GLN C 905 7.81 18.07 -30.59
CA GLN C 905 8.76 19.18 -30.67
C GLN C 905 10.19 18.68 -30.66
N PHE C 906 10.45 17.52 -30.04
CA PHE C 906 11.79 16.97 -29.93
C PHE C 906 12.20 16.15 -31.13
N LEU C 907 11.31 15.96 -32.12
CA LEU C 907 11.65 15.14 -33.27
C LEU C 907 12.65 15.83 -34.19
N ASP C 908 12.58 17.15 -34.32
CA ASP C 908 13.49 17.91 -35.16
C ASP C 908 14.05 19.07 -34.36
N GLN C 909 15.29 19.45 -34.68
CA GLN C 909 15.99 20.49 -33.94
C GLN C 909 15.93 21.86 -34.61
N ASP C 910 15.59 21.94 -35.89
CA ASP C 910 15.55 23.22 -36.60
C ASP C 910 14.16 23.43 -37.18
N ASP C 911 13.26 23.94 -36.35
CA ASP C 911 11.91 24.34 -36.75
C ASP C 911 11.34 25.19 -35.61
N ASP C 912 10.07 25.55 -35.74
CA ASP C 912 9.37 26.34 -34.73
C ASP C 912 8.61 25.41 -33.80
N ASP C 913 8.90 25.49 -32.51
CA ASP C 913 8.30 24.62 -31.51
C ASP C 913 7.37 25.45 -30.63
N ASP C 914 6.08 25.37 -30.90
CA ASP C 914 5.06 25.99 -30.04
C ASP C 914 4.33 24.90 -29.28
N PRO C 915 4.51 24.78 -27.96
CA PRO C 915 3.88 23.67 -27.22
C PRO C 915 2.38 23.84 -27.00
N ASP C 916 1.82 25.01 -27.28
CA ASP C 916 0.40 25.24 -27.06
C ASP C 916 -0.46 24.93 -28.29
N THR C 917 0.15 24.86 -29.47
CA THR C 917 -0.60 24.52 -30.68
C THR C 917 -0.95 23.04 -30.70
N GLU C 918 -2.00 22.72 -31.46
CA GLU C 918 -2.43 21.33 -31.59
C GLU C 918 -1.50 20.56 -32.52
N LEU C 919 -1.73 19.26 -32.61
CA LEU C 919 -0.83 18.37 -33.35
C LEU C 919 -0.89 18.63 -34.84
N TYR C 920 -2.08 18.92 -35.38
CA TYR C 920 -2.25 19.05 -36.83
C TYR C 920 -1.57 20.31 -37.38
N LEU C 921 -1.28 21.29 -36.55
CA LEU C 921 -0.62 22.52 -36.99
C LEU C 921 0.90 22.46 -36.86
N THR C 922 1.45 21.37 -36.31
CA THR C 922 2.88 21.26 -36.14
C THR C 922 3.57 20.94 -37.46
N GLN C 923 4.83 21.37 -37.57
CA GLN C 923 5.61 21.12 -38.78
C GLN C 923 5.90 19.64 -39.06
N PRO C 924 6.28 18.78 -38.09
CA PRO C 924 6.43 17.35 -38.43
C PRO C 924 5.15 16.69 -38.91
N PHE C 925 4.00 17.05 -38.34
CA PHE C 925 2.75 16.48 -38.80
C PHE C 925 2.33 17.05 -40.16
N ALA C 926 2.67 18.31 -40.43
CA ALA C 926 2.39 18.87 -41.75
C ALA C 926 3.30 18.26 -42.81
N CYS C 927 4.52 17.87 -42.44
CA CYS C 927 5.43 17.25 -43.39
C CYS C 927 5.16 15.77 -43.59
N GLY C 928 4.64 15.10 -42.56
CA GLY C 928 4.35 13.68 -42.65
C GLY C 928 5.33 12.77 -41.93
N THR C 929 6.19 13.32 -41.08
CA THR C 929 7.20 12.53 -40.38
C THR C 929 6.74 12.07 -39.00
N ALA C 930 5.49 12.34 -38.62
CA ALA C 930 4.98 11.96 -37.32
C ALA C 930 3.54 11.49 -37.45
N PHE C 931 3.12 10.64 -36.52
CA PHE C 931 1.77 10.12 -36.49
C PHE C 931 1.40 9.77 -35.05
N ALA C 932 0.14 9.98 -34.70
CA ALA C 932 -0.38 9.62 -33.40
C ALA C 932 -1.75 9.00 -33.56
N VAL C 933 -2.09 8.10 -32.63
CA VAL C 933 -3.38 7.41 -32.68
C VAL C 933 -4.53 8.29 -32.24
N SER C 934 -4.24 9.45 -31.64
CA SER C 934 -5.29 10.36 -31.18
C SER C 934 -5.98 11.09 -32.31
N VAL C 935 -5.43 11.07 -33.52
CA VAL C 935 -6.05 11.75 -34.66
C VAL C 935 -7.18 10.95 -35.28
N LEU C 936 -7.37 9.70 -34.85
CA LEU C 936 -8.43 8.84 -35.36
C LEU C 936 -9.70 8.89 -34.50
N ASP C 937 -9.78 9.84 -33.57
CA ASP C 937 -10.94 9.94 -32.70
C ASP C 937 -12.17 10.50 -33.43
N SER C 938 -11.97 11.26 -34.50
CA SER C 938 -13.09 11.80 -35.27
C SER C 938 -13.83 10.75 -36.08
N LEU C 939 -13.25 9.55 -36.21
CA LEU C 939 -13.89 8.47 -36.95
C LEU C 939 -15.17 8.00 -36.28
N MET C 940 -15.29 8.19 -34.96
CA MET C 940 -16.50 7.75 -34.27
C MET C 940 -17.71 8.57 -34.68
N SER C 941 -17.53 9.86 -34.94
CA SER C 941 -18.60 10.67 -35.52
C SER C 941 -18.70 10.54 -37.02
N ALA C 942 -17.57 10.36 -37.71
CA ALA C 942 -17.60 10.21 -39.17
C ALA C 942 -18.36 8.96 -39.59
N THR C 943 -18.14 7.84 -38.89
CA THR C 943 -18.82 6.60 -39.24
C THR C 943 -20.30 6.64 -38.88
N TYR C 944 -20.68 7.44 -37.89
CA TYR C 944 -22.09 7.60 -37.59
C TYR C 944 -22.78 8.44 -38.65
N PHE C 945 -22.16 9.54 -39.08
CA PHE C 945 -22.81 10.40 -40.06
C PHE C 945 -22.76 9.85 -41.48
N ASN C 946 -21.73 9.05 -41.81
CA ASN C 946 -21.66 8.39 -43.11
C ASN C 946 -21.44 6.90 -42.89
N ASP C 947 -22.35 6.08 -43.43
CA ASP C 947 -22.37 4.67 -43.09
C ASP C 947 -21.22 3.89 -43.72
N ASN C 948 -20.93 4.14 -45.00
CA ASN C 948 -19.96 3.35 -45.75
C ASN C 948 -18.55 3.94 -45.70
N ILE C 949 -18.34 4.98 -44.89
CA ILE C 949 -17.04 5.64 -44.86
C ILE C 949 -15.98 4.73 -44.25
N LEU C 950 -16.34 3.86 -43.30
CA LEU C 950 -15.37 2.95 -42.72
C LEU C 950 -14.95 1.88 -43.72
N THR C 951 -15.92 1.37 -44.51
CA THR C 951 -15.59 0.41 -45.56
C THR C 951 -14.71 1.05 -46.61
N LEU C 952 -14.98 2.32 -46.97
CA LEU C 952 -14.13 3.02 -47.92
C LEU C 952 -12.71 3.19 -47.38
N ILE C 953 -12.59 3.56 -46.10
CA ILE C 953 -11.27 3.72 -45.48
C ILE C 953 -10.51 2.40 -45.47
N ARG C 954 -11.19 1.30 -45.11
CA ARG C 954 -10.53 0.01 -45.04
C ARG C 954 -10.12 -0.49 -46.44
N THR C 955 -10.98 -0.30 -47.44
CA THR C 955 -10.61 -0.74 -48.78
C THR C 955 -9.62 0.20 -49.46
N LEU C 956 -9.42 1.41 -48.93
CA LEU C 956 -8.40 2.30 -49.45
C LEU C 956 -7.05 2.10 -48.79
N VAL C 957 -7.03 1.80 -47.49
CA VAL C 957 -5.80 1.79 -46.72
C VAL C 957 -5.29 0.38 -46.40
N THR C 958 -6.15 -0.65 -46.43
CA THR C 958 -5.74 -2.01 -46.12
C THR C 958 -5.27 -2.75 -47.37
N GLY C 959 -5.94 -2.51 -48.51
CA GLY C 959 -5.63 -3.22 -49.73
C GLY C 959 -6.88 -3.83 -50.33
N GLY C 960 -7.78 -4.29 -49.46
CA GLY C 960 -9.06 -4.81 -49.90
C GLY C 960 -9.96 -5.18 -48.75
N ALA C 961 -11.24 -4.76 -48.83
CA ALA C 961 -12.25 -5.12 -47.84
C ALA C 961 -13.46 -5.66 -48.61
N THR C 962 -13.43 -6.96 -48.89
CA THR C 962 -14.46 -7.65 -49.65
C THR C 962 -15.21 -8.63 -48.75
N PRO C 963 -16.49 -8.90 -49.04
CA PRO C 963 -17.23 -9.88 -48.21
C PRO C 963 -16.65 -11.28 -48.23
N GLU C 964 -16.06 -11.72 -49.34
CA GLU C 964 -15.45 -13.04 -49.40
C GLU C 964 -14.23 -13.12 -48.48
N LEU C 965 -13.38 -12.09 -48.52
CA LEU C 965 -12.21 -12.05 -47.64
C LEU C 965 -12.63 -11.92 -46.18
N GLU C 966 -13.69 -11.15 -45.91
CA GLU C 966 -14.19 -11.02 -44.54
C GLU C 966 -14.73 -12.35 -44.02
N ALA C 967 -15.45 -13.09 -44.87
CA ALA C 967 -15.94 -14.41 -44.48
C ALA C 967 -14.80 -15.39 -44.24
N LEU C 968 -13.77 -15.34 -45.09
CA LEU C 968 -12.61 -16.20 -44.90
C LEU C 968 -11.88 -15.87 -43.59
N ILE C 969 -11.76 -14.58 -43.28
CA ILE C 969 -11.13 -14.16 -42.03
C ILE C 969 -11.95 -14.61 -40.83
N ALA C 970 -13.27 -14.41 -40.89
CA ALA C 970 -14.13 -14.83 -39.80
C ALA C 970 -14.19 -16.35 -39.65
N GLU C 971 -13.87 -17.09 -40.71
CA GLU C 971 -13.89 -18.55 -40.62
C GLU C 971 -12.57 -19.09 -40.06
N GLU C 972 -11.43 -18.68 -40.63
CA GLU C 972 -10.17 -19.32 -40.28
C GLU C 972 -9.13 -18.40 -39.65
N ASN C 973 -9.27 -17.07 -39.76
CA ASN C 973 -8.34 -16.08 -39.23
C ASN C 973 -6.93 -16.26 -39.77
N ALA C 974 -6.82 -16.68 -41.03
CA ALA C 974 -5.53 -16.88 -41.68
C ALA C 974 -5.76 -16.84 -43.19
N LEU C 975 -4.68 -17.04 -43.95
CA LEU C 975 -4.73 -17.08 -45.40
C LEU C 975 -4.03 -18.33 -45.89
N ARG C 976 -4.63 -18.98 -46.89
CA ARG C 976 -4.06 -20.18 -47.49
C ARG C 976 -3.94 -19.97 -48.99
N GLY C 977 -2.92 -20.59 -49.59
CA GLY C 977 -2.66 -20.42 -50.99
C GLY C 977 -3.66 -21.14 -51.87
N GLY C 978 -3.72 -20.71 -53.12
CA GLY C 978 -4.64 -21.32 -54.08
C GLY C 978 -4.15 -21.09 -55.50
N TYR C 979 -4.59 -21.98 -56.39
CA TYR C 979 -4.19 -21.91 -57.79
C TYR C 979 -4.96 -20.82 -58.51
N SER C 980 -4.42 -20.41 -59.66
CA SER C 980 -4.97 -19.32 -60.45
C SER C 980 -5.82 -19.85 -61.59
N THR C 981 -7.03 -19.32 -61.71
CA THR C 981 -8.00 -19.68 -62.75
C THR C 981 -8.33 -18.42 -63.54
N PRO C 982 -9.18 -18.51 -64.58
CA PRO C 982 -9.79 -17.27 -65.12
C PRO C 982 -10.51 -16.45 -64.06
N GLN C 983 -11.22 -17.12 -63.14
CA GLN C 983 -11.73 -16.45 -61.95
C GLN C 983 -10.60 -16.26 -60.95
N THR C 984 -10.87 -15.46 -59.91
CA THR C 984 -9.94 -14.93 -58.89
C THR C 984 -8.56 -14.57 -59.46
N LEU C 985 -8.56 -13.96 -60.65
CA LEU C 985 -7.36 -13.35 -61.22
C LEU C 985 -7.63 -11.97 -61.80
N ALA C 986 -8.88 -11.58 -62.01
CA ALA C 986 -9.25 -10.20 -62.33
C ALA C 986 -9.42 -9.36 -61.08
N ASN C 987 -9.23 -9.96 -59.90
CA ASN C 987 -9.25 -9.22 -58.64
C ASN C 987 -8.07 -8.28 -58.50
N ARG C 988 -7.03 -8.42 -59.32
CA ARG C 988 -5.90 -7.52 -59.33
C ARG C 988 -6.21 -6.16 -59.97
N ASP C 989 -7.34 -6.05 -60.66
CA ASP C 989 -7.67 -4.82 -61.39
C ASP C 989 -8.35 -3.82 -60.45
N ARG C 990 -7.54 -3.28 -59.54
CA ARG C 990 -7.96 -2.22 -58.63
C ARG C 990 -6.89 -1.14 -58.60
N CYS C 991 -7.33 0.08 -58.29
CA CYS C 991 -6.41 1.21 -58.26
C CYS C 991 -5.51 1.14 -57.03
N ARG C 992 -4.35 1.78 -57.15
CA ARG C 992 -3.35 1.82 -56.10
C ARG C 992 -2.89 3.25 -55.89
N VAL C 993 -2.24 3.48 -54.75
CA VAL C 993 -1.75 4.80 -54.38
C VAL C 993 -0.33 4.97 -54.90
N ALA C 994 -0.09 6.04 -55.64
CA ALA C 994 1.23 6.31 -56.20
C ALA C 994 1.45 7.82 -56.23
N GLN C 995 2.71 8.20 -56.38
CA GLN C 995 3.12 9.60 -56.47
C GLN C 995 3.78 9.84 -57.82
N LEU C 996 3.42 10.95 -58.46
CA LEU C 996 3.91 11.28 -59.79
C LEU C 996 4.71 12.57 -59.75
N ALA C 997 5.80 12.60 -60.51
CA ALA C 997 6.68 13.76 -60.58
C ALA C 997 6.61 14.38 -61.97
N LEU C 998 6.52 15.70 -62.01
CA LEU C 998 6.44 16.44 -63.28
C LEU C 998 7.83 16.92 -63.71
N LEU C 999 8.73 15.95 -63.87
CA LEU C 999 10.11 16.23 -64.26
C LEU C 999 10.45 15.68 -65.63
N ASP C 1000 10.28 14.37 -65.84
CA ASP C 1000 10.66 13.73 -67.09
C ASP C 1000 9.51 13.03 -67.80
N GLY C 1001 8.33 12.96 -67.20
CA GLY C 1001 7.21 12.28 -67.80
C GLY C 1001 6.52 13.12 -68.86
N PRO C 1002 5.37 12.65 -69.36
CA PRO C 1002 4.62 13.42 -70.36
C PRO C 1002 3.93 14.65 -69.80
N PHE C 1003 3.98 14.89 -68.50
CA PHE C 1003 3.33 16.02 -67.87
C PHE C 1003 4.29 17.18 -67.61
N ALA C 1004 5.50 17.12 -68.14
CA ALA C 1004 6.51 18.13 -67.85
C ALA C 1004 6.18 19.50 -68.44
N ASP C 1005 5.44 19.54 -69.55
CA ASP C 1005 5.07 20.83 -70.13
C ASP C 1005 4.05 21.56 -69.28
N LEU C 1006 3.21 20.82 -68.55
CA LEU C 1006 2.20 21.42 -67.71
C LEU C 1006 2.73 21.82 -66.33
N GLY C 1007 3.95 21.40 -65.98
CA GLY C 1007 4.49 21.67 -64.67
C GLY C 1007 5.18 23.00 -64.49
N ASP C 1008 5.44 23.74 -65.56
CA ASP C 1008 6.14 25.02 -65.44
C ASP C 1008 5.22 26.10 -64.90
N GLY C 1009 4.13 26.39 -65.61
CA GLY C 1009 3.20 27.41 -65.19
C GLY C 1009 1.76 27.02 -65.46
N GLY C 1010 1.51 25.71 -65.60
CA GLY C 1010 0.18 25.22 -65.92
C GLY C 1010 -0.75 25.23 -64.73
N CYS C 1011 -1.94 24.70 -64.96
CA CYS C 1011 -3.00 24.69 -63.96
C CYS C 1011 -3.31 23.28 -63.50
N TYR C 1012 -3.67 23.16 -62.22
CA TYR C 1012 -4.04 21.87 -61.66
C TYR C 1012 -5.32 21.33 -62.27
N GLY C 1013 -6.21 22.22 -62.72
CA GLY C 1013 -7.41 21.76 -63.40
C GLY C 1013 -7.10 21.11 -64.73
N ASP C 1014 -6.21 21.71 -65.51
CA ASP C 1014 -5.76 21.09 -66.76
C ASP C 1014 -4.99 19.79 -66.49
N LEU C 1015 -4.20 19.78 -65.41
CA LEU C 1015 -3.52 18.55 -65.00
C LEU C 1015 -4.52 17.42 -64.73
N PHE C 1016 -5.54 17.71 -63.93
CA PHE C 1016 -6.55 16.71 -63.57
C PHE C 1016 -7.31 16.25 -64.80
N CYS C 1017 -7.73 17.18 -65.65
CA CYS C 1017 -8.52 16.83 -66.83
C CYS C 1017 -7.71 15.99 -67.82
N LYS C 1018 -6.47 16.39 -68.08
CA LYS C 1018 -5.63 15.63 -69.01
C LYS C 1018 -5.30 14.24 -68.46
N ALA C 1019 -4.97 14.16 -67.17
CA ALA C 1019 -4.63 12.87 -66.56
C ALA C 1019 -5.83 11.92 -66.60
N LEU C 1020 -7.01 12.41 -66.21
CA LEU C 1020 -8.20 11.57 -66.23
C LEU C 1020 -8.55 11.13 -67.65
N LYS C 1021 -8.65 12.09 -68.58
CA LYS C 1021 -9.07 11.78 -69.95
C LYS C 1021 -8.05 10.96 -70.71
N THR C 1022 -6.79 10.93 -70.28
CA THR C 1022 -5.78 10.16 -70.99
C THR C 1022 -5.49 8.80 -70.39
N TYR C 1023 -5.35 8.69 -69.06
CA TYR C 1023 -4.99 7.40 -68.47
C TYR C 1023 -5.88 6.99 -67.30
N ASN C 1024 -7.04 7.64 -67.12
CA ASN C 1024 -7.97 7.37 -66.00
C ASN C 1024 -7.26 7.52 -64.65
N MET C 1025 -6.42 8.53 -64.53
CA MET C 1025 -5.64 8.77 -63.32
C MET C 1025 -6.29 9.89 -62.52
N LEU C 1026 -6.56 9.61 -61.25
CA LEU C 1026 -7.27 10.54 -60.37
C LEU C 1026 -6.26 11.23 -59.45
N CYS C 1027 -6.03 12.52 -59.69
CA CYS C 1027 -5.12 13.31 -58.87
C CYS C 1027 -5.92 14.04 -57.80
N PHE C 1028 -5.41 14.00 -56.56
CA PHE C 1028 -6.14 14.58 -55.44
C PHE C 1028 -5.25 15.32 -54.44
N GLY C 1029 -4.01 15.65 -54.80
CA GLY C 1029 -3.16 16.36 -53.86
C GLY C 1029 -1.85 16.73 -54.51
N ILE C 1030 -1.12 17.61 -53.82
CA ILE C 1030 0.20 18.07 -54.25
C ILE C 1030 1.14 18.00 -53.05
N TYR C 1031 2.30 17.35 -53.25
CA TYR C 1031 3.37 17.34 -52.26
C TYR C 1031 4.38 18.42 -52.68
N ARG C 1032 4.32 19.57 -52.02
CA ARG C 1032 5.02 20.77 -52.43
C ARG C 1032 6.10 21.11 -51.42
N LEU C 1033 7.27 21.55 -51.91
CA LEU C 1033 8.36 21.98 -51.06
C LEU C 1033 7.96 23.20 -50.22
N ARG C 1034 8.66 23.37 -49.09
CA ARG C 1034 8.31 24.44 -48.15
C ARG C 1034 8.58 25.82 -48.76
N ASP C 1035 9.79 26.02 -49.30
CA ASP C 1035 10.14 27.28 -49.95
C ASP C 1035 9.94 27.18 -51.47
N ALA C 1036 8.74 26.78 -51.90
CA ALA C 1036 8.46 26.63 -53.32
C ALA C 1036 7.76 27.84 -53.93
N HIS C 1037 7.07 28.64 -53.13
CA HIS C 1037 6.39 29.83 -53.61
C HIS C 1037 7.26 31.07 -53.54
N LEU C 1038 8.52 30.94 -53.11
CA LEU C 1038 9.45 32.05 -53.01
C LEU C 1038 10.52 31.93 -54.08
N SER C 1039 10.96 33.09 -54.59
CA SER C 1039 11.94 33.12 -55.68
C SER C 1039 13.37 32.93 -55.21
N THR C 1040 13.62 32.90 -53.90
CA THR C 1040 14.97 32.73 -53.38
C THR C 1040 15.33 31.25 -53.34
N PRO C 1041 16.35 30.81 -54.06
CA PRO C 1041 16.73 29.39 -54.00
C PRO C 1041 17.33 29.01 -52.66
N SER C 1042 17.14 27.75 -52.29
CA SER C 1042 17.71 27.19 -51.07
C SER C 1042 17.74 25.67 -51.21
N GLN C 1043 18.20 25.00 -50.15
CA GLN C 1043 18.31 23.55 -50.19
C GLN C 1043 17.45 22.93 -49.08
N CYS C 1044 16.22 23.42 -48.93
CA CYS C 1044 15.27 22.86 -47.97
C CYS C 1044 14.43 21.80 -48.69
N THR C 1045 14.68 20.53 -48.37
CA THR C 1045 14.01 19.43 -49.04
C THR C 1045 12.75 18.97 -48.33
N LYS C 1046 12.36 19.63 -47.25
CA LYS C 1046 11.15 19.26 -46.52
C LYS C 1046 9.92 19.73 -47.29
N ARG C 1047 8.96 18.83 -47.46
CA ARG C 1047 7.74 19.10 -48.21
C ARG C 1047 6.54 19.06 -47.28
N TYR C 1048 5.42 19.61 -47.77
CA TYR C 1048 4.16 19.58 -47.05
C TYR C 1048 3.04 19.28 -48.05
N VAL C 1049 1.93 18.76 -47.54
CA VAL C 1049 0.85 18.29 -48.40
C VAL C 1049 -0.18 19.41 -48.57
N ILE C 1050 -0.86 19.37 -49.71
CA ILE C 1050 -1.99 20.25 -50.01
C ILE C 1050 -3.12 19.37 -50.53
N THR C 1051 -4.27 19.42 -49.86
CA THR C 1051 -5.40 18.54 -50.18
C THR C 1051 -6.40 19.28 -51.05
N ASN C 1052 -6.71 18.70 -52.22
CA ASN C 1052 -7.69 19.17 -53.20
C ASN C 1052 -7.44 20.63 -53.60
N PRO C 1053 -6.41 20.91 -54.41
CA PRO C 1053 -6.18 22.27 -54.86
C PRO C 1053 -7.27 22.72 -55.83
N PRO C 1054 -7.54 24.01 -55.93
CA PRO C 1054 -8.57 24.50 -56.85
C PRO C 1054 -8.07 24.48 -58.29
N TYR C 1055 -8.96 24.90 -59.19
CA TYR C 1055 -8.63 24.92 -60.62
C TYR C 1055 -7.55 25.96 -60.92
N GLU C 1056 -7.63 27.13 -60.28
CA GLU C 1056 -6.69 28.22 -60.53
C GLU C 1056 -5.46 28.13 -59.64
N PHE C 1057 -4.79 26.97 -59.67
CA PHE C 1057 -3.59 26.74 -58.89
C PHE C 1057 -2.43 26.53 -59.84
N GLU C 1058 -1.37 27.34 -59.67
CA GLU C 1058 -0.20 27.26 -60.52
C GLU C 1058 0.81 26.27 -59.95
N LEU C 1059 1.47 25.52 -60.83
CA LEU C 1059 2.39 24.48 -60.44
C LEU C 1059 3.84 24.95 -60.60
N VAL C 1060 4.73 24.30 -59.85
CA VAL C 1060 6.17 24.49 -60.01
C VAL C 1060 6.74 23.14 -60.46
N PRO C 1061 7.86 23.10 -61.16
CA PRO C 1061 8.37 21.81 -61.65
C PRO C 1061 8.86 20.86 -60.57
N THR C 1062 9.05 21.33 -59.33
CA THR C 1062 9.51 20.50 -58.23
C THR C 1062 8.35 19.97 -57.38
N ASP C 1063 7.19 19.76 -57.98
CA ASP C 1063 6.01 19.30 -57.27
C ASP C 1063 5.78 17.81 -57.51
N LEU C 1064 5.29 17.13 -56.48
CA LEU C 1064 4.85 15.74 -56.58
C LEU C 1064 3.34 15.68 -56.42
N ILE C 1065 2.70 14.84 -57.22
CA ILE C 1065 1.24 14.76 -57.29
C ILE C 1065 0.78 13.43 -56.72
N PHE C 1066 -0.12 13.48 -55.75
CA PHE C 1066 -0.79 12.27 -55.30
C PHE C 1066 -1.77 11.80 -56.37
N CYS C 1067 -1.74 10.52 -56.70
CA CYS C 1067 -2.59 10.02 -57.76
C CYS C 1067 -3.00 8.57 -57.51
N LEU C 1068 -4.11 8.19 -58.13
CA LEU C 1068 -4.56 6.81 -58.16
C LEU C 1068 -4.52 6.32 -59.61
N MET C 1069 -3.84 5.21 -59.85
CA MET C 1069 -3.63 4.71 -61.20
C MET C 1069 -4.10 3.27 -61.31
N GLN C 1070 -4.49 2.89 -62.51
CA GLN C 1070 -5.06 1.58 -62.77
C GLN C 1070 -3.96 0.50 -62.80
N PHE C 1071 -4.40 -0.75 -62.77
CA PHE C 1071 -3.49 -1.89 -62.84
C PHE C 1071 -3.35 -2.33 -64.29
N ASP C 1072 -2.12 -2.38 -64.78
CA ASP C 1072 -1.85 -2.81 -66.15
C ASP C 1072 -1.05 -4.10 -66.16
N UNK C 1073 -26.23 -19.84 35.02
CA UNK C 1073 -27.35 -20.31 34.21
C UNK C 1073 -28.64 -19.57 34.56
N UNK C 1074 -29.76 -20.28 34.48
CA UNK C 1074 -31.05 -19.68 34.79
C UNK C 1074 -31.26 -19.54 36.29
N UNK C 1075 -30.66 -18.51 36.89
CA UNK C 1075 -30.81 -18.30 38.32
C UNK C 1075 -32.23 -17.87 38.65
N UNK C 1076 -32.82 -18.56 39.64
CA UNK C 1076 -34.23 -18.40 40.03
C UNK C 1076 -35.16 -18.52 38.84
N UNK C 1077 -35.06 -19.64 38.12
CA UNK C 1077 -35.83 -19.87 36.91
C UNK C 1077 -37.33 -19.94 37.20
N UNK C 1078 -38.07 -18.92 36.75
CA UNK C 1078 -39.50 -18.86 36.94
C UNK C 1078 -40.19 -18.74 35.59
N UNK C 1079 -40.95 -19.77 35.22
CA UNK C 1079 -41.64 -19.80 33.95
C UNK C 1079 -43.08 -20.26 34.14
N UNK C 1080 -43.79 -19.61 35.06
CA UNK C 1080 -45.20 -19.89 35.30
C UNK C 1080 -46.04 -18.81 34.64
N UNK C 1081 -47.34 -18.85 34.95
CA UNK C 1081 -48.34 -17.87 34.53
C UNK C 1081 -48.44 -17.71 33.02
N UNK C 1082 -48.38 -18.83 32.28
CA UNK C 1082 -48.57 -18.83 30.83
C UNK C 1082 -48.93 -20.23 30.36
N UNK C 1083 -49.09 -20.41 29.04
CA UNK C 1083 -49.50 -21.70 28.52
C UNK C 1083 -48.91 -21.90 27.13
N UNK C 1084 -48.51 -23.15 26.85
CA UNK C 1084 -48.04 -23.56 25.54
C UNK C 1084 -48.25 -25.07 25.41
N UNK C 1085 -47.90 -25.60 24.24
CA UNK C 1085 -48.15 -26.99 23.89
C UNK C 1085 -46.82 -27.71 23.62
N UNK C 1086 -46.90 -28.96 23.15
CA UNK C 1086 -45.76 -29.79 22.78
C UNK C 1086 -44.80 -30.00 23.96
N UNK C 1087 -45.34 -30.49 25.07
CA UNK C 1087 -44.57 -30.79 26.27
C UNK C 1087 -45.37 -31.76 27.13
N UNK C 1088 -44.93 -31.95 28.36
CA UNK C 1088 -45.60 -32.81 29.33
C UNK C 1088 -45.37 -32.21 30.72
N UNK C 1089 -45.64 -33.01 31.75
CA UNK C 1089 -45.43 -32.56 33.12
C UNK C 1089 -43.98 -32.73 33.55
N UNK C 1090 -43.06 -32.04 32.87
CA UNK C 1090 -41.62 -32.07 33.12
C UNK C 1090 -41.05 -33.49 33.10
N GLN D 35 3.03 39.87 61.47
CA GLN D 35 2.42 40.66 60.42
C GLN D 35 3.05 40.32 59.07
N ARG D 36 2.24 39.70 58.19
CA ARG D 36 2.63 39.30 56.84
C ARG D 36 3.87 38.42 56.84
N MET D 37 3.77 37.22 57.42
CA MET D 37 4.89 36.29 57.52
C MET D 37 5.02 35.41 56.29
N TRP D 38 4.42 35.79 55.16
CA TRP D 38 4.40 34.93 53.98
C TRP D 38 5.78 34.81 53.34
N TRP D 39 6.66 35.80 53.60
CA TRP D 39 7.99 35.78 53.01
C TRP D 39 8.82 34.63 53.55
N ALA D 40 8.66 34.32 54.84
CA ALA D 40 9.39 33.22 55.44
C ALA D 40 8.97 31.88 54.84
N PHE D 41 7.66 31.66 54.71
CA PHE D 41 7.15 30.43 54.12
C PHE D 41 7.55 30.30 52.66
N LEU D 42 7.52 31.40 51.92
CA LEU D 42 7.89 31.37 50.51
C LEU D 42 9.39 31.22 50.30
N ALA D 43 10.23 31.71 51.21
CA ALA D 43 11.67 31.65 51.06
C ALA D 43 12.27 30.36 51.62
N SER D 44 11.60 29.71 52.57
CA SER D 44 12.11 28.48 53.16
C SER D 44 12.18 27.33 52.17
N SER D 45 11.39 27.41 51.09
CA SER D 45 11.44 26.44 50.01
C SER D 45 12.43 26.85 48.93
N MET D 46 12.40 28.12 48.52
CA MET D 46 13.26 28.60 47.45
C MET D 46 14.73 28.54 47.83
N VAL D 47 15.07 28.99 49.05
CA VAL D 47 16.46 28.98 49.45
C VAL D 47 16.93 27.56 49.72
N THR D 48 16.02 26.64 50.09
CA THR D 48 16.40 25.24 50.25
C THR D 48 16.73 24.61 48.90
N PHE D 49 15.88 24.85 47.90
CA PHE D 49 16.12 24.33 46.55
C PHE D 49 17.41 24.90 45.96
N PHE D 50 17.61 26.22 46.09
CA PHE D 50 18.79 26.83 45.52
C PHE D 50 20.05 26.50 46.31
N GLY D 51 19.95 26.31 47.63
CA GLY D 51 21.10 25.87 48.39
C GLY D 51 21.51 24.45 48.06
N GLY D 52 20.53 23.56 47.83
CA GLY D 52 20.87 22.23 47.36
C GLY D 52 21.52 22.22 46.00
N LEU D 53 20.99 23.03 45.07
CA LEU D 53 21.60 23.14 43.75
C LEU D 53 23.01 23.72 43.84
N PHE D 54 23.21 24.71 44.71
CA PHE D 54 24.53 25.30 44.90
C PHE D 54 25.50 24.31 45.52
N ILE D 55 25.02 23.45 46.43
CA ILE D 55 25.89 22.45 47.05
C ILE D 55 26.33 21.42 46.02
N ILE D 56 25.40 20.95 45.18
CA ILE D 56 25.77 19.99 44.13
C ILE D 56 26.73 20.61 43.13
N LEU D 57 26.47 21.86 42.72
CA LEU D 57 27.37 22.54 41.78
C LEU D 57 28.73 22.82 42.40
N LEU D 58 28.76 23.11 43.70
CA LEU D 58 30.04 23.33 44.39
C LEU D 58 30.83 22.04 44.48
N TRP D 59 30.17 20.90 44.72
CA TRP D 59 30.86 19.62 44.70
C TRP D 59 31.41 19.30 43.32
N ARG D 60 30.62 19.56 42.27
CA ARG D 60 31.08 19.35 40.91
C ARG D 60 32.26 20.24 40.55
N THR D 61 32.25 21.50 41.01
CA THR D 61 33.36 22.41 40.73
C THR D 61 34.60 22.00 41.53
N LEU D 62 34.43 21.64 42.80
CA LEU D 62 35.56 21.25 43.65
C LEU D 62 36.15 19.91 43.25
N LYS D 63 35.41 19.09 42.51
CA LYS D 63 35.97 17.85 41.98
C LYS D 63 36.68 18.06 40.63
N TYR D 64 37.10 19.28 40.33
CA TYR D 64 38.00 19.55 39.20
C TYR D 64 39.46 19.49 39.61
N LEU D 65 39.77 18.85 40.74
CA LEU D 65 41.14 18.70 41.20
C LEU D 65 41.90 17.65 40.39
N TRP D 66 41.20 16.88 39.55
CA TRP D 66 41.85 15.86 38.74
C TRP D 66 42.82 16.47 37.73
N THR D 67 42.44 17.59 37.10
CA THR D 67 43.33 18.22 36.14
C THR D 67 44.26 19.25 36.78
N VAL D 68 43.95 19.72 37.99
CA VAL D 68 44.82 20.64 38.72
C VAL D 68 45.05 20.00 40.09
N CYS D 69 46.13 19.24 40.22
CA CYS D 69 46.42 18.54 41.46
C CYS D 69 47.39 19.35 42.32
N ALA D 104 38.84 -4.46 42.14
CA ALA D 104 38.45 -5.16 43.36
C ALA D 104 37.34 -6.16 43.10
N ALA D 105 37.18 -7.13 44.00
CA ALA D 105 36.15 -8.14 43.88
C ALA D 105 34.96 -7.92 44.80
N GLU D 106 35.02 -6.92 45.67
CA GLU D 106 33.94 -6.60 46.59
C GLU D 106 33.54 -5.15 46.44
N VAL D 107 32.25 -4.87 46.67
CA VAL D 107 31.75 -3.50 46.61
C VAL D 107 31.97 -2.81 47.95
N GLY D 108 31.97 -1.48 47.92
CA GLY D 108 32.12 -0.71 49.13
C GLY D 108 30.84 -0.64 49.94
N TRP D 109 30.94 -0.01 51.11
CA TRP D 109 29.78 0.14 51.97
C TRP D 109 28.84 1.24 51.51
N MET D 110 29.28 2.10 50.58
CA MET D 110 28.38 3.07 49.97
C MET D 110 27.41 2.38 49.02
N THR D 111 27.91 1.43 48.21
CA THR D 111 27.10 0.76 47.21
C THR D 111 26.04 -0.14 47.85
N SER D 112 26.37 -0.74 48.99
CA SER D 112 25.37 -1.57 49.68
C SER D 112 24.23 -0.72 50.22
N VAL D 113 24.54 0.47 50.74
CA VAL D 113 23.50 1.40 51.17
C VAL D 113 22.64 1.84 49.99
N LYS D 114 23.28 2.15 48.85
CA LYS D 114 22.53 2.56 47.67
C LYS D 114 21.63 1.44 47.17
N ASP D 115 22.12 0.20 47.17
CA ASP D 115 21.32 -0.94 46.74
C ASP D 115 20.16 -1.21 47.71
N TRP D 116 20.40 -1.07 49.01
CA TRP D 116 19.34 -1.25 49.99
C TRP D 116 18.25 -0.20 49.84
N ALA D 117 18.65 1.06 49.61
CA ALA D 117 17.67 2.11 49.39
C ALA D 117 16.92 1.89 48.08
N GLY D 118 17.59 1.39 47.05
CA GLY D 118 16.90 1.09 45.80
C GLY D 118 15.87 -0.02 45.94
N VAL D 119 16.25 -1.11 46.60
CA VAL D 119 15.31 -2.22 46.80
C VAL D 119 14.27 -1.91 47.88
N MET D 120 14.44 -0.82 48.62
CA MET D 120 13.35 -0.37 49.49
C MET D 120 12.38 0.56 48.77
N ILE D 121 12.87 1.50 47.96
CA ILE D 121 11.97 2.38 47.22
C ILE D 121 11.30 1.66 46.06
N SER D 122 11.84 0.53 45.61
CA SER D 122 11.16 -0.33 44.66
C SER D 122 10.51 -1.47 45.44
N ALA D 123 9.25 -1.76 45.12
CA ALA D 123 8.46 -2.69 45.92
C ALA D 123 8.91 -4.13 45.66
N GLN D 124 10.03 -4.49 46.27
CA GLN D 124 10.56 -5.85 46.25
C GLN D 124 10.56 -6.50 47.62
N THR D 125 11.11 -5.83 48.63
CA THR D 125 11.04 -6.26 50.00
C THR D 125 9.63 -6.01 50.53
N LEU D 126 9.23 -6.81 51.53
CA LEU D 126 7.94 -6.61 52.17
C LEU D 126 7.85 -5.25 52.86
N THR D 127 8.96 -4.81 53.47
CA THR D 127 9.03 -3.47 54.03
C THR D 127 8.88 -2.41 52.93
N GLY D 128 9.46 -2.68 51.76
CA GLY D 128 9.28 -1.76 50.64
C GLY D 128 7.85 -1.69 50.16
N ARG D 129 7.15 -2.83 50.12
CA ARG D 129 5.74 -2.83 49.73
C ARG D 129 4.89 -2.08 50.76
N VAL D 130 5.18 -2.26 52.05
CA VAL D 130 4.45 -1.54 53.08
C VAL D 130 4.71 -0.03 52.98
N LEU D 131 5.96 0.35 52.70
CA LEU D 131 6.31 1.76 52.54
C LEU D 131 5.61 2.36 51.33
N VAL D 132 5.53 1.61 50.23
CA VAL D 132 4.84 2.09 49.03
C VAL D 132 3.35 2.28 49.29
N VAL D 133 2.73 1.32 49.98
CA VAL D 133 1.32 1.44 50.34
C VAL D 133 1.11 2.64 51.27
N LEU D 134 2.05 2.88 52.19
CA LEU D 134 1.95 4.02 53.08
C LEU D 134 2.06 5.34 52.32
N VAL D 135 2.93 5.41 51.31
CA VAL D 135 3.03 6.60 50.47
C VAL D 135 1.71 6.84 49.73
N PHE D 136 1.13 5.77 49.18
CA PHE D 136 -0.15 5.87 48.48
C PHE D 136 -1.26 6.38 49.41
N ALA D 137 -1.27 5.92 50.66
CA ALA D 137 -2.29 6.39 51.60
C ALA D 137 -2.04 7.83 52.04
N LEU D 138 -0.79 8.17 52.35
CA LEU D 138 -0.51 9.47 52.95
C LEU D 138 -0.57 10.61 51.94
N SER D 139 -0.36 10.34 50.65
CA SER D 139 -0.58 11.39 49.65
C SER D 139 -2.04 11.82 49.60
N ILE D 140 -2.95 10.84 49.60
CA ILE D 140 -4.38 11.13 49.63
C ILE D 140 -4.77 11.78 50.96
N GLY D 141 -4.14 11.35 52.05
CA GLY D 141 -4.41 11.98 53.34
C GLY D 141 -4.00 13.44 53.39
N ALA D 142 -2.84 13.77 52.84
CA ALA D 142 -2.38 15.16 52.79
C ALA D 142 -3.27 16.00 51.87
N LEU D 143 -3.70 15.44 50.75
CA LEU D 143 -4.62 16.16 49.88
C LEU D 143 -5.96 16.43 50.56
N VAL D 144 -6.45 15.45 51.34
CA VAL D 144 -7.69 15.62 52.08
C VAL D 144 -7.52 16.67 53.18
N ILE D 145 -6.36 16.71 53.81
CA ILE D 145 -6.08 17.72 54.84
C ILE D 145 -6.08 19.11 54.21
N TYR D 146 -5.47 19.26 53.03
CA TYR D 146 -5.51 20.53 52.32
C TYR D 146 -6.94 20.92 51.93
N PHE D 147 -7.73 19.94 51.50
CA PHE D 147 -9.13 20.20 51.15
C PHE D 147 -9.91 20.68 52.36
N ILE D 148 -9.65 20.10 53.53
CA ILE D 148 -10.31 20.55 54.76
C ILE D 148 -9.85 21.96 55.13
N ASP D 149 -8.55 22.23 55.02
CA ASP D 149 -8.00 23.51 55.47
C ASP D 149 -8.13 24.62 54.44
N SER D 150 -8.69 24.35 53.26
CA SER D 150 -8.83 25.40 52.25
C SER D 150 -9.84 26.46 52.65
N SER D 151 -10.82 26.11 53.50
CA SER D 151 -11.85 27.06 53.90
C SER D 151 -11.39 28.03 54.99
N ASN D 152 -10.24 27.79 55.60
CA ASN D 152 -9.73 28.67 56.64
C ASN D 152 -9.24 29.99 56.03
N PRO D 153 -9.09 31.03 56.85
CA PRO D 153 -8.46 32.28 56.37
C PRO D 153 -7.03 32.06 55.90
N ILE D 154 -6.54 33.03 55.14
CA ILE D 154 -5.23 32.92 54.50
C ILE D 154 -4.12 32.88 55.55
N GLU D 155 -4.17 33.77 56.54
CA GLU D 155 -3.20 33.80 57.62
C GLU D 155 -3.93 33.75 58.94
N SER D 156 -3.56 32.78 59.79
CA SER D 156 -4.21 32.58 61.08
C SER D 156 -3.12 32.31 62.11
N CYS D 157 -3.54 31.90 63.31
CA CYS D 157 -2.61 31.60 64.40
C CYS D 157 -3.18 30.45 65.21
N GLN D 158 -2.52 29.30 65.16
CA GLN D 158 -2.92 28.12 65.91
C GLN D 158 -1.79 27.69 66.84
N ASN D 159 -2.06 26.64 67.62
CA ASN D 159 -1.08 26.07 68.54
C ASN D 159 -0.86 24.61 68.20
N PHE D 160 0.41 24.19 68.20
CA PHE D 160 0.75 22.81 67.86
C PHE D 160 0.24 21.84 68.91
N TYR D 161 0.34 22.21 70.19
CA TYR D 161 -0.04 21.31 71.28
C TYR D 161 -1.55 21.25 71.50
N LYS D 162 -2.33 22.13 70.89
CA LYS D 162 -3.78 22.14 71.04
C LYS D 162 -4.52 21.66 69.79
N ASP D 163 -4.07 22.07 68.61
CA ASP D 163 -4.72 21.64 67.38
C ASP D 163 -4.37 20.18 67.08
N PHE D 164 -5.36 19.47 66.53
CA PHE D 164 -5.19 18.06 66.20
C PHE D 164 -4.93 17.83 64.72
N THR D 165 -5.37 18.75 63.84
CA THR D 165 -5.14 18.60 62.41
C THR D 165 -3.66 18.77 62.07
N LEU D 166 -3.00 19.75 62.69
CA LEU D 166 -1.59 20.01 62.42
C LEU D 166 -0.70 18.87 62.91
N GLN D 167 -1.15 18.14 63.95
CA GLN D 167 -0.36 17.04 64.49
C GLN D 167 -0.26 15.87 63.50
N ILE D 168 -1.34 15.62 62.74
CA ILE D 168 -1.28 14.60 61.70
C ILE D 168 -0.41 15.05 60.54
N ASP D 169 -0.49 16.34 60.20
CA ASP D 169 0.32 16.89 59.10
C ASP D 169 1.80 16.86 59.42
N MET D 170 2.17 17.04 60.69
CA MET D 170 3.56 16.94 61.10
C MET D 170 4.12 15.54 60.84
N ALA D 171 3.37 14.52 61.23
CA ALA D 171 3.79 13.14 60.97
C ALA D 171 3.81 12.82 59.49
N PHE D 172 2.84 13.34 58.74
CA PHE D 172 2.81 13.12 57.29
C PHE D 172 4.03 13.72 56.62
N ASN D 173 4.42 14.94 57.01
CA ASN D 173 5.58 15.59 56.41
C ASN D 173 6.88 14.96 56.87
N VAL D 174 6.93 14.42 58.10
CA VAL D 174 8.10 13.68 58.54
C VAL D 174 8.28 12.41 57.71
N PHE D 175 7.18 11.70 57.44
CA PHE D 175 7.24 10.52 56.58
C PHE D 175 7.66 10.89 55.16
N PHE D 176 7.15 12.01 54.65
CA PHE D 176 7.55 12.46 53.32
C PHE D 176 9.03 12.84 53.27
N LEU D 177 9.54 13.45 54.34
CA LEU D 177 10.97 13.77 54.41
C LEU D 177 11.83 12.51 54.42
N LEU D 178 11.39 11.48 55.17
CA LEU D 178 12.12 10.22 55.19
C LEU D 178 12.10 9.54 53.82
N TYR D 179 10.94 9.57 53.14
CA TYR D 179 10.84 9.01 51.81
C TYR D 179 11.72 9.76 50.81
N PHE D 180 11.78 11.08 50.94
CA PHE D 180 12.67 11.88 50.10
C PHE D 180 14.13 11.54 50.36
N GLY D 181 14.49 11.31 51.62
CA GLY D 181 15.85 10.90 51.94
C GLY D 181 16.22 9.56 51.33
N LEU D 182 15.28 8.60 51.40
CA LEU D 182 15.50 7.30 50.77
C LEU D 182 15.65 7.43 49.25
N ARG D 183 14.81 8.25 48.63
CA ARG D 183 14.91 8.46 47.18
C ARG D 183 16.19 9.17 46.80
N PHE D 184 16.69 10.08 47.65
CA PHE D 184 17.94 10.77 47.36
C PHE D 184 19.13 9.82 47.50
N ILE D 185 19.10 8.92 48.49
CA ILE D 185 20.16 7.92 48.61
C ILE D 185 20.14 6.98 47.41
N ALA D 186 18.95 6.54 46.99
CA ALA D 186 18.83 5.67 45.81
C ALA D 186 18.69 6.52 44.55
N ALA D 187 19.82 7.09 44.14
CA ALA D 187 19.84 7.93 42.93
C ALA D 187 21.21 7.81 42.26
N ASN D 188 21.22 7.97 40.95
CA ASN D 188 22.45 7.96 40.17
C ASN D 188 22.98 9.37 39.94
N ASP D 189 22.17 10.22 39.31
CA ASP D 189 22.51 11.62 39.07
C ASP D 189 21.77 12.45 40.12
N LYS D 190 22.51 12.88 41.16
CA LYS D 190 21.88 13.63 42.23
C LYS D 190 21.55 15.07 41.83
N LEU D 191 22.21 15.59 40.79
CA LEU D 191 21.82 16.89 40.26
C LEU D 191 20.49 16.82 39.54
N TRP D 192 20.30 15.82 38.68
CA TRP D 192 19.05 15.66 37.97
C TRP D 192 17.94 15.12 38.85
N PHE D 193 18.28 14.51 39.99
CA PHE D 193 17.26 14.17 40.97
C PHE D 193 16.71 15.42 41.64
N TRP D 194 17.53 16.46 41.80
CA TRP D 194 17.10 17.69 42.43
C TRP D 194 16.05 18.43 41.59
N LEU D 195 16.07 18.24 40.28
CA LEU D 195 15.18 18.96 39.37
C LEU D 195 13.99 18.12 38.94
N GLU D 196 13.66 17.07 39.67
CA GLU D 196 12.47 16.29 39.36
C GLU D 196 11.22 16.99 39.89
N VAL D 197 10.08 16.65 39.28
CA VAL D 197 8.81 17.27 39.65
C VAL D 197 8.43 16.90 41.08
N ASN D 198 8.58 15.63 41.44
CA ASN D 198 8.27 15.19 42.80
C ASN D 198 9.23 15.83 43.81
N SER D 199 10.50 15.99 43.43
CA SER D 199 11.47 16.64 44.30
C SER D 199 11.12 18.10 44.54
N VAL D 200 10.71 18.82 43.49
CA VAL D 200 10.31 20.22 43.63
C VAL D 200 9.03 20.33 44.46
N VAL D 201 8.11 19.39 44.28
CA VAL D 201 6.88 19.37 45.08
C VAL D 201 7.20 19.17 46.56
N ASP D 202 8.12 18.24 46.86
CA ASP D 202 8.56 18.04 48.25
C ASP D 202 9.24 19.28 48.80
N PHE D 203 10.08 19.93 47.99
CA PHE D 203 10.78 21.14 48.43
C PHE D 203 9.82 22.28 48.75
N PHE D 204 8.78 22.43 47.95
CA PHE D 204 7.82 23.51 48.17
C PHE D 204 6.65 23.11 49.06
N THR D 205 6.60 21.86 49.53
CA THR D 205 5.54 21.42 50.42
C THR D 205 5.99 21.16 51.85
N VAL D 206 7.10 20.46 52.06
CA VAL D 206 7.45 19.98 53.40
C VAL D 206 8.08 21.05 54.32
N PRO D 207 9.09 21.84 53.91
CA PRO D 207 9.69 22.82 54.86
C PRO D 207 8.75 23.90 55.37
N PRO D 208 7.76 24.40 54.60
CA PRO D 208 6.81 25.34 55.22
C PRO D 208 6.01 24.76 56.38
N VAL D 209 5.80 23.45 56.43
CA VAL D 209 5.16 22.85 57.60
C VAL D 209 6.05 22.97 58.83
N PHE D 210 7.37 22.77 58.65
CA PHE D 210 8.31 22.97 59.75
C PHE D 210 8.35 24.42 60.19
N VAL D 211 8.31 25.35 59.24
CA VAL D 211 8.30 26.77 59.58
C VAL D 211 7.02 27.15 60.32
N SER D 212 5.88 26.59 59.91
CA SER D 212 4.62 26.84 60.60
C SER D 212 4.65 26.28 62.02
N VAL D 213 5.23 25.08 62.20
CA VAL D 213 5.35 24.50 63.53
C VAL D 213 6.25 25.37 64.41
N TYR D 214 7.35 25.88 63.85
CA TYR D 214 8.25 26.73 64.62
C TYR D 214 7.61 28.06 64.99
N LEU D 215 6.92 28.70 64.06
CA LEU D 215 6.40 30.05 64.26
C LEU D 215 5.00 30.09 64.84
N ASN D 216 4.35 28.93 65.02
CA ASN D 216 3.01 28.81 65.60
C ASN D 216 1.95 29.61 64.83
N ARG D 217 2.14 29.71 63.51
CA ARG D 217 1.12 30.30 62.65
C ARG D 217 1.33 29.74 61.24
N SER D 218 0.26 29.78 60.46
CA SER D 218 0.24 29.11 59.16
C SER D 218 -0.06 30.09 58.04
N TRP D 219 0.03 29.59 56.82
CA TRP D 219 -0.28 30.36 55.62
C TRP D 219 -0.82 29.39 54.56
N LEU D 220 -1.86 29.81 53.86
CA LEU D 220 -2.53 28.96 52.88
C LEU D 220 -1.74 28.81 51.59
N GLY D 221 -0.76 29.68 51.35
CA GLY D 221 -0.01 29.69 50.10
C GLY D 221 0.79 28.44 49.80
N LEU D 222 0.78 28.04 48.52
CA LEU D 222 1.60 26.97 47.96
C LEU D 222 1.30 25.59 48.57
N ARG D 223 0.13 25.41 49.17
CA ARG D 223 -0.29 24.11 49.66
C ARG D 223 -1.07 23.32 48.63
N PHE D 224 -1.35 23.91 47.46
CA PHE D 224 -2.07 23.22 46.39
C PHE D 224 -1.20 22.25 45.62
N LEU D 225 0.12 22.26 45.85
CA LEU D 225 1.03 21.36 45.15
C LEU D 225 0.94 19.92 45.67
N ARG D 226 0.20 19.69 46.75
CA ARG D 226 -0.01 18.32 47.23
C ARG D 226 -0.85 17.49 46.27
N ALA D 227 -1.61 18.13 45.38
CA ALA D 227 -2.35 17.42 44.36
C ALA D 227 -1.47 16.90 43.22
N LEU D 228 -0.20 17.32 43.18
CA LEU D 228 0.74 16.81 42.18
C LEU D 228 1.36 15.48 42.57
N ARG D 229 1.04 14.96 43.75
CA ARG D 229 1.54 13.66 44.18
C ARG D 229 0.73 12.50 43.62
N LEU D 230 -0.37 12.78 42.93
CA LEU D 230 -1.20 11.74 42.31
C LEU D 230 -0.63 11.22 41.00
N ILE D 231 0.44 11.84 40.49
CA ILE D 231 1.05 11.38 39.26
C ILE D 231 1.74 10.04 39.46
N GLN D 232 2.41 9.86 40.60
CA GLN D 232 3.20 8.67 40.88
C GLN D 232 2.37 7.45 41.28
N PHE D 233 1.04 7.55 41.24
CA PHE D 233 0.19 6.43 41.60
C PHE D 233 0.32 5.28 40.62
N SER D 234 0.48 5.60 39.33
CA SER D 234 0.69 4.56 38.32
C SER D 234 2.02 3.84 38.52
N GLU D 235 3.08 4.59 38.85
CA GLU D 235 4.37 3.97 39.15
C GLU D 235 4.29 3.11 40.41
N ILE D 236 3.50 3.56 41.39
CA ILE D 236 3.27 2.77 42.60
C ILE D 236 2.57 1.45 42.25
N LEU D 237 1.54 1.51 41.41
CA LEU D 237 0.81 0.30 41.04
C LEU D 237 1.66 -0.63 40.17
N GLN D 238 2.56 -0.08 39.36
CA GLN D 238 3.48 -0.92 38.59
C GLN D 238 4.54 -1.54 39.48
N PHE D 239 4.97 -0.83 40.53
CA PHE D 239 5.90 -1.41 41.49
C PHE D 239 5.26 -2.53 42.29
N LEU D 240 3.97 -2.39 42.60
CA LEU D 240 3.27 -3.41 43.37
C LEU D 240 2.79 -4.58 42.53
N ASN D 241 3.13 -4.60 41.23
CA ASN D 241 2.75 -5.66 40.28
C ASN D 241 1.23 -5.79 40.20
N ILE D 242 0.58 -4.68 39.88
CA ILE D 242 -0.86 -4.61 39.69
C ILE D 242 -1.22 -4.21 38.26
N LEU D 243 -0.59 -3.15 37.77
CA LEU D 243 -0.75 -2.73 36.38
C LEU D 243 0.29 -3.46 35.53
N LYS D 244 -0.17 -4.27 34.59
CA LYS D 244 0.72 -5.07 33.75
C LYS D 244 0.49 -4.86 32.27
N THR D 245 -0.76 -4.65 31.84
CA THR D 245 -1.07 -4.51 30.43
C THR D 245 -0.74 -3.10 29.94
N SER D 246 -0.83 -2.92 28.62
CA SER D 246 -0.47 -1.68 27.98
C SER D 246 -1.62 -0.67 27.89
N ASN D 247 -2.83 -1.08 28.25
CA ASN D 247 -3.99 -0.19 28.20
C ASN D 247 -4.37 0.37 29.56
N SER D 248 -4.32 -0.46 30.60
CA SER D 248 -4.62 0.01 31.96
C SER D 248 -3.60 1.03 32.42
N ILE D 249 -2.33 0.83 32.07
CA ILE D 249 -1.27 1.78 32.42
C ILE D 249 -1.54 3.14 31.79
N LYS D 250 -1.92 3.14 30.51
CA LYS D 250 -2.23 4.38 29.80
C LYS D 250 -3.46 5.07 30.39
N LEU D 251 -4.48 4.28 30.74
CA LEU D 251 -5.70 4.84 31.33
C LEU D 251 -5.41 5.50 32.68
N VAL D 252 -4.63 4.82 33.52
CA VAL D 252 -4.28 5.38 34.83
C VAL D 252 -3.40 6.62 34.67
N ASN D 253 -2.48 6.59 33.70
CA ASN D 253 -1.64 7.75 33.42
C ASN D 253 -2.47 8.97 33.04
N LEU D 254 -3.38 8.80 32.07
CA LEU D 254 -4.20 9.91 31.61
C LEU D 254 -5.11 10.44 32.71
N LEU D 255 -5.75 9.54 33.46
CA LEU D 255 -6.67 9.97 34.53
C LEU D 255 -5.92 10.71 35.63
N SER D 256 -4.79 10.17 36.07
CA SER D 256 -4.03 10.78 37.15
C SER D 256 -3.47 12.13 36.73
N ILE D 257 -2.92 12.24 35.52
CA ILE D 257 -2.37 13.51 35.05
C ILE D 257 -3.47 14.55 34.93
N PHE D 258 -4.63 14.17 34.35
CA PHE D 258 -5.74 15.09 34.16
C PHE D 258 -6.25 15.64 35.48
N ILE D 259 -6.56 14.74 36.44
CA ILE D 259 -7.11 15.18 37.72
C ILE D 259 -6.06 15.98 38.50
N SER D 260 -4.79 15.59 38.41
CA SER D 260 -3.74 16.27 39.16
C SER D 260 -3.56 17.71 38.70
N THR D 261 -3.43 17.92 37.39
CA THR D 261 -3.22 19.30 36.93
C THR D 261 -4.50 20.12 37.03
N TRP D 262 -5.68 19.48 36.95
CA TRP D 262 -6.94 20.19 37.18
C TRP D 262 -7.00 20.75 38.60
N LEU D 263 -6.71 19.89 39.59
CA LEU D 263 -6.74 20.34 40.99
C LEU D 263 -5.64 21.36 41.28
N THR D 264 -4.46 21.20 40.67
CA THR D 264 -3.38 22.15 40.90
C THR D 264 -3.70 23.53 40.33
N ALA D 265 -4.27 23.57 39.11
CA ALA D 265 -4.66 24.85 38.53
C ALA D 265 -5.78 25.50 39.32
N ALA D 266 -6.75 24.70 39.80
CA ALA D 266 -7.83 25.25 40.62
C ALA D 266 -7.29 25.81 41.94
N GLY D 267 -6.33 25.13 42.56
CA GLY D 267 -5.75 25.64 43.79
C GLY D 267 -4.96 26.93 43.58
N PHE D 268 -4.21 27.01 42.47
CA PHE D 268 -3.47 28.24 42.17
C PHE D 268 -4.42 29.41 41.92
N ILE D 269 -5.52 29.15 41.18
CA ILE D 269 -6.52 30.19 40.93
C ILE D 269 -7.15 30.64 42.24
N HIS D 270 -7.46 29.68 43.12
CA HIS D 270 -8.06 30.01 44.42
C HIS D 270 -7.14 30.88 45.26
N LEU D 271 -5.86 30.49 45.34
CA LEU D 271 -4.91 31.26 46.15
C LEU D 271 -4.70 32.66 45.57
N VAL D 272 -4.56 32.77 44.25
CA VAL D 272 -4.29 34.06 43.63
C VAL D 272 -5.50 34.99 43.78
N GLU D 273 -6.71 34.47 43.61
CA GLU D 273 -7.89 35.33 43.71
C GLU D 273 -8.21 35.69 45.15
N ASN D 274 -8.01 34.78 46.10
CA ASN D 274 -8.29 35.10 47.49
C ASN D 274 -7.20 35.96 48.12
N SER D 275 -5.99 35.98 47.55
CA SER D 275 -4.94 36.82 48.09
C SER D 275 -5.06 38.25 47.60
N GLY D 276 -5.02 38.45 46.29
CA GLY D 276 -5.07 39.77 45.69
C GLY D 276 -3.73 40.20 45.13
N ASP D 277 -3.77 41.31 44.39
CA ASP D 277 -2.56 41.84 43.78
C ASP D 277 -1.66 42.47 44.83
N PRO D 278 -0.39 42.05 44.92
CA PRO D 278 0.49 42.63 45.94
C PRO D 278 0.80 44.11 45.72
N TRP D 279 0.81 44.58 44.48
CA TRP D 279 1.10 45.99 44.22
C TRP D 279 -0.11 46.89 44.43
N GLU D 280 -1.29 46.31 44.63
CA GLU D 280 -2.50 47.08 44.95
C GLU D 280 -2.87 46.99 46.42
N ASN D 281 -1.92 46.56 47.26
CA ASN D 281 -2.09 46.41 48.72
C ASN D 281 -3.21 45.43 49.07
N PHE D 282 -3.41 44.42 48.21
CA PHE D 282 -4.36 43.32 48.44
C PHE D 282 -5.78 43.83 48.64
N GLN D 283 -6.18 44.83 47.86
CA GLN D 283 -7.50 45.43 47.99
C GLN D 283 -8.47 45.00 46.89
N ASN D 284 -8.00 44.29 45.86
CA ASN D 284 -8.86 43.80 44.78
C ASN D 284 -9.12 42.31 44.88
N ASN D 285 -9.19 41.77 46.09
CA ASN D 285 -9.39 40.34 46.27
C ASN D 285 -10.83 39.96 45.95
N GLN D 286 -11.02 38.70 45.57
CA GLN D 286 -12.32 38.13 45.27
C GLN D 286 -12.58 36.95 46.18
N ALA D 287 -13.78 36.90 46.76
CA ALA D 287 -14.16 35.83 47.69
C ALA D 287 -14.67 34.65 46.89
N LEU D 288 -13.75 33.74 46.55
CA LEU D 288 -14.07 32.53 45.80
C LEU D 288 -13.70 31.31 46.60
N THR D 289 -14.52 30.27 46.50
CA THR D 289 -14.24 29.00 47.17
C THR D 289 -13.50 28.06 46.22
N TYR D 290 -12.90 27.01 46.81
CA TYR D 290 -12.09 26.09 46.04
C TYR D 290 -12.93 25.32 45.02
N TRP D 291 -14.13 24.88 45.40
CA TRP D 291 -14.97 24.14 44.46
C TRP D 291 -15.57 25.05 43.41
N GLU D 292 -15.79 26.33 43.74
CA GLU D 292 -16.18 27.30 42.72
C GLU D 292 -15.05 27.50 41.72
N CYS D 293 -13.80 27.51 42.19
CA CYS D 293 -12.66 27.59 41.28
C CYS D 293 -12.54 26.33 40.43
N VAL D 294 -12.84 25.16 41.00
CA VAL D 294 -12.86 23.92 40.24
C VAL D 294 -13.90 23.98 39.12
N TYR D 295 -15.10 24.48 39.44
CA TYR D 295 -16.15 24.64 38.44
C TYR D 295 -15.74 25.64 37.35
N LEU D 296 -15.12 26.76 37.74
CA LEU D 296 -14.67 27.75 36.77
C LEU D 296 -13.59 27.17 35.85
N LEU D 297 -12.65 26.41 36.41
CA LEU D 297 -11.58 25.82 35.61
C LEU D 297 -12.13 24.78 34.64
N MET D 298 -13.12 23.99 35.07
CA MET D 298 -13.76 23.03 34.18
C MET D 298 -14.50 23.73 33.04
N VAL D 299 -15.23 24.80 33.36
CA VAL D 299 -15.96 25.54 32.31
C VAL D 299 -14.97 26.19 31.33
N THR D 300 -13.84 26.67 31.83
CA THR D 300 -12.82 27.22 30.94
C THR D 300 -12.19 26.14 30.07
N MET D 301 -11.96 24.94 30.62
CA MET D 301 -11.42 23.85 29.83
C MET D 301 -12.38 23.40 28.74
N SER D 302 -13.68 23.40 29.03
CA SER D 302 -14.67 22.93 28.05
C SER D 302 -14.94 23.93 26.94
N THR D 303 -14.39 25.16 27.03
CA THR D 303 -14.66 26.26 26.10
C THR D 303 -16.15 26.58 26.02
N VAL D 304 -16.84 26.49 27.15
CA VAL D 304 -18.25 26.87 27.22
C VAL D 304 -18.33 28.36 27.53
N GLY D 305 -17.77 28.76 28.68
CA GLY D 305 -17.70 30.16 29.03
C GLY D 305 -19.04 30.78 29.37
N TYR D 306 -19.65 30.35 30.48
CA TYR D 306 -20.91 30.94 30.91
C TYR D 306 -20.74 32.40 31.30
N GLY D 307 -19.64 32.73 31.97
CA GLY D 307 -19.40 34.08 32.42
C GLY D 307 -20.01 34.44 33.76
N ASP D 308 -20.65 33.48 34.43
CA ASP D 308 -21.19 33.75 35.76
C ASP D 308 -20.07 33.99 36.77
N VAL D 309 -19.00 33.20 36.69
CA VAL D 309 -17.83 33.37 37.54
C VAL D 309 -16.60 33.36 36.63
N TYR D 310 -15.69 34.31 36.86
CA TYR D 310 -14.48 34.42 36.07
C TYR D 310 -13.39 35.04 36.93
N ALA D 311 -12.27 35.40 36.31
CA ALA D 311 -11.11 35.96 36.99
C ALA D 311 -11.15 37.48 36.89
N LYS D 312 -10.88 38.13 38.02
CA LYS D 312 -10.91 39.59 38.09
C LYS D 312 -9.58 40.24 38.41
N THR D 313 -8.63 39.50 38.98
CA THR D 313 -7.33 40.06 39.30
C THR D 313 -6.39 39.98 38.10
N THR D 314 -5.36 40.83 38.13
CA THR D 314 -4.36 40.85 37.06
C THR D 314 -3.57 39.54 37.02
N LEU D 315 -3.15 39.05 38.19
CA LEU D 315 -2.43 37.77 38.25
C LEU D 315 -3.33 36.62 37.84
N GLY D 316 -4.61 36.67 38.22
CA GLY D 316 -5.54 35.63 37.81
C GLY D 316 -5.76 35.59 36.31
N ARG D 317 -5.89 36.77 35.69
CA ARG D 317 -6.06 36.82 34.24
C ARG D 317 -4.78 36.38 33.52
N LEU D 318 -3.62 36.76 34.06
CA LEU D 318 -2.35 36.35 33.47
C LEU D 318 -2.14 34.84 33.54
N PHE D 319 -2.55 34.22 34.65
CA PHE D 319 -2.51 32.76 34.72
C PHE D 319 -3.57 32.14 33.82
N MET D 320 -4.72 32.80 33.69
CA MET D 320 -5.81 32.26 32.89
C MET D 320 -5.45 32.22 31.40
N VAL D 321 -4.66 33.18 30.93
CA VAL D 321 -4.21 33.16 29.53
C VAL D 321 -3.35 31.93 29.26
N PHE D 322 -2.39 31.66 30.16
CA PHE D 322 -1.52 30.50 29.99
C PHE D 322 -2.29 29.20 30.13
N PHE D 323 -3.26 29.14 31.05
CA PHE D 323 -4.08 27.94 31.17
C PHE D 323 -4.97 27.75 29.95
N ILE D 324 -5.45 28.85 29.36
CA ILE D 324 -6.21 28.76 28.12
C ILE D 324 -5.33 28.20 27.00
N LEU D 325 -4.05 28.60 26.99
CA LEU D 325 -3.12 28.05 26.00
C LEU D 325 -2.89 26.55 26.20
N GLY D 326 -2.76 26.10 27.45
CA GLY D 326 -2.41 24.70 27.69
C GLY D 326 -3.54 23.71 27.92
N GLY D 327 -4.42 24.01 28.87
CA GLY D 327 -5.46 23.07 29.29
C GLY D 327 -6.52 22.82 28.25
N LEU D 328 -6.70 23.74 27.29
CA LEU D 328 -7.64 23.50 26.21
C LEU D 328 -7.19 22.33 25.33
N ALA D 329 -5.93 22.36 24.90
CA ALA D 329 -5.36 21.24 24.15
C ALA D 329 -5.27 19.99 25.00
N MET D 330 -4.98 20.16 26.30
CA MET D 330 -5.03 19.05 27.25
C MET D 330 -6.39 18.33 27.23
N PHE D 331 -7.46 19.11 27.39
CA PHE D 331 -8.81 18.55 27.42
C PHE D 331 -9.16 17.88 26.09
N ALA D 332 -8.88 18.57 24.97
CA ALA D 332 -9.24 18.05 23.66
C ALA D 332 -8.44 16.81 23.30
N SER D 333 -7.24 16.65 23.83
CA SER D 333 -6.44 15.47 23.55
C SER D 333 -6.69 14.34 24.54
N TYR D 334 -7.17 14.65 25.74
CA TYR D 334 -7.28 13.63 26.79
C TYR D 334 -8.68 13.04 26.93
N VAL D 335 -9.74 13.82 26.76
CA VAL D 335 -11.09 13.32 27.00
C VAL D 335 -11.52 12.22 26.01
N PRO D 336 -11.40 12.37 24.68
CA PRO D 336 -11.80 11.24 23.81
C PRO D 336 -10.89 10.04 23.94
N GLU D 337 -9.60 10.23 24.25
CA GLU D 337 -8.70 9.11 24.46
C GLU D 337 -9.11 8.29 25.67
N ILE D 338 -9.47 8.97 26.77
CA ILE D 338 -9.95 8.27 27.97
C ILE D 338 -11.27 7.56 27.67
N ILE D 339 -12.16 8.22 26.94
CA ILE D 339 -13.46 7.64 26.61
C ILE D 339 -13.31 6.37 25.78
N GLU D 340 -12.43 6.41 24.77
CA GLU D 340 -12.21 5.22 23.95
C GLU D 340 -11.35 4.17 24.65
N LEU D 341 -10.57 4.56 25.67
CA LEU D 341 -9.83 3.58 26.44
C LEU D 341 -10.72 2.85 27.43
N ILE D 342 -11.80 3.49 27.91
CA ILE D 342 -12.80 2.77 28.68
C ILE D 342 -13.46 1.69 27.82
N GLY D 343 -13.84 2.04 26.59
CA GLY D 343 -14.37 1.07 25.67
C GLY D 343 -15.82 0.72 25.95
N ASN D 344 -16.28 -0.32 25.25
CA ASN D 344 -17.64 -0.82 25.36
C ASN D 344 -17.63 -2.24 25.88
N ARG D 345 -18.69 -2.61 26.58
CA ARG D 345 -18.83 -3.96 27.10
C ARG D 345 -19.03 -4.96 25.97
N LYS D 346 -18.42 -6.14 26.11
CA LYS D 346 -18.58 -7.17 25.11
C LYS D 346 -20.00 -7.73 25.13
N LYS D 347 -20.46 -8.17 23.96
CA LYS D 347 -21.85 -8.54 23.77
C LYS D 347 -22.09 -10.03 23.58
N TYR D 348 -21.08 -10.78 23.11
CA TYR D 348 -21.24 -12.19 22.82
C TYR D 348 -20.12 -13.00 23.48
N GLY D 349 -19.83 -12.68 24.75
CA GLY D 349 -18.78 -13.38 25.47
C GLY D 349 -19.31 -14.39 26.46
N GLY D 350 -20.59 -14.74 26.34
CA GLY D 350 -21.24 -15.65 27.26
C GLY D 350 -21.02 -17.11 26.92
N SER D 351 -21.85 -17.96 27.52
CA SER D 351 -21.78 -19.40 27.32
C SER D 351 -23.15 -19.93 26.98
N TYR D 352 -23.19 -21.08 26.31
CA TYR D 352 -24.42 -21.73 25.93
C TYR D 352 -24.90 -22.64 27.05
N SER D 353 -26.19 -22.59 27.33
CA SER D 353 -26.82 -23.42 28.35
C SER D 353 -27.67 -24.49 27.67
N ALA D 354 -27.37 -25.75 27.96
CA ALA D 354 -28.07 -26.85 27.31
C ALA D 354 -29.49 -26.97 27.83
N VAL D 355 -30.41 -27.35 26.95
CA VAL D 355 -31.82 -27.51 27.27
C VAL D 355 -32.15 -29.00 27.24
N SER D 356 -32.77 -29.49 28.31
CA SER D 356 -33.12 -30.89 28.40
C SER D 356 -34.25 -31.23 27.42
N GLY D 357 -34.08 -32.32 26.68
CA GLY D 357 -35.06 -32.73 25.69
C GLY D 357 -34.94 -32.05 24.35
N ARG D 358 -33.91 -31.23 24.14
CA ARG D 358 -33.72 -30.53 22.88
C ARG D 358 -32.25 -30.56 22.50
N LYS D 359 -31.96 -31.01 21.29
CA LYS D 359 -30.60 -31.08 20.80
C LYS D 359 -30.21 -29.79 20.08
N HIS D 360 -28.92 -29.63 19.83
CA HIS D 360 -28.40 -28.43 19.18
C HIS D 360 -27.21 -28.79 18.32
N ILE D 361 -26.92 -27.92 17.36
CA ILE D 361 -25.78 -28.08 16.45
C ILE D 361 -24.95 -26.81 16.50
N VAL D 362 -23.68 -26.94 16.10
CA VAL D 362 -22.74 -25.83 16.07
C VAL D 362 -22.33 -25.59 14.63
N VAL D 363 -22.44 -24.34 14.18
CA VAL D 363 -22.10 -23.93 12.82
C VAL D 363 -20.91 -22.98 12.89
N CYS D 364 -19.86 -23.27 12.12
CA CYS D 364 -18.66 -22.46 12.09
C CYS D 364 -18.17 -22.35 10.66
N GLY D 365 -17.07 -21.63 10.46
CA GLY D 365 -16.47 -21.49 9.15
C GLY D 365 -16.70 -20.13 8.52
N HIS D 366 -17.31 -20.12 7.33
CA HIS D 366 -17.56 -18.89 6.60
C HIS D 366 -18.92 -18.36 7.03
N ILE D 367 -18.92 -17.43 7.98
CA ILE D 367 -20.15 -16.88 8.55
C ILE D 367 -20.31 -15.47 8.01
N THR D 368 -21.12 -15.32 6.98
CA THR D 368 -21.51 -14.03 6.43
C THR D 368 -23.03 -13.95 6.41
N LEU D 369 -23.55 -12.76 6.08
CA LEU D 369 -24.99 -12.55 6.07
C LEU D 369 -25.67 -13.41 5.02
N GLU D 370 -25.10 -13.47 3.82
CA GLU D 370 -25.67 -14.29 2.75
C GLU D 370 -25.63 -15.78 3.10
N SER D 371 -24.51 -16.23 3.67
CA SER D 371 -24.37 -17.64 4.03
C SER D 371 -25.35 -18.03 5.13
N VAL D 372 -25.50 -17.18 6.15
CA VAL D 372 -26.43 -17.48 7.24
C VAL D 372 -27.88 -17.44 6.75
N SER D 373 -28.22 -16.49 5.87
CA SER D 373 -29.57 -16.42 5.33
C SER D 373 -29.88 -17.64 4.48
N ASN D 374 -28.95 -18.04 3.61
CA ASN D 374 -29.17 -19.21 2.76
C ASN D 374 -29.22 -20.51 3.57
N PHE D 375 -28.45 -20.58 4.66
CA PHE D 375 -28.50 -21.77 5.52
C PHE D 375 -29.82 -21.84 6.27
N LEU D 376 -30.26 -20.71 6.84
CA LEU D 376 -31.49 -20.71 7.65
C LEU D 376 -32.74 -20.89 6.81
N LYS D 377 -32.74 -20.37 5.57
CA LYS D 377 -33.90 -20.53 4.70
C LYS D 377 -34.15 -21.99 4.36
N ASP D 378 -33.10 -22.80 4.30
CA ASP D 378 -33.26 -24.23 4.04
C ASP D 378 -33.41 -25.04 5.31
N PHE D 379 -32.77 -24.62 6.41
CA PHE D 379 -32.83 -25.39 7.64
C PHE D 379 -34.18 -25.23 8.34
N LEU D 380 -34.72 -24.02 8.36
CA LEU D 380 -35.96 -23.74 9.07
C LEU D 380 -37.17 -23.69 8.14
N HIS D 381 -37.17 -24.50 7.08
CA HIS D 381 -38.28 -24.53 6.15
C HIS D 381 -39.50 -25.22 6.78
N LYS D 382 -40.68 -24.80 6.35
CA LYS D 382 -41.92 -25.32 6.93
C LYS D 382 -42.29 -26.69 6.41
N ASP D 383 -41.64 -27.18 5.34
CA ASP D 383 -41.94 -28.51 4.83
C ASP D 383 -41.27 -29.63 5.62
N ARG D 384 -40.34 -29.31 6.50
CA ARG D 384 -39.71 -30.32 7.33
C ARG D 384 -40.67 -30.77 8.43
N ASP D 385 -40.33 -31.91 9.07
CA ASP D 385 -41.20 -32.54 10.04
C ASP D 385 -41.43 -31.68 11.28
N ASP D 386 -40.38 -31.50 12.08
CA ASP D 386 -40.46 -30.65 13.27
C ASP D 386 -39.03 -30.23 13.63
N VAL D 387 -38.69 -28.99 13.32
CA VAL D 387 -37.34 -28.50 13.59
C VAL D 387 -37.24 -28.13 15.06
N ASN D 388 -36.81 -29.09 15.88
CA ASN D 388 -36.59 -28.87 17.30
C ASN D 388 -35.11 -28.69 17.63
N VAL D 389 -34.27 -28.51 16.61
CA VAL D 389 -32.83 -28.39 16.80
C VAL D 389 -32.46 -26.91 16.83
N GLU D 390 -31.70 -26.52 17.83
CA GLU D 390 -31.23 -25.14 17.97
C GLU D 390 -29.90 -24.97 17.24
N ILE D 391 -29.71 -23.79 16.65
CA ILE D 391 -28.52 -23.48 15.86
C ILE D 391 -27.65 -22.54 16.68
N VAL D 392 -26.38 -22.91 16.84
CA VAL D 392 -25.41 -22.11 17.58
C VAL D 392 -24.28 -21.75 16.62
N PHE D 393 -23.96 -20.47 16.52
CA PHE D 393 -22.91 -19.98 15.65
C PHE D 393 -21.67 -19.62 16.47
N LEU D 394 -20.50 -19.94 15.92
CA LEU D 394 -19.22 -19.61 16.55
C LEU D 394 -18.31 -18.98 15.50
N HIS D 395 -18.11 -17.67 15.61
CA HIS D 395 -17.26 -16.93 14.68
C HIS D 395 -16.43 -15.93 15.47
N ASN D 396 -15.25 -15.62 14.95
CA ASN D 396 -14.32 -14.73 15.63
C ASN D 396 -14.50 -13.27 15.26
N ILE D 397 -15.50 -12.94 14.43
CA ILE D 397 -15.76 -11.57 14.00
C ILE D 397 -17.17 -11.21 14.44
N SER D 398 -17.30 -10.03 15.07
CA SER D 398 -18.61 -9.57 15.52
C SER D 398 -19.50 -9.26 14.31
N PRO D 399 -20.77 -9.62 14.36
CA PRO D 399 -21.66 -9.37 13.22
C PRO D 399 -21.97 -7.89 13.05
N ASN D 400 -22.31 -7.53 11.82
CA ASN D 400 -22.71 -6.17 11.50
C ASN D 400 -24.19 -6.00 11.83
N LEU D 401 -24.75 -4.85 11.45
CA LEU D 401 -26.13 -4.52 11.82
C LEU D 401 -27.15 -5.38 11.08
N GLU D 402 -26.89 -5.73 9.81
CA GLU D 402 -27.81 -6.58 9.07
C GLU D 402 -27.84 -8.00 9.63
N LEU D 403 -26.67 -8.55 9.97
CA LEU D 403 -26.63 -9.88 10.57
C LEU D 403 -27.23 -9.88 11.96
N GLU D 404 -27.04 -8.79 12.71
CA GLU D 404 -27.67 -8.66 14.02
C GLU D 404 -29.20 -8.59 13.89
N ALA D 405 -29.69 -7.89 12.87
CA ALA D 405 -31.13 -7.83 12.64
C ALA D 405 -31.68 -9.19 12.22
N LEU D 406 -30.93 -9.94 11.42
CA LEU D 406 -31.35 -11.30 11.07
C LEU D 406 -31.39 -12.22 12.29
N PHE D 407 -30.39 -12.10 13.16
CA PHE D 407 -30.38 -12.88 14.40
C PHE D 407 -31.51 -12.47 15.34
N LYS D 408 -31.88 -11.19 15.33
CA LYS D 408 -33.04 -10.75 16.11
C LYS D 408 -34.34 -11.30 15.53
N ARG D 409 -34.42 -11.37 14.20
CA ARG D 409 -35.60 -11.94 13.55
C ARG D 409 -35.75 -13.42 13.87
N HIS D 410 -34.64 -14.15 13.90
CA HIS D 410 -34.65 -15.53 14.38
C HIS D 410 -34.20 -15.56 15.85
N PHE D 411 -35.11 -15.11 16.71
CA PHE D 411 -34.76 -14.84 18.10
C PHE D 411 -34.68 -16.13 18.92
N THR D 412 -35.71 -16.97 18.86
CA THR D 412 -35.77 -18.17 19.68
C THR D 412 -35.17 -19.39 19.01
N GLN D 413 -34.60 -19.24 17.81
CA GLN D 413 -34.09 -20.37 17.05
C GLN D 413 -32.57 -20.41 16.98
N VAL D 414 -31.90 -19.27 16.81
CA VAL D 414 -30.46 -19.25 16.64
C VAL D 414 -29.82 -18.46 17.77
N GLU D 415 -28.55 -18.77 18.02
CA GLU D 415 -27.73 -18.06 18.99
C GLU D 415 -26.36 -17.77 18.37
N PHE D 416 -25.69 -16.75 18.88
CA PHE D 416 -24.36 -16.38 18.42
C PHE D 416 -23.43 -16.22 19.61
N TYR D 417 -22.23 -16.77 19.49
CA TYR D 417 -21.19 -16.61 20.49
C TYR D 417 -19.87 -16.36 19.78
N GLN D 418 -19.09 -15.40 20.28
CA GLN D 418 -17.86 -14.99 19.63
C GLN D 418 -16.68 -15.77 20.19
N GLY D 419 -15.93 -16.41 19.30
CA GLY D 419 -14.80 -17.22 19.72
C GLY D 419 -14.15 -17.86 18.51
N SER D 420 -13.14 -18.68 18.80
CA SER D 420 -12.37 -19.37 17.77
C SER D 420 -12.59 -20.87 17.87
N VAL D 421 -12.62 -21.53 16.70
CA VAL D 421 -12.79 -22.98 16.67
C VAL D 421 -11.54 -23.68 17.19
N LEU D 422 -10.37 -23.06 17.02
CA LEU D 422 -9.11 -23.62 17.50
C LEU D 422 -8.91 -23.45 18.99
N ASN D 423 -9.81 -22.74 19.68
CA ASN D 423 -9.67 -22.50 21.10
C ASN D 423 -10.50 -23.51 21.87
N PRO D 424 -9.88 -24.38 22.68
CA PRO D 424 -10.66 -25.36 23.46
C PRO D 424 -11.57 -24.72 24.50
N HIS D 425 -11.21 -23.54 25.02
CA HIS D 425 -12.10 -22.83 25.94
C HIS D 425 -13.37 -22.39 25.23
N ASP D 426 -13.25 -21.88 24.01
CA ASP D 426 -14.44 -21.51 23.23
C ASP D 426 -15.23 -22.74 22.82
N LEU D 427 -14.54 -23.85 22.53
CA LEU D 427 -15.24 -25.09 22.19
C LEU D 427 -16.03 -25.63 23.37
N ALA D 428 -15.49 -25.48 24.59
CA ALA D 428 -16.27 -25.82 25.78
C ALA D 428 -17.36 -24.80 26.04
N ARG D 429 -17.16 -23.55 25.61
CA ARG D 429 -18.16 -22.51 25.77
C ARG D 429 -19.41 -22.79 24.94
N VAL D 430 -19.23 -23.29 23.71
CA VAL D 430 -20.37 -23.58 22.86
C VAL D 430 -20.99 -24.94 23.13
N LYS D 431 -20.45 -25.69 24.11
CA LYS D 431 -20.94 -27.01 24.51
C LYS D 431 -20.94 -27.99 23.32
N ILE D 432 -19.76 -28.14 22.72
CA ILE D 432 -19.64 -29.02 21.56
C ILE D 432 -19.66 -30.50 21.96
N GLU D 433 -19.38 -30.81 23.23
CA GLU D 433 -19.41 -32.18 23.70
C GLU D 433 -20.83 -32.75 23.80
N SER D 434 -21.85 -31.90 23.76
CA SER D 434 -23.23 -32.34 23.76
C SER D 434 -23.96 -32.01 22.46
N ALA D 435 -23.28 -31.40 21.49
CA ALA D 435 -23.92 -31.04 20.23
C ALA D 435 -24.18 -32.28 19.39
N ASP D 436 -25.26 -32.22 18.60
CA ASP D 436 -25.60 -33.32 17.72
C ASP D 436 -24.61 -33.44 16.57
N ALA D 437 -24.25 -32.32 15.95
CA ALA D 437 -23.32 -32.33 14.83
C ALA D 437 -22.64 -30.97 14.75
N CYS D 438 -21.53 -30.94 14.02
CA CYS D 438 -20.80 -29.71 13.75
C CYS D 438 -20.77 -29.47 12.24
N LEU D 439 -21.20 -28.29 11.83
CA LEU D 439 -21.29 -27.93 10.41
C LEU D 439 -20.27 -26.83 10.11
N ILE D 440 -19.46 -27.04 9.08
CA ILE D 440 -18.42 -26.10 8.69
C ILE D 440 -18.72 -25.59 7.29
N LEU D 441 -18.93 -24.29 7.18
CA LEU D 441 -19.11 -23.63 5.89
C LEU D 441 -17.76 -23.24 5.31
N ALA D 442 -17.67 -23.24 3.99
CA ALA D 442 -16.42 -22.97 3.30
C ALA D 442 -16.60 -21.81 2.33
N ASN D 443 -15.52 -21.05 2.14
CA ASN D 443 -15.47 -19.96 1.18
C ASN D 443 -15.24 -20.56 -0.20
N LYS D 444 -16.32 -20.77 -0.95
CA LYS D 444 -16.24 -21.44 -2.23
C LYS D 444 -15.66 -20.59 -3.34
N TYR D 445 -15.56 -19.28 -3.14
CA TYR D 445 -15.04 -18.37 -4.15
C TYR D 445 -13.64 -17.85 -3.79
N CYS D 446 -12.85 -18.68 -3.09
CA CYS D 446 -11.49 -18.30 -2.75
C CYS D 446 -10.58 -18.37 -3.97
N ALA D 447 -9.61 -17.46 -4.03
CA ALA D 447 -8.65 -17.46 -5.13
C ALA D 447 -7.74 -18.67 -5.07
N ASP D 448 -7.33 -19.08 -3.86
CA ASP D 448 -6.50 -20.26 -3.66
C ASP D 448 -7.30 -21.32 -2.92
N PRO D 449 -7.79 -22.35 -3.61
CA PRO D 449 -8.60 -23.38 -2.94
C PRO D 449 -7.82 -24.26 -1.97
N ASP D 450 -6.49 -24.29 -2.05
CA ASP D 450 -5.72 -25.15 -1.16
C ASP D 450 -5.65 -24.61 0.25
N ALA D 451 -5.55 -23.27 0.39
CA ALA D 451 -5.47 -22.67 1.72
C ALA D 451 -6.78 -22.82 2.49
N GLU D 452 -7.91 -22.68 1.80
CA GLU D 452 -9.21 -22.86 2.44
C GLU D 452 -9.40 -24.31 2.88
N ASP D 453 -8.98 -25.26 2.04
CA ASP D 453 -9.06 -26.68 2.43
C ASP D 453 -8.14 -26.98 3.60
N ALA D 454 -6.95 -26.38 3.63
CA ALA D 454 -6.04 -26.57 4.75
C ALA D 454 -6.62 -26.00 6.05
N SER D 455 -7.26 -24.83 5.96
CA SER D 455 -7.91 -24.24 7.14
C SER D 455 -9.06 -25.10 7.63
N ASN D 456 -9.86 -25.65 6.71
CA ASN D 456 -10.96 -26.51 7.11
C ASN D 456 -10.46 -27.82 7.72
N ILE D 457 -9.36 -28.35 7.19
CA ILE D 457 -8.76 -29.56 7.75
C ILE D 457 -8.23 -29.27 9.16
N MET D 458 -7.63 -28.09 9.36
CA MET D 458 -7.17 -27.69 10.69
C MET D 458 -8.33 -27.55 11.67
N ARG D 459 -9.46 -26.99 11.21
CA ARG D 459 -10.64 -26.90 12.05
C ARG D 459 -11.17 -28.27 12.44
N VAL D 460 -11.22 -29.19 11.48
CA VAL D 460 -11.68 -30.56 11.75
C VAL D 460 -10.73 -31.25 12.73
N ILE D 461 -9.43 -31.01 12.59
CA ILE D 461 -8.44 -31.58 13.50
C ILE D 461 -8.65 -31.05 14.91
N SER D 462 -8.90 -29.75 15.05
CA SER D 462 -9.14 -29.15 16.37
C SER D 462 -10.40 -29.71 17.02
N ILE D 463 -11.49 -29.81 16.23
CA ILE D 463 -12.75 -30.31 16.79
C ILE D 463 -12.63 -31.77 17.19
N LYS D 464 -11.98 -32.60 16.36
CA LYS D 464 -11.81 -34.01 16.70
C LYS D 464 -10.81 -34.21 17.82
N ASN D 465 -9.87 -33.28 18.00
CA ASN D 465 -8.93 -33.36 19.12
C ASN D 465 -9.64 -33.03 20.43
N TYR D 466 -10.52 -32.04 20.42
CA TYR D 466 -11.28 -31.73 21.64
C TYR D 466 -12.28 -32.83 21.95
N HIS D 467 -13.03 -33.28 20.95
CA HIS D 467 -14.04 -34.32 21.14
C HIS D 467 -14.01 -35.29 19.97
N PRO D 468 -13.51 -36.51 20.16
CA PRO D 468 -13.34 -37.43 19.02
C PRO D 468 -14.60 -38.11 18.53
N LYS D 469 -15.74 -37.94 19.22
CA LYS D 469 -16.96 -38.66 18.89
C LYS D 469 -18.09 -37.71 18.54
N ILE D 470 -17.81 -36.72 17.70
CA ILE D 470 -18.81 -35.75 17.26
C ILE D 470 -18.96 -35.86 15.74
N ARG D 471 -20.20 -35.78 15.27
CA ARG D 471 -20.47 -35.79 13.84
C ARG D 471 -20.02 -34.48 13.20
N ILE D 472 -19.30 -34.57 12.09
CA ILE D 472 -18.77 -33.40 11.40
C ILE D 472 -19.18 -33.46 9.94
N ILE D 473 -19.88 -32.43 9.48
CA ILE D 473 -20.21 -32.27 8.06
C ILE D 473 -19.50 -31.02 7.56
N THR D 474 -18.61 -31.20 6.59
CA THR D 474 -17.77 -30.12 6.08
C THR D 474 -17.87 -30.06 4.57
N GLN D 475 -17.33 -28.97 4.02
CA GLN D 475 -17.31 -28.72 2.58
C GLN D 475 -15.86 -28.67 2.11
N MET D 476 -15.57 -29.37 1.02
CA MET D 476 -14.23 -29.37 0.42
C MET D 476 -14.30 -28.83 -0.99
N LEU D 477 -13.25 -28.12 -1.40
CA LEU D 477 -13.20 -27.52 -2.72
C LEU D 477 -12.45 -28.36 -3.75
N GLN D 478 -11.43 -29.10 -3.33
CA GLN D 478 -10.64 -29.93 -4.22
C GLN D 478 -10.68 -31.38 -3.78
N TYR D 479 -10.60 -32.28 -4.76
CA TYR D 479 -10.74 -33.71 -4.47
C TYR D 479 -9.53 -34.31 -3.79
N HIS D 480 -8.33 -33.79 -4.07
CA HIS D 480 -7.12 -34.38 -3.49
C HIS D 480 -6.95 -34.04 -2.02
N ASN D 481 -7.67 -33.03 -1.52
CA ASN D 481 -7.66 -32.74 -0.09
C ASN D 481 -8.63 -33.62 0.69
N LYS D 482 -9.63 -34.18 0.02
CA LYS D 482 -10.57 -35.09 0.68
C LYS D 482 -9.88 -36.38 1.11
N ALA D 483 -8.90 -36.84 0.34
CA ALA D 483 -8.13 -38.02 0.74
C ALA D 483 -7.32 -37.76 2.01
N HIS D 484 -6.75 -36.56 2.14
CA HIS D 484 -6.06 -36.19 3.37
C HIS D 484 -7.04 -36.05 4.53
N LEU D 485 -8.24 -35.53 4.25
CA LEU D 485 -9.25 -35.38 5.29
C LEU D 485 -9.73 -36.73 5.81
N LEU D 486 -9.87 -37.71 4.91
CA LEU D 486 -10.38 -39.03 5.29
C LEU D 486 -9.38 -39.86 6.10
N ASN D 487 -8.12 -39.43 6.19
CA ASN D 487 -7.09 -40.17 6.90
C ASN D 487 -6.92 -39.71 8.35
N ILE D 488 -7.79 -38.84 8.83
CA ILE D 488 -7.76 -38.41 10.23
C ILE D 488 -8.12 -39.62 11.11
N PRO D 489 -7.42 -39.84 12.25
CA PRO D 489 -7.69 -41.05 13.05
C PRO D 489 -9.11 -41.17 13.57
N SER D 490 -9.75 -40.07 13.92
CA SER D 490 -11.11 -40.11 14.46
C SER D 490 -12.17 -39.93 13.38
N TRP D 491 -11.76 -39.72 12.12
CA TRP D 491 -12.71 -39.58 11.02
C TRP D 491 -13.15 -40.96 10.55
N ASN D 492 -14.34 -41.38 10.96
CA ASN D 492 -14.93 -42.62 10.49
C ASN D 492 -16.22 -42.29 9.75
N TRP D 493 -16.35 -42.81 8.54
CA TRP D 493 -17.49 -42.49 7.68
C TRP D 493 -18.54 -43.58 7.66
N LYS D 494 -18.33 -44.68 8.39
CA LYS D 494 -19.39 -45.67 8.57
C LYS D 494 -20.55 -45.07 9.36
N GLU D 495 -20.25 -44.27 10.38
CA GLU D 495 -21.23 -43.44 11.04
C GLU D 495 -21.35 -42.12 10.29
N GLY D 496 -22.01 -41.14 10.91
CA GLY D 496 -22.19 -39.86 10.25
C GLY D 496 -20.93 -39.01 10.24
N ASP D 497 -20.29 -38.90 9.07
CA ASP D 497 -19.20 -37.96 8.86
C ASP D 497 -19.11 -37.71 7.35
N ASP D 498 -19.62 -36.57 6.92
CA ASP D 498 -19.78 -36.26 5.50
C ASP D 498 -18.79 -35.17 5.09
N ALA D 499 -18.10 -35.40 3.98
CA ALA D 499 -17.22 -34.41 3.37
C ALA D 499 -17.76 -34.13 1.97
N ILE D 500 -18.45 -33.00 1.81
CA ILE D 500 -19.09 -32.66 0.55
C ILE D 500 -18.05 -31.98 -0.34
N CYS D 501 -17.61 -32.69 -1.38
CA CYS D 501 -16.65 -32.15 -2.33
C CYS D 501 -17.42 -31.46 -3.46
N LEU D 502 -17.14 -30.17 -3.66
CA LEU D 502 -17.89 -29.40 -4.65
C LEU D 502 -17.49 -29.75 -6.07
N ALA D 503 -16.18 -29.92 -6.31
CA ALA D 503 -15.69 -30.20 -7.66
C ALA D 503 -16.14 -31.57 -8.13
N GLU D 504 -16.03 -32.58 -7.26
CA GLU D 504 -16.44 -33.95 -7.61
C GLU D 504 -17.93 -34.01 -7.91
N LEU D 505 -18.75 -33.38 -7.08
CA LEU D 505 -20.20 -33.42 -7.27
C LEU D 505 -20.61 -32.63 -8.51
N LYS D 506 -20.01 -31.46 -8.73
CA LYS D 506 -20.34 -30.67 -9.91
C LYS D 506 -19.95 -31.38 -11.21
N LEU D 507 -18.76 -31.99 -11.24
CA LEU D 507 -18.35 -32.71 -12.43
C LEU D 507 -19.14 -33.99 -12.63
N GLY D 508 -19.57 -34.65 -11.54
CA GLY D 508 -20.47 -35.78 -11.68
C GLY D 508 -21.83 -35.39 -12.22
N PHE D 509 -22.35 -34.24 -11.77
CA PHE D 509 -23.61 -33.73 -12.29
C PHE D 509 -23.50 -33.44 -13.79
N ILE D 510 -22.40 -32.81 -14.21
CA ILE D 510 -22.20 -32.50 -15.62
C ILE D 510 -22.04 -33.79 -16.43
N ALA D 511 -21.27 -34.74 -15.92
CA ALA D 511 -21.02 -35.99 -16.64
C ALA D 511 -22.30 -36.82 -16.80
N GLN D 512 -23.14 -36.86 -15.77
CA GLN D 512 -24.42 -37.55 -15.91
C GLN D 512 -25.43 -36.75 -16.72
N SER D 513 -25.25 -35.43 -16.84
CA SER D 513 -26.05 -34.67 -17.78
C SER D 513 -25.60 -34.87 -19.23
N CYS D 514 -24.36 -35.32 -19.43
CA CYS D 514 -23.92 -35.67 -20.78
C CYS D 514 -24.63 -36.91 -21.32
N LEU D 515 -25.19 -37.75 -20.44
CA LEU D 515 -25.96 -38.92 -20.85
C LEU D 515 -27.46 -38.62 -20.94
N ALA D 516 -27.95 -37.67 -20.16
CA ALA D 516 -29.36 -37.28 -20.20
C ALA D 516 -29.45 -35.82 -19.80
N GLN D 517 -29.84 -34.96 -20.74
CA GLN D 517 -29.85 -33.53 -20.52
C GLN D 517 -30.92 -33.13 -19.50
N GLY D 518 -30.59 -32.13 -18.68
CA GLY D 518 -31.48 -31.67 -17.63
C GLY D 518 -31.36 -32.41 -16.31
N LEU D 519 -30.51 -33.44 -16.26
CA LEU D 519 -30.40 -34.23 -15.03
C LEU D 519 -29.74 -33.45 -13.90
N SER D 520 -28.81 -32.56 -14.22
CA SER D 520 -28.18 -31.73 -13.18
C SER D 520 -29.20 -30.82 -12.52
N THR D 521 -30.07 -30.19 -13.31
CA THR D 521 -31.10 -29.32 -12.74
C THR D 521 -32.17 -30.12 -12.02
N MET D 522 -32.51 -31.31 -12.54
CA MET D 522 -33.47 -32.17 -11.87
C MET D 522 -32.95 -32.63 -10.51
N LEU D 523 -31.66 -32.97 -10.43
CA LEU D 523 -31.08 -33.37 -9.15
C LEU D 523 -30.93 -32.19 -8.20
N ALA D 524 -30.52 -31.02 -8.72
CA ALA D 524 -30.35 -29.85 -7.88
C ALA D 524 -31.67 -29.30 -7.35
N ASN D 525 -32.77 -29.47 -8.09
CA ASN D 525 -34.08 -29.06 -7.60
C ASN D 525 -34.65 -30.04 -6.59
N LEU D 526 -34.07 -31.23 -6.45
CA LEU D 526 -34.55 -32.22 -5.50
C LEU D 526 -34.04 -31.97 -4.08
N PHE D 527 -33.05 -31.09 -3.90
CA PHE D 527 -32.49 -30.82 -2.58
C PHE D 527 -32.74 -29.40 -2.10
N SER D 528 -33.04 -28.46 -3.00
CA SER D 528 -33.50 -27.14 -2.58
C SER D 528 -34.92 -27.25 -2.06
N MET D 529 -35.16 -26.73 -0.86
CA MET D 529 -36.40 -26.97 -0.13
C MET D 529 -37.42 -25.90 -0.51
N ARG D 530 -38.39 -26.28 -1.35
CA ARG D 530 -39.36 -25.34 -1.89
C ARG D 530 -40.78 -25.83 -1.64
N SER D 531 -41.74 -24.96 -1.93
CA SER D 531 -43.15 -25.24 -1.78
C SER D 531 -43.86 -25.21 -3.14
N PHE D 532 -45.17 -25.37 -3.11
CA PHE D 532 -45.98 -25.36 -4.32
C PHE D 532 -46.36 -23.93 -4.69
N ILE D 533 -46.00 -23.52 -5.90
CA ILE D 533 -46.40 -22.23 -6.46
C ILE D 533 -47.37 -22.52 -7.60
N LYS D 534 -48.63 -22.12 -7.43
CA LYS D 534 -49.67 -22.39 -8.42
C LYS D 534 -49.75 -21.23 -9.39
N ILE D 535 -49.71 -21.53 -10.68
CA ILE D 535 -49.78 -20.54 -11.75
C ILE D 535 -51.06 -20.79 -12.54
N GLU D 536 -51.88 -19.75 -12.67
CA GLU D 536 -53.19 -19.91 -13.30
C GLU D 536 -53.09 -20.09 -14.81
N GLU D 537 -52.22 -19.32 -15.47
CA GLU D 537 -52.10 -19.41 -16.91
C GLU D 537 -51.39 -20.69 -17.32
N ASP D 538 -51.78 -21.22 -18.47
CA ASP D 538 -51.25 -22.49 -18.96
C ASP D 538 -49.96 -22.22 -19.73
N THR D 539 -48.84 -22.23 -19.00
CA THR D 539 -47.52 -22.05 -19.58
C THR D 539 -46.61 -23.18 -19.12
N TRP D 540 -45.36 -23.14 -19.56
CA TRP D 540 -44.38 -24.14 -19.15
C TRP D 540 -43.95 -23.95 -17.70
N GLN D 541 -44.06 -22.72 -17.17
CA GLN D 541 -43.61 -22.45 -15.81
C GLN D 541 -44.49 -23.14 -14.78
N LYS D 542 -45.77 -23.31 -15.06
CA LYS D 542 -46.65 -24.03 -14.14
C LYS D 542 -46.24 -25.51 -14.04
N TYR D 543 -45.93 -26.13 -15.18
CA TYR D 543 -45.51 -27.53 -15.17
C TYR D 543 -44.12 -27.69 -14.59
N TYR D 544 -43.27 -26.67 -14.73
CA TYR D 544 -41.95 -26.70 -14.11
C TYR D 544 -42.06 -26.59 -12.59
N LEU D 545 -42.84 -25.61 -12.10
CA LEU D 545 -42.99 -25.41 -10.66
C LEU D 545 -43.81 -26.50 -10.00
N GLU D 546 -44.57 -27.28 -10.78
CA GLU D 546 -45.19 -28.48 -10.22
C GLU D 546 -44.15 -29.50 -9.79
N GLY D 547 -43.08 -29.63 -10.57
CA GLY D 547 -42.02 -30.59 -10.26
C GLY D 547 -40.92 -30.04 -9.37
N VAL D 548 -40.81 -28.70 -9.30
CA VAL D 548 -39.83 -28.10 -8.39
C VAL D 548 -40.17 -28.40 -6.93
N SER D 549 -41.45 -28.45 -6.59
CA SER D 549 -41.90 -28.57 -5.20
C SER D 549 -41.56 -29.90 -4.55
N ASN D 550 -41.13 -30.90 -5.32
CA ASN D 550 -40.80 -32.21 -4.77
C ASN D 550 -39.36 -32.23 -4.25
N GLU D 551 -39.15 -32.96 -3.16
CA GLU D 551 -37.82 -33.17 -2.58
C GLU D 551 -37.62 -34.66 -2.35
N MET D 552 -36.44 -35.01 -1.82
CA MET D 552 -36.05 -36.39 -1.59
C MET D 552 -36.00 -36.66 -0.09
N TYR D 553 -36.65 -37.73 0.34
CA TYR D 553 -36.78 -38.05 1.76
C TYR D 553 -36.41 -39.51 2.00
N THR D 554 -35.99 -39.80 3.23
CA THR D 554 -35.63 -41.14 3.66
C THR D 554 -36.60 -41.61 4.74
N GLU D 555 -36.94 -42.90 4.70
CA GLU D 555 -37.84 -43.48 5.68
C GLU D 555 -37.62 -44.99 5.72
N TYR D 556 -37.68 -45.55 6.94
CA TYR D 556 -37.67 -46.99 7.08
C TYR D 556 -38.95 -47.59 6.52
N LEU D 557 -38.82 -48.72 5.83
CA LEU D 557 -39.97 -49.37 5.24
C LEU D 557 -40.82 -50.05 6.31
N SER D 558 -42.09 -50.27 5.99
CA SER D 558 -43.01 -50.90 6.92
C SER D 558 -42.71 -52.39 7.03
N SER D 559 -43.33 -53.01 8.04
CA SER D 559 -43.15 -54.44 8.29
C SER D 559 -44.00 -55.32 7.38
N ALA D 560 -44.86 -54.73 6.54
CA ALA D 560 -45.68 -55.52 5.64
C ALA D 560 -44.84 -56.12 4.51
N PHE D 561 -43.86 -55.38 4.01
CA PHE D 561 -43.03 -55.83 2.88
C PHE D 561 -41.88 -56.67 3.42
N VAL D 562 -42.07 -57.99 3.43
CA VAL D 562 -41.02 -58.91 3.82
C VAL D 562 -40.62 -59.76 2.62
N GLY D 563 -41.56 -60.55 2.11
CA GLY D 563 -41.31 -61.38 0.96
C GLY D 563 -41.50 -60.73 -0.38
N LEU D 564 -41.98 -59.49 -0.42
CA LEU D 564 -42.22 -58.79 -1.68
C LEU D 564 -40.91 -58.33 -2.30
N SER D 565 -40.87 -58.38 -3.62
CA SER D 565 -39.72 -57.91 -4.38
C SER D 565 -39.78 -56.40 -4.56
N PHE D 566 -38.62 -55.82 -4.89
CA PHE D 566 -38.53 -54.36 -5.06
C PHE D 566 -39.45 -53.79 -6.15
N PRO D 567 -39.60 -54.39 -7.35
CA PRO D 567 -40.63 -53.85 -8.27
C PRO D 567 -42.04 -53.91 -7.73
N THR D 568 -42.37 -54.96 -6.97
CA THR D 568 -43.70 -55.05 -6.36
C THR D 568 -43.92 -53.96 -5.32
N VAL D 569 -42.92 -53.73 -4.46
CA VAL D 569 -43.01 -52.68 -3.45
C VAL D 569 -43.10 -51.31 -4.11
N CYS D 570 -42.31 -51.08 -5.16
CA CYS D 570 -42.34 -49.79 -5.86
C CYS D 570 -43.69 -49.56 -6.54
N GLU D 571 -44.24 -50.58 -7.21
CA GLU D 571 -45.52 -50.44 -7.88
C GLU D 571 -46.65 -50.21 -6.88
N LEU D 572 -46.63 -50.94 -5.76
CA LEU D 572 -47.63 -50.73 -4.72
C LEU D 572 -47.52 -49.34 -4.13
N CYS D 573 -46.30 -48.89 -3.83
CA CYS D 573 -46.09 -47.56 -3.26
C CYS D 573 -46.60 -46.48 -4.20
N PHE D 574 -46.27 -46.58 -5.49
CA PHE D 574 -46.76 -45.62 -6.48
C PHE D 574 -48.29 -45.61 -6.53
N VAL D 575 -48.89 -46.77 -6.86
CA VAL D 575 -50.31 -46.83 -7.17
C VAL D 575 -51.17 -46.46 -5.97
N LYS D 576 -50.86 -46.99 -4.79
CA LYS D 576 -51.68 -46.63 -3.63
C LYS D 576 -51.21 -45.35 -2.95
N LEU D 577 -49.96 -45.30 -2.50
CA LEU D 577 -49.52 -44.23 -1.63
C LEU D 577 -49.13 -42.96 -2.37
N LYS D 578 -49.14 -42.97 -3.72
CA LYS D 578 -48.72 -41.82 -4.55
C LYS D 578 -47.32 -41.32 -4.18
N LEU D 579 -46.41 -42.27 -3.97
CA LEU D 579 -45.02 -41.96 -3.63
C LEU D 579 -44.08 -42.65 -4.60
N LEU D 580 -43.00 -41.98 -4.97
CA LEU D 580 -41.99 -42.52 -5.87
C LEU D 580 -40.80 -43.00 -5.05
N MET D 581 -40.49 -44.29 -5.14
CA MET D 581 -39.43 -44.92 -4.38
C MET D 581 -38.36 -45.39 -5.34
N ILE D 582 -37.11 -44.98 -5.11
CA ILE D 582 -36.08 -45.14 -6.12
C ILE D 582 -34.95 -46.07 -5.65
N ALA D 583 -34.70 -46.13 -4.35
CA ALA D 583 -33.57 -46.89 -3.85
C ALA D 583 -33.81 -47.32 -2.41
N ILE D 584 -33.05 -48.33 -1.99
CA ILE D 584 -33.06 -48.85 -0.64
C ILE D 584 -31.62 -48.90 -0.12
N GLU D 585 -31.47 -49.43 1.10
CA GLU D 585 -30.16 -49.66 1.70
C GLU D 585 -30.10 -51.14 2.10
N TYR D 586 -29.47 -51.96 1.26
CA TYR D 586 -29.36 -53.39 1.52
C TYR D 586 -28.36 -53.68 2.64
N SER D 593 -23.12 -52.85 4.67
CA SER D 593 -24.16 -51.94 4.19
C SER D 593 -23.83 -51.44 2.78
N ARG D 594 -24.85 -51.40 1.92
CA ARG D 594 -24.69 -50.94 0.55
C ARG D 594 -26.02 -50.39 0.05
N ILE D 595 -25.96 -49.30 -0.71
CA ILE D 595 -27.13 -48.69 -1.30
C ILE D 595 -27.27 -49.21 -2.73
N LEU D 596 -28.42 -49.77 -3.04
CA LEU D 596 -28.71 -50.31 -4.36
C LEU D 596 -29.82 -49.48 -5.00
N ILE D 597 -29.55 -48.97 -6.21
CA ILE D 597 -30.50 -48.14 -6.93
C ILE D 597 -31.20 -49.02 -7.97
N ASN D 598 -32.52 -49.19 -7.78
CA ASN D 598 -33.43 -49.97 -8.61
C ASN D 598 -32.96 -51.40 -8.85
N PRO D 599 -33.00 -52.28 -7.85
CA PRO D 599 -32.79 -53.71 -8.13
C PRO D 599 -34.01 -54.31 -8.82
N GLY D 600 -33.80 -55.43 -9.50
CA GLY D 600 -34.89 -56.03 -10.24
C GLY D 600 -35.09 -57.52 -10.10
N ASN D 601 -36.24 -57.90 -9.53
CA ASN D 601 -36.81 -59.25 -9.58
C ASN D 601 -35.89 -60.32 -8.98
N HIS D 602 -34.92 -59.93 -8.15
CA HIS D 602 -34.06 -60.92 -7.50
C HIS D 602 -33.71 -60.57 -6.06
N LEU D 603 -34.32 -59.53 -5.49
CA LEU D 603 -33.98 -59.05 -4.16
C LEU D 603 -35.25 -58.97 -3.32
N LYS D 604 -35.14 -59.38 -2.05
CA LYS D 604 -36.25 -59.33 -1.12
C LYS D 604 -35.97 -58.33 -0.01
N ILE D 605 -37.03 -57.70 0.47
CA ILE D 605 -36.92 -56.62 1.45
C ILE D 605 -36.64 -57.22 2.82
N GLN D 606 -35.62 -56.69 3.49
CA GLN D 606 -35.32 -57.07 4.86
C GLN D 606 -36.11 -56.19 5.83
N GLU D 607 -35.77 -56.24 7.10
CA GLU D 607 -36.44 -55.44 8.13
C GLU D 607 -35.64 -54.15 8.35
N GLY D 608 -36.29 -53.01 8.15
CA GLY D 608 -35.64 -51.72 8.29
C GLY D 608 -34.63 -51.46 7.19
N THR D 609 -35.11 -51.31 5.96
CA THR D 609 -34.23 -51.17 4.80
C THR D 609 -33.93 -49.72 4.41
N LEU D 610 -34.65 -48.75 5.00
CA LEU D 610 -34.43 -47.32 4.81
C LEU D 610 -34.52 -46.92 3.33
N GLY D 611 -35.74 -47.08 2.81
CA GLY D 611 -36.00 -46.72 1.42
C GLY D 611 -35.93 -45.22 1.21
N PHE D 612 -35.61 -44.83 -0.03
CA PHE D 612 -35.48 -43.45 -0.42
C PHE D 612 -36.68 -43.05 -1.27
N PHE D 613 -37.30 -41.92 -0.93
CA PHE D 613 -38.57 -41.53 -1.53
C PHE D 613 -38.48 -40.12 -2.08
N ILE D 614 -39.37 -39.82 -3.03
CA ILE D 614 -39.55 -38.49 -3.59
C ILE D 614 -40.98 -38.07 -3.33
N ALA D 615 -41.16 -36.93 -2.66
CA ALA D 615 -42.49 -36.47 -2.28
C ALA D 615 -42.45 -34.95 -2.11
N SER D 616 -43.64 -34.36 -2.00
CA SER D 616 -43.75 -32.92 -1.86
C SER D 616 -43.31 -32.45 -0.49
N ASP D 617 -43.64 -33.23 0.55
CA ASP D 617 -43.27 -32.89 1.93
C ASP D 617 -43.02 -34.18 2.72
N ALA D 618 -42.56 -34.00 3.95
CA ALA D 618 -42.22 -35.13 4.81
C ALA D 618 -43.44 -35.76 5.48
N LYS D 619 -44.61 -35.12 5.38
CA LYS D 619 -45.79 -35.68 6.02
C LYS D 619 -46.33 -36.89 5.26
N GLU D 620 -46.34 -36.83 3.94
CA GLU D 620 -46.83 -37.93 3.12
C GLU D 620 -45.85 -39.09 3.03
N VAL D 621 -44.60 -38.89 3.45
CA VAL D 621 -43.61 -39.96 3.45
C VAL D 621 -43.94 -41.00 4.52
N LYS D 622 -44.59 -40.58 5.60
CA LYS D 622 -44.90 -41.45 6.73
C LYS D 622 -45.87 -42.58 6.38
N ARG D 623 -46.57 -42.50 5.24
CA ARG D 623 -47.48 -43.57 4.85
C ARG D 623 -46.72 -44.84 4.49
N ALA D 624 -45.45 -44.72 4.10
CA ALA D 624 -44.65 -45.91 3.78
C ALA D 624 -44.21 -46.64 5.04
N PHE D 625 -44.29 -46.01 6.21
CA PHE D 625 -43.97 -46.65 7.48
C PHE D 625 -45.22 -47.07 8.25
N PHE D 626 -46.24 -46.22 8.28
CA PHE D 626 -47.52 -46.55 8.91
C PHE D 626 -48.44 -47.19 7.87
N TYR D 627 -48.05 -48.38 7.43
CA TYR D 627 -48.76 -49.11 6.40
C TYR D 627 -49.25 -50.45 6.96
N CYS D 628 -50.50 -50.79 6.62
CA CYS D 628 -51.09 -52.05 7.00
C CYS D 628 -51.80 -52.65 5.80
N LYS D 629 -51.81 -53.98 5.75
CA LYS D 629 -52.44 -54.71 4.64
C LYS D 629 -53.96 -54.63 4.73
N VAL D 699 -6.39 -59.74 -21.39
CA VAL D 699 -5.67 -58.56 -20.90
C VAL D 699 -6.44 -57.90 -19.77
N LYS D 700 -5.89 -56.81 -19.25
CA LYS D 700 -6.53 -56.06 -18.16
C LYS D 700 -7.47 -55.04 -18.79
N LYS D 701 -8.72 -55.44 -18.96
CA LYS D 701 -9.75 -54.57 -19.52
C LYS D 701 -10.53 -53.82 -18.46
N TYR D 702 -10.25 -54.06 -17.19
CA TYR D 702 -10.91 -53.38 -16.09
C TYR D 702 -9.89 -53.12 -14.99
N ASP D 703 -10.30 -52.35 -13.99
CA ASP D 703 -9.43 -52.05 -12.86
C ASP D 703 -9.49 -53.20 -11.85
N SER D 704 -8.86 -52.99 -10.68
CA SER D 704 -8.83 -54.04 -9.66
C SER D 704 -10.22 -54.29 -9.07
N THR D 705 -11.01 -53.23 -8.89
CA THR D 705 -12.36 -53.39 -8.38
C THR D 705 -13.30 -53.96 -9.45
N GLY D 706 -12.98 -53.76 -10.73
CA GLY D 706 -13.84 -54.21 -11.79
C GLY D 706 -15.05 -53.34 -12.02
N MET D 707 -15.04 -52.10 -11.54
CA MET D 707 -16.17 -51.19 -11.64
C MET D 707 -15.96 -50.09 -12.67
N PHE D 708 -14.77 -49.98 -13.25
CA PHE D 708 -14.48 -48.97 -14.26
C PHE D 708 -13.65 -49.58 -15.37
N HIS D 709 -13.78 -49.01 -16.57
CA HIS D 709 -12.96 -49.44 -17.69
C HIS D 709 -11.53 -48.98 -17.51
N TRP D 710 -10.58 -49.83 -17.90
CA TRP D 710 -9.17 -49.54 -17.71
C TRP D 710 -8.39 -50.07 -18.91
N CYS D 711 -7.35 -49.34 -19.30
CA CYS D 711 -6.49 -49.72 -20.42
C CYS D 711 -5.04 -49.45 -20.02
N ALA D 712 -4.14 -49.75 -20.95
CA ALA D 712 -2.71 -49.57 -20.70
C ALA D 712 -2.38 -48.09 -20.62
N PRO D 713 -1.35 -47.72 -19.83
CA PRO D 713 -0.92 -46.32 -19.77
C PRO D 713 -0.42 -45.85 -21.14
N LYS D 714 -0.70 -44.57 -21.43
CA LYS D 714 -0.36 -43.96 -22.70
C LYS D 714 0.28 -42.61 -22.46
N GLU D 715 1.15 -42.20 -23.39
CA GLU D 715 1.72 -40.87 -23.36
C GLU D 715 0.85 -39.92 -24.18
N ILE D 716 1.07 -38.62 -23.97
CA ILE D 716 0.23 -37.61 -24.61
C ILE D 716 0.49 -37.50 -26.11
N GLU D 717 1.61 -38.04 -26.60
CA GLU D 717 1.92 -37.94 -28.02
C GLU D 717 1.00 -38.82 -28.86
N LYS D 718 0.51 -39.93 -28.29
CA LYS D 718 -0.40 -40.81 -29.01
C LYS D 718 -1.84 -40.33 -28.99
N VAL D 719 -2.15 -39.30 -28.19
CA VAL D 719 -3.50 -38.75 -28.14
C VAL D 719 -3.58 -37.32 -28.64
N ILE D 720 -2.45 -36.63 -28.83
CA ILE D 720 -2.48 -35.28 -29.38
C ILE D 720 -2.80 -35.37 -30.87
N LEU D 721 -3.80 -34.59 -31.29
CA LEU D 721 -4.23 -34.55 -32.67
C LEU D 721 -4.01 -33.15 -33.25
N THR D 722 -4.03 -33.07 -34.57
CA THR D 722 -3.95 -31.81 -35.28
C THR D 722 -5.27 -31.56 -36.00
N ARG D 723 -5.38 -30.38 -36.62
CA ARG D 723 -6.61 -30.00 -37.30
C ARG D 723 -6.87 -30.88 -38.52
N SER D 724 -5.81 -31.23 -39.26
CA SER D 724 -5.97 -32.07 -40.44
C SER D 724 -6.43 -33.47 -40.06
N GLU D 725 -5.84 -34.06 -39.02
CA GLU D 725 -6.25 -35.39 -38.58
C GLU D 725 -7.65 -35.35 -37.97
N ALA D 726 -7.98 -34.29 -37.24
CA ALA D 726 -9.32 -34.15 -36.67
C ALA D 726 -10.39 -34.03 -37.75
N ALA D 727 -10.08 -33.33 -38.84
CA ALA D 727 -11.01 -33.27 -39.96
C ALA D 727 -11.03 -34.58 -40.73
N MET D 728 -9.92 -35.32 -40.73
CA MET D 728 -9.87 -36.60 -41.44
C MET D 728 -10.74 -37.66 -40.76
N THR D 729 -10.62 -37.79 -39.44
CA THR D 729 -11.42 -38.76 -38.69
C THR D 729 -12.73 -38.10 -38.26
N VAL D 730 -13.84 -38.57 -38.80
CA VAL D 730 -15.15 -38.00 -38.50
C VAL D 730 -15.64 -38.56 -37.18
N LEU D 731 -16.01 -37.67 -36.26
CA LEU D 731 -16.51 -38.06 -34.94
C LEU D 731 -18.00 -37.80 -34.88
N SER D 732 -18.75 -38.83 -34.47
CA SER D 732 -20.19 -38.72 -34.31
C SER D 732 -20.60 -39.37 -33.00
N GLY D 733 -21.55 -38.75 -32.30
CA GLY D 733 -21.99 -39.26 -31.02
C GLY D 733 -20.94 -39.19 -29.93
N HIS D 734 -20.21 -38.08 -29.84
CA HIS D 734 -19.10 -37.93 -28.92
C HIS D 734 -19.38 -36.77 -27.97
N VAL D 735 -18.40 -36.46 -27.12
CA VAL D 735 -18.49 -35.37 -26.16
C VAL D 735 -17.27 -34.47 -26.35
N VAL D 736 -17.52 -33.17 -26.54
CA VAL D 736 -16.47 -32.18 -26.71
C VAL D 736 -16.40 -31.35 -25.43
N VAL D 737 -15.21 -31.24 -24.86
CA VAL D 737 -14.97 -30.49 -23.64
C VAL D 737 -14.07 -29.31 -23.98
N CYS D 738 -14.55 -28.10 -23.71
CA CYS D 738 -13.79 -26.87 -23.96
C CYS D 738 -13.20 -26.39 -22.65
N ILE D 739 -11.89 -26.19 -22.62
CA ILE D 739 -11.16 -25.85 -21.41
C ILE D 739 -10.45 -24.52 -21.61
N PHE D 740 -10.68 -23.60 -20.69
CA PHE D 740 -9.94 -22.34 -20.62
C PHE D 740 -8.99 -22.40 -19.43
N GLY D 741 -7.70 -22.25 -19.70
CA GLY D 741 -6.71 -22.31 -18.65
C GLY D 741 -5.32 -22.17 -19.21
N ASP D 742 -4.36 -22.08 -18.30
CA ASP D 742 -2.95 -21.95 -18.65
C ASP D 742 -2.11 -22.69 -17.60
N VAL D 743 -0.80 -22.45 -17.62
CA VAL D 743 0.10 -23.15 -16.71
C VAL D 743 -0.11 -22.69 -15.27
N SER D 744 -0.37 -21.40 -15.06
CA SER D 744 -0.51 -20.86 -13.71
C SER D 744 -1.88 -21.07 -13.11
N SER D 745 -2.85 -21.55 -13.89
CA SER D 745 -4.21 -21.72 -13.38
C SER D 745 -4.30 -22.95 -12.48
N ALA D 746 -5.35 -22.98 -11.67
CA ALA D 746 -5.59 -24.09 -10.77
C ALA D 746 -6.09 -25.31 -11.55
N LEU D 747 -6.11 -26.46 -10.87
CA LEU D 747 -6.48 -27.72 -11.50
C LEU D 747 -7.97 -27.98 -11.31
N ILE D 748 -8.68 -28.18 -12.42
CA ILE D 748 -10.10 -28.53 -12.36
C ILE D 748 -10.28 -29.94 -11.80
N GLY D 749 -9.39 -30.85 -12.16
CA GLY D 749 -9.56 -32.24 -11.78
C GLY D 749 -10.51 -32.98 -12.69
N LEU D 750 -10.13 -33.12 -13.96
CA LEU D 750 -10.99 -33.68 -15.00
C LEU D 750 -11.25 -35.18 -14.83
N ARG D 751 -10.55 -35.84 -13.91
CA ARG D 751 -10.84 -37.24 -13.61
C ARG D 751 -12.26 -37.42 -13.09
N ASN D 752 -12.75 -36.46 -12.28
CA ASN D 752 -14.10 -36.53 -11.75
C ASN D 752 -15.17 -36.36 -12.83
N LEU D 753 -14.80 -35.91 -14.02
CA LEU D 753 -15.70 -35.87 -15.17
C LEU D 753 -15.53 -37.06 -16.09
N VAL D 754 -14.29 -37.50 -16.34
CA VAL D 754 -14.05 -38.61 -17.25
C VAL D 754 -14.51 -39.94 -16.64
N MET D 755 -14.20 -40.16 -15.36
CA MET D 755 -14.49 -41.44 -14.72
C MET D 755 -15.97 -41.84 -14.67
N PRO D 756 -16.94 -40.95 -14.40
CA PRO D 756 -18.35 -41.38 -14.53
C PRO D 756 -18.75 -41.81 -15.93
N LEU D 757 -18.09 -41.28 -16.97
CA LEU D 757 -18.38 -41.69 -18.33
C LEU D 757 -17.67 -42.97 -18.75
N ARG D 758 -16.81 -43.52 -17.89
CA ARG D 758 -16.06 -44.73 -18.19
C ARG D 758 -16.40 -45.86 -17.23
N ALA D 759 -17.64 -45.88 -16.74
CA ALA D 759 -18.06 -46.91 -15.79
C ALA D 759 -18.30 -48.24 -16.52
N SER D 760 -18.43 -49.30 -15.72
CA SER D 760 -18.46 -50.66 -16.25
C SER D 760 -19.86 -51.18 -16.56
N ASN D 761 -20.91 -50.41 -16.28
CA ASN D 761 -22.25 -50.81 -16.69
C ASN D 761 -22.56 -50.41 -18.13
N PHE D 762 -21.64 -49.72 -18.79
CA PHE D 762 -21.73 -49.43 -20.21
C PHE D 762 -20.88 -50.43 -20.99
N HIS D 763 -21.35 -50.85 -22.15
CA HIS D 763 -20.55 -51.69 -23.01
C HIS D 763 -19.47 -50.85 -23.70
N TYR D 764 -18.50 -51.55 -24.29
CA TYR D 764 -17.39 -50.85 -24.95
C TYR D 764 -17.84 -50.12 -26.20
N HIS D 765 -18.86 -50.64 -26.89
CA HIS D 765 -19.43 -49.94 -28.02
C HIS D 765 -20.38 -48.82 -27.61
N GLU D 766 -20.78 -48.77 -26.34
CA GLU D 766 -21.65 -47.71 -25.84
C GLU D 766 -20.87 -46.55 -25.24
N LEU D 767 -19.55 -46.64 -25.17
CA LEU D 767 -18.75 -45.56 -24.60
C LEU D 767 -18.66 -44.38 -25.55
N LYS D 768 -18.84 -43.18 -25.01
CA LYS D 768 -18.77 -41.95 -25.79
C LYS D 768 -17.33 -41.46 -25.87
N HIS D 769 -16.94 -41.01 -27.05
CA HIS D 769 -15.62 -40.45 -27.23
C HIS D 769 -15.53 -39.07 -26.60
N ILE D 770 -14.43 -38.81 -25.91
CA ILE D 770 -14.17 -37.52 -25.26
C ILE D 770 -12.94 -36.91 -25.91
N VAL D 771 -13.11 -35.70 -26.46
CA VAL D 771 -12.01 -34.96 -27.08
C VAL D 771 -11.91 -33.61 -26.40
N PHE D 772 -10.71 -33.28 -25.92
CA PHE D 772 -10.48 -32.04 -25.20
C PHE D 772 -9.95 -30.97 -26.16
N VAL D 773 -10.59 -29.81 -26.15
CA VAL D 773 -10.17 -28.67 -26.97
C VAL D 773 -9.71 -27.58 -26.00
N GLY D 774 -8.40 -27.42 -25.87
CA GLY D 774 -7.85 -26.43 -24.96
C GLY D 774 -6.36 -26.21 -25.16
N SER D 775 -5.66 -25.84 -24.11
CA SER D 775 -4.22 -25.59 -24.18
C SER D 775 -3.45 -26.80 -23.66
N ILE D 776 -2.47 -27.25 -24.44
CA ILE D 776 -1.68 -28.42 -24.07
C ILE D 776 -0.82 -28.15 -22.84
N GLU D 777 -0.47 -26.88 -22.58
CA GLU D 777 0.28 -26.56 -21.37
C GLU D 777 -0.54 -26.83 -20.12
N TYR D 778 -1.83 -26.52 -20.15
CA TYR D 778 -2.70 -26.88 -19.03
C TYR D 778 -3.01 -28.37 -19.02
N LEU D 779 -3.23 -28.97 -20.19
CA LEU D 779 -3.64 -30.37 -20.24
C LEU D 779 -2.51 -31.34 -19.89
N LYS D 780 -1.25 -30.89 -19.98
CA LYS D 780 -0.14 -31.75 -19.59
C LYS D 780 -0.11 -32.00 -18.09
N ARG D 781 -0.57 -31.03 -17.30
CA ARG D 781 -0.64 -31.19 -15.85
C ARG D 781 -1.83 -32.04 -15.40
N GLU D 782 -2.79 -32.30 -16.30
CA GLU D 782 -3.96 -33.10 -15.97
C GLU D 782 -3.96 -34.47 -16.64
N TRP D 783 -3.09 -34.69 -17.64
CA TRP D 783 -3.04 -35.97 -18.32
C TRP D 783 -2.55 -37.11 -17.41
N GLU D 784 -1.80 -36.80 -16.35
CA GLU D 784 -1.23 -37.84 -15.50
C GLU D 784 -2.29 -38.61 -14.72
N THR D 785 -3.51 -38.07 -14.59
CA THR D 785 -4.61 -38.79 -13.96
C THR D 785 -5.64 -39.28 -14.96
N LEU D 786 -5.34 -39.23 -16.26
CA LEU D 786 -6.30 -39.57 -17.29
C LEU D 786 -5.81 -40.56 -18.34
N HIS D 787 -4.59 -41.08 -18.21
CA HIS D 787 -4.00 -41.91 -19.25
C HIS D 787 -4.36 -43.40 -19.11
N ASN D 788 -5.35 -43.73 -18.28
CA ASN D 788 -5.83 -45.10 -18.13
C ASN D 788 -7.25 -45.28 -18.63
N PHE D 789 -7.77 -44.33 -19.42
CA PHE D 789 -9.14 -44.36 -19.88
C PHE D 789 -9.18 -44.48 -21.39
N PRO D 790 -9.95 -45.42 -21.94
CA PRO D 790 -10.03 -45.56 -23.41
C PRO D 790 -10.80 -44.41 -24.05
N LYS D 791 -10.51 -44.19 -25.33
CA LYS D 791 -11.19 -43.22 -26.20
C LYS D 791 -11.12 -41.80 -25.64
N VAL D 792 -9.88 -41.31 -25.52
CA VAL D 792 -9.62 -39.93 -25.10
C VAL D 792 -8.68 -39.30 -26.11
N SER D 793 -9.07 -38.15 -26.65
CA SER D 793 -8.27 -37.41 -27.62
C SER D 793 -8.06 -35.99 -27.13
N ILE D 794 -7.00 -35.36 -27.63
CA ILE D 794 -6.65 -33.98 -27.27
C ILE D 794 -6.34 -33.22 -28.55
N LEU D 795 -7.06 -32.13 -28.77
CA LEU D 795 -6.78 -31.20 -29.88
C LEU D 795 -6.36 -29.86 -29.29
N PRO D 796 -5.08 -29.52 -29.31
CA PRO D 796 -4.64 -28.22 -28.77
C PRO D 796 -5.16 -27.06 -29.60
N GLY D 797 -5.43 -25.95 -28.92
CA GLY D 797 -5.96 -24.77 -29.57
C GLY D 797 -6.73 -23.89 -28.62
N THR D 798 -7.81 -23.29 -29.09
CA THR D 798 -8.68 -22.45 -28.26
C THR D 798 -10.12 -22.79 -28.57
N PRO D 799 -11.01 -22.69 -27.56
CA PRO D 799 -12.44 -22.94 -27.81
C PRO D 799 -13.13 -21.86 -28.62
N LEU D 800 -12.50 -20.71 -28.84
CA LEU D 800 -13.08 -19.64 -29.64
C LEU D 800 -12.78 -19.78 -31.13
N SER D 801 -12.07 -20.83 -31.53
CA SER D 801 -11.69 -20.99 -32.94
C SER D 801 -12.77 -21.77 -33.69
N ARG D 802 -13.34 -21.11 -34.71
CA ARG D 802 -14.41 -21.72 -35.50
C ARG D 802 -13.90 -22.93 -36.27
N ALA D 803 -12.70 -22.85 -36.84
CA ALA D 803 -12.13 -23.98 -37.56
C ALA D 803 -11.82 -25.14 -36.62
N ASP D 804 -11.33 -24.85 -35.42
CA ASP D 804 -11.04 -25.90 -34.45
C ASP D 804 -12.33 -26.60 -34.00
N LEU D 805 -13.41 -25.84 -33.81
CA LEU D 805 -14.67 -26.47 -33.45
C LEU D 805 -15.32 -27.20 -34.62
N ARG D 806 -15.05 -26.75 -35.85
CA ARG D 806 -15.56 -27.47 -37.02
C ARG D 806 -14.81 -28.77 -37.26
N ALA D 807 -13.54 -28.82 -36.86
CA ALA D 807 -12.73 -30.02 -37.06
C ALA D 807 -13.22 -31.19 -36.21
N VAL D 808 -13.74 -30.92 -35.01
CA VAL D 808 -14.12 -31.98 -34.09
C VAL D 808 -15.59 -32.34 -34.25
N ASN D 809 -16.24 -31.77 -35.28
CA ASN D 809 -17.63 -32.05 -35.64
C ASN D 809 -18.58 -31.74 -34.47
N ILE D 810 -18.63 -30.45 -34.13
CA ILE D 810 -19.44 -29.99 -33.01
C ILE D 810 -20.94 -30.12 -33.29
N ASN D 811 -21.34 -30.23 -34.56
CA ASN D 811 -22.76 -30.37 -34.90
C ASN D 811 -23.28 -31.79 -34.70
N LEU D 812 -22.39 -32.77 -34.53
CA LEU D 812 -22.78 -34.16 -34.34
C LEU D 812 -22.63 -34.61 -32.88
N CYS D 813 -22.44 -33.68 -31.96
CA CYS D 813 -22.19 -34.00 -30.56
C CYS D 813 -23.49 -34.32 -29.83
N ASP D 814 -23.34 -34.87 -28.63
CA ASP D 814 -24.46 -35.04 -27.70
C ASP D 814 -24.45 -34.00 -26.59
N MET D 815 -23.29 -33.48 -26.22
CA MET D 815 -23.18 -32.46 -25.19
C MET D 815 -21.84 -31.75 -25.33
N CYS D 816 -21.86 -30.43 -25.27
CA CYS D 816 -20.66 -29.60 -25.26
C CYS D 816 -20.48 -29.01 -23.86
N VAL D 817 -19.30 -29.20 -23.29
CA VAL D 817 -19.00 -28.76 -21.93
C VAL D 817 -17.94 -27.67 -22.01
N ILE D 818 -18.24 -26.51 -21.41
CA ILE D 818 -17.32 -25.38 -21.37
C ILE D 818 -16.98 -25.11 -19.91
N LEU D 819 -15.69 -25.18 -19.59
CA LEU D 819 -15.21 -24.95 -18.24
C LEU D 819 -14.03 -23.98 -18.26
N SER D 820 -13.87 -23.24 -17.18
CA SER D 820 -12.78 -22.28 -17.02
C SER D 820 -12.00 -22.61 -15.76
N ALA D 821 -10.68 -22.81 -15.91
CA ALA D 821 -9.83 -23.15 -14.79
C ALA D 821 -9.35 -21.94 -14.00
N ASN D 822 -9.53 -20.73 -14.54
CA ASN D 822 -9.10 -19.51 -13.86
C ASN D 822 -10.29 -18.57 -13.70
N GLN D 823 -11.41 -19.11 -13.25
CA GLN D 823 -12.65 -18.35 -13.15
C GLN D 823 -12.84 -17.67 -11.80
N ASN D 824 -12.00 -17.98 -10.81
CA ASN D 824 -12.13 -17.37 -9.50
C ASN D 824 -10.90 -16.56 -9.07
N ASN D 825 -9.75 -16.75 -9.73
CA ASN D 825 -8.52 -16.09 -9.31
C ASN D 825 -8.40 -14.66 -9.84
N ILE D 826 -9.33 -14.21 -10.67
CA ILE D 826 -9.29 -12.85 -11.20
C ILE D 826 -9.69 -11.87 -10.10
N ASP D 827 -9.15 -10.66 -10.16
CA ASP D 827 -9.37 -9.64 -9.15
C ASP D 827 -10.54 -8.73 -9.46
N ASP D 828 -11.24 -8.96 -10.56
CA ASP D 828 -12.35 -8.11 -10.98
C ASP D 828 -13.67 -8.83 -10.75
N THR D 829 -14.62 -8.15 -10.11
CA THR D 829 -15.98 -8.67 -10.02
C THR D 829 -16.64 -8.74 -11.39
N SER D 830 -16.34 -7.78 -12.26
CA SER D 830 -16.75 -7.87 -13.65
C SER D 830 -15.81 -8.80 -14.41
N LEU D 831 -16.13 -9.03 -15.69
CA LEU D 831 -15.42 -9.94 -16.58
C LEU D 831 -15.36 -11.37 -16.04
N GLN D 832 -16.34 -11.76 -15.25
CA GLN D 832 -16.44 -13.13 -14.76
C GLN D 832 -17.29 -13.94 -15.73
N ASP D 833 -16.84 -15.18 -16.00
CA ASP D 833 -17.45 -16.09 -16.97
C ASP D 833 -17.51 -15.47 -18.37
N LYS D 834 -16.57 -14.57 -18.65
CA LYS D 834 -16.56 -13.83 -19.91
C LYS D 834 -16.20 -14.74 -21.08
N GLU D 835 -15.17 -15.58 -20.91
CA GLU D 835 -14.77 -16.48 -21.99
C GLU D 835 -15.82 -17.56 -22.23
N CYS D 836 -16.45 -18.05 -21.16
CA CYS D 836 -17.52 -19.04 -21.33
C CYS D 836 -18.74 -18.44 -22.02
N ILE D 837 -19.11 -17.20 -21.66
CA ILE D 837 -20.22 -16.53 -22.32
C ILE D 837 -19.89 -16.28 -23.79
N LEU D 838 -18.67 -15.85 -24.08
CA LEU D 838 -18.26 -15.60 -25.46
C LEU D 838 -18.27 -16.87 -26.29
N ALA D 839 -17.76 -17.97 -25.74
CA ALA D 839 -17.78 -19.25 -26.45
C ALA D 839 -19.19 -19.76 -26.69
N SER D 840 -20.07 -19.65 -25.68
CA SER D 840 -21.45 -20.10 -25.84
C SER D 840 -22.19 -19.26 -26.87
N LEU D 841 -21.90 -17.95 -26.92
CA LEU D 841 -22.53 -17.11 -27.94
C LEU D 841 -21.96 -17.38 -29.34
N ASN D 842 -20.66 -17.67 -29.43
N ASN D 842 -20.67 -17.69 -29.42
CA ASN D 842 -20.03 -17.93 -30.72
CA ASN D 842 -20.06 -17.92 -30.73
C ASN D 842 -20.50 -19.24 -31.31
C ASN D 842 -20.45 -19.27 -31.32
N ILE D 843 -20.76 -20.25 -30.48
CA ILE D 843 -21.22 -21.54 -30.99
C ILE D 843 -22.61 -21.43 -31.61
N LYS D 844 -23.48 -20.62 -31.00
CA LYS D 844 -24.85 -20.49 -31.48
C LYS D 844 -24.97 -19.77 -32.82
N SER D 845 -23.95 -19.01 -33.23
CA SER D 845 -24.00 -18.25 -34.46
C SER D 845 -23.41 -18.98 -35.66
N MET D 846 -22.99 -20.23 -35.48
CA MET D 846 -22.36 -20.97 -36.57
C MET D 846 -23.39 -21.45 -37.58
N GLN D 847 -22.90 -21.78 -38.77
CA GLN D 847 -23.73 -22.33 -39.85
C GLN D 847 -23.03 -23.54 -40.44
N PHE D 848 -23.82 -24.60 -40.66
CA PHE D 848 -23.30 -25.85 -41.19
C PHE D 848 -24.11 -26.26 -42.42
N ASP D 849 -23.41 -26.76 -43.43
CA ASP D 849 -24.07 -27.19 -44.67
C ASP D 849 -24.79 -28.53 -44.48
N THR D 887 -29.12 -25.78 -41.26
CA THR D 887 -28.54 -26.16 -39.98
C THR D 887 -27.86 -24.95 -39.32
N THR D 888 -28.17 -24.74 -38.04
CA THR D 888 -27.63 -23.62 -37.28
C THR D 888 -27.19 -24.13 -35.92
N GLY D 889 -26.25 -23.42 -35.31
CA GLY D 889 -25.67 -23.79 -34.03
C GLY D 889 -26.56 -23.60 -32.82
N VAL D 890 -27.77 -23.06 -33.00
CA VAL D 890 -28.68 -22.87 -31.88
C VAL D 890 -29.22 -24.19 -31.34
N ASN D 891 -29.21 -25.25 -32.15
CA ASN D 891 -29.74 -26.54 -31.74
C ASN D 891 -28.67 -27.48 -31.21
N ILE D 892 -27.42 -27.02 -31.10
CA ILE D 892 -26.35 -27.85 -30.56
C ILE D 892 -26.50 -27.90 -29.03
N PRO D 893 -26.56 -29.10 -28.42
CA PRO D 893 -26.59 -29.19 -26.97
C PRO D 893 -25.32 -28.63 -26.35
N ILE D 894 -25.48 -27.95 -25.22
CA ILE D 894 -24.36 -27.24 -24.59
C ILE D 894 -24.65 -27.09 -23.11
N ILE D 895 -23.59 -27.14 -22.30
CA ILE D 895 -23.68 -26.86 -20.87
C ILE D 895 -22.46 -26.03 -20.48
N THR D 896 -22.68 -25.01 -19.65
CA THR D 896 -21.60 -24.13 -19.21
C THR D 896 -21.74 -23.87 -17.72
N GLU D 897 -20.60 -23.72 -17.06
CA GLU D 897 -20.54 -23.48 -15.62
C GLU D 897 -20.21 -22.02 -15.35
N LEU D 898 -20.95 -21.41 -14.44
CA LEU D 898 -20.77 -20.00 -14.10
C LEU D 898 -20.53 -19.87 -12.61
N VAL D 899 -19.66 -18.92 -12.24
CA VAL D 899 -19.47 -18.58 -10.83
C VAL D 899 -20.36 -17.43 -10.39
N ASN D 900 -21.01 -16.73 -11.32
CA ASN D 900 -21.95 -15.67 -11.02
C ASN D 900 -23.28 -16.05 -11.65
N ASP D 901 -24.28 -16.30 -10.81
CA ASP D 901 -25.57 -16.79 -11.29
C ASP D 901 -26.40 -15.73 -11.99
N THR D 902 -26.06 -14.45 -11.83
CA THR D 902 -26.76 -13.39 -12.55
C THR D 902 -26.22 -13.17 -13.95
N ASN D 903 -25.18 -13.89 -14.34
CA ASN D 903 -24.62 -13.84 -15.69
C ASN D 903 -25.33 -14.79 -16.65
N VAL D 904 -26.37 -15.49 -16.19
CA VAL D 904 -27.11 -16.42 -17.03
C VAL D 904 -27.99 -15.73 -18.06
N GLN D 905 -28.19 -14.41 -17.93
CA GLN D 905 -29.00 -13.68 -18.89
C GLN D 905 -28.30 -13.51 -20.22
N PHE D 906 -26.97 -13.50 -20.23
CA PHE D 906 -26.19 -13.30 -21.44
C PHE D 906 -25.94 -14.59 -22.21
N LEU D 907 -26.39 -15.74 -21.68
CA LEU D 907 -26.13 -17.01 -22.35
C LEU D 907 -26.96 -17.17 -23.62
N ASP D 908 -28.18 -16.65 -23.62
CA ASP D 908 -29.05 -16.72 -24.79
C ASP D 908 -29.61 -15.34 -25.09
N GLN D 909 -29.85 -15.08 -26.37
CA GLN D 909 -30.30 -13.76 -26.83
C GLN D 909 -31.81 -13.66 -27.03
N ASP D 910 -32.52 -14.78 -27.14
CA ASP D 910 -33.96 -14.76 -27.36
C ASP D 910 -34.67 -15.52 -26.25
N ASP D 911 -34.90 -14.83 -25.13
CA ASP D 911 -35.68 -15.33 -24.00
C ASP D 911 -36.01 -14.14 -23.11
N ASP D 912 -36.62 -14.41 -21.97
CA ASP D 912 -36.98 -13.38 -21.01
C ASP D 912 -35.88 -13.27 -19.94
N ASP D 913 -35.31 -12.08 -19.80
CA ASP D 913 -34.21 -11.83 -18.88
C ASP D 913 -34.70 -10.95 -17.74
N ASP D 914 -34.99 -11.58 -16.60
CA ASP D 914 -35.34 -10.84 -15.38
C ASP D 914 -34.17 -10.95 -14.41
N PRO D 915 -33.45 -9.86 -14.14
CA PRO D 915 -32.26 -9.95 -13.27
C PRO D 915 -32.58 -10.10 -11.79
N ASP D 916 -33.84 -9.92 -11.39
CA ASP D 916 -34.20 -10.02 -9.98
C ASP D 916 -34.64 -11.42 -9.57
N THR D 917 -35.00 -12.27 -10.53
CA THR D 917 -35.39 -13.63 -10.21
C THR D 917 -34.18 -14.47 -9.84
N GLU D 918 -34.42 -15.54 -9.10
CA GLU D 918 -33.36 -16.45 -8.69
C GLU D 918 -32.94 -17.34 -9.86
N LEU D 919 -31.88 -18.11 -9.62
CA LEU D 919 -31.28 -18.91 -10.69
C LEU D 919 -32.19 -20.04 -11.13
N TYR D 920 -32.90 -20.66 -10.19
CA TYR D 920 -33.70 -21.85 -10.52
C TYR D 920 -34.92 -21.52 -11.38
N LEU D 921 -35.36 -20.26 -11.40
CA LEU D 921 -36.50 -19.86 -12.21
C LEU D 921 -36.12 -19.37 -13.60
N THR D 922 -34.82 -19.28 -13.90
CA THR D 922 -34.38 -18.80 -15.20
C THR D 922 -34.57 -19.86 -16.27
N GLN D 923 -34.77 -19.40 -17.51
CA GLN D 923 -34.95 -20.31 -18.63
C GLN D 923 -33.73 -21.18 -18.95
N PRO D 924 -32.47 -20.69 -18.98
CA PRO D 924 -31.36 -21.64 -19.20
C PRO D 924 -31.23 -22.70 -18.11
N PHE D 925 -31.50 -22.37 -16.85
CA PHE D 925 -31.44 -23.38 -15.80
C PHE D 925 -32.63 -24.33 -15.88
N ALA D 926 -33.79 -23.86 -16.32
CA ALA D 926 -34.93 -24.75 -16.51
C ALA D 926 -34.72 -25.68 -17.70
N CYS D 927 -33.98 -25.22 -18.72
CA CYS D 927 -33.71 -26.07 -19.87
C CYS D 927 -32.55 -27.03 -19.64
N GLY D 928 -31.59 -26.65 -18.79
CA GLY D 928 -30.45 -27.50 -18.51
C GLY D 928 -29.15 -27.07 -19.17
N THR D 929 -29.07 -25.86 -19.72
CA THR D 929 -27.89 -25.39 -20.42
C THR D 929 -26.95 -24.60 -19.53
N ALA D 930 -27.25 -24.49 -18.23
CA ALA D 930 -26.41 -23.75 -17.30
C ALA D 930 -26.33 -24.47 -15.97
N PHE D 931 -25.24 -24.23 -15.25
CA PHE D 931 -25.02 -24.82 -13.94
C PHE D 931 -24.13 -23.91 -13.11
N ALA D 932 -24.39 -23.86 -11.82
CA ALA D 932 -23.58 -23.09 -10.89
C ALA D 932 -23.36 -23.92 -9.63
N VAL D 933 -22.21 -23.67 -8.97
CA VAL D 933 -21.88 -24.41 -7.77
C VAL D 933 -22.66 -23.92 -6.55
N SER D 934 -23.35 -22.79 -6.66
CA SER D 934 -24.12 -22.25 -5.54
C SER D 934 -25.41 -23.01 -5.29
N VAL D 935 -25.84 -23.88 -6.21
CA VAL D 935 -27.05 -24.66 -6.01
C VAL D 935 -26.84 -25.88 -5.12
N LEU D 936 -25.59 -26.18 -4.76
CA LEU D 936 -25.27 -27.31 -3.91
C LEU D 936 -25.17 -26.92 -2.44
N ASP D 937 -25.58 -25.71 -2.08
CA ASP D 937 -25.49 -25.26 -0.69
C ASP D 937 -26.53 -25.92 0.21
N SER D 938 -27.64 -26.39 -0.36
CA SER D 938 -28.67 -27.07 0.43
C SER D 938 -28.25 -28.46 0.88
N LEU D 939 -27.16 -28.99 0.34
CA LEU D 939 -26.68 -30.31 0.74
C LEU D 939 -26.18 -30.34 2.17
N MET D 940 -25.78 -29.19 2.72
CA MET D 940 -25.30 -29.14 4.10
C MET D 940 -26.43 -29.42 5.08
N SER D 941 -27.65 -28.96 4.79
CA SER D 941 -28.81 -29.33 5.59
C SER D 941 -29.40 -30.67 5.20
N ALA D 942 -29.33 -31.03 3.90
CA ALA D 942 -29.87 -32.31 3.45
C ALA D 942 -29.11 -33.48 4.07
N THR D 943 -27.77 -33.38 4.13
CA THR D 943 -26.97 -34.47 4.69
C THR D 943 -27.12 -34.55 6.20
N TYR D 944 -27.44 -33.44 6.86
CA TYR D 944 -27.70 -33.51 8.29
C TYR D 944 -29.05 -34.17 8.57
N PHE D 945 -30.08 -33.82 7.80
CA PHE D 945 -31.39 -34.38 8.08
C PHE D 945 -31.54 -35.82 7.58
N ASN D 946 -30.82 -36.20 6.52
CA ASN D 946 -30.81 -37.58 6.05
C ASN D 946 -29.37 -38.05 5.96
N ASP D 947 -29.07 -39.16 6.65
CA ASP D 947 -27.68 -39.57 6.83
C ASP D 947 -27.08 -40.17 5.56
N ASN D 948 -27.82 -41.02 4.86
CA ASN D 948 -27.29 -41.75 3.72
C ASN D 948 -27.53 -41.04 2.39
N ILE D 949 -28.02 -39.80 2.43
CA ILE D 949 -28.35 -39.09 1.20
C ILE D 949 -27.09 -38.74 0.41
N LEU D 950 -25.96 -38.49 1.10
CA LEU D 950 -24.72 -38.18 0.38
C LEU D 950 -24.17 -39.42 -0.29
N THR D 951 -24.26 -40.57 0.36
CA THR D 951 -23.84 -41.83 -0.25
C THR D 951 -24.72 -42.16 -1.45
N LEU D 952 -26.02 -41.91 -1.34
CA LEU D 952 -26.91 -42.12 -2.49
C LEU D 952 -26.56 -41.20 -3.65
N ILE D 953 -26.28 -39.92 -3.36
CA ILE D 953 -25.90 -38.98 -4.40
C ILE D 953 -24.61 -39.40 -5.08
N ARG D 954 -23.61 -39.83 -4.29
CA ARG D 954 -22.32 -40.23 -4.86
C ARG D 954 -22.45 -41.50 -5.68
N THR D 955 -23.22 -42.48 -5.21
CA THR D 955 -23.38 -43.71 -5.98
C THR D 955 -24.33 -43.54 -7.17
N LEU D 956 -25.09 -42.45 -7.22
CA LEU D 956 -25.93 -42.18 -8.39
C LEU D 956 -25.20 -41.35 -9.44
N VAL D 957 -24.35 -40.41 -9.01
CA VAL D 957 -23.77 -39.44 -9.93
C VAL D 957 -22.30 -39.72 -10.25
N THR D 958 -21.58 -40.48 -9.43
CA THR D 958 -20.18 -40.78 -9.68
C THR D 958 -20.01 -42.06 -10.49
N GLY D 959 -20.85 -43.05 -10.24
CA GLY D 959 -20.74 -44.33 -10.92
C GLY D 959 -20.71 -45.48 -9.92
N GLY D 960 -20.09 -45.23 -8.77
CA GLY D 960 -20.08 -46.20 -7.70
C GLY D 960 -19.38 -45.70 -6.46
N ALA D 961 -20.01 -45.87 -5.29
CA ALA D 961 -19.44 -45.50 -4.00
C ALA D 961 -19.53 -46.74 -3.11
N THR D 962 -18.53 -47.62 -3.21
CA THR D 962 -18.46 -48.85 -2.46
C THR D 962 -17.34 -48.79 -1.44
N PRO D 963 -17.47 -49.50 -0.31
CA PRO D 963 -16.38 -49.50 0.69
C PRO D 963 -15.06 -50.03 0.18
N GLU D 964 -15.07 -51.02 -0.73
CA GLU D 964 -13.82 -51.54 -1.27
C GLU D 964 -13.12 -50.49 -2.12
N LEU D 965 -13.87 -49.79 -2.98
CA LEU D 965 -13.29 -48.73 -3.78
C LEU D 965 -12.83 -47.55 -2.92
N GLU D 966 -13.57 -47.25 -1.85
CA GLU D 966 -13.16 -46.18 -0.94
C GLU D 966 -11.88 -46.54 -0.21
N ALA D 967 -11.74 -47.81 0.21
CA ALA D 967 -10.51 -48.24 0.85
C ALA D 967 -9.33 -48.22 -0.11
N LEU D 968 -9.56 -48.63 -1.37
CA LEU D 968 -8.50 -48.59 -2.38
C LEU D 968 -8.06 -47.15 -2.66
N ILE D 969 -9.03 -46.22 -2.71
CA ILE D 969 -8.72 -44.82 -2.92
C ILE D 969 -7.94 -44.25 -1.74
N ALA D 970 -8.38 -44.55 -0.51
CA ALA D 970 -7.68 -44.09 0.68
C ALA D 970 -6.30 -44.73 0.82
N GLU D 971 -6.07 -45.88 0.21
CA GLU D 971 -4.75 -46.51 0.28
C GLU D 971 -3.79 -45.96 -0.76
N GLU D 972 -4.20 -45.92 -2.03
CA GLU D 972 -3.26 -45.58 -3.09
C GLU D 972 -3.58 -44.33 -3.90
N ASN D 973 -4.82 -43.82 -3.84
CA ASN D 973 -5.26 -42.63 -4.58
C ASN D 973 -5.09 -42.79 -6.09
N ALA D 974 -5.26 -44.00 -6.59
CA ALA D 974 -5.15 -44.30 -8.01
C ALA D 974 -5.91 -45.59 -8.29
N LEU D 975 -5.89 -46.00 -9.56
CA LEU D 975 -6.52 -47.24 -9.99
C LEU D 975 -5.52 -48.07 -10.77
N ARG D 976 -5.51 -49.38 -10.51
CA ARG D 976 -4.64 -50.31 -11.21
C ARG D 976 -5.48 -51.42 -11.82
N GLY D 977 -5.02 -51.94 -12.96
CA GLY D 977 -5.76 -52.96 -13.67
C GLY D 977 -5.71 -54.31 -12.98
N GLY D 978 -6.66 -55.16 -13.36
CA GLY D 978 -6.73 -56.49 -12.80
C GLY D 978 -7.48 -57.43 -13.72
N TYR D 979 -7.19 -58.71 -13.57
CA TYR D 979 -7.81 -59.73 -14.42
C TYR D 979 -9.23 -60.01 -13.96
N SER D 980 -10.01 -60.62 -14.86
CA SER D 980 -11.42 -60.88 -14.63
C SER D 980 -11.62 -62.32 -14.18
N THR D 981 -12.37 -62.50 -13.10
CA THR D 981 -12.70 -63.79 -12.52
C THR D 981 -14.22 -63.94 -12.50
N PRO D 982 -14.78 -65.07 -12.04
CA PRO D 982 -16.20 -65.08 -11.68
C PRO D 982 -16.57 -64.00 -10.67
N GLN D 983 -15.71 -63.75 -9.69
CA GLN D 983 -15.84 -62.59 -8.84
C GLN D 983 -15.34 -61.35 -9.58
N THR D 984 -15.62 -60.17 -9.00
CA THR D 984 -15.45 -58.82 -9.56
C THR D 984 -15.78 -58.74 -11.05
N LEU D 985 -16.84 -59.42 -11.46
CA LEU D 985 -17.42 -59.28 -12.79
C LEU D 985 -18.94 -59.15 -12.77
N ALA D 986 -19.60 -59.49 -11.67
CA ALA D 986 -21.01 -59.18 -11.47
C ALA D 986 -21.21 -57.78 -10.91
N ASN D 987 -20.12 -57.03 -10.69
CA ASN D 987 -20.20 -55.64 -10.28
C ASN D 987 -20.74 -54.73 -11.38
N ARG D 988 -20.80 -55.20 -12.62
CA ARG D 988 -21.38 -54.45 -13.72
C ARG D 988 -22.90 -54.41 -13.67
N ASP D 989 -23.53 -55.24 -12.84
CA ASP D 989 -24.99 -55.34 -12.80
C ASP D 989 -25.56 -54.25 -11.88
N ARG D 990 -25.48 -53.02 -12.36
CA ARG D 990 -26.07 -51.87 -11.69
C ARG D 990 -26.80 -51.02 -12.72
N CYS D 991 -27.81 -50.28 -12.24
CA CYS D 991 -28.61 -49.46 -13.12
C CYS D 991 -27.83 -48.23 -13.58
N ARG D 992 -28.23 -47.70 -14.73
CA ARG D 992 -27.60 -46.53 -15.32
C ARG D 992 -28.67 -45.53 -15.72
N VAL D 993 -28.23 -44.30 -15.98
CA VAL D 993 -29.12 -43.22 -16.35
C VAL D 993 -29.25 -43.18 -17.87
N ALA D 994 -30.47 -43.20 -18.37
CA ALA D 994 -30.72 -43.17 -19.80
C ALA D 994 -32.01 -42.40 -20.07
N GLN D 995 -32.18 -41.98 -21.33
CA GLN D 995 -33.37 -41.28 -21.77
C GLN D 995 -34.06 -42.09 -22.85
N LEU D 996 -35.38 -42.18 -22.75
CA LEU D 996 -36.20 -42.99 -23.64
C LEU D 996 -37.15 -42.11 -24.43
N ALA D 997 -37.32 -42.41 -25.71
CA ALA D 997 -38.20 -41.67 -26.60
C ALA D 997 -39.38 -42.53 -27.02
N LEU D 998 -40.57 -41.96 -26.97
CA LEU D 998 -41.80 -42.67 -27.33
C LEU D 998 -42.16 -42.42 -28.80
N LEU D 999 -41.22 -42.78 -29.68
CA LEU D 999 -41.40 -42.59 -31.11
C LEU D 999 -41.47 -43.91 -31.88
N ASP D 1000 -40.46 -44.76 -31.74
CA ASP D 1000 -40.38 -46.01 -32.48
C ASP D 1000 -40.32 -47.25 -31.62
N GLY D 1001 -40.19 -47.11 -30.29
CA GLY D 1001 -40.08 -48.24 -29.41
C GLY D 1001 -41.43 -48.87 -29.13
N PRO D 1002 -41.45 -49.86 -28.23
CA PRO D 1002 -42.72 -50.51 -27.86
C PRO D 1002 -43.67 -49.65 -27.05
N PHE D 1003 -43.28 -48.43 -26.68
CA PHE D 1003 -44.11 -47.53 -25.89
C PHE D 1003 -44.82 -46.49 -26.74
N ALA D 1004 -44.80 -46.63 -28.07
CA ALA D 1004 -45.34 -45.62 -28.96
C ALA D 1004 -46.86 -45.53 -28.88
N ASP D 1005 -47.55 -46.64 -28.55
CA ASP D 1005 -49.00 -46.60 -28.43
C ASP D 1005 -49.44 -45.81 -27.20
N LEU D 1006 -48.62 -45.80 -26.14
CA LEU D 1006 -48.94 -45.07 -24.93
C LEU D 1006 -48.57 -43.60 -25.00
N GLY D 1007 -47.82 -43.18 -26.02
CA GLY D 1007 -47.35 -41.81 -26.11
C GLY D 1007 -48.31 -40.82 -26.73
N ASP D 1008 -49.40 -41.28 -27.35
CA ASP D 1008 -50.32 -40.37 -28.01
C ASP D 1008 -51.20 -39.64 -27.00
N GLY D 1009 -51.97 -40.39 -26.20
CA GLY D 1009 -52.83 -39.80 -25.21
C GLY D 1009 -52.88 -40.60 -23.92
N GLY D 1010 -51.86 -41.44 -23.71
CA GLY D 1010 -51.81 -42.30 -22.55
C GLY D 1010 -51.44 -41.56 -21.28
N CYS D 1011 -51.32 -42.34 -20.21
CA CYS D 1011 -51.06 -41.80 -18.88
C CYS D 1011 -49.66 -42.20 -18.40
N TYR D 1012 -49.04 -41.29 -17.65
CA TYR D 1012 -47.73 -41.55 -17.08
C TYR D 1012 -47.78 -42.68 -16.06
N GLY D 1013 -48.91 -42.85 -15.37
CA GLY D 1013 -49.05 -43.97 -14.45
C GLY D 1013 -49.01 -45.31 -15.17
N ASP D 1014 -49.74 -45.42 -16.29
CA ASP D 1014 -49.67 -46.64 -17.10
C ASP D 1014 -48.29 -46.83 -17.69
N LEU D 1015 -47.63 -45.73 -18.09
CA LEU D 1015 -46.25 -45.80 -18.56
C LEU D 1015 -45.33 -46.41 -17.50
N PHE D 1016 -45.40 -45.88 -16.28
CA PHE D 1016 -44.55 -46.34 -15.19
C PHE D 1016 -44.84 -47.80 -14.85
N CYS D 1017 -46.13 -48.16 -14.76
CA CYS D 1017 -46.51 -49.52 -14.40
C CYS D 1017 -46.06 -50.52 -15.46
N LYS D 1018 -46.29 -50.22 -16.74
CA LYS D 1018 -45.90 -51.13 -17.81
C LYS D 1018 -44.39 -51.25 -17.89
N ALA D 1019 -43.66 -50.13 -17.78
CA ALA D 1019 -42.21 -50.17 -17.86
C ALA D 1019 -41.61 -50.98 -16.72
N LEU D 1020 -42.08 -50.76 -15.49
CA LEU D 1020 -41.58 -51.51 -14.35
C LEU D 1020 -41.91 -52.99 -14.47
N LYS D 1021 -43.18 -53.32 -14.71
CA LYS D 1021 -43.60 -54.72 -14.75
C LYS D 1021 -43.03 -55.47 -15.94
N THR D 1022 -42.58 -54.78 -16.98
CA THR D 1022 -42.06 -55.48 -18.16
C THR D 1022 -40.54 -55.56 -18.19
N TYR D 1023 -39.82 -54.48 -17.89
CA TYR D 1023 -38.36 -54.52 -17.99
C TYR D 1023 -37.64 -53.98 -16.76
N ASN D 1024 -38.34 -53.84 -15.62
CA ASN D 1024 -37.77 -53.30 -14.37
C ASN D 1024 -37.16 -51.91 -14.60
N MET D 1025 -37.83 -51.09 -15.39
CA MET D 1025 -37.35 -49.75 -15.73
C MET D 1025 -38.08 -48.72 -14.88
N LEU D 1026 -37.32 -47.88 -14.20
CA LEU D 1026 -37.86 -46.90 -13.27
C LEU D 1026 -37.86 -45.53 -13.93
N CYS D 1027 -39.05 -45.02 -14.27
CA CYS D 1027 -39.20 -43.71 -14.88
C CYS D 1027 -39.50 -42.69 -13.80
N PHE D 1028 -38.82 -41.54 -13.87
CA PHE D 1028 -38.95 -40.53 -12.83
C PHE D 1028 -38.97 -39.10 -13.37
N GLY D 1029 -39.19 -38.89 -14.66
CA GLY D 1029 -39.25 -37.53 -15.18
C GLY D 1029 -39.62 -37.53 -16.65
N ILE D 1030 -39.94 -36.33 -17.13
CA ILE D 1030 -40.29 -36.10 -18.53
C ILE D 1030 -39.51 -34.89 -19.02
N TYR D 1031 -38.84 -35.04 -20.16
CA TYR D 1031 -38.17 -33.94 -20.85
C TYR D 1031 -39.12 -33.48 -21.96
N ARG D 1032 -39.84 -32.39 -21.71
CA ARG D 1032 -40.94 -31.95 -22.56
C ARG D 1032 -40.58 -30.65 -23.25
N LEU D 1033 -40.98 -30.54 -24.53
CA LEU D 1033 -40.76 -29.31 -25.30
C LEU D 1033 -41.52 -28.15 -24.69
N ARG D 1034 -41.04 -26.94 -24.98
CA ARG D 1034 -41.61 -25.73 -24.39
C ARG D 1034 -43.04 -25.49 -24.87
N ASP D 1035 -43.25 -25.51 -26.18
CA ASP D 1035 -44.58 -25.36 -26.77
C ASP D 1035 -45.22 -26.71 -27.06
N ALA D 1036 -45.29 -27.58 -26.07
CA ALA D 1036 -45.85 -28.92 -26.26
C ALA D 1036 -47.31 -29.02 -25.83
N HIS D 1037 -47.78 -28.15 -24.93
CA HIS D 1037 -49.16 -28.15 -24.49
C HIS D 1037 -50.05 -27.24 -25.33
N LEU D 1038 -49.50 -26.61 -26.37
CA LEU D 1038 -50.25 -25.73 -27.25
C LEU D 1038 -50.43 -26.38 -28.61
N SER D 1039 -51.59 -26.12 -29.23
CA SER D 1039 -51.93 -26.74 -30.50
C SER D 1039 -51.28 -26.06 -31.69
N THR D 1040 -50.63 -24.91 -31.50
CA THR D 1040 -50.01 -24.19 -32.61
C THR D 1040 -48.63 -24.78 -32.89
N PRO D 1041 -48.38 -25.30 -34.09
CA PRO D 1041 -47.05 -25.84 -34.38
C PRO D 1041 -46.00 -24.75 -34.50
N SER D 1042 -44.77 -25.12 -34.15
CA SER D 1042 -43.62 -24.22 -34.27
C SER D 1042 -42.36 -25.07 -34.31
N GLN D 1043 -41.21 -24.40 -34.37
CA GLN D 1043 -39.93 -25.11 -34.44
C GLN D 1043 -39.05 -24.73 -33.26
N CYS D 1044 -39.63 -24.71 -32.06
CA CYS D 1044 -38.88 -24.45 -30.83
C CYS D 1044 -38.43 -25.79 -30.26
N THR D 1045 -37.13 -26.07 -30.34
CA THR D 1045 -36.59 -27.34 -29.90
C THR D 1045 -36.10 -27.32 -28.46
N LYS D 1046 -36.26 -26.20 -27.75
CA LYS D 1046 -35.84 -26.12 -26.36
C LYS D 1046 -36.81 -26.86 -25.47
N ARG D 1047 -36.27 -27.71 -24.59
CA ARG D 1047 -37.07 -28.53 -23.69
C ARG D 1047 -36.83 -28.11 -22.24
N TYR D 1048 -37.75 -28.55 -21.38
CA TYR D 1048 -37.63 -28.32 -19.95
C TYR D 1048 -38.02 -29.59 -19.21
N VAL D 1049 -37.54 -29.73 -17.98
CA VAL D 1049 -37.72 -30.96 -17.23
C VAL D 1049 -38.96 -30.85 -16.34
N ILE D 1050 -39.56 -32.00 -16.07
CA ILE D 1050 -40.67 -32.13 -15.12
C ILE D 1050 -40.35 -33.30 -14.21
N THR D 1051 -40.30 -33.03 -12.90
CA THR D 1051 -39.89 -34.03 -11.92
C THR D 1051 -41.11 -34.67 -11.28
N ASN D 1052 -41.19 -36.00 -11.35
CA ASN D 1052 -42.22 -36.85 -10.76
C ASN D 1052 -43.63 -36.41 -11.17
N PRO D 1053 -44.05 -36.67 -12.41
CA PRO D 1053 -45.41 -36.30 -12.82
C PRO D 1053 -46.43 -37.19 -12.12
N PRO D 1054 -47.65 -36.71 -11.94
CA PRO D 1054 -48.69 -37.52 -11.28
C PRO D 1054 -49.23 -38.59 -12.23
N TYR D 1055 -50.16 -39.39 -11.70
CA TYR D 1055 -50.77 -40.46 -12.47
C TYR D 1055 -51.62 -39.91 -13.62
N GLU D 1056 -52.35 -38.83 -13.36
CA GLU D 1056 -53.25 -38.25 -14.37
C GLU D 1056 -52.54 -37.21 -15.23
N PHE D 1057 -51.43 -37.62 -15.84
CA PHE D 1057 -50.63 -36.76 -16.71
C PHE D 1057 -50.68 -37.33 -18.13
N GLU D 1058 -51.12 -36.52 -19.08
CA GLU D 1058 -51.21 -36.94 -20.47
C GLU D 1058 -49.91 -36.66 -21.20
N LEU D 1059 -49.54 -37.58 -22.09
CA LEU D 1059 -48.27 -37.51 -22.81
C LEU D 1059 -48.50 -37.02 -24.24
N VAL D 1060 -47.43 -36.47 -24.81
CA VAL D 1060 -47.40 -36.11 -26.23
C VAL D 1060 -46.32 -36.99 -26.87
N PRO D 1061 -46.39 -37.28 -28.17
CA PRO D 1061 -45.39 -38.18 -28.78
C PRO D 1061 -43.99 -37.61 -28.86
N THR D 1062 -43.80 -36.30 -28.65
CA THR D 1062 -42.50 -35.67 -28.69
C THR D 1062 -41.86 -35.54 -27.30
N ASP D 1063 -42.16 -36.46 -26.40
CA ASP D 1063 -41.65 -36.42 -25.04
C ASP D 1063 -40.51 -37.41 -24.86
N LEU D 1064 -39.54 -37.02 -24.03
CA LEU D 1064 -38.45 -37.90 -23.62
C LEU D 1064 -38.60 -38.21 -22.13
N ILE D 1065 -38.34 -39.46 -21.76
CA ILE D 1065 -38.58 -39.95 -20.41
C ILE D 1065 -37.24 -40.26 -19.76
N PHE D 1066 -37.01 -39.67 -18.58
CA PHE D 1066 -35.87 -40.08 -17.76
C PHE D 1066 -36.14 -41.46 -17.18
N CYS D 1067 -35.16 -42.35 -17.28
CA CYS D 1067 -35.37 -43.71 -16.81
C CYS D 1067 -34.07 -44.31 -16.31
N LEU D 1068 -34.21 -45.32 -15.45
CA LEU D 1068 -33.10 -46.14 -15.00
C LEU D 1068 -33.33 -47.56 -15.49
N MET D 1069 -32.35 -48.12 -16.20
CA MET D 1069 -32.48 -49.42 -16.82
C MET D 1069 -31.36 -50.34 -16.36
N GLN D 1070 -31.65 -51.64 -16.39
CA GLN D 1070 -30.72 -52.64 -15.89
C GLN D 1070 -29.60 -52.89 -16.91
N PHE D 1071 -28.57 -53.60 -16.45
CA PHE D 1071 -27.44 -53.97 -17.30
C PHE D 1071 -27.69 -55.34 -17.90
N ASP D 1072 -27.63 -55.44 -19.22
CA ASP D 1072 -27.83 -56.71 -19.90
C ASP D 1072 -26.55 -57.14 -20.62
N UNK D 1073 28.35 12.17 36.83
CA UNK D 1073 28.19 10.96 37.62
C UNK D 1073 27.47 11.26 38.94
N UNK D 1074 27.84 10.54 40.00
CA UNK D 1074 27.22 10.73 41.30
C UNK D 1074 27.75 11.99 41.98
N UNK D 1075 27.22 13.15 41.59
CA UNK D 1075 27.66 14.40 42.20
C UNK D 1075 27.17 14.50 43.64
N UNK D 1076 28.11 14.82 44.54
CA UNK D 1076 27.88 14.83 45.99
C UNK D 1076 27.29 13.52 46.48
N UNK D 1077 27.96 12.42 46.19
CA UNK D 1077 27.47 11.08 46.52
C UNK D 1077 27.39 10.89 48.04
N UNK D 1078 26.17 10.81 48.55
CA UNK D 1078 25.93 10.61 49.97
C UNK D 1078 25.09 9.35 50.16
N UNK D 1079 25.68 8.34 50.79
CA UNK D 1079 25.00 7.08 51.03
C UNK D 1079 25.22 6.62 52.47
N UNK D 1080 24.95 7.50 53.42
CA UNK D 1080 25.03 7.18 54.83
C UNK D 1080 23.64 6.94 55.39
N UNK D 1081 23.58 6.81 56.72
CA UNK D 1081 22.35 6.66 57.50
C UNK D 1081 21.51 5.46 57.09
N UNK D 1082 22.16 4.33 56.81
CA UNK D 1082 21.47 3.07 56.52
C UNK D 1082 22.41 1.90 56.74
N UNK D 1083 21.94 0.68 56.47
CA UNK D 1083 22.75 -0.50 56.72
C UNK D 1083 22.41 -1.59 55.71
N UNK D 1084 23.45 -2.31 55.29
CA UNK D 1084 23.30 -3.47 54.41
C UNK D 1084 24.51 -4.38 54.61
N UNK D 1085 24.51 -5.51 53.91
CA UNK D 1085 25.52 -6.54 54.08
C UNK D 1085 26.27 -6.75 52.76
N UNK D 1086 27.13 -7.77 52.71
CA UNK D 1086 27.91 -8.18 51.54
C UNK D 1086 28.79 -7.04 51.02
N UNK D 1087 29.63 -6.51 51.91
CA UNK D 1087 30.57 -5.44 51.59
C UNK D 1087 31.66 -5.43 52.66
N UNK D 1088 32.47 -4.38 52.64
CA UNK D 1088 33.52 -4.17 53.63
C UNK D 1088 33.68 -2.67 53.85
N UNK D 1089 34.80 -2.27 54.45
CA UNK D 1089 35.07 -0.87 54.70
C UNK D 1089 35.69 -0.20 53.47
N UNK D 1090 34.94 -0.18 52.37
CA UNK D 1090 35.35 0.41 51.09
C UNK D 1090 36.68 -0.16 50.58
#